data_5XVV
#
_entry.id   5XVV
#
_cell.length_a   92.260
_cell.length_b   92.150
_cell.length_c   111.060
_cell.angle_alpha   103.40
_cell.angle_beta   93.95
_cell.angle_gamma   120.36
#
_symmetry.space_group_name_H-M   'P 1'
#
loop_
_entity.id
_entity.type
_entity.pdbx_description
1 polymer 'Glutamate dehydrogenase'
2 non-polymer GLYCEROL
3 non-polymer '2-OXOGLUTARIC ACID'
4 non-polymer BETA-MERCAPTOETHANOL
5 water water
#
_entity_poly.entity_id   1
_entity_poly.type   'polypeptide(L)'
_entity_poly.pdbx_seq_one_letter_code
;MSNLPHEPEFEQAYKELASTLENSTLFQKNPEYRKALAVVSVPERVIQFRVVWEDDAGNVQVNRGFRVQFNSALGPYKGG
LRFHPSVNLSILKFLGFEQIFKNALTGLNMGGGKGGSDFDPKGKSDNEIRRFCVSFMTELCKHIGADTDVPAGDIGVTGR
EVGFLFGQYRKIRNQWEGVLTGKGGSWGGSLIRPEATGYGVVYYVEHMIAHATNGQESFKGKRVAISGSGNVAQYAALKV
IELGGSVVSLSDSQGSLIINGEGSFTPEEIELIAQTKVERKQLASIVGAAPFSDANKFKYIAGARPWVHVGKVDVALPSA
TQNEISGEEAQVLINAGCKFIAEGSNMGCTQEAIDTFEAHRTANAGAAAIWYAPGKAANAGGVAVSGLEMAQNSARLSWT
SEEVDARLKDIMRDCFKNGLETAQEYATPAEGVLPSLVTGSNIAGFTKVAAAMKDQGDWW
;
_entity_poly.pdbx_strand_id   A,B,C,D,E,F
#
# COMPACT_ATOMS: atom_id res chain seq x y z
N ASN A 3 2.00 -17.07 -34.00
CA ASN A 3 0.58 -16.64 -33.67
C ASN A 3 0.30 -15.12 -33.50
N LEU A 4 1.31 -14.27 -33.72
CA LEU A 4 1.29 -12.88 -33.23
C LEU A 4 0.48 -11.94 -34.12
N PRO A 5 -0.08 -10.86 -33.53
CA PRO A 5 -0.77 -9.86 -34.35
C PRO A 5 0.20 -9.12 -35.28
N HIS A 6 -0.33 -8.65 -36.40
CA HIS A 6 0.44 -7.93 -37.42
C HIS A 6 0.59 -6.48 -36.97
N GLU A 7 1.83 -6.02 -36.82
CA GLU A 7 2.14 -4.70 -36.28
C GLU A 7 3.20 -4.08 -37.21
N PRO A 8 2.79 -3.67 -38.41
CA PRO A 8 3.82 -3.42 -39.45
C PRO A 8 4.76 -2.24 -39.20
N GLU A 9 4.23 -1.15 -38.64
CA GLU A 9 5.03 0.03 -38.31
C GLU A 9 6.16 -0.39 -37.36
N PHE A 10 5.79 -1.12 -36.31
CA PHE A 10 6.74 -1.61 -35.33
C PHE A 10 7.75 -2.61 -35.90
N GLU A 11 7.25 -3.62 -36.64
CA GLU A 11 8.10 -4.68 -37.20
C GLU A 11 9.13 -4.13 -38.21
N GLN A 12 8.71 -3.13 -38.98
CA GLN A 12 9.60 -2.41 -39.88
C GLN A 12 10.75 -1.69 -39.17
N ALA A 13 10.43 -0.94 -38.12
CA ALA A 13 11.44 -0.25 -37.32
C ALA A 13 12.43 -1.24 -36.70
N TYR A 14 11.91 -2.33 -36.16
CA TYR A 14 12.72 -3.39 -35.64
C TYR A 14 13.67 -3.98 -36.70
N LYS A 15 13.10 -4.48 -37.79
CA LYS A 15 13.88 -5.01 -38.90
C LYS A 15 14.93 -4.01 -39.40
N GLU A 16 14.57 -2.72 -39.46
CA GLU A 16 15.51 -1.70 -39.93
C GLU A 16 16.65 -1.47 -38.92
N LEU A 17 16.34 -1.41 -37.62
CA LEU A 17 17.41 -1.30 -36.61
C LEU A 17 18.34 -2.52 -36.68
N ALA A 18 17.75 -3.71 -36.68
CA ALA A 18 18.51 -4.95 -36.80
C ALA A 18 19.45 -4.91 -38.01
N SER A 19 18.93 -4.44 -39.15
CA SER A 19 19.76 -4.22 -40.36
C SER A 19 21.00 -3.33 -40.14
N THR A 20 20.81 -2.13 -39.57
CA THR A 20 21.95 -1.23 -39.27
C THR A 20 22.98 -1.83 -38.29
N LEU A 21 22.50 -2.65 -37.36
CA LEU A 21 23.39 -3.36 -36.43
C LEU A 21 24.17 -4.48 -37.11
N GLU A 22 23.50 -5.25 -37.97
CA GLU A 22 24.18 -6.29 -38.78
C GLU A 22 25.24 -5.66 -39.65
N ASN A 23 24.89 -4.57 -40.34
CA ASN A 23 25.84 -3.89 -41.24
C ASN A 23 26.88 -3.04 -40.46
N SER A 24 27.68 -3.73 -39.64
CA SER A 24 28.68 -3.15 -38.72
C SER A 24 29.49 -4.29 -38.16
N THR A 25 30.53 -4.00 -37.38
CA THR A 25 31.29 -5.03 -36.69
C THR A 25 30.74 -5.39 -35.29
N LEU A 26 29.59 -4.85 -34.89
CA LEU A 26 29.11 -5.04 -33.53
C LEU A 26 28.89 -6.51 -33.15
N PHE A 27 28.12 -7.23 -33.96
CA PHE A 27 27.91 -8.67 -33.73
C PHE A 27 29.11 -9.59 -33.97
N GLN A 28 30.16 -9.11 -34.64
CA GLN A 28 31.44 -9.86 -34.72
C GLN A 28 32.14 -9.83 -33.37
N LYS A 29 32.31 -8.63 -32.83
CA LYS A 29 33.01 -8.47 -31.57
C LYS A 29 32.14 -8.89 -30.36
N ASN A 30 30.81 -8.86 -30.51
CA ASN A 30 29.86 -9.20 -29.43
C ASN A 30 28.64 -9.90 -30.01
N PRO A 31 28.81 -11.17 -30.42
CA PRO A 31 27.70 -11.91 -31.03
C PRO A 31 26.50 -12.14 -30.09
N GLU A 32 26.79 -12.18 -28.79
CA GLU A 32 25.75 -12.30 -27.73
C GLU A 32 24.64 -11.22 -27.80
N TYR A 33 24.99 -10.00 -28.21
CA TYR A 33 24.03 -8.89 -28.34
C TYR A 33 22.85 -9.19 -29.24
N ARG A 34 22.92 -10.23 -30.08
CA ARG A 34 21.74 -10.66 -30.84
C ARG A 34 20.64 -11.20 -29.93
N LYS A 35 21.01 -11.84 -28.82
CA LYS A 35 20.05 -12.24 -27.78
C LYS A 35 19.36 -11.00 -27.18
N ALA A 36 20.14 -9.96 -26.91
CA ALA A 36 19.62 -8.74 -26.36
C ALA A 36 18.56 -8.16 -27.28
N LEU A 37 18.82 -8.21 -28.58
CA LEU A 37 17.89 -7.69 -29.55
C LEU A 37 16.54 -8.40 -29.47
N ALA A 38 16.54 -9.72 -29.36
CA ALA A 38 15.27 -10.46 -29.25
C ALA A 38 14.47 -10.08 -27.98
N VAL A 39 15.18 -9.85 -26.87
CA VAL A 39 14.59 -9.49 -25.59
C VAL A 39 14.06 -8.05 -25.55
N VAL A 40 14.89 -7.10 -25.96
CA VAL A 40 14.53 -5.69 -25.89
C VAL A 40 13.30 -5.41 -26.78
N SER A 41 13.15 -6.17 -27.86
CA SER A 41 12.06 -5.95 -28.80
C SER A 41 10.68 -6.31 -28.28
N VAL A 42 10.60 -7.04 -27.16
CA VAL A 42 9.33 -7.36 -26.47
C VAL A 42 9.15 -6.40 -25.28
N PRO A 43 8.10 -5.55 -25.31
CA PRO A 43 7.93 -4.54 -24.24
C PRO A 43 7.85 -5.18 -22.86
N GLU A 44 8.52 -4.54 -21.88
CA GLU A 44 8.42 -4.97 -20.47
C GLU A 44 6.97 -5.13 -20.03
N ARG A 45 6.14 -4.16 -20.39
CA ARG A 45 4.77 -4.08 -19.88
C ARG A 45 3.95 -3.17 -20.79
N VAL A 46 2.71 -3.60 -21.07
CA VAL A 46 1.77 -2.77 -21.83
C VAL A 46 0.49 -2.75 -21.05
N ILE A 47 -0.06 -1.56 -20.82
CA ILE A 47 -1.38 -1.42 -20.20
C ILE A 47 -2.31 -0.85 -21.24
N GLN A 48 -3.46 -1.48 -21.40
CA GLN A 48 -4.55 -0.95 -22.22
C GLN A 48 -5.75 -0.86 -21.33
N PHE A 49 -6.64 0.09 -21.59
CA PHE A 49 -7.76 0.31 -20.68
C PHE A 49 -8.86 1.12 -21.32
N ARG A 50 -10.09 0.80 -20.93
CA ARG A 50 -11.26 1.51 -21.43
C ARG A 50 -11.28 2.89 -20.81
N VAL A 51 -11.59 3.92 -21.62
CA VAL A 51 -11.85 5.25 -21.09
C VAL A 51 -13.27 5.68 -21.43
N VAL A 52 -14.11 5.75 -20.39
CA VAL A 52 -15.46 6.29 -20.46
C VAL A 52 -15.45 7.75 -20.04
N TRP A 53 -16.10 8.58 -20.84
CA TRP A 53 -16.18 10.00 -20.56
C TRP A 53 -17.51 10.51 -21.10
N GLU A 54 -17.91 11.69 -20.59
CA GLU A 54 -19.19 12.32 -20.88
C GLU A 54 -18.98 13.52 -21.84
N ASP A 55 -19.72 13.54 -22.97
CA ASP A 55 -19.68 14.70 -23.89
C ASP A 55 -20.55 15.87 -23.39
N ASP A 56 -20.55 16.98 -24.12
CA ASP A 56 -21.34 18.16 -23.75
C ASP A 56 -22.87 18.01 -23.82
N ALA A 57 -23.35 17.00 -24.55
CA ALA A 57 -24.77 16.66 -24.58
C ALA A 57 -25.18 15.79 -23.39
N GLY A 58 -24.21 15.41 -22.56
CA GLY A 58 -24.45 14.46 -21.49
C GLY A 58 -24.49 13.01 -21.89
N ASN A 59 -23.94 12.64 -23.06
CA ASN A 59 -23.91 11.23 -23.49
C ASN A 59 -22.61 10.53 -23.19
N VAL A 60 -22.73 9.22 -22.93
CA VAL A 60 -21.60 8.37 -22.67
C VAL A 60 -20.84 8.13 -23.97
N GLN A 61 -19.52 8.21 -23.87
CA GLN A 61 -18.63 7.95 -24.99
C GLN A 61 -17.51 7.09 -24.50
N VAL A 62 -17.02 6.20 -25.37
CA VAL A 62 -16.00 5.20 -25.03
C VAL A 62 -14.81 5.36 -25.95
N ASN A 63 -13.60 5.41 -25.38
CA ASN A 63 -12.37 5.32 -26.18
C ASN A 63 -11.38 4.34 -25.51
N ARG A 64 -10.26 4.08 -26.16
CA ARG A 64 -9.25 3.15 -25.65
C ARG A 64 -7.99 3.88 -25.22
N GLY A 65 -7.49 3.53 -24.05
CA GLY A 65 -6.27 4.10 -23.47
C GLY A 65 -5.12 3.11 -23.59
N PHE A 66 -3.90 3.62 -23.69
CA PHE A 66 -2.70 2.80 -23.85
C PHE A 66 -1.49 3.39 -23.09
N ARG A 67 -0.68 2.51 -22.50
CA ARG A 67 0.66 2.88 -22.07
C ARG A 67 1.60 1.70 -22.33
N VAL A 68 2.53 1.91 -23.26
CA VAL A 68 3.58 0.97 -23.57
C VAL A 68 4.80 1.36 -22.73
N GLN A 69 5.10 0.56 -21.72
CA GLN A 69 6.32 0.68 -20.90
C GLN A 69 7.36 -0.32 -21.49
N PHE A 70 8.12 0.19 -22.45
CA PHE A 70 8.88 -0.68 -23.35
C PHE A 70 10.17 -1.15 -22.70
N ASN A 71 10.92 -0.23 -22.13
CA ASN A 71 12.20 -0.57 -21.49
C ASN A 71 12.56 0.39 -20.35
N SER A 72 13.10 -0.16 -19.27
CA SER A 72 13.48 0.64 -18.09
C SER A 72 14.88 0.35 -17.56
N ALA A 73 15.75 -0.23 -18.37
CA ALA A 73 17.11 -0.50 -17.93
C ALA A 73 17.89 0.80 -17.54
N LEU A 74 17.72 1.86 -18.30
CA LEU A 74 18.44 3.10 -18.02
C LEU A 74 17.72 4.05 -17.11
N GLY A 75 16.45 3.79 -16.86
CA GLY A 75 15.65 4.70 -16.04
C GLY A 75 14.16 4.44 -16.09
N PRO A 76 13.37 5.29 -15.42
CA PRO A 76 11.95 5.09 -15.48
C PRO A 76 11.45 5.35 -16.88
N TYR A 77 10.40 4.67 -17.25
CA TYR A 77 9.82 4.81 -18.58
C TYR A 77 9.56 6.31 -18.81
N LYS A 78 9.94 6.79 -20.00
CA LYS A 78 9.77 8.19 -20.37
C LYS A 78 9.30 8.28 -21.82
N GLY A 79 8.27 9.08 -22.06
CA GLY A 79 7.76 9.30 -23.42
C GLY A 79 6.34 9.81 -23.46
N GLY A 80 5.97 10.39 -24.60
CA GLY A 80 4.72 11.11 -24.71
C GLY A 80 3.43 10.33 -24.79
N LEU A 81 2.34 11.08 -24.65
CA LEU A 81 0.96 10.61 -24.78
C LEU A 81 0.41 11.27 -26.01
N ARG A 82 -0.18 10.46 -26.89
CA ARG A 82 -0.75 10.92 -28.15
C ARG A 82 -2.24 10.63 -28.17
N PHE A 83 -3.05 11.67 -28.37
CA PHE A 83 -4.50 11.54 -28.59
C PHE A 83 -4.80 11.79 -30.06
N HIS A 84 -5.07 10.73 -30.80
CA HIS A 84 -5.36 10.84 -32.23
C HIS A 84 -6.16 9.60 -32.65
N PRO A 85 -7.15 9.75 -33.57
CA PRO A 85 -7.99 8.56 -33.86
C PRO A 85 -7.27 7.40 -34.55
N SER A 86 -6.09 7.65 -35.11
CA SER A 86 -5.22 6.58 -35.63
C SER A 86 -4.54 5.71 -34.56
N VAL A 87 -4.51 6.17 -33.32
CA VAL A 87 -3.71 5.49 -32.28
C VAL A 87 -4.16 4.05 -32.03
N ASN A 88 -3.17 3.17 -31.97
CA ASN A 88 -3.38 1.80 -31.56
C ASN A 88 -2.10 1.24 -30.98
N LEU A 89 -2.13 -0.02 -30.56
CA LEU A 89 -0.97 -0.66 -29.98
C LEU A 89 0.25 -0.72 -30.90
N SER A 90 0.03 -1.09 -32.17
CA SER A 90 1.16 -1.21 -33.12
C SER A 90 1.92 0.09 -33.27
N ILE A 91 1.16 1.16 -33.45
CA ILE A 91 1.73 2.47 -33.61
C ILE A 91 2.50 2.90 -32.35
N LEU A 92 1.92 2.72 -31.17
CA LEU A 92 2.57 3.13 -29.93
C LEU A 92 3.79 2.23 -29.63
N LYS A 93 3.71 0.95 -29.99
CA LYS A 93 4.91 0.08 -29.94
C LYS A 93 6.06 0.62 -30.84
N PHE A 94 5.70 1.04 -32.05
CA PHE A 94 6.62 1.70 -32.97
C PHE A 94 7.30 2.94 -32.36
N LEU A 95 6.48 3.86 -31.85
CA LEU A 95 6.97 5.11 -31.27
C LEU A 95 7.73 4.90 -29.98
N GLY A 96 7.28 3.92 -29.19
CA GLY A 96 7.89 3.62 -27.91
C GLY A 96 9.24 2.94 -28.07
N PHE A 97 9.35 2.07 -29.07
CA PHE A 97 10.61 1.42 -29.38
C PHE A 97 11.69 2.43 -29.76
N GLU A 98 11.40 3.31 -30.69
CA GLU A 98 12.30 4.41 -31.05
C GLU A 98 12.66 5.28 -29.83
N GLN A 99 11.69 5.49 -28.96
CA GLN A 99 11.91 6.32 -27.77
C GLN A 99 13.00 5.76 -26.86
N ILE A 100 13.09 4.44 -26.73
CA ILE A 100 14.14 3.82 -25.91
C ILE A 100 15.54 4.40 -26.21
N PHE A 101 15.85 4.43 -27.50
CA PHE A 101 17.20 4.68 -27.99
C PHE A 101 17.44 6.17 -28.09
N LYS A 102 16.42 6.92 -28.43
CA LYS A 102 16.49 8.37 -28.30
C LYS A 102 16.82 8.81 -26.85
N ASN A 103 16.05 8.30 -25.90
CA ASN A 103 16.26 8.60 -24.49
C ASN A 103 17.62 8.13 -24.01
N ALA A 104 18.02 6.96 -24.47
CA ALA A 104 19.34 6.41 -24.15
C ALA A 104 20.44 7.39 -24.54
N LEU A 105 20.32 7.96 -25.73
CA LEU A 105 21.34 8.87 -26.27
C LEU A 105 21.50 10.23 -25.57
N THR A 106 20.54 10.61 -24.74
CA THR A 106 20.61 11.89 -23.98
C THR A 106 21.65 11.85 -22.86
N GLY A 107 22.07 10.64 -22.49
CA GLY A 107 22.99 10.43 -21.36
C GLY A 107 22.28 10.36 -20.02
N LEU A 108 20.99 10.70 -20.01
CA LEU A 108 20.19 10.80 -18.81
C LEU A 108 19.55 9.46 -18.51
N ASN A 109 19.19 9.28 -17.25
CA ASN A 109 18.56 8.06 -16.79
C ASN A 109 17.08 8.06 -17.11
N MET A 110 16.76 7.67 -18.35
CA MET A 110 15.39 7.70 -18.84
C MET A 110 15.14 6.49 -19.71
N GLY A 111 14.17 5.69 -19.30
CA GLY A 111 13.73 4.53 -20.07
C GLY A 111 12.87 4.99 -21.24
N GLY A 112 12.31 4.03 -21.96
CA GLY A 112 11.50 4.31 -23.14
C GLY A 112 10.07 3.87 -22.92
N GLY A 113 9.13 4.77 -23.17
CA GLY A 113 7.73 4.41 -23.21
C GLY A 113 6.92 5.31 -24.13
N LYS A 114 5.66 4.96 -24.33
CA LYS A 114 4.75 5.75 -25.15
C LYS A 114 3.34 5.35 -24.83
N GLY A 115 2.42 6.30 -24.93
CA GLY A 115 1.03 6.00 -24.66
C GLY A 115 0.07 6.92 -25.33
N GLY A 116 -1.19 6.84 -24.91
CA GLY A 116 -2.22 7.72 -25.42
C GLY A 116 -3.55 7.06 -25.63
N SER A 117 -4.32 7.61 -26.57
CA SER A 117 -5.67 7.17 -26.81
C SER A 117 -6.09 7.46 -28.24
N ASP A 118 -7.06 6.68 -28.74
CA ASP A 118 -7.76 6.98 -29.98
C ASP A 118 -8.83 8.08 -29.88
N PHE A 119 -8.99 8.67 -28.71
CA PHE A 119 -9.71 9.95 -28.57
C PHE A 119 -9.19 10.97 -29.61
N ASP A 120 -10.13 11.57 -30.35
CA ASP A 120 -9.82 12.61 -31.32
C ASP A 120 -10.16 13.98 -30.71
N PRO A 121 -9.15 14.82 -30.42
CA PRO A 121 -9.48 16.17 -29.94
C PRO A 121 -10.09 17.16 -30.95
N LYS A 122 -10.11 16.82 -32.25
CA LYS A 122 -10.75 17.65 -33.31
C LYS A 122 -12.22 17.88 -33.01
N GLY A 123 -12.65 19.14 -32.98
CA GLY A 123 -14.05 19.47 -32.74
C GLY A 123 -14.56 19.34 -31.31
N LYS A 124 -13.69 18.97 -30.35
CA LYS A 124 -14.13 18.80 -28.96
C LYS A 124 -14.01 20.13 -28.25
N SER A 125 -14.94 20.42 -27.35
CA SER A 125 -14.85 21.56 -26.45
C SER A 125 -13.73 21.38 -25.43
N ASP A 126 -13.28 22.46 -24.84
CA ASP A 126 -12.34 22.36 -23.72
C ASP A 126 -12.86 21.55 -22.52
N ASN A 127 -14.15 21.66 -22.24
CA ASN A 127 -14.80 20.87 -21.20
C ASN A 127 -14.71 19.39 -21.53
N GLU A 128 -15.01 19.03 -22.77
CA GLU A 128 -14.92 17.62 -23.19
C GLU A 128 -13.51 17.07 -23.03
N ILE A 129 -12.51 17.89 -23.35
CA ILE A 129 -11.12 17.48 -23.24
C ILE A 129 -10.73 17.27 -21.76
N ARG A 130 -11.20 18.17 -20.89
CA ARG A 130 -10.99 18.05 -19.44
C ARG A 130 -11.62 16.77 -18.89
N ARG A 131 -12.85 16.49 -19.27
CA ARG A 131 -13.52 15.30 -18.78
C ARG A 131 -12.79 14.07 -19.28
N PHE A 132 -12.33 14.12 -20.52
CA PHE A 132 -11.61 12.98 -21.07
C PHE A 132 -10.29 12.73 -20.31
N CYS A 133 -9.53 13.80 -20.04
CA CYS A 133 -8.27 13.68 -19.33
C CYS A 133 -8.40 13.22 -17.88
N VAL A 134 -9.44 13.71 -17.19
CA VAL A 134 -9.78 13.26 -15.84
C VAL A 134 -10.06 11.75 -15.85
N SER A 135 -10.88 11.32 -16.79
CA SER A 135 -11.18 9.91 -16.94
C SER A 135 -9.91 9.08 -17.31
N PHE A 136 -9.16 9.55 -18.30
CA PHE A 136 -7.92 8.86 -18.71
C PHE A 136 -6.91 8.70 -17.55
N MET A 137 -6.72 9.78 -16.79
CA MET A 137 -5.69 9.77 -15.74
C MET A 137 -6.12 8.96 -14.50
N THR A 138 -7.44 8.86 -14.30
CA THR A 138 -8.01 8.05 -13.23
C THR A 138 -7.50 6.63 -13.35
N GLU A 139 -7.48 6.08 -14.55
CA GLU A 139 -6.87 4.75 -14.71
C GLU A 139 -5.33 4.77 -14.75
N LEU A 140 -4.77 5.69 -15.54
CA LEU A 140 -3.34 5.68 -15.79
C LEU A 140 -2.48 5.89 -14.54
N CYS A 141 -2.99 6.68 -13.59
CA CYS A 141 -2.30 6.99 -12.34
CA CYS A 141 -2.21 6.99 -12.39
C CYS A 141 -1.71 5.76 -11.61
N LYS A 142 -2.43 4.64 -11.63
CA LYS A 142 -1.94 3.39 -10.99
C LYS A 142 -0.60 2.91 -11.51
N HIS A 143 -0.34 3.18 -12.78
CA HIS A 143 0.77 2.58 -13.51
C HIS A 143 1.98 3.48 -13.69
N ILE A 144 1.88 4.73 -13.24
CA ILE A 144 2.93 5.72 -13.46
C ILE A 144 3.40 6.34 -12.15
N GLY A 145 4.38 7.23 -12.22
CA GLY A 145 4.92 7.87 -11.04
C GLY A 145 6.27 8.47 -11.36
N ALA A 146 6.69 9.40 -10.52
CA ALA A 146 7.92 10.16 -10.70
C ALA A 146 9.16 9.27 -10.80
N ASP A 147 9.13 8.11 -10.15
CA ASP A 147 10.21 7.09 -10.29
C ASP A 147 9.83 5.80 -11.01
N THR A 148 8.72 5.83 -11.75
CA THR A 148 8.16 4.66 -12.42
C THR A 148 7.96 4.90 -13.92
N ASP A 149 7.18 5.92 -14.24
CA ASP A 149 6.86 6.27 -15.62
C ASP A 149 6.46 7.73 -15.65
N VAL A 150 7.15 8.53 -16.47
CA VAL A 150 6.94 9.97 -16.54
C VAL A 150 6.48 10.34 -17.95
N PRO A 151 5.16 10.52 -18.17
CA PRO A 151 4.77 10.88 -19.53
C PRO A 151 4.90 12.36 -19.80
N ALA A 152 4.48 12.74 -21.00
CA ALA A 152 4.51 14.12 -21.46
C ALA A 152 3.52 14.27 -22.62
N GLY A 153 3.56 15.41 -23.30
CA GLY A 153 2.73 15.66 -24.46
C GLY A 153 3.22 15.03 -25.75
N ASP A 154 2.42 15.22 -26.79
CA ASP A 154 2.63 14.72 -28.17
C ASP A 154 1.45 15.21 -29.02
N ILE A 155 1.21 14.61 -30.18
CA ILE A 155 0.06 15.01 -30.98
C ILE A 155 -1.24 14.81 -30.19
N GLY A 156 -2.02 15.88 -30.08
CA GLY A 156 -3.28 15.88 -29.36
C GLY A 156 -3.17 16.21 -27.89
N VAL A 157 -1.95 16.27 -27.37
CA VAL A 157 -1.69 16.49 -25.94
C VAL A 157 -0.67 17.64 -25.81
N THR A 158 -1.20 18.84 -25.61
CA THR A 158 -0.39 20.04 -25.38
C THR A 158 -0.40 20.36 -23.89
N GLY A 159 0.21 21.50 -23.54
CA GLY A 159 0.21 22.03 -22.20
C GLY A 159 -1.15 22.01 -21.51
N ARG A 160 -2.19 22.32 -22.29
CA ARG A 160 -3.57 22.26 -21.81
C ARG A 160 -3.91 20.88 -21.24
N GLU A 161 -3.65 19.85 -22.03
CA GLU A 161 -4.00 18.48 -21.61
C GLU A 161 -3.13 18.02 -20.46
N VAL A 162 -1.84 18.37 -20.49
CA VAL A 162 -0.88 18.02 -19.42
C VAL A 162 -1.35 18.60 -18.07
N GLY A 163 -1.85 19.82 -18.10
CA GLY A 163 -2.48 20.43 -16.93
C GLY A 163 -3.63 19.63 -16.35
N PHE A 164 -4.59 19.29 -17.18
CA PHE A 164 -5.71 18.42 -16.74
C PHE A 164 -5.22 17.05 -16.22
N LEU A 165 -4.28 16.43 -16.92
CA LEU A 165 -3.74 15.14 -16.49
C LEU A 165 -3.03 15.22 -15.13
N PHE A 166 -2.13 16.20 -14.97
CA PHE A 166 -1.42 16.46 -13.72
C PHE A 166 -2.36 16.74 -12.54
N GLY A 167 -3.33 17.60 -12.79
CA GLY A 167 -4.36 17.93 -11.83
C GLY A 167 -5.06 16.73 -11.27
N GLN A 168 -5.46 15.82 -12.14
CA GLN A 168 -6.13 14.60 -11.71
C GLN A 168 -5.21 13.68 -10.96
N TYR A 169 -3.98 13.50 -11.43
CA TYR A 169 -3.01 12.66 -10.74
C TYR A 169 -2.78 13.13 -9.33
N ARG A 170 -2.51 14.43 -9.17
CA ARG A 170 -2.26 15.01 -7.83
C ARG A 170 -3.45 14.75 -6.89
N LYS A 171 -4.67 14.83 -7.40
CA LYS A 171 -5.83 14.61 -6.55
C LYS A 171 -5.96 13.17 -6.08
N ILE A 172 -5.80 12.19 -6.99
CA ILE A 172 -6.01 10.81 -6.59
CA ILE A 172 -5.99 10.80 -6.65
C ILE A 172 -4.78 10.25 -5.87
N ARG A 173 -3.57 10.60 -6.29
CA ARG A 173 -2.35 10.05 -5.69
C ARG A 173 -1.97 10.78 -4.37
N ASN A 174 -2.45 12.00 -4.22
CA ASN A 174 -2.08 12.82 -3.05
C ASN A 174 -0.56 13.03 -2.92
N GLN A 175 0.12 13.11 -4.06
CA GLN A 175 1.53 13.50 -4.14
C GLN A 175 1.67 14.53 -5.23
N TRP A 176 2.45 15.59 -4.95
CA TRP A 176 2.82 16.61 -5.90
C TRP A 176 4.25 16.28 -6.32
N GLU A 177 4.42 15.82 -7.54
CA GLU A 177 5.71 15.27 -8.02
C GLU A 177 5.89 15.38 -9.53
N GLY A 178 7.10 15.10 -9.98
CA GLY A 178 7.45 15.18 -11.39
C GLY A 178 6.92 14.03 -12.23
N VAL A 179 5.61 13.79 -12.18
CA VAL A 179 4.97 12.66 -12.87
C VAL A 179 4.80 12.92 -14.37
N LEU A 180 4.76 14.19 -14.76
CA LEU A 180 4.69 14.59 -16.15
C LEU A 180 5.73 15.69 -16.41
N THR A 181 6.10 15.86 -17.68
CA THR A 181 6.91 16.98 -18.11
C THR A 181 6.12 17.76 -19.15
N GLY A 182 6.66 18.91 -19.57
CA GLY A 182 5.89 19.91 -20.27
C GLY A 182 4.90 20.66 -19.39
N LYS A 183 5.17 20.71 -18.10
CA LYS A 183 4.30 21.41 -17.17
C LYS A 183 4.48 22.90 -17.26
N GLY A 184 3.49 23.59 -16.72
CA GLY A 184 3.49 25.04 -16.73
C GLY A 184 4.52 25.61 -15.78
N GLY A 185 4.99 26.82 -16.09
CA GLY A 185 6.05 27.48 -15.35
C GLY A 185 5.83 27.60 -13.86
N SER A 186 4.62 27.91 -13.43
CA SER A 186 4.36 28.09 -12.00
C SER A 186 4.13 26.77 -11.27
N TRP A 187 3.84 25.68 -11.99
CA TRP A 187 3.58 24.37 -11.35
C TRP A 187 4.55 23.26 -11.80
N GLY A 188 5.83 23.61 -11.78
CA GLY A 188 6.92 22.63 -11.96
C GLY A 188 7.46 22.45 -13.38
N GLY A 189 7.04 23.33 -14.29
CA GLY A 189 7.63 23.42 -15.65
C GLY A 189 9.10 23.89 -15.65
N SER A 190 9.76 23.71 -16.79
CA SER A 190 11.15 24.09 -16.97
C SER A 190 11.20 25.17 -18.04
N LEU A 191 12.07 26.16 -17.82
CA LEU A 191 12.46 27.06 -18.89
C LEU A 191 13.19 26.26 -19.99
N ILE A 192 13.10 26.75 -21.22
CA ILE A 192 13.75 26.15 -22.41
C ILE A 192 13.01 24.90 -22.92
N ARG A 193 12.03 24.37 -22.22
CA ARG A 193 11.31 23.21 -22.74
C ARG A 193 10.61 23.48 -24.09
N PRO A 194 9.89 24.62 -24.21
CA PRO A 194 9.37 24.97 -25.56
C PRO A 194 10.44 25.13 -26.66
N GLU A 195 11.60 25.69 -26.31
CA GLU A 195 12.68 25.88 -27.25
C GLU A 195 13.47 24.60 -27.56
N ALA A 196 13.37 23.56 -26.72
CA ALA A 196 14.41 22.51 -26.60
C ALA A 196 14.66 21.69 -27.84
N THR A 197 13.58 21.29 -28.50
CA THR A 197 13.70 20.43 -29.66
C THR A 197 14.36 21.20 -30.80
N GLY A 198 13.83 22.39 -31.09
CA GLY A 198 14.35 23.24 -32.14
C GLY A 198 15.78 23.71 -31.90
N TYR A 199 16.06 24.17 -30.68
CA TYR A 199 17.44 24.56 -30.29
C TYR A 199 18.36 23.37 -30.42
N GLY A 200 17.86 22.26 -29.92
CA GLY A 200 18.62 21.06 -29.87
C GLY A 200 19.06 20.54 -31.22
N VAL A 201 18.20 20.57 -32.23
CA VAL A 201 18.61 20.13 -33.58
CA VAL A 201 18.61 20.12 -33.57
C VAL A 201 19.67 21.07 -34.15
N VAL A 202 19.46 22.39 -33.97
CA VAL A 202 20.45 23.35 -34.47
C VAL A 202 21.82 23.13 -33.78
N TYR A 203 21.83 22.92 -32.46
CA TYR A 203 23.06 22.63 -31.71
C TYR A 203 23.78 21.39 -32.23
N TYR A 204 23.01 20.32 -32.42
CA TYR A 204 23.56 19.09 -33.00
C TYR A 204 24.22 19.35 -34.36
N VAL A 205 23.49 20.04 -35.24
CA VAL A 205 23.96 20.29 -36.61
C VAL A 205 25.22 21.19 -36.65
N GLU A 206 25.33 22.13 -35.71
CA GLU A 206 26.56 22.91 -35.51
C GLU A 206 27.83 22.05 -35.33
N HIS A 207 27.71 20.97 -34.56
CA HIS A 207 28.78 19.98 -34.41
C HIS A 207 29.04 19.23 -35.71
N MET A 208 27.98 18.92 -36.47
CA MET A 208 28.14 18.31 -37.77
C MET A 208 28.96 19.20 -38.69
N ILE A 209 28.62 20.49 -38.75
CA ILE A 209 29.29 21.47 -39.59
C ILE A 209 30.76 21.58 -39.21
N ALA A 210 30.99 21.69 -37.90
CA ALA A 210 32.33 21.81 -37.34
C ALA A 210 33.17 20.63 -37.80
N HIS A 211 32.66 19.42 -37.59
CA HIS A 211 33.41 18.22 -37.90
C HIS A 211 33.62 18.10 -39.43
N ALA A 212 32.57 18.25 -40.19
CA ALA A 212 32.67 18.04 -41.65
C ALA A 212 33.58 19.04 -42.37
N THR A 213 33.74 20.23 -41.79
CA THR A 213 34.56 21.26 -42.37
C THR A 213 35.88 21.44 -41.61
N ASN A 214 36.25 20.48 -40.73
CA ASN A 214 37.52 20.56 -40.00
C ASN A 214 37.67 21.88 -39.23
N GLY A 215 36.59 22.35 -38.62
CA GLY A 215 36.62 23.59 -37.86
C GLY A 215 36.64 24.86 -38.67
N GLN A 216 36.37 24.77 -39.97
CA GLN A 216 36.35 25.96 -40.82
C GLN A 216 35.08 26.76 -40.72
N GLU A 217 33.93 26.14 -40.50
CA GLU A 217 32.64 26.78 -40.71
C GLU A 217 31.67 26.58 -39.57
N SER A 218 30.60 27.36 -39.57
CA SER A 218 29.54 27.24 -38.59
C SER A 218 28.19 27.51 -39.27
N PHE A 219 27.16 27.87 -38.49
CA PHE A 219 25.92 28.34 -39.11
C PHE A 219 26.08 29.73 -39.70
N LYS A 220 27.14 30.45 -39.30
CA LYS A 220 27.42 31.78 -39.84
C LYS A 220 27.47 31.81 -41.39
N GLY A 221 26.60 32.62 -41.97
CA GLY A 221 26.43 32.70 -43.43
C GLY A 221 25.71 31.55 -44.13
N LYS A 222 25.23 30.53 -43.41
CA LYS A 222 24.58 29.38 -44.05
C LYS A 222 23.14 29.72 -44.39
N ARG A 223 22.66 29.09 -45.46
CA ARG A 223 21.28 29.20 -45.88
C ARG A 223 20.59 27.93 -45.46
N VAL A 224 19.50 28.09 -44.73
CA VAL A 224 18.85 26.99 -44.03
C VAL A 224 17.38 26.87 -44.45
N ALA A 225 17.06 25.72 -45.04
CA ALA A 225 15.68 25.45 -45.44
C ALA A 225 15.00 24.73 -44.30
N ILE A 226 13.94 25.34 -43.79
CA ILE A 226 13.16 24.72 -42.73
C ILE A 226 11.73 24.44 -43.24
N SER A 227 11.19 23.31 -42.77
CA SER A 227 9.79 22.99 -43.01
C SER A 227 9.04 23.03 -41.68
N GLY A 228 7.72 23.25 -41.80
CA GLY A 228 6.87 23.42 -40.66
C GLY A 228 6.89 24.83 -40.12
N SER A 229 6.00 25.06 -39.16
CA SER A 229 5.88 26.33 -38.50
C SER A 229 5.27 26.25 -37.10
N GLY A 230 5.41 25.09 -36.45
CA GLY A 230 5.00 24.91 -35.04
C GLY A 230 6.20 25.25 -34.18
N ASN A 231 6.23 24.82 -32.91
CA ASN A 231 7.27 25.31 -32.02
CA ASN A 231 7.27 25.28 -31.99
C ASN A 231 8.68 24.82 -32.38
N VAL A 232 8.80 23.64 -33.00
CA VAL A 232 10.11 23.12 -33.39
C VAL A 232 10.78 24.00 -34.46
N ALA A 233 10.05 24.18 -35.58
CA ALA A 233 10.50 25.01 -36.68
C ALA A 233 10.82 26.45 -36.22
N GLN A 234 9.95 27.03 -35.43
CA GLN A 234 10.15 28.41 -34.95
C GLN A 234 11.47 28.59 -34.22
N TYR A 235 11.69 27.74 -33.21
CA TYR A 235 12.83 27.91 -32.33
C TYR A 235 14.09 27.45 -33.03
N ALA A 236 13.98 26.48 -33.95
CA ALA A 236 15.11 26.15 -34.82
C ALA A 236 15.47 27.38 -35.66
N ALA A 237 14.46 28.01 -36.27
CA ALA A 237 14.68 29.23 -37.07
C ALA A 237 15.37 30.31 -36.25
N LEU A 238 14.86 30.56 -35.04
CA LEU A 238 15.40 31.61 -34.17
C LEU A 238 16.88 31.37 -33.77
N LYS A 239 17.24 30.12 -33.49
CA LYS A 239 18.60 29.80 -33.10
C LYS A 239 19.56 29.89 -34.31
N VAL A 240 19.10 29.46 -35.47
CA VAL A 240 19.84 29.70 -36.71
C VAL A 240 20.13 31.18 -36.91
N ILE A 241 19.10 32.02 -36.77
CA ILE A 241 19.26 33.45 -36.91
C ILE A 241 20.27 33.99 -35.88
N GLU A 242 20.16 33.56 -34.63
CA GLU A 242 21.07 33.98 -33.57
C GLU A 242 22.54 33.67 -33.94
N LEU A 243 22.76 32.49 -34.54
CA LEU A 243 24.09 32.03 -34.94
C LEU A 243 24.63 32.60 -36.26
N GLY A 244 23.87 33.49 -36.90
CA GLY A 244 24.28 34.15 -38.16
C GLY A 244 23.87 33.42 -39.44
N GLY A 245 22.99 32.44 -39.33
CA GLY A 245 22.44 31.79 -40.51
C GLY A 245 21.26 32.56 -41.07
N SER A 246 20.89 32.21 -42.29
CA SER A 246 19.68 32.69 -42.92
C SER A 246 18.64 31.57 -43.03
N VAL A 247 17.40 31.92 -42.66
CA VAL A 247 16.31 30.99 -42.71
C VAL A 247 15.49 31.34 -43.93
N VAL A 248 15.37 30.42 -44.88
CA VAL A 248 14.81 30.78 -46.19
C VAL A 248 13.45 30.15 -46.53
N SER A 249 12.94 29.32 -45.63
CA SER A 249 11.62 28.74 -45.78
C SER A 249 11.01 28.37 -44.43
N LEU A 250 9.68 28.39 -44.41
CA LEU A 250 8.86 27.71 -43.41
C LEU A 250 7.63 27.18 -44.15
N SER A 251 6.82 26.36 -43.49
CA SER A 251 5.65 25.81 -44.16
C SER A 251 4.61 25.29 -43.19
N ASP A 252 3.39 25.05 -43.69
CA ASP A 252 2.35 24.34 -42.94
C ASP A 252 1.69 23.28 -43.87
N SER A 253 0.58 22.71 -43.43
CA SER A 253 0.00 21.60 -44.18
C SER A 253 -0.62 22.03 -45.53
N GLN A 254 -0.78 23.35 -45.75
CA GLN A 254 -1.34 23.88 -46.98
C GLN A 254 -0.33 24.49 -47.98
N GLY A 255 0.84 24.90 -47.50
CA GLY A 255 1.88 25.39 -48.39
C GLY A 255 3.15 25.93 -47.71
N SER A 256 4.04 26.47 -48.54
CA SER A 256 5.38 26.87 -48.15
C SER A 256 5.55 28.35 -48.35
N LEU A 257 6.13 29.02 -47.35
CA LEU A 257 6.45 30.44 -47.44
C LEU A 257 7.97 30.53 -47.56
N ILE A 258 8.45 30.97 -48.72
CA ILE A 258 9.88 31.00 -49.01
C ILE A 258 10.37 32.45 -49.16
N ILE A 259 11.66 32.64 -48.91
CA ILE A 259 12.35 33.90 -49.11
C ILE A 259 12.86 33.93 -50.57
N ASN A 260 12.61 35.02 -51.31
CA ASN A 260 13.34 35.26 -52.60
C ASN A 260 14.73 35.82 -52.33
N GLY A 261 15.66 35.48 -53.22
CA GLY A 261 16.99 36.02 -53.18
C GLY A 261 17.73 35.56 -51.95
N GLU A 262 18.58 36.45 -51.43
CA GLU A 262 19.56 36.14 -50.40
C GLU A 262 19.20 36.69 -49.01
N GLY A 263 17.90 36.72 -48.69
CA GLY A 263 17.44 37.26 -47.41
C GLY A 263 17.19 36.18 -46.38
N SER A 264 16.39 36.53 -45.37
CA SER A 264 16.07 35.60 -44.30
C SER A 264 14.84 36.07 -43.55
N PHE A 265 14.11 35.13 -42.96
CA PHE A 265 13.09 35.47 -42.01
C PHE A 265 13.75 36.22 -40.85
N THR A 266 12.99 37.14 -40.24
CA THR A 266 13.43 37.84 -39.03
C THR A 266 12.74 37.27 -37.77
N PRO A 267 13.30 37.53 -36.59
CA PRO A 267 12.61 37.11 -35.37
C PRO A 267 11.19 37.66 -35.26
N GLU A 268 10.99 38.89 -35.71
CA GLU A 268 9.71 39.59 -35.63
C GLU A 268 8.69 38.87 -36.50
N GLU A 269 9.14 38.43 -37.68
CA GLU A 269 8.29 37.70 -38.63
C GLU A 269 7.94 36.32 -38.11
N ILE A 270 8.91 35.69 -37.46
CA ILE A 270 8.69 34.41 -36.79
C ILE A 270 7.67 34.56 -35.63
N GLU A 271 7.81 35.60 -34.82
CA GLU A 271 6.81 35.95 -33.79
C GLU A 271 5.39 36.11 -34.38
N LEU A 272 5.29 36.77 -35.54
CA LEU A 272 4.00 36.94 -36.21
C LEU A 272 3.46 35.62 -36.71
N ILE A 273 4.31 34.77 -37.32
CA ILE A 273 3.86 33.44 -37.72
C ILE A 273 3.42 32.61 -36.51
N ALA A 274 4.14 32.77 -35.39
CA ALA A 274 3.78 32.05 -34.15
C ALA A 274 2.38 32.42 -33.65
N GLN A 275 2.10 33.72 -33.55
CA GLN A 275 0.75 34.22 -33.21
C GLN A 275 -0.35 33.75 -34.18
N THR A 276 -0.05 33.72 -35.48
CA THR A 276 -1.03 33.24 -36.45
C THR A 276 -1.28 31.77 -36.18
N LYS A 277 -0.25 31.04 -35.77
CA LYS A 277 -0.39 29.60 -35.44
C LYS A 277 -1.15 29.30 -34.13
N VAL A 278 -0.97 30.11 -33.08
CA VAL A 278 -1.77 29.99 -31.83
CA VAL A 278 -1.77 29.90 -31.86
C VAL A 278 -3.25 30.09 -32.20
N GLU A 279 -3.56 31.06 -33.05
CA GLU A 279 -4.91 31.26 -33.57
C GLU A 279 -5.36 30.18 -34.58
N ARG A 280 -4.59 29.10 -34.72
CA ARG A 280 -4.82 28.03 -35.71
C ARG A 280 -5.19 28.50 -37.14
N LYS A 281 -4.59 29.60 -37.57
CA LYS A 281 -4.71 30.12 -38.92
C LYS A 281 -3.58 29.55 -39.78
N GLN A 282 -3.65 29.81 -41.08
CA GLN A 282 -2.67 29.24 -42.02
C GLN A 282 -1.82 30.33 -42.65
N LEU A 283 -0.64 29.93 -43.15
CA LEU A 283 0.31 30.86 -43.77
C LEU A 283 -0.32 31.56 -44.97
N ALA A 284 -1.17 30.84 -45.71
CA ALA A 284 -1.94 31.40 -46.83
C ALA A 284 -2.86 32.55 -46.42
N SER A 285 -3.37 32.54 -45.19
CA SER A 285 -4.18 33.65 -44.66
C SER A 285 -3.41 34.93 -44.28
N ILE A 286 -2.07 34.89 -44.20
CA ILE A 286 -1.26 36.04 -43.73
C ILE A 286 -0.42 36.72 -44.82
N VAL A 287 -0.36 36.12 -46.00
CA VAL A 287 0.39 36.63 -47.15
C VAL A 287 -0.31 37.81 -47.82
N GLY A 288 -1.60 37.99 -47.57
CA GLY A 288 -2.33 39.17 -48.06
C GLY A 288 -2.30 40.39 -47.15
N ALA A 289 -1.25 40.53 -46.33
CA ALA A 289 -1.05 41.74 -45.54
C ALA A 289 0.41 41.80 -45.11
N ALA A 290 0.87 42.99 -44.75
CA ALA A 290 2.28 43.25 -44.47
C ALA A 290 2.73 42.57 -43.17
N PRO A 291 4.00 42.16 -43.04
CA PRO A 291 5.05 42.27 -44.08
C PRO A 291 5.04 41.17 -45.16
N PHE A 292 4.18 40.16 -45.01
CA PHE A 292 4.23 38.99 -45.87
C PHE A 292 3.64 39.18 -47.27
N SER A 293 2.96 40.30 -47.48
CA SER A 293 2.48 40.71 -48.80
C SER A 293 3.58 41.30 -49.68
N ASP A 294 4.70 41.67 -49.07
CA ASP A 294 5.89 42.08 -49.81
C ASP A 294 6.34 40.93 -50.70
N ALA A 295 6.04 41.02 -52.00
CA ALA A 295 6.46 39.98 -52.95
C ALA A 295 7.93 40.07 -53.41
N ASN A 296 8.65 41.12 -53.02
CA ASN A 296 10.11 41.18 -53.22
C ASN A 296 10.87 40.22 -52.32
N LYS A 297 10.40 40.12 -51.08
CA LYS A 297 11.00 39.25 -50.08
C LYS A 297 10.35 37.83 -50.06
N PHE A 298 9.03 37.76 -50.15
CA PHE A 298 8.29 36.52 -49.85
C PHE A 298 7.59 35.93 -51.06
N LYS A 299 7.54 34.59 -51.12
CA LYS A 299 6.74 33.87 -52.09
C LYS A 299 5.98 32.73 -51.40
N TYR A 300 4.65 32.82 -51.41
CA TYR A 300 3.81 31.71 -50.93
C TYR A 300 3.54 30.75 -52.07
N ILE A 301 3.67 29.45 -51.79
CA ILE A 301 3.48 28.41 -52.79
C ILE A 301 2.53 27.36 -52.21
N ALA A 302 1.30 27.34 -52.73
CA ALA A 302 0.23 26.47 -52.21
C ALA A 302 0.48 25.02 -52.64
N GLY A 303 0.15 24.10 -51.75
CA GLY A 303 0.33 22.68 -51.98
C GLY A 303 1.74 22.13 -51.95
N ALA A 304 2.75 22.98 -51.76
CA ALA A 304 4.16 22.59 -51.95
C ALA A 304 4.92 22.49 -50.62
N ARG A 305 5.84 21.53 -50.59
CA ARG A 305 6.93 21.49 -49.62
C ARG A 305 8.02 22.44 -50.11
N PRO A 306 8.87 22.95 -49.19
CA PRO A 306 9.74 24.05 -49.59
C PRO A 306 10.97 23.72 -50.44
N TRP A 307 11.32 22.45 -50.55
CA TRP A 307 12.69 22.05 -50.91
C TRP A 307 13.12 22.46 -52.34
N VAL A 308 12.25 22.26 -53.34
CA VAL A 308 12.55 22.74 -54.70
C VAL A 308 12.56 24.26 -54.79
N HIS A 309 11.72 24.94 -54.01
CA HIS A 309 11.51 26.38 -54.19
C HIS A 309 12.56 27.27 -53.50
N VAL A 310 13.36 26.69 -52.63
CA VAL A 310 14.42 27.46 -51.97
C VAL A 310 15.68 27.68 -52.81
N GLY A 311 15.85 26.95 -53.90
CA GLY A 311 17.09 27.01 -54.67
C GLY A 311 18.23 26.42 -53.88
N LYS A 312 19.39 27.06 -53.92
CA LYS A 312 20.60 26.52 -53.33
C LYS A 312 20.58 26.78 -51.83
N VAL A 313 20.75 25.70 -51.06
CA VAL A 313 20.81 25.78 -49.61
C VAL A 313 21.94 24.88 -49.08
N ASP A 314 22.39 25.18 -47.87
CA ASP A 314 23.46 24.44 -47.18
C ASP A 314 22.96 23.42 -46.15
N VAL A 315 21.84 23.69 -45.51
CA VAL A 315 21.30 22.86 -44.44
C VAL A 315 19.79 22.69 -44.63
N ALA A 316 19.27 21.49 -44.40
CA ALA A 316 17.81 21.27 -44.40
C ALA A 316 17.34 20.77 -43.04
N LEU A 317 16.36 21.44 -42.46
CA LEU A 317 15.80 21.06 -41.15
C LEU A 317 14.32 20.73 -41.31
N PRO A 318 14.00 19.52 -41.76
CA PRO A 318 12.56 19.19 -41.79
C PRO A 318 11.94 19.14 -40.39
N SER A 319 10.92 19.96 -40.17
CA SER A 319 10.35 20.12 -38.84
C SER A 319 8.82 20.23 -38.89
N ALA A 320 8.19 19.56 -39.86
CA ALA A 320 6.75 19.63 -40.01
C ALA A 320 6.12 18.35 -39.52
N THR A 321 6.48 17.26 -40.17
CA THR A 321 5.68 16.07 -40.10
C THR A 321 6.51 14.90 -40.57
N GLN A 322 5.98 13.71 -40.35
CA GLN A 322 6.63 12.46 -40.71
C GLN A 322 6.54 12.24 -42.22
N ASN A 323 7.57 11.60 -42.79
CA ASN A 323 7.64 11.26 -44.22
C ASN A 323 7.49 12.44 -45.16
N GLU A 324 8.10 13.56 -44.80
CA GLU A 324 8.02 14.82 -45.54
C GLU A 324 9.22 15.06 -46.46
N ILE A 325 10.20 14.16 -46.41
CA ILE A 325 11.24 14.10 -47.41
C ILE A 325 11.30 12.68 -48.04
N SER A 326 11.01 12.63 -49.34
CA SER A 326 11.02 11.43 -50.16
C SER A 326 12.37 11.27 -50.85
N GLY A 327 12.54 10.16 -51.56
CA GLY A 327 13.72 9.89 -52.36
C GLY A 327 13.99 11.00 -53.35
N GLU A 328 12.95 11.44 -54.03
CA GLU A 328 13.02 12.54 -55.00
C GLU A 328 13.56 13.82 -54.34
N GLU A 329 13.04 14.14 -53.17
CA GLU A 329 13.44 15.37 -52.48
C GLU A 329 14.85 15.30 -51.89
N ALA A 330 15.26 14.11 -51.46
CA ALA A 330 16.64 13.86 -51.06
C ALA A 330 17.58 14.28 -52.18
N GLN A 331 17.23 13.89 -53.39
CA GLN A 331 18.02 14.23 -54.57
C GLN A 331 17.93 15.73 -54.93
N VAL A 332 16.77 16.36 -54.75
CA VAL A 332 16.65 17.80 -54.91
C VAL A 332 17.64 18.52 -53.97
N LEU A 333 17.72 18.06 -52.73
CA LEU A 333 18.59 18.71 -51.74
C LEU A 333 20.05 18.48 -52.03
N ILE A 334 20.40 17.28 -52.51
CA ILE A 334 21.76 17.04 -52.98
C ILE A 334 22.18 18.04 -54.09
N ASN A 335 21.31 18.22 -55.09
CA ASN A 335 21.56 19.16 -56.20
C ASN A 335 21.59 20.61 -55.74
N ALA A 336 20.88 20.93 -54.68
CA ALA A 336 20.90 22.24 -54.10
C ALA A 336 22.24 22.62 -53.40
N GLY A 337 23.18 21.67 -53.28
CA GLY A 337 24.41 21.86 -52.48
C GLY A 337 24.23 21.73 -50.97
N CYS A 338 23.11 21.13 -50.55
CA CYS A 338 22.84 20.89 -49.13
C CYS A 338 23.79 19.83 -48.61
N LYS A 339 24.48 20.16 -47.52
CA LYS A 339 25.48 19.26 -46.94
C LYS A 339 25.12 18.72 -45.57
N PHE A 340 24.05 19.27 -44.96
CA PHE A 340 23.59 18.83 -43.64
C PHE A 340 22.06 18.74 -43.61
N ILE A 341 21.54 17.60 -43.16
CA ILE A 341 20.12 17.45 -42.90
C ILE A 341 19.88 16.71 -41.58
N ALA A 342 19.03 17.27 -40.74
CA ALA A 342 18.70 16.71 -39.45
C ALA A 342 17.23 16.86 -39.22
N GLU A 343 16.61 15.84 -38.64
CA GLU A 343 15.16 15.87 -38.44
C GLU A 343 14.75 16.66 -37.20
N GLY A 344 14.05 17.77 -37.41
CA GLY A 344 13.33 18.48 -36.34
C GLY A 344 12.05 17.75 -35.96
N SER A 345 11.31 17.30 -36.98
CA SER A 345 10.11 16.49 -36.81
C SER A 345 10.45 15.01 -36.59
N ASN A 346 9.54 14.28 -35.97
CA ASN A 346 9.69 12.84 -35.81
C ASN A 346 9.53 12.08 -37.12
N MET A 347 10.54 11.28 -37.42
CA MET A 347 10.57 10.40 -38.60
C MET A 347 10.41 11.20 -39.90
N GLY A 348 11.07 12.35 -39.98
CA GLY A 348 10.87 13.29 -41.12
C GLY A 348 11.23 12.77 -42.51
N CYS A 349 12.27 11.95 -42.59
CA CYS A 349 12.76 11.41 -43.84
C CYS A 349 12.26 9.99 -44.06
N THR A 350 11.79 9.70 -45.26
CA THR A 350 11.45 8.32 -45.63
C THR A 350 12.72 7.48 -45.60
N GLN A 351 12.58 6.17 -45.49
CA GLN A 351 13.74 5.31 -45.63
C GLN A 351 14.46 5.54 -46.98
N GLU A 352 13.72 5.82 -48.06
CA GLU A 352 14.32 6.14 -49.38
C GLU A 352 15.28 7.33 -49.35
N ALA A 353 14.88 8.39 -48.66
CA ALA A 353 15.73 9.57 -48.53
C ALA A 353 16.97 9.24 -47.69
N ILE A 354 16.77 8.49 -46.60
CA ILE A 354 17.86 8.03 -45.75
C ILE A 354 18.86 7.20 -46.56
N ASP A 355 18.35 6.31 -47.41
CA ASP A 355 19.21 5.45 -48.23
C ASP A 355 19.97 6.32 -49.24
N THR A 356 19.28 7.31 -49.78
CA THR A 356 19.87 8.22 -50.74
C THR A 356 21.00 9.02 -50.11
N PHE A 357 20.73 9.62 -48.94
CA PHE A 357 21.74 10.36 -48.20
C PHE A 357 22.95 9.50 -47.82
N GLU A 358 22.70 8.30 -47.31
CA GLU A 358 23.78 7.38 -46.89
C GLU A 358 24.63 6.88 -48.06
N ALA A 359 23.96 6.60 -49.19
CA ALA A 359 24.65 6.27 -50.43
C ALA A 359 25.52 7.44 -50.89
N HIS A 360 24.98 8.65 -50.80
CA HIS A 360 25.78 9.81 -51.16
C HIS A 360 27.02 10.02 -50.27
N ARG A 361 26.84 9.90 -48.95
CA ARG A 361 27.94 9.99 -48.00
C ARG A 361 29.06 8.99 -48.34
N THR A 362 28.67 7.75 -48.60
CA THR A 362 29.62 6.66 -48.89
C THR A 362 30.39 6.92 -50.20
N ALA A 363 29.69 7.50 -51.16
CA ALA A 363 30.24 7.78 -52.49
C ALA A 363 31.17 9.01 -52.54
N ASN A 364 30.98 9.97 -51.66
CA ASN A 364 31.62 11.31 -51.76
C ASN A 364 32.41 11.64 -50.49
N ALA A 365 33.73 11.52 -50.58
CA ALA A 365 34.59 11.74 -49.42
C ALA A 365 34.52 13.22 -48.98
N GLY A 366 34.53 13.43 -47.67
CA GLY A 366 34.73 14.76 -47.11
C GLY A 366 33.51 15.66 -47.17
N ALA A 367 33.76 16.95 -47.38
CA ALA A 367 32.71 17.96 -47.28
C ALA A 367 31.76 17.97 -48.48
N ALA A 368 32.11 17.27 -49.56
CA ALA A 368 31.21 17.02 -50.68
C ALA A 368 29.95 16.19 -50.31
N ALA A 369 30.04 15.32 -49.30
CA ALA A 369 28.92 14.50 -48.85
C ALA A 369 27.80 15.30 -48.18
N ILE A 370 26.55 14.94 -48.49
CA ILE A 370 25.41 15.32 -47.67
C ILE A 370 25.38 14.41 -46.43
N TRP A 371 25.35 15.05 -45.25
CA TRP A 371 25.39 14.33 -43.99
C TRP A 371 24.03 14.37 -43.31
N TYR A 372 23.49 13.18 -43.04
CA TYR A 372 22.19 13.01 -42.45
C TYR A 372 22.30 12.52 -41.01
N ALA A 373 21.62 13.21 -40.09
CA ALA A 373 21.56 12.80 -38.70
C ALA A 373 20.15 12.26 -38.38
N PRO A 374 20.07 11.08 -37.76
CA PRO A 374 18.79 10.49 -37.41
C PRO A 374 18.12 11.24 -36.26
N GLY A 375 16.80 11.16 -36.21
CA GLY A 375 16.01 11.87 -35.21
C GLY A 375 16.32 11.44 -33.78
N LYS A 376 16.65 10.17 -33.59
CA LYS A 376 16.95 9.70 -32.26
C LYS A 376 18.12 10.42 -31.62
N ALA A 377 19.05 10.91 -32.44
CA ALA A 377 20.14 11.78 -31.99
C ALA A 377 19.77 13.28 -32.01
N ALA A 378 19.39 13.78 -33.19
CA ALA A 378 19.25 15.20 -33.50
C ALA A 378 18.05 15.87 -32.85
N ASN A 379 16.89 15.23 -32.87
CA ASN A 379 15.75 15.78 -32.13
C ASN A 379 15.56 15.25 -30.71
N ALA A 380 16.65 14.81 -30.07
CA ALA A 380 16.61 14.44 -28.66
C ALA A 380 16.54 15.62 -27.70
N GLY A 381 16.62 16.85 -28.20
CA GLY A 381 16.69 18.04 -27.33
C GLY A 381 15.47 18.18 -26.44
N GLY A 382 14.29 17.91 -27.00
CA GLY A 382 13.06 17.94 -26.27
C GLY A 382 13.01 16.99 -25.07
N VAL A 383 13.19 15.69 -25.31
CA VAL A 383 13.13 14.75 -24.24
C VAL A 383 14.31 15.01 -23.25
N ALA A 384 15.45 15.46 -23.77
CA ALA A 384 16.54 15.89 -22.88
C ALA A 384 16.09 16.92 -21.83
N VAL A 385 15.42 17.98 -22.28
CA VAL A 385 14.99 19.04 -21.37
C VAL A 385 13.87 18.55 -20.44
N SER A 386 13.06 17.58 -20.88
CA SER A 386 12.15 16.86 -19.98
C SER A 386 12.86 16.14 -18.82
N GLY A 387 13.97 15.50 -19.11
CA GLY A 387 14.77 14.90 -18.06
C GLY A 387 15.24 15.96 -17.09
N LEU A 388 15.55 17.13 -17.61
CA LEU A 388 15.95 18.29 -16.80
C LEU A 388 14.81 18.90 -16.01
N GLU A 389 13.61 18.88 -16.59
CA GLU A 389 12.39 19.19 -15.82
C GLU A 389 12.26 18.23 -14.63
N MET A 390 12.47 16.92 -14.86
CA MET A 390 12.41 15.96 -13.79
C MET A 390 13.51 16.24 -12.76
N ALA A 391 14.72 16.57 -13.24
CA ALA A 391 15.82 16.94 -12.35
C ALA A 391 15.50 18.15 -11.45
N GLN A 392 14.87 19.14 -12.06
CA GLN A 392 14.51 20.38 -11.39
C GLN A 392 13.43 20.12 -10.32
N ASN A 393 12.40 19.34 -10.68
CA ASN A 393 11.36 18.93 -9.71
C ASN A 393 11.91 18.17 -8.50
N SER A 394 12.86 17.28 -8.76
CA SER A 394 13.54 16.55 -7.68
C SER A 394 14.43 17.45 -6.82
N ALA A 395 15.06 18.46 -7.42
CA ALA A 395 15.81 19.48 -6.71
C ALA A 395 14.92 20.45 -5.93
N ARG A 396 13.65 20.58 -6.37
CA ARG A 396 12.69 21.55 -5.87
C ARG A 396 13.15 22.97 -6.13
N LEU A 397 13.66 23.20 -7.33
CA LEU A 397 14.13 24.53 -7.74
C LEU A 397 13.75 24.71 -9.21
N SER A 398 13.75 25.96 -9.65
CA SER A 398 13.66 26.32 -11.08
C SER A 398 15.00 26.92 -11.48
N TRP A 399 15.67 26.31 -12.47
CA TRP A 399 16.92 26.83 -12.96
C TRP A 399 16.63 27.97 -13.93
N THR A 400 17.61 28.82 -14.13
CA THR A 400 17.49 29.90 -15.09
C THR A 400 17.53 29.29 -16.51
N SER A 401 17.08 30.07 -17.50
CA SER A 401 17.18 29.72 -18.92
CA SER A 401 17.15 29.61 -18.88
C SER A 401 18.59 29.33 -19.33
N GLU A 402 19.57 30.06 -18.77
CA GLU A 402 21.03 29.89 -19.07
C GLU A 402 21.59 28.54 -18.56
N GLU A 403 21.13 28.11 -17.40
CA GLU A 403 21.50 26.80 -16.84
C GLU A 403 20.84 25.64 -17.61
N VAL A 404 19.54 25.74 -17.88
CA VAL A 404 18.89 24.72 -18.68
C VAL A 404 19.55 24.65 -20.11
N ASP A 405 19.74 25.81 -20.73
CA ASP A 405 20.33 25.89 -22.07
C ASP A 405 21.75 25.30 -22.11
N ALA A 406 22.58 25.66 -21.12
CA ALA A 406 23.94 25.10 -21.00
C ALA A 406 23.97 23.57 -20.96
N ARG A 407 23.14 22.98 -20.12
CA ARG A 407 23.05 21.54 -20.05
C ARG A 407 22.54 20.91 -21.35
N LEU A 408 21.60 21.59 -22.02
CA LEU A 408 21.09 21.10 -23.32
C LEU A 408 22.24 21.04 -24.34
N LYS A 409 23.09 22.07 -24.37
CA LYS A 409 24.25 22.07 -25.30
C LYS A 409 25.22 20.92 -25.05
N ASP A 410 25.50 20.64 -23.76
CA ASP A 410 26.39 19.53 -23.34
C ASP A 410 25.80 18.20 -23.72
N ILE A 411 24.49 18.04 -23.54
CA ILE A 411 23.81 16.85 -23.97
C ILE A 411 23.86 16.64 -25.49
N MET A 412 23.55 17.66 -26.27
CA MET A 412 23.59 17.48 -27.74
C MET A 412 25.04 17.25 -28.25
N ARG A 413 26.00 17.93 -27.63
CA ARG A 413 27.41 17.67 -27.91
C ARG A 413 27.77 16.20 -27.68
N ASP A 414 27.44 15.68 -26.51
CA ASP A 414 27.81 14.31 -26.15
C ASP A 414 27.06 13.29 -27.00
N CYS A 415 25.81 13.59 -27.33
CA CYS A 415 25.04 12.77 -28.26
C CYS A 415 25.72 12.67 -29.63
N PHE A 416 26.16 13.82 -30.19
CA PHE A 416 26.91 13.86 -31.47
C PHE A 416 28.21 13.09 -31.33
N LYS A 417 28.98 13.37 -30.29
CA LYS A 417 30.26 12.69 -30.11
C LYS A 417 30.10 11.16 -30.04
N ASN A 418 29.06 10.72 -29.32
CA ASN A 418 28.87 9.29 -29.12
C ASN A 418 28.56 8.61 -30.45
N GLY A 419 27.62 9.18 -31.19
CA GLY A 419 27.28 8.67 -32.52
C GLY A 419 28.48 8.64 -33.43
N LEU A 420 29.23 9.73 -33.45
CA LEU A 420 30.39 9.85 -34.31
C LEU A 420 31.48 8.80 -33.96
N GLU A 421 31.81 8.70 -32.69
CA GLU A 421 32.85 7.80 -32.21
C GLU A 421 32.45 6.32 -32.29
N THR A 422 31.18 6.04 -32.03
CA THR A 422 30.69 4.70 -32.19
C THR A 422 30.73 4.24 -33.69
N ALA A 423 30.38 5.12 -34.62
CA ALA A 423 30.52 4.80 -36.05
C ALA A 423 32.00 4.59 -36.42
N GLN A 424 32.89 5.41 -35.88
CA GLN A 424 34.33 5.27 -36.11
C GLN A 424 34.88 3.93 -35.66
N GLU A 425 34.34 3.41 -34.55
CA GLU A 425 34.72 2.12 -33.96
C GLU A 425 34.10 0.89 -34.68
N TYR A 426 32.78 0.88 -34.86
CA TYR A 426 32.04 -0.25 -35.42
C TYR A 426 31.53 -0.16 -36.87
N ALA A 427 31.50 1.03 -37.44
CA ALA A 427 31.11 1.19 -38.84
C ALA A 427 32.16 2.04 -39.52
N THR A 428 33.42 1.70 -39.28
CA THR A 428 34.56 2.55 -39.65
C THR A 428 34.51 2.92 -41.11
N PRO A 429 34.41 4.23 -41.42
CA PRO A 429 34.35 4.67 -42.83
C PRO A 429 35.73 4.66 -43.46
N ALA A 430 35.78 4.58 -44.78
CA ALA A 430 37.03 4.79 -45.50
C ALA A 430 37.56 6.17 -45.18
N GLU A 431 38.83 6.37 -45.48
CA GLU A 431 39.53 7.61 -45.23
C GLU A 431 38.84 8.77 -45.90
N GLY A 432 38.79 9.89 -45.20
CA GLY A 432 38.08 11.06 -45.66
C GLY A 432 36.55 11.01 -45.65
N VAL A 433 35.95 9.83 -45.50
CA VAL A 433 34.49 9.67 -45.56
C VAL A 433 33.88 9.95 -44.18
N LEU A 434 32.81 10.74 -44.17
CA LEU A 434 32.14 11.07 -42.92
C LEU A 434 31.58 9.78 -42.29
N PRO A 435 31.78 9.58 -40.98
CA PRO A 435 31.12 8.43 -40.34
C PRO A 435 29.59 8.53 -40.38
N SER A 436 28.93 7.37 -40.42
CA SER A 436 27.47 7.29 -40.43
C SER A 436 26.91 7.66 -39.07
N LEU A 437 26.21 8.79 -39.01
CA LEU A 437 25.51 9.13 -37.77
C LEU A 437 24.31 8.22 -37.53
N VAL A 438 23.70 7.71 -38.60
CA VAL A 438 22.62 6.73 -38.50
C VAL A 438 23.16 5.47 -37.77
N THR A 439 24.19 4.87 -38.33
CA THR A 439 24.64 3.61 -37.82
C THR A 439 25.24 3.80 -36.43
N GLY A 440 26.05 4.83 -36.27
CA GLY A 440 26.64 5.14 -34.98
C GLY A 440 25.65 5.44 -33.85
N SER A 441 24.59 6.17 -34.17
CA SER A 441 23.58 6.50 -33.16
C SER A 441 22.78 5.29 -32.77
N ASN A 442 22.42 4.48 -33.76
CA ASN A 442 21.76 3.21 -33.52
C ASN A 442 22.58 2.25 -32.68
N ILE A 443 23.82 2.05 -33.05
CA ILE A 443 24.67 1.16 -32.25
C ILE A 443 24.87 1.72 -30.84
N ALA A 444 25.18 3.02 -30.73
CA ALA A 444 25.43 3.63 -29.41
C ALA A 444 24.24 3.49 -28.47
N GLY A 445 23.06 3.83 -28.98
CA GLY A 445 21.83 3.72 -28.23
C GLY A 445 21.53 2.30 -27.84
N PHE A 446 21.56 1.41 -28.82
CA PHE A 446 21.33 0.00 -28.59
C PHE A 446 22.30 -0.63 -27.57
N THR A 447 23.60 -0.40 -27.70
CA THR A 447 24.55 -1.06 -26.78
C THR A 447 24.43 -0.59 -25.34
N LYS A 448 24.18 0.69 -25.15
CA LYS A 448 23.98 1.25 -23.81
C LYS A 448 22.80 0.57 -23.11
N VAL A 449 21.70 0.37 -23.85
CA VAL A 449 20.56 -0.36 -23.30
C VAL A 449 20.90 -1.84 -23.06
N ALA A 450 21.38 -2.50 -24.11
CA ALA A 450 21.66 -3.92 -24.06
C ALA A 450 22.65 -4.26 -22.96
N ALA A 451 23.74 -3.50 -22.87
CA ALA A 451 24.74 -3.70 -21.81
C ALA A 451 24.16 -3.53 -20.41
N ALA A 452 23.32 -2.50 -20.23
CA ALA A 452 22.68 -2.25 -18.93
C ALA A 452 21.71 -3.39 -18.59
N MET A 453 20.97 -3.86 -19.59
CA MET A 453 20.11 -5.03 -19.43
C MET A 453 20.88 -6.28 -18.97
N LYS A 454 22.04 -6.51 -19.57
CA LYS A 454 22.87 -7.65 -19.16
C LYS A 454 23.30 -7.53 -17.70
N ASP A 455 23.82 -6.35 -17.34
CA ASP A 455 24.23 -6.03 -15.97
C ASP A 455 23.11 -6.28 -14.98
N GLN A 456 21.87 -5.95 -15.38
CA GLN A 456 20.72 -6.07 -14.52
C GLN A 456 19.97 -7.40 -14.65
N GLY A 457 20.55 -8.33 -15.38
CA GLY A 457 20.08 -9.68 -15.44
C GLY A 457 18.86 -9.87 -16.31
N ASP A 458 18.55 -8.92 -17.18
CA ASP A 458 17.37 -9.04 -18.06
C ASP A 458 17.56 -10.09 -19.14
N TRP A 459 18.80 -10.20 -19.63
CA TRP A 459 19.22 -11.34 -20.47
C TRP A 459 20.58 -11.78 -19.96
N TRP A 460 21.08 -12.90 -20.47
CA TRP A 460 22.42 -13.38 -20.14
C TRP A 460 22.89 -14.30 -21.26
N SER B 2 -24.54 25.55 3.12
CA SER B 2 -25.25 25.00 4.31
C SER B 2 -25.74 26.09 5.25
N ASN B 3 -25.86 25.76 6.53
CA ASN B 3 -25.47 26.71 7.55
C ASN B 3 -24.10 26.25 8.05
N LEU B 4 -23.13 27.05 7.63
CA LEU B 4 -21.74 26.82 7.90
C LEU B 4 -21.46 27.42 9.28
N PRO B 5 -20.46 26.88 10.01
CA PRO B 5 -20.09 27.44 11.31
C PRO B 5 -19.40 28.81 11.22
N HIS B 6 -19.30 29.49 12.34
CA HIS B 6 -18.74 30.84 12.39
C HIS B 6 -17.22 30.74 12.50
N GLU B 7 -16.54 31.36 11.54
CA GLU B 7 -15.08 31.30 11.49
C GLU B 7 -14.61 32.73 11.22
N PRO B 8 -14.75 33.63 12.23
CA PRO B 8 -14.54 35.08 11.99
C PRO B 8 -13.13 35.46 11.55
N GLU B 9 -12.13 34.83 12.14
CA GLU B 9 -10.76 35.11 11.76
C GLU B 9 -10.61 34.80 10.27
N PHE B 10 -11.05 33.61 9.85
CA PHE B 10 -10.99 33.20 8.45
C PHE B 10 -11.89 34.03 7.52
N GLU B 11 -13.16 34.18 7.86
CA GLU B 11 -14.11 35.00 7.07
C GLU B 11 -13.60 36.43 6.83
N GLN B 12 -12.99 37.01 7.86
CA GLN B 12 -12.36 38.34 7.78
C GLN B 12 -11.27 38.34 6.68
N ALA B 13 -10.37 37.36 6.74
CA ALA B 13 -9.26 37.23 5.77
C ALA B 13 -9.78 37.07 4.34
N TYR B 14 -10.75 36.17 4.17
CA TYR B 14 -11.43 36.02 2.88
C TYR B 14 -11.95 37.35 2.34
N LYS B 15 -12.59 38.12 3.20
CA LYS B 15 -13.23 39.38 2.76
C LYS B 15 -12.22 40.48 2.43
N GLU B 16 -11.10 40.53 3.16
CA GLU B 16 -9.99 41.46 2.82
C GLU B 16 -9.43 41.12 1.42
N LEU B 17 -9.12 39.84 1.22
CA LEU B 17 -8.67 39.40 -0.11
C LEU B 17 -9.70 39.75 -1.19
N ALA B 18 -10.96 39.40 -0.94
CA ALA B 18 -12.05 39.65 -1.90
C ALA B 18 -12.21 41.11 -2.33
N SER B 19 -12.06 42.06 -1.40
CA SER B 19 -12.22 43.48 -1.75
C SER B 19 -10.98 44.03 -2.46
N THR B 20 -9.79 43.65 -2.00
CA THR B 20 -8.53 43.93 -2.72
C THR B 20 -8.59 43.59 -4.22
N LEU B 21 -9.17 42.43 -4.54
CA LEU B 21 -9.30 41.94 -5.91
C LEU B 21 -10.36 42.71 -6.66
N GLU B 22 -11.52 42.88 -6.02
CA GLU B 22 -12.61 43.75 -6.51
C GLU B 22 -12.16 45.19 -6.82
N ASN B 23 -11.39 45.77 -5.91
CA ASN B 23 -10.87 47.14 -6.08
C ASN B 23 -9.50 47.14 -6.83
N SER B 24 -9.55 46.57 -8.03
CA SER B 24 -8.40 46.41 -8.91
C SER B 24 -9.00 46.03 -10.26
N THR B 25 -8.18 46.00 -11.30
CA THR B 25 -8.69 45.71 -12.64
C THR B 25 -8.75 44.20 -12.97
N LEU B 26 -8.38 43.33 -12.02
CA LEU B 26 -8.28 41.87 -12.25
C LEU B 26 -9.57 41.29 -12.88
N PHE B 27 -10.69 41.49 -12.19
CA PHE B 27 -11.99 40.97 -12.63
C PHE B 27 -12.61 41.73 -13.80
N GLN B 28 -12.09 42.90 -14.14
CA GLN B 28 -12.44 43.57 -15.39
C GLN B 28 -11.71 42.89 -16.53
N LYS B 29 -10.44 42.53 -16.35
CA LYS B 29 -9.67 41.83 -17.42
C LYS B 29 -9.88 40.31 -17.49
N ASN B 30 -10.33 39.72 -16.39
CA ASN B 30 -10.42 38.26 -16.21
C ASN B 30 -11.60 37.97 -15.30
N PRO B 31 -12.82 38.30 -15.74
CA PRO B 31 -13.98 38.09 -14.86
C PRO B 31 -14.09 36.66 -14.31
N GLU B 32 -13.71 35.68 -15.13
CA GLU B 32 -13.72 34.26 -14.72
C GLU B 32 -13.01 33.94 -13.37
N TYR B 33 -12.03 34.74 -12.97
CA TYR B 33 -11.34 34.55 -11.68
C TYR B 33 -12.21 34.74 -10.42
N ARG B 34 -13.44 35.21 -10.55
CA ARG B 34 -14.36 35.15 -9.41
C ARG B 34 -14.71 33.71 -9.03
N LYS B 35 -14.77 32.84 -10.03
CA LYS B 35 -14.94 31.41 -9.77
C LYS B 35 -13.75 30.85 -8.98
N ALA B 36 -12.54 31.22 -9.38
CA ALA B 36 -11.33 30.79 -8.70
C ALA B 36 -11.43 31.07 -7.21
N LEU B 37 -11.88 32.28 -6.87
CA LEU B 37 -11.96 32.71 -5.48
C LEU B 37 -12.89 31.83 -4.62
N ALA B 38 -14.03 31.44 -5.20
CA ALA B 38 -15.00 30.59 -4.49
C ALA B 38 -14.39 29.22 -4.20
N VAL B 39 -13.67 28.68 -5.17
CA VAL B 39 -13.08 27.34 -5.06
C VAL B 39 -11.89 27.39 -4.10
N VAL B 40 -11.01 28.38 -4.29
CA VAL B 40 -9.80 28.45 -3.48
C VAL B 40 -10.11 28.56 -2.00
N SER B 41 -11.17 29.27 -1.64
CA SER B 41 -11.49 29.55 -0.23
C SER B 41 -12.10 28.38 0.55
N VAL B 42 -12.46 27.29 -0.13
CA VAL B 42 -12.82 26.02 0.54
C VAL B 42 -11.60 25.07 0.57
N PRO B 43 -11.10 24.69 1.78
CA PRO B 43 -9.86 23.87 1.87
C PRO B 43 -9.99 22.54 1.09
N GLU B 44 -8.92 22.13 0.38
CA GLU B 44 -8.95 20.83 -0.32
C GLU B 44 -9.22 19.70 0.67
N ARG B 45 -8.51 19.74 1.80
CA ARG B 45 -8.75 18.76 2.85
C ARG B 45 -8.42 19.30 4.23
N VAL B 46 -9.21 18.88 5.22
CA VAL B 46 -8.94 19.10 6.64
C VAL B 46 -9.02 17.77 7.37
N ILE B 47 -8.03 17.49 8.21
CA ILE B 47 -8.08 16.32 9.09
C ILE B 47 -8.10 16.84 10.50
N GLN B 48 -9.04 16.36 11.30
CA GLN B 48 -9.08 16.57 12.74
C GLN B 48 -9.03 15.21 13.40
N PHE B 49 -8.37 15.13 14.55
CA PHE B 49 -8.18 13.86 15.25
C PHE B 49 -7.99 14.01 16.76
N ARG B 50 -8.41 12.99 17.51
CA ARG B 50 -8.19 12.92 18.96
C ARG B 50 -6.74 12.60 19.22
N VAL B 51 -6.17 13.26 20.22
CA VAL B 51 -4.79 12.97 20.66
C VAL B 51 -4.84 12.65 22.13
N VAL B 52 -4.74 11.35 22.42
CA VAL B 52 -4.59 10.82 23.78
C VAL B 52 -3.11 10.67 24.16
N TRP B 53 -2.76 11.18 25.33
CA TRP B 53 -1.39 11.15 25.82
C TRP B 53 -1.37 11.04 27.33
N GLU B 54 -0.23 10.60 27.86
CA GLU B 54 -0.06 10.33 29.31
C GLU B 54 0.76 11.43 29.99
N ASP B 55 0.21 12.06 31.03
CA ASP B 55 0.98 13.07 31.81
C ASP B 55 1.98 12.39 32.79
N ASP B 56 2.80 13.20 33.48
CA ASP B 56 3.84 12.63 34.35
C ASP B 56 3.28 11.93 35.60
N ALA B 57 2.05 12.26 36.01
CA ALA B 57 1.37 11.53 37.09
C ALA B 57 0.82 10.17 36.66
N GLY B 58 0.88 9.88 35.36
CA GLY B 58 0.35 8.65 34.79
C GLY B 58 -1.13 8.70 34.36
N ASN B 59 -1.71 9.89 34.25
CA ASN B 59 -3.14 10.03 33.93
C ASN B 59 -3.40 10.31 32.44
N VAL B 60 -4.57 9.87 31.99
CA VAL B 60 -4.99 10.03 30.62
C VAL B 60 -5.33 11.49 30.36
N GLN B 61 -4.73 12.09 29.32
CA GLN B 61 -5.14 13.40 28.82
C GLN B 61 -5.63 13.32 27.38
N VAL B 62 -6.56 14.22 27.01
CA VAL B 62 -7.13 14.31 25.66
C VAL B 62 -7.01 15.72 25.08
N ASN B 63 -6.49 15.83 23.86
CA ASN B 63 -6.49 17.08 23.08
C ASN B 63 -6.89 16.82 21.63
N ARG B 64 -7.07 17.91 20.89
CA ARG B 64 -7.54 17.91 19.50
C ARG B 64 -6.44 18.29 18.55
N GLY B 65 -6.25 17.47 17.53
CA GLY B 65 -5.24 17.67 16.49
C GLY B 65 -5.88 18.08 15.18
N PHE B 66 -5.16 18.87 14.39
CA PHE B 66 -5.68 19.51 13.20
C PHE B 66 -4.58 19.56 12.14
N ARG B 67 -4.95 19.29 10.90
CA ARG B 67 -4.11 19.67 9.80
C ARG B 67 -5.02 20.16 8.68
N VAL B 68 -4.83 21.41 8.30
CA VAL B 68 -5.57 22.03 7.25
C VAL B 68 -4.70 22.04 6.01
N GLN B 69 -5.09 21.21 5.05
CA GLN B 69 -4.42 21.07 3.79
C GLN B 69 -5.21 21.92 2.78
N PHE B 70 -4.85 23.20 2.70
CA PHE B 70 -5.69 24.20 2.06
C PHE B 70 -5.65 24.17 0.55
N ASN B 71 -4.45 24.22 -0.02
CA ASN B 71 -4.27 24.32 -1.47
C ASN B 71 -2.96 23.67 -1.90
N SER B 72 -3.02 22.85 -2.94
CA SER B 72 -1.81 22.15 -3.45
C SER B 72 -1.46 22.43 -4.90
N ALA B 73 -2.04 23.47 -5.50
CA ALA B 73 -1.77 23.76 -6.94
C ALA B 73 -0.28 23.98 -7.28
N LEU B 74 0.40 24.75 -6.45
CA LEU B 74 1.79 25.12 -6.70
C LEU B 74 2.79 24.19 -6.08
N GLY B 75 2.34 23.26 -5.24
CA GLY B 75 3.25 22.39 -4.54
C GLY B 75 2.58 21.63 -3.43
N PRO B 76 3.35 20.76 -2.76
CA PRO B 76 2.81 20.04 -1.63
C PRO B 76 2.38 21.00 -0.54
N TYR B 77 1.44 20.61 0.30
CA TYR B 77 0.99 21.52 1.35
C TYR B 77 2.20 21.90 2.20
N LYS B 78 2.26 23.17 2.59
CA LYS B 78 3.37 23.68 3.36
C LYS B 78 2.87 24.70 4.41
N GLY B 79 3.30 24.55 5.65
CA GLY B 79 2.96 25.48 6.70
C GLY B 79 3.11 24.92 8.09
N GLY B 80 3.26 25.82 9.07
CA GLY B 80 3.66 25.44 10.44
C GLY B 80 2.60 24.72 11.23
N LEU B 81 3.02 24.24 12.41
CA LEU B 81 2.14 23.60 13.39
C LEU B 81 2.17 24.42 14.67
N ARG B 82 0.99 24.68 15.23
CA ARG B 82 0.85 25.53 16.38
C ARG B 82 0.22 24.74 17.52
N PHE B 83 0.92 24.63 18.65
CA PHE B 83 0.38 24.05 19.90
C PHE B 83 0.02 25.18 20.89
N HIS B 84 -1.26 25.56 20.99
CA HIS B 84 -1.67 26.70 21.86
C HIS B 84 -3.15 26.50 22.22
N PRO B 85 -3.55 26.72 23.50
CA PRO B 85 -4.93 26.40 23.96
C PRO B 85 -6.06 27.06 23.15
N SER B 86 -5.79 28.21 22.58
CA SER B 86 -6.67 28.87 21.63
C SER B 86 -6.88 28.17 20.25
N VAL B 87 -6.07 27.16 19.90
CA VAL B 87 -6.12 26.60 18.54
C VAL B 87 -7.45 25.91 18.24
N ASN B 88 -8.01 26.19 17.08
CA ASN B 88 -9.20 25.53 16.57
C ASN B 88 -9.21 25.63 15.04
N LEU B 89 -10.27 25.13 14.40
CA LEU B 89 -10.30 25.06 12.94
C LEU B 89 -10.32 26.44 12.30
N SER B 90 -11.11 27.35 12.87
CA SER B 90 -11.26 28.69 12.31
C SER B 90 -9.91 29.35 12.24
N ILE B 91 -9.22 29.37 13.38
CA ILE B 91 -7.92 30.00 13.48
C ILE B 91 -6.96 29.36 12.45
N LEU B 92 -6.90 28.04 12.41
CA LEU B 92 -5.99 27.34 11.49
C LEU B 92 -6.36 27.55 10.01
N LYS B 93 -7.64 27.64 9.70
CA LYS B 93 -8.06 28.04 8.37
C LYS B 93 -7.56 29.44 8.00
N PHE B 94 -7.74 30.40 8.91
CA PHE B 94 -7.21 31.77 8.69
C PHE B 94 -5.71 31.75 8.32
N LEU B 95 -4.92 31.06 9.14
CA LEU B 95 -3.47 30.98 8.96
C LEU B 95 -3.06 30.19 7.72
N GLY B 96 -3.75 29.09 7.44
CA GLY B 96 -3.45 28.28 6.27
C GLY B 96 -3.83 28.95 4.97
N PHE B 97 -4.96 29.67 4.98
CA PHE B 97 -5.35 30.53 3.85
C PHE B 97 -4.28 31.60 3.52
N GLU B 98 -3.76 32.28 4.52
CA GLU B 98 -2.64 33.23 4.33
C GLU B 98 -1.36 32.57 3.80
N GLN B 99 -1.10 31.36 4.29
CA GLN B 99 0.09 30.61 3.97
C GLN B 99 0.15 30.26 2.49
N ILE B 100 -1.02 29.99 1.88
CA ILE B 100 -1.12 29.70 0.45
C ILE B 100 -0.40 30.78 -0.35
N PHE B 101 -0.76 32.02 -0.05
CA PHE B 101 -0.36 33.17 -0.90
C PHE B 101 1.01 33.66 -0.55
N LYS B 102 1.38 33.54 0.71
CA LYS B 102 2.75 33.80 1.11
C LYS B 102 3.71 32.83 0.37
N ASN B 103 3.42 31.53 0.47
CA ASN B 103 4.21 30.49 -0.20
C ASN B 103 4.25 30.73 -1.74
N ALA B 104 3.10 31.08 -2.32
CA ALA B 104 3.02 31.41 -3.74
C ALA B 104 4.08 32.45 -4.16
N LEU B 105 4.18 33.50 -3.35
CA LEU B 105 5.06 34.65 -3.66
C LEU B 105 6.54 34.38 -3.69
N THR B 106 6.97 33.30 -3.04
CA THR B 106 8.38 32.91 -3.02
C THR B 106 8.81 32.43 -4.40
N GLY B 107 7.85 32.00 -5.22
CA GLY B 107 8.15 31.39 -6.53
C GLY B 107 8.58 29.93 -6.44
N LEU B 108 8.58 29.35 -5.23
CA LEU B 108 8.95 27.94 -5.03
C LEU B 108 7.71 27.12 -5.07
N ASN B 109 7.87 25.84 -5.36
CA ASN B 109 6.72 24.95 -5.49
C ASN B 109 6.25 24.47 -4.10
N MET B 110 5.48 25.35 -3.45
CA MET B 110 4.93 25.10 -2.12
C MET B 110 3.46 25.51 -2.08
N GLY B 111 2.60 24.56 -1.68
CA GLY B 111 1.19 24.80 -1.42
C GLY B 111 1.02 25.42 -0.03
N GLY B 112 -0.19 25.42 0.48
CA GLY B 112 -0.47 26.12 1.73
C GLY B 112 -1.23 25.25 2.70
N GLY B 113 -0.74 25.24 3.93
CA GLY B 113 -1.41 24.52 5.02
C GLY B 113 -1.03 25.02 6.39
N LYS B 114 -1.69 24.48 7.40
CA LYS B 114 -1.48 24.84 8.78
C LYS B 114 -2.14 23.81 9.67
N GLY B 115 -1.55 23.55 10.82
CA GLY B 115 -2.09 22.56 11.72
C GLY B 115 -1.68 22.83 13.14
N GLY B 116 -1.93 21.86 14.00
CA GLY B 116 -1.50 21.95 15.37
C GLY B 116 -2.48 21.32 16.34
N SER B 117 -2.43 21.79 17.59
CA SER B 117 -3.27 21.25 18.65
C SER B 117 -3.62 22.33 19.65
N ASP B 118 -4.75 22.13 20.36
CA ASP B 118 -5.09 22.96 21.52
C ASP B 118 -4.24 22.59 22.77
N PHE B 119 -3.50 21.48 22.70
CA PHE B 119 -2.45 21.19 23.69
C PHE B 119 -1.63 22.46 24.07
N ASP B 120 -1.54 22.72 25.37
CA ASP B 120 -0.84 23.90 25.92
C ASP B 120 0.50 23.46 26.49
N PRO B 121 1.61 23.84 25.85
CA PRO B 121 2.93 23.45 26.38
C PRO B 121 3.37 24.09 27.73
N LYS B 122 2.76 25.22 28.10
CA LYS B 122 3.15 25.93 29.33
C LYS B 122 2.96 25.06 30.57
N GLY B 123 4.02 24.98 31.37
CA GLY B 123 4.06 24.12 32.54
C GLY B 123 4.17 22.63 32.27
N LYS B 124 4.42 22.24 31.01
CA LYS B 124 4.57 20.82 30.72
C LYS B 124 6.04 20.47 30.74
N SER B 125 6.38 19.30 31.28
CA SER B 125 7.75 18.81 31.25
C SER B 125 8.16 18.40 29.83
N ASP B 126 9.47 18.36 29.59
CA ASP B 126 9.97 17.84 28.33
C ASP B 126 9.45 16.42 28.04
N ASN B 127 9.34 15.59 29.07
CA ASN B 127 8.83 14.23 28.92
C ASN B 127 7.37 14.19 28.42
N GLU B 128 6.54 15.05 28.99
CA GLU B 128 5.15 15.17 28.60
C GLU B 128 5.01 15.61 27.14
N ILE B 129 5.85 16.58 26.75
CA ILE B 129 5.87 17.11 25.39
C ILE B 129 6.29 16.03 24.40
N ARG B 130 7.32 15.26 24.76
CA ARG B 130 7.67 14.09 23.98
C ARG B 130 6.45 13.19 23.77
N ARG B 131 5.77 12.83 24.84
CA ARG B 131 4.67 11.90 24.75
C ARG B 131 3.54 12.44 23.91
N PHE B 132 3.27 13.75 24.06
CA PHE B 132 2.27 14.40 23.23
C PHE B 132 2.66 14.32 21.76
N CYS B 133 3.87 14.76 21.42
CA CYS B 133 4.38 14.76 20.05
C CYS B 133 4.36 13.37 19.42
N VAL B 134 4.74 12.36 20.18
CA VAL B 134 4.69 10.98 19.70
C VAL B 134 3.25 10.61 19.31
N SER B 135 2.33 10.82 20.24
CA SER B 135 0.94 10.45 20.05
C SER B 135 0.30 11.25 18.90
N PHE B 136 0.58 12.56 18.88
CA PHE B 136 0.18 13.47 17.78
C PHE B 136 0.65 13.00 16.41
N MET B 137 1.94 12.70 16.28
CA MET B 137 2.50 12.22 15.00
C MET B 137 2.05 10.82 14.60
N THR B 138 1.66 9.99 15.57
CA THR B 138 1.17 8.65 15.26
C THR B 138 -0.02 8.68 14.29
N GLU B 139 -0.90 9.65 14.48
CA GLU B 139 -2.03 9.87 13.60
C GLU B 139 -1.68 10.75 12.41
N LEU B 140 -0.93 11.83 12.62
CA LEU B 140 -0.64 12.76 11.54
C LEU B 140 0.15 12.11 10.39
N CYS B 141 1.03 11.16 10.72
CA CYS B 141 1.88 10.47 9.72
CA CYS B 141 1.89 10.60 9.67
C CYS B 141 1.12 10.05 8.45
N LYS B 142 -0.09 9.50 8.64
CA LYS B 142 -0.94 8.97 7.55
C LYS B 142 -1.21 9.97 6.42
N HIS B 143 -1.23 11.26 6.79
CA HIS B 143 -1.77 12.33 5.98
C HIS B 143 -0.70 13.26 5.40
N ILE B 144 0.58 13.01 5.70
CA ILE B 144 1.64 13.93 5.32
C ILE B 144 2.74 13.16 4.63
N GLY B 145 3.76 13.86 4.20
CA GLY B 145 4.91 13.24 3.57
C GLY B 145 5.67 14.23 2.72
N ALA B 146 6.89 13.85 2.36
CA ALA B 146 7.84 14.75 1.69
C ALA B 146 7.33 15.28 0.33
N ASP B 147 6.46 14.53 -0.35
CA ASP B 147 5.76 15.04 -1.56
C ASP B 147 4.24 15.28 -1.45
N THR B 148 3.77 15.40 -0.22
CA THR B 148 2.37 15.53 0.10
C THR B 148 2.11 16.77 0.96
N ASP B 149 2.72 16.81 2.15
CA ASP B 149 2.50 17.88 3.14
C ASP B 149 3.70 17.95 4.07
N VAL B 150 4.35 19.10 4.13
CA VAL B 150 5.58 19.29 4.90
C VAL B 150 5.35 20.35 5.97
N PRO B 151 5.04 19.90 7.20
CA PRO B 151 4.83 20.89 8.26
C PRO B 151 6.14 21.46 8.78
N ALA B 152 6.01 22.39 9.72
CA ALA B 152 7.13 23.05 10.40
C ALA B 152 6.68 23.56 11.74
N GLY B 153 7.60 24.23 12.44
CA GLY B 153 7.29 24.93 13.66
C GLY B 153 6.40 26.16 13.51
N ASP B 154 6.03 26.71 14.65
CA ASP B 154 5.18 27.92 14.80
C ASP B 154 5.12 28.07 16.32
N ILE B 155 4.18 28.86 16.85
CA ILE B 155 4.03 29.02 18.31
C ILE B 155 3.73 27.68 19.00
N GLY B 156 4.53 27.36 20.03
CA GLY B 156 4.44 26.10 20.75
C GLY B 156 5.17 24.94 20.10
N VAL B 157 5.71 25.14 18.90
CA VAL B 157 6.43 24.10 18.16
C VAL B 157 7.78 24.65 17.70
N THR B 158 8.80 24.37 18.49
CA THR B 158 10.18 24.78 18.21
C THR B 158 11.01 23.54 17.82
N GLY B 159 12.32 23.72 17.67
CA GLY B 159 13.23 22.62 17.35
C GLY B 159 13.02 21.38 18.19
N ARG B 160 12.76 21.56 19.47
CA ARG B 160 12.47 20.46 20.38
C ARG B 160 11.31 19.54 19.91
N GLU B 161 10.21 20.17 19.52
CA GLU B 161 8.98 19.45 19.10
C GLU B 161 9.17 18.88 17.69
N VAL B 162 9.78 19.64 16.79
CA VAL B 162 10.09 19.15 15.45
C VAL B 162 10.92 17.84 15.51
N GLY B 163 11.90 17.79 16.41
CA GLY B 163 12.65 16.57 16.72
C GLY B 163 11.79 15.38 17.14
N PHE B 164 10.99 15.56 18.19
CA PHE B 164 10.12 14.44 18.63
C PHE B 164 9.18 13.99 17.50
N LEU B 165 8.66 14.96 16.73
CA LEU B 165 7.74 14.70 15.64
C LEU B 165 8.43 13.94 14.50
N PHE B 166 9.63 14.38 14.12
CA PHE B 166 10.41 13.73 13.06
C PHE B 166 10.76 12.29 13.44
N GLY B 167 11.19 12.09 14.70
CA GLY B 167 11.59 10.76 15.17
C GLY B 167 10.49 9.72 15.10
N GLN B 168 9.29 10.10 15.52
CA GLN B 168 8.16 9.18 15.47
C GLN B 168 7.72 8.85 14.04
N TYR B 169 7.72 9.87 13.17
CA TYR B 169 7.39 9.66 11.77
C TYR B 169 8.35 8.65 11.13
N ARG B 170 9.65 8.94 11.26
CA ARG B 170 10.75 8.04 10.80
C ARG B 170 10.47 6.58 11.22
N LYS B 171 10.02 6.38 12.46
CA LYS B 171 9.78 5.06 13.00
C LYS B 171 8.59 4.32 12.37
N ILE B 172 7.46 5.00 12.29
CA ILE B 172 6.21 4.40 11.79
C ILE B 172 6.27 4.22 10.26
N ARG B 173 6.71 5.27 9.57
CA ARG B 173 6.73 5.29 8.10
C ARG B 173 7.90 4.51 7.47
N ASN B 174 8.97 4.30 8.23
CA ASN B 174 10.20 3.65 7.75
C ASN B 174 10.85 4.36 6.53
N GLN B 175 10.81 5.68 6.59
CA GLN B 175 11.42 6.52 5.59
C GLN B 175 12.09 7.71 6.25
N TRP B 176 13.28 8.04 5.77
CA TRP B 176 14.04 9.20 6.23
C TRP B 176 13.93 10.21 5.10
N GLU B 177 13.23 11.32 5.33
CA GLU B 177 12.92 12.29 4.27
C GLU B 177 12.54 13.64 4.82
N GLY B 178 12.45 14.64 3.94
CA GLY B 178 12.08 15.99 4.30
C GLY B 178 10.60 16.21 4.55
N VAL B 179 10.10 15.52 5.56
CA VAL B 179 8.70 15.57 5.95
C VAL B 179 8.43 16.78 6.86
N LEU B 180 9.47 17.31 7.49
CA LEU B 180 9.39 18.54 8.26
C LEU B 180 10.57 19.44 7.95
N THR B 181 10.38 20.74 8.19
CA THR B 181 11.45 21.74 8.10
C THR B 181 11.67 22.30 9.50
N GLY B 182 12.74 23.07 9.65
CA GLY B 182 13.25 23.45 10.97
C GLY B 182 13.91 22.32 11.73
N LYS B 183 14.41 21.32 11.00
CA LYS B 183 15.17 20.21 11.58
C LYS B 183 16.57 20.63 12.01
N GLY B 184 17.16 19.78 12.85
CA GLY B 184 18.47 20.01 13.39
C GLY B 184 19.55 19.84 12.33
N GLY B 185 20.69 20.48 12.58
CA GLY B 185 21.80 20.54 11.65
C GLY B 185 22.33 19.22 11.14
N SER B 186 22.43 18.23 12.04
CA SER B 186 23.00 16.93 11.68
C SER B 186 21.96 15.98 11.09
N TRP B 187 20.66 16.24 11.30
CA TRP B 187 19.57 15.39 10.77
C TRP B 187 18.62 16.17 9.81
N GLY B 188 19.25 16.80 8.82
CA GLY B 188 18.56 17.36 7.67
C GLY B 188 18.20 18.81 7.78
N GLY B 189 18.76 19.53 8.74
CA GLY B 189 18.46 20.96 8.88
C GLY B 189 19.19 21.78 7.85
N SER B 190 18.85 23.05 7.77
CA SER B 190 19.53 23.98 6.85
C SER B 190 20.27 25.06 7.58
N LEU B 191 21.43 25.41 7.06
CA LEU B 191 22.11 26.65 7.45
C LEU B 191 21.27 27.84 7.00
N ILE B 192 21.50 28.98 7.67
CA ILE B 192 20.76 30.23 7.40
C ILE B 192 19.30 30.21 7.90
N ARG B 193 18.83 29.10 8.50
CA ARG B 193 17.45 29.05 8.99
C ARG B 193 17.08 30.08 10.09
N PRO B 194 17.90 30.21 11.15
CA PRO B 194 17.60 31.27 12.14
C PRO B 194 17.69 32.71 11.58
N GLU B 195 18.59 32.91 10.62
CA GLU B 195 18.81 34.19 9.96
C GLU B 195 17.73 34.57 8.92
N ALA B 196 17.04 33.58 8.35
CA ALA B 196 16.27 33.73 7.10
C ALA B 196 15.24 34.89 7.08
N THR B 197 14.40 34.95 8.11
CA THR B 197 13.34 35.94 8.09
C THR B 197 13.91 37.36 8.19
N GLY B 198 14.79 37.57 9.16
CA GLY B 198 15.42 38.87 9.37
C GLY B 198 16.22 39.39 8.18
N TYR B 199 17.08 38.52 7.65
CA TYR B 199 17.82 38.79 6.40
C TYR B 199 16.87 39.09 5.27
N GLY B 200 15.88 38.23 5.15
CA GLY B 200 14.92 38.32 4.06
C GLY B 200 14.21 39.65 4.00
N VAL B 201 13.84 40.18 5.17
CA VAL B 201 13.13 41.47 5.27
C VAL B 201 14.07 42.56 4.77
N VAL B 202 15.28 42.55 5.30
CA VAL B 202 16.27 43.52 4.84
C VAL B 202 16.51 43.40 3.31
N TYR B 203 16.63 42.18 2.79
CA TYR B 203 16.88 42.02 1.35
C TYR B 203 15.70 42.59 0.59
N TYR B 204 14.49 42.29 1.05
CA TYR B 204 13.30 42.82 0.43
C TYR B 204 13.33 44.37 0.41
N VAL B 205 13.60 44.99 1.55
CA VAL B 205 13.65 46.47 1.63
C VAL B 205 14.76 47.08 0.76
N GLU B 206 15.88 46.39 0.55
CA GLU B 206 16.90 46.89 -0.41
C GLU B 206 16.29 47.13 -1.80
N HIS B 207 15.50 46.17 -2.28
CA HIS B 207 14.81 46.35 -3.58
C HIS B 207 13.83 47.52 -3.58
N MET B 208 13.12 47.69 -2.46
CA MET B 208 12.24 48.83 -2.28
C MET B 208 13.03 50.15 -2.38
N ILE B 209 14.14 50.25 -1.66
CA ILE B 209 14.95 51.49 -1.67
C ILE B 209 15.52 51.77 -3.08
N ALA B 210 16.04 50.72 -3.71
CA ALA B 210 16.60 50.80 -5.05
C ALA B 210 15.57 51.27 -6.06
N HIS B 211 14.38 50.67 -6.03
CA HIS B 211 13.34 51.03 -6.97
C HIS B 211 12.81 52.43 -6.73
N ALA B 212 12.60 52.79 -5.47
CA ALA B 212 12.04 54.11 -5.14
C ALA B 212 13.00 55.28 -5.48
N THR B 213 14.29 55.06 -5.35
CA THR B 213 15.29 56.10 -5.52
C THR B 213 16.07 55.97 -6.83
N ASN B 214 15.58 55.10 -7.71
CA ASN B 214 16.17 54.86 -9.03
C ASN B 214 17.62 54.34 -8.91
N GLY B 215 17.88 53.55 -7.88
CA GLY B 215 19.21 53.03 -7.58
C GLY B 215 20.22 54.00 -7.01
N GLN B 216 19.78 55.16 -6.50
CA GLN B 216 20.68 56.14 -5.91
C GLN B 216 20.93 55.95 -4.42
N GLU B 217 20.18 55.05 -3.77
CA GLU B 217 20.29 54.87 -2.33
C GLU B 217 20.18 53.42 -1.99
N SER B 218 20.59 53.09 -0.77
CA SER B 218 20.56 51.72 -0.26
C SER B 218 20.40 51.80 1.25
N PHE B 219 20.68 50.72 1.98
CA PHE B 219 20.73 50.81 3.45
C PHE B 219 21.92 51.64 3.93
N LYS B 220 22.93 51.79 3.07
CA LYS B 220 24.15 52.56 3.36
C LYS B 220 23.82 53.98 3.86
N GLY B 221 24.21 54.27 5.10
CA GLY B 221 23.99 55.59 5.69
C GLY B 221 22.61 55.84 6.29
N LYS B 222 21.70 54.86 6.24
CA LYS B 222 20.34 55.07 6.70
C LYS B 222 20.19 54.66 8.15
N ARG B 223 19.25 55.28 8.84
CA ARG B 223 18.91 54.96 10.22
C ARG B 223 17.66 54.06 10.22
N VAL B 224 17.69 52.98 11.00
CA VAL B 224 16.68 51.94 10.95
C VAL B 224 16.17 51.65 12.35
N ALA B 225 14.86 51.77 12.53
CA ALA B 225 14.22 51.44 13.79
C ALA B 225 13.60 50.04 13.73
N ILE B 226 14.07 49.16 14.61
CA ILE B 226 13.58 47.80 14.71
C ILE B 226 12.89 47.66 16.06
N SER B 227 11.82 46.87 16.07
CA SER B 227 11.16 46.47 17.30
C SER B 227 11.34 44.97 17.44
N GLY B 228 11.30 44.49 18.68
CA GLY B 228 11.49 43.08 18.96
C GLY B 228 12.96 42.78 19.17
N SER B 229 13.23 41.57 19.63
CA SER B 229 14.62 41.19 19.89
C SER B 229 14.87 39.66 19.89
N GLY B 230 14.04 38.92 19.15
CA GLY B 230 14.30 37.52 18.82
C GLY B 230 15.09 37.40 17.52
N ASN B 231 14.90 36.25 16.85
CA ASN B 231 15.64 35.90 15.63
C ASN B 231 15.49 36.94 14.53
N VAL B 232 14.24 37.34 14.30
CA VAL B 232 13.94 38.27 13.23
C VAL B 232 14.68 39.60 13.44
N ALA B 233 14.42 40.24 14.58
CA ALA B 233 15.05 41.54 14.91
C ALA B 233 16.56 41.47 15.00
N GLN B 234 17.10 40.41 15.61
CA GLN B 234 18.56 40.24 15.70
C GLN B 234 19.21 40.21 14.34
N TYR B 235 18.71 39.35 13.48
CA TYR B 235 19.37 39.14 12.21
C TYR B 235 19.06 40.22 11.21
N ALA B 236 17.87 40.79 11.25
CA ALA B 236 17.60 42.00 10.49
C ALA B 236 18.61 43.07 10.91
N ALA B 237 18.81 43.21 12.21
CA ALA B 237 19.71 44.25 12.73
C ALA B 237 21.10 44.01 12.20
N LEU B 238 21.59 42.78 12.38
CA LEU B 238 22.91 42.38 11.86
C LEU B 238 23.09 42.61 10.35
N LYS B 239 22.09 42.30 9.54
CA LYS B 239 22.19 42.54 8.09
C LYS B 239 22.23 44.03 7.72
N VAL B 240 21.40 44.83 8.37
CA VAL B 240 21.42 46.29 8.25
C VAL B 240 22.84 46.80 8.55
N ILE B 241 23.41 46.36 9.65
CA ILE B 241 24.76 46.83 10.01
C ILE B 241 25.79 46.47 8.95
N GLU B 242 25.74 45.23 8.44
CA GLU B 242 26.59 44.79 7.33
C GLU B 242 26.47 45.65 6.09
N LEU B 243 25.29 46.21 5.84
CA LEU B 243 25.04 47.02 4.64
C LEU B 243 25.33 48.53 4.81
N GLY B 244 25.95 48.92 5.92
CA GLY B 244 26.32 50.31 6.16
C GLY B 244 25.30 51.16 6.89
N GLY B 245 24.18 50.56 7.28
CA GLY B 245 23.10 51.30 7.96
C GLY B 245 23.25 51.26 9.47
N SER B 246 22.51 52.12 10.16
CA SER B 246 22.56 52.23 11.62
C SER B 246 21.27 51.74 12.20
N VAL B 247 21.36 50.86 13.19
CA VAL B 247 20.19 50.32 13.85
C VAL B 247 20.07 51.10 15.13
N VAL B 248 18.92 51.72 15.36
CA VAL B 248 18.75 52.69 16.47
C VAL B 248 17.77 52.24 17.59
N SER B 249 17.14 51.08 17.43
CA SER B 249 16.29 50.49 18.44
C SER B 249 16.08 48.98 18.32
N LEU B 250 15.83 48.36 19.48
CA LEU B 250 15.25 47.03 19.61
C LEU B 250 14.34 47.15 20.81
N SER B 251 13.51 46.13 21.01
CA SER B 251 12.61 46.12 22.13
C SER B 251 12.18 44.69 22.49
N ASP B 252 11.60 44.55 23.67
CA ASP B 252 10.91 43.33 24.06
C ASP B 252 9.54 43.73 24.60
N SER B 253 8.77 42.78 25.12
CA SER B 253 7.46 43.08 25.64
C SER B 253 7.42 44.01 26.90
N GLN B 254 8.55 44.23 27.57
CA GLN B 254 8.60 45.18 28.71
C GLN B 254 9.06 46.57 28.34
N GLY B 255 9.71 46.74 27.19
CA GLY B 255 10.18 48.08 26.82
C GLY B 255 11.14 48.17 25.66
N SER B 256 11.43 49.42 25.28
CA SER B 256 12.31 49.74 24.17
C SER B 256 13.68 50.20 24.66
N LEU B 257 14.72 49.73 23.97
CA LEU B 257 16.09 50.15 24.22
C LEU B 257 16.58 50.85 22.96
N ILE B 258 16.85 52.15 23.05
CA ILE B 258 17.12 52.97 21.87
C ILE B 258 18.48 53.66 21.96
N ILE B 259 19.01 54.03 20.80
CA ILE B 259 20.28 54.76 20.68
C ILE B 259 20.00 56.27 20.79
N ASN B 260 20.72 56.96 21.68
CA ASN B 260 20.72 58.44 21.73
C ASN B 260 21.55 59.02 20.59
N GLY B 261 21.09 60.14 20.04
CA GLY B 261 21.83 60.84 18.98
C GLY B 261 22.10 59.96 17.78
N GLU B 262 23.14 60.27 17.03
CA GLU B 262 23.51 59.47 15.87
C GLU B 262 24.49 58.37 16.34
N GLY B 263 24.31 57.18 15.81
CA GLY B 263 24.98 55.98 16.33
C GLY B 263 24.21 54.72 15.96
N SER B 264 24.69 53.58 16.44
CA SER B 264 24.09 52.30 16.10
C SER B 264 24.44 51.21 17.12
N PHE B 265 23.51 50.28 17.33
CA PHE B 265 23.88 48.98 17.88
C PHE B 265 25.02 48.38 17.08
N THR B 266 25.90 47.66 17.76
CA THR B 266 27.03 46.95 17.13
C THR B 266 26.72 45.43 17.14
N PRO B 267 27.35 44.65 16.25
CA PRO B 267 27.21 43.19 16.30
C PRO B 267 27.48 42.55 17.67
N GLU B 268 28.47 43.05 18.40
CA GLU B 268 28.81 42.55 19.75
C GLU B 268 27.66 42.82 20.73
N GLU B 269 27.06 44.01 20.63
CA GLU B 269 25.91 44.38 21.47
C GLU B 269 24.68 43.52 21.18
N ILE B 270 24.43 43.28 19.89
CA ILE B 270 23.35 42.39 19.51
C ILE B 270 23.59 40.97 20.02
N GLU B 271 24.83 40.51 19.93
CA GLU B 271 25.21 39.20 20.49
C GLU B 271 24.90 39.07 22.00
N LEU B 272 25.16 40.14 22.76
CA LEU B 272 24.85 40.17 24.20
C LEU B 272 23.35 40.18 24.47
N ILE B 273 22.61 40.93 23.66
CA ILE B 273 21.14 40.92 23.71
C ILE B 273 20.60 39.54 23.34
N ALA B 274 21.22 38.91 22.33
CA ALA B 274 20.89 37.52 21.96
C ALA B 274 21.09 36.54 23.13
N GLN B 275 22.22 36.66 23.84
CA GLN B 275 22.49 35.82 25.01
C GLN B 275 21.46 36.08 26.11
N THR B 276 21.26 37.35 26.42
CA THR B 276 20.16 37.81 27.28
C THR B 276 18.80 37.17 26.95
N LYS B 277 18.46 37.09 25.66
CA LYS B 277 17.18 36.50 25.26
C LYS B 277 17.18 34.98 25.27
N VAL B 278 18.34 34.34 25.05
CA VAL B 278 18.50 32.87 25.25
C VAL B 278 18.29 32.51 26.74
N GLU B 279 18.77 33.36 27.64
CA GLU B 279 18.50 33.25 29.09
C GLU B 279 17.08 33.70 29.51
N ARG B 280 16.21 33.97 28.53
CA ARG B 280 14.90 34.67 28.68
C ARG B 280 14.82 35.76 29.79
N LYS B 281 15.80 36.67 29.77
CA LYS B 281 15.79 37.88 30.61
C LYS B 281 15.17 39.07 29.84
N GLN B 282 14.97 40.19 30.53
CA GLN B 282 14.43 41.40 29.91
C GLN B 282 15.56 42.28 29.49
N LEU B 283 15.32 43.12 28.49
CA LEU B 283 16.25 44.18 28.12
C LEU B 283 16.51 45.13 29.29
N ALA B 284 15.47 45.32 30.12
CA ALA B 284 15.58 46.06 31.37
C ALA B 284 16.71 45.51 32.27
N SER B 285 16.76 44.20 32.43
CA SER B 285 17.74 43.52 33.31
C SER B 285 19.21 43.80 32.99
N ILE B 286 19.52 44.22 31.76
CA ILE B 286 20.91 44.37 31.30
C ILE B 286 21.34 45.81 31.03
N VAL B 287 20.48 46.78 31.32
CA VAL B 287 20.80 48.20 31.15
C VAL B 287 21.78 48.65 32.23
N GLY B 288 21.66 48.03 33.42
CA GLY B 288 22.54 48.25 34.55
C GLY B 288 24.03 48.21 34.19
N ALA B 289 24.51 47.02 33.84
CA ALA B 289 25.92 46.82 33.54
C ALA B 289 26.31 47.31 32.15
N ALA B 290 27.61 47.50 31.96
CA ALA B 290 28.19 47.96 30.70
C ALA B 290 28.01 46.92 29.59
N PRO B 291 27.96 47.33 28.32
CA PRO B 291 28.02 48.74 27.87
C PRO B 291 26.68 49.47 27.80
N PHE B 292 25.59 48.83 28.24
CA PHE B 292 24.25 49.44 28.15
C PHE B 292 23.98 50.52 29.20
N SER B 293 24.73 50.44 30.31
CA SER B 293 24.89 51.52 31.31
C SER B 293 25.18 52.88 30.68
N ASP B 294 26.11 52.87 29.72
CA ASP B 294 26.59 54.09 29.03
C ASP B 294 25.44 54.93 28.47
N ALA B 295 24.95 55.83 29.32
CA ALA B 295 23.72 56.58 29.03
C ALA B 295 23.87 57.69 27.97
N ASN B 296 25.09 58.00 27.55
CA ASN B 296 25.25 58.92 26.41
C ASN B 296 25.05 58.21 25.04
N LYS B 297 25.06 56.87 25.05
CA LYS B 297 24.72 56.05 23.86
C LYS B 297 23.32 55.42 23.93
N PHE B 298 22.99 54.76 25.04
CA PHE B 298 21.71 54.04 25.20
C PHE B 298 20.74 54.75 26.12
N LYS B 299 19.45 54.62 25.80
CA LYS B 299 18.36 54.96 26.70
C LYS B 299 17.36 53.81 26.68
N TYR B 300 17.01 53.32 27.87
CA TYR B 300 15.91 52.37 28.05
C TYR B 300 14.62 53.14 28.33
N ILE B 301 13.51 52.71 27.72
CA ILE B 301 12.19 53.28 28.02
C ILE B 301 11.22 52.19 28.38
N ALA B 302 10.80 52.17 29.63
CA ALA B 302 9.91 51.11 30.09
C ALA B 302 8.50 51.30 29.52
N GLY B 303 7.88 50.17 29.14
CA GLY B 303 6.49 50.14 28.66
C GLY B 303 6.21 50.60 27.24
N ALA B 304 7.23 51.10 26.55
CA ALA B 304 7.07 51.80 25.27
C ALA B 304 7.45 50.94 24.07
N ARG B 305 6.81 51.25 22.95
CA ARG B 305 7.33 50.88 21.62
C ARG B 305 8.37 51.93 21.22
N PRO B 306 9.23 51.62 20.23
CA PRO B 306 10.36 52.53 19.96
C PRO B 306 10.07 53.79 19.13
N TRP B 307 8.89 53.84 18.51
CA TRP B 307 8.71 54.72 17.37
C TRP B 307 8.87 56.22 17.71
N VAL B 308 8.20 56.70 18.78
CA VAL B 308 8.31 58.12 19.21
C VAL B 308 9.68 58.53 19.74
N HIS B 309 10.41 57.54 20.26
CA HIS B 309 11.68 57.77 20.96
C HIS B 309 12.90 57.77 20.10
N VAL B 310 12.78 57.30 18.86
CA VAL B 310 13.93 57.20 17.95
C VAL B 310 14.24 58.51 17.20
N GLY B 311 13.39 59.51 17.29
CA GLY B 311 13.61 60.73 16.51
C GLY B 311 13.56 60.46 15.02
N LYS B 312 14.46 61.08 14.26
CA LYS B 312 14.45 60.96 12.79
C LYS B 312 14.95 59.58 12.32
N VAL B 313 14.28 59.05 11.30
CA VAL B 313 14.45 57.66 10.88
C VAL B 313 13.98 57.45 9.44
N ASP B 314 14.71 56.62 8.70
CA ASP B 314 14.50 56.38 7.26
C ASP B 314 13.75 55.08 6.96
N VAL B 315 13.96 54.07 7.80
CA VAL B 315 13.36 52.76 7.65
C VAL B 315 12.87 52.31 9.02
N ALA B 316 11.76 51.60 9.01
CA ALA B 316 11.19 51.01 10.19
C ALA B 316 10.88 49.53 9.90
N LEU B 317 11.38 48.64 10.75
CA LEU B 317 11.16 47.19 10.62
C LEU B 317 10.53 46.64 11.90
N PRO B 318 9.18 46.73 12.04
CA PRO B 318 8.55 46.11 13.21
C PRO B 318 8.71 44.60 13.16
N SER B 319 9.34 44.04 14.19
CA SER B 319 9.65 42.60 14.24
C SER B 319 9.41 42.02 15.63
N ALA B 320 8.35 42.50 16.29
CA ALA B 320 8.00 42.05 17.65
C ALA B 320 6.78 41.20 17.63
N THR B 321 5.67 41.76 17.20
CA THR B 321 4.38 41.13 17.39
C THR B 321 3.32 41.75 16.47
N GLN B 322 2.08 41.33 16.64
CA GLN B 322 0.97 41.82 15.85
C GLN B 322 0.47 43.20 16.34
N ASN B 323 -0.06 43.99 15.40
CA ASN B 323 -0.67 45.30 15.67
C ASN B 323 0.16 46.22 16.56
N GLU B 324 1.45 46.26 16.26
CA GLU B 324 2.42 47.04 17.02
C GLU B 324 2.76 48.42 16.41
N ILE B 325 2.13 48.78 15.29
CA ILE B 325 2.15 50.15 14.76
C ILE B 325 0.70 50.62 14.60
N SER B 326 0.29 51.57 15.44
CA SER B 326 -1.04 52.19 15.35
C SER B 326 -1.10 53.22 14.25
N GLY B 327 -2.29 53.71 13.98
CA GLY B 327 -2.48 54.86 13.09
C GLY B 327 -1.61 56.05 13.48
N GLU B 328 -1.66 56.37 14.76
CA GLU B 328 -0.89 57.47 15.28
C GLU B 328 0.61 57.25 15.10
N GLU B 329 1.07 56.02 15.33
CA GLU B 329 2.50 55.72 15.13
C GLU B 329 2.93 55.74 13.64
N ALA B 330 1.97 55.50 12.73
CA ALA B 330 2.23 55.61 11.29
C ALA B 330 2.58 57.07 10.93
N GLN B 331 1.74 58.00 11.44
CA GLN B 331 1.99 59.43 11.29
C GLN B 331 3.29 59.88 11.98
N VAL B 332 3.56 59.32 13.17
CA VAL B 332 4.84 59.54 13.82
C VAL B 332 5.99 59.21 12.87
N LEU B 333 5.94 58.02 12.28
CA LEU B 333 7.00 57.58 11.35
C LEU B 333 7.06 58.48 10.11
N ILE B 334 5.91 58.89 9.57
CA ILE B 334 5.92 59.82 8.45
C ILE B 334 6.64 61.12 8.84
N ASN B 335 6.26 61.67 10.00
CA ASN B 335 6.88 62.91 10.49
C ASN B 335 8.38 62.75 10.68
N ALA B 336 8.79 61.57 11.11
CA ALA B 336 10.20 61.24 11.32
C ALA B 336 11.05 61.16 10.04
N GLY B 337 10.42 61.23 8.88
CA GLY B 337 11.11 61.11 7.58
C GLY B 337 11.28 59.69 7.08
N CYS B 338 10.58 58.73 7.71
CA CYS B 338 10.65 57.33 7.31
C CYS B 338 10.01 57.12 5.94
N LYS B 339 10.69 56.40 5.06
CA LYS B 339 10.25 56.20 3.68
C LYS B 339 10.01 54.75 3.31
N PHE B 340 10.39 53.84 4.21
CA PHE B 340 10.26 52.41 3.95
C PHE B 340 9.86 51.77 5.27
N ILE B 341 8.75 51.01 5.21
CA ILE B 341 8.35 50.24 6.36
C ILE B 341 7.95 48.86 5.87
N ALA B 342 8.48 47.83 6.55
CA ALA B 342 8.26 46.46 6.16
C ALA B 342 8.07 45.61 7.40
N GLU B 343 7.12 44.69 7.36
CA GLU B 343 6.75 43.90 8.55
C GLU B 343 7.64 42.68 8.71
N GLY B 344 8.48 42.73 9.74
CA GLY B 344 9.20 41.55 10.22
C GLY B 344 8.24 40.57 10.90
N SER B 345 7.38 41.10 11.77
CA SER B 345 6.35 40.31 12.47
C SER B 345 5.12 40.14 11.60
N ASN B 346 4.41 39.04 11.76
CA ASN B 346 3.17 38.83 11.00
C ASN B 346 2.13 39.84 11.48
N MET B 347 1.45 40.46 10.53
CA MET B 347 0.41 41.49 10.77
C MET B 347 0.84 42.55 11.79
N GLY B 348 2.07 43.04 11.63
CA GLY B 348 2.66 44.01 12.55
C GLY B 348 2.03 45.41 12.53
N CYS B 349 1.54 45.84 11.36
CA CYS B 349 0.82 47.11 11.25
C CYS B 349 -0.69 46.94 11.43
N THR B 350 -1.29 47.89 12.16
CA THR B 350 -2.74 48.00 12.22
C THR B 350 -3.26 48.39 10.83
N GLN B 351 -4.56 48.19 10.63
CA GLN B 351 -5.20 48.60 9.39
C GLN B 351 -5.16 50.13 9.21
N GLU B 352 -5.25 50.86 10.32
CA GLU B 352 -5.17 52.32 10.30
C GLU B 352 -3.79 52.78 9.84
N ALA B 353 -2.74 52.09 10.32
CA ALA B 353 -1.36 52.40 9.91
C ALA B 353 -1.19 52.17 8.41
N ILE B 354 -1.70 51.04 7.94
CA ILE B 354 -1.64 50.66 6.52
C ILE B 354 -2.36 51.72 5.69
N ASP B 355 -3.55 52.12 6.14
CA ASP B 355 -4.36 53.12 5.41
C ASP B 355 -3.60 54.47 5.33
N THR B 356 -2.89 54.81 6.40
CA THR B 356 -2.10 56.04 6.44
C THR B 356 -0.90 56.02 5.50
N PHE B 357 -0.14 54.94 5.56
CA PHE B 357 0.96 54.72 4.62
C PHE B 357 0.48 54.74 3.14
N GLU B 358 -0.63 54.05 2.88
CA GLU B 358 -1.15 53.95 1.53
C GLU B 358 -1.67 55.28 0.94
N ALA B 359 -2.41 56.04 1.74
CA ALA B 359 -2.84 57.38 1.30
C ALA B 359 -1.60 58.25 1.05
N HIS B 360 -0.61 58.17 1.95
CA HIS B 360 0.65 58.90 1.78
C HIS B 360 1.40 58.54 0.50
N ARG B 361 1.47 57.24 0.21
CA ARG B 361 2.02 56.78 -1.07
C ARG B 361 1.34 57.45 -2.26
N THR B 362 0.01 57.43 -2.24
CA THR B 362 -0.81 57.99 -3.33
C THR B 362 -0.62 59.52 -3.50
N ALA B 363 -0.38 60.22 -2.40
CA ALA B 363 -0.28 61.68 -2.39
C ALA B 363 1.11 62.22 -2.58
N ASN B 364 2.14 61.37 -2.63
CA ASN B 364 3.53 61.82 -2.71
C ASN B 364 4.36 61.03 -3.72
N ALA B 365 4.47 61.56 -4.93
CA ALA B 365 5.17 60.88 -6.04
C ALA B 365 6.63 60.50 -5.72
N GLY B 366 7.08 59.41 -6.34
CA GLY B 366 8.46 58.93 -6.23
C GLY B 366 8.93 58.71 -4.81
N ALA B 367 10.18 59.10 -4.54
CA ALA B 367 10.89 58.84 -3.27
C ALA B 367 10.42 59.65 -2.05
N ALA B 368 9.56 60.63 -2.27
CA ALA B 368 8.90 61.34 -1.17
C ALA B 368 7.83 60.48 -0.45
N ALA B 369 7.29 59.45 -1.11
CA ALA B 369 6.36 58.48 -0.45
C ALA B 369 6.99 57.65 0.65
N ILE B 370 6.21 57.36 1.71
CA ILE B 370 6.49 56.25 2.64
C ILE B 370 5.93 54.98 2.00
N TRP B 371 6.81 54.00 1.78
CA TRP B 371 6.44 52.76 1.10
C TRP B 371 6.30 51.59 2.05
N TYR B 372 5.09 51.07 2.15
CA TYR B 372 4.77 50.01 3.09
C TYR B 372 4.75 48.67 2.37
N ALA B 373 5.38 47.66 2.98
CA ALA B 373 5.39 46.32 2.43
C ALA B 373 4.80 45.38 3.45
N PRO B 374 3.85 44.51 3.02
CA PRO B 374 3.25 43.61 3.99
C PRO B 374 4.13 42.41 4.30
N GLY B 375 3.81 41.76 5.41
CA GLY B 375 4.51 40.56 5.88
C GLY B 375 4.43 39.37 4.94
N LYS B 376 3.33 39.18 4.22
CA LYS B 376 3.27 38.05 3.30
C LYS B 376 4.36 38.09 2.22
N ALA B 377 4.85 39.30 1.90
CA ALA B 377 5.97 39.46 0.96
C ALA B 377 7.28 39.59 1.71
N ALA B 378 7.34 40.51 2.67
CA ALA B 378 8.61 40.91 3.25
C ALA B 378 9.21 39.91 4.22
N ASN B 379 8.38 39.22 4.99
CA ASN B 379 8.90 38.22 5.92
C ASN B 379 8.79 36.77 5.40
N ALA B 380 8.64 36.61 4.08
CA ALA B 380 8.62 35.28 3.44
C ALA B 380 10.00 34.54 3.37
N GLY B 381 11.07 35.17 3.84
CA GLY B 381 12.39 34.55 3.93
C GLY B 381 12.40 33.27 4.74
N GLY B 382 11.66 33.29 5.85
CA GLY B 382 11.49 32.11 6.73
C GLY B 382 10.98 30.90 5.97
N VAL B 383 9.80 31.03 5.39
CA VAL B 383 9.23 29.95 4.60
C VAL B 383 10.03 29.66 3.32
N ALA B 384 10.75 30.65 2.80
CA ALA B 384 11.68 30.43 1.70
C ALA B 384 12.83 29.47 2.05
N VAL B 385 13.44 29.63 3.22
CA VAL B 385 14.49 28.72 3.65
C VAL B 385 13.93 27.31 4.01
N SER B 386 12.71 27.19 4.55
CA SER B 386 12.04 25.87 4.62
C SER B 386 11.99 25.16 3.27
N GLY B 387 11.58 25.85 2.22
CA GLY B 387 11.65 25.30 0.86
C GLY B 387 13.08 24.92 0.45
N LEU B 388 14.05 25.74 0.85
CA LEU B 388 15.45 25.44 0.62
C LEU B 388 15.90 24.22 1.43
N GLU B 389 15.37 24.04 2.63
CA GLU B 389 15.67 22.82 3.42
C GLU B 389 15.14 21.55 2.70
N MET B 390 13.89 21.62 2.25
CA MET B 390 13.30 20.59 1.43
C MET B 390 14.19 20.26 0.21
N ALA B 391 14.67 21.31 -0.46
CA ALA B 391 15.53 21.19 -1.62
C ALA B 391 16.83 20.47 -1.25
N GLN B 392 17.44 20.90 -0.17
CA GLN B 392 18.62 20.22 0.36
C GLN B 392 18.37 18.73 0.72
N ASN B 393 17.26 18.45 1.39
CA ASN B 393 16.93 17.07 1.73
C ASN B 393 16.73 16.22 0.46
N SER B 394 16.09 16.75 -0.56
CA SER B 394 15.98 16.05 -1.86
C SER B 394 17.30 15.87 -2.60
N ALA B 395 18.21 16.87 -2.55
CA ALA B 395 19.57 16.72 -3.05
C ALA B 395 20.41 15.74 -2.25
N ARG B 396 19.98 15.37 -1.03
CA ARG B 396 20.83 14.68 -0.06
C ARG B 396 22.17 15.39 0.18
N LEU B 397 22.16 16.72 0.21
CA LEU B 397 23.34 17.56 0.50
C LEU B 397 23.01 18.67 1.49
N SER B 398 24.02 19.13 2.23
CA SER B 398 23.91 20.38 3.02
C SER B 398 24.67 21.49 2.31
N TRP B 399 23.95 22.50 1.80
CA TRP B 399 24.62 23.61 1.12
C TRP B 399 25.41 24.45 2.14
N THR B 400 26.36 25.23 1.65
CA THR B 400 27.05 26.18 2.53
C THR B 400 26.14 27.35 2.87
N SER B 401 26.48 28.10 3.92
CA SER B 401 25.83 29.37 4.26
C SER B 401 25.62 30.27 3.06
N GLU B 402 26.70 30.44 2.28
CA GLU B 402 26.73 31.36 1.13
C GLU B 402 25.72 30.93 0.05
N GLU B 403 25.67 29.63 -0.23
CA GLU B 403 24.72 29.06 -1.18
C GLU B 403 23.23 29.20 -0.77
N VAL B 404 22.93 28.93 0.51
CA VAL B 404 21.56 29.11 1.03
C VAL B 404 21.20 30.62 0.96
N ASP B 405 22.09 31.47 1.45
CA ASP B 405 21.86 32.93 1.47
C ASP B 405 21.72 33.54 0.05
N ALA B 406 22.49 33.00 -0.87
CA ALA B 406 22.42 33.41 -2.26
C ALA B 406 21.04 33.09 -2.86
N ARG B 407 20.53 31.87 -2.61
N ARG B 407 20.54 31.87 -2.60
CA ARG B 407 19.19 31.50 -3.09
CA ARG B 407 19.23 31.45 -3.09
C ARG B 407 18.11 32.30 -2.37
C ARG B 407 18.09 32.22 -2.35
N LEU B 408 18.30 32.53 -1.06
CA LEU B 408 17.39 33.43 -0.31
C LEU B 408 17.27 34.84 -0.92
N LYS B 409 18.39 35.42 -1.36
CA LYS B 409 18.39 36.74 -2.02
C LYS B 409 17.61 36.77 -3.34
N ASP B 410 17.77 35.72 -4.15
CA ASP B 410 16.99 35.59 -5.39
C ASP B 410 15.51 35.48 -5.12
N ILE B 411 15.14 34.71 -4.12
CA ILE B 411 13.72 34.50 -3.77
C ILE B 411 13.06 35.84 -3.36
N MET B 412 13.74 36.59 -2.48
CA MET B 412 13.24 37.89 -2.00
C MET B 412 13.12 38.95 -3.14
N ARG B 413 14.08 38.95 -4.05
CA ARG B 413 13.98 39.73 -5.27
C ARG B 413 12.73 39.32 -6.09
N ASP B 414 12.51 38.02 -6.28
CA ASP B 414 11.36 37.55 -7.07
C ASP B 414 10.03 37.83 -6.35
N CYS B 415 10.07 37.81 -5.03
CA CYS B 415 8.93 38.17 -4.23
C CYS B 415 8.55 39.65 -4.47
N PHE B 416 9.54 40.54 -4.40
CA PHE B 416 9.36 41.98 -4.63
C PHE B 416 8.89 42.29 -6.07
N LYS B 417 9.59 41.75 -7.06
CA LYS B 417 9.27 41.96 -8.51
C LYS B 417 7.83 41.55 -8.84
N ASN B 418 7.39 40.45 -8.26
CA ASN B 418 6.08 39.94 -8.49
C ASN B 418 5.02 40.90 -7.97
N GLY B 419 5.20 41.36 -6.74
CA GLY B 419 4.27 42.31 -6.14
C GLY B 419 4.27 43.62 -6.89
N LEU B 420 5.45 44.06 -7.29
CA LEU B 420 5.61 45.33 -7.97
C LEU B 420 4.89 45.30 -9.33
N GLU B 421 5.23 44.30 -10.13
CA GLU B 421 4.71 44.17 -11.49
C GLU B 421 3.21 43.86 -11.53
N THR B 422 2.72 43.04 -10.59
CA THR B 422 1.29 42.83 -10.46
C THR B 422 0.52 44.12 -10.13
N ALA B 423 1.05 44.94 -9.24
CA ALA B 423 0.44 46.24 -8.93
C ALA B 423 0.46 47.15 -10.16
N GLN B 424 1.56 47.17 -10.89
N GLN B 424 1.57 47.16 -10.88
CA GLN B 424 1.64 47.99 -12.11
CA GLN B 424 1.70 47.95 -12.10
C GLN B 424 0.56 47.58 -13.11
C GLN B 424 0.61 47.57 -13.13
N GLU B 425 0.29 46.28 -13.24
CA GLU B 425 -0.73 45.75 -14.15
C GLU B 425 -2.17 45.99 -13.69
N TYR B 426 -2.46 45.50 -12.48
CA TYR B 426 -3.82 45.36 -11.98
C TYR B 426 -4.23 46.45 -10.98
N ALA B 427 -3.27 47.28 -10.55
CA ALA B 427 -3.56 48.38 -9.61
C ALA B 427 -2.75 49.58 -10.02
N THR B 428 -2.73 49.85 -11.31
CA THR B 428 -1.80 50.79 -11.91
C THR B 428 -1.86 52.15 -11.19
N PRO B 429 -0.70 52.64 -10.67
CA PRO B 429 -0.67 53.98 -10.05
C PRO B 429 -0.47 55.01 -11.12
N ALA B 430 -0.62 56.28 -10.74
CA ALA B 430 -0.32 57.41 -11.61
C ALA B 430 1.15 57.50 -11.88
N GLU B 431 1.50 58.12 -13.02
CA GLU B 431 2.90 58.21 -13.44
C GLU B 431 3.73 58.88 -12.33
N GLY B 432 4.88 58.29 -12.04
CA GLY B 432 5.74 58.73 -10.95
C GLY B 432 5.32 58.30 -9.55
N VAL B 433 4.13 57.71 -9.37
CA VAL B 433 3.65 57.26 -8.05
C VAL B 433 4.06 55.80 -7.88
N LEU B 434 4.57 55.46 -6.69
CA LEU B 434 5.01 54.10 -6.41
C LEU B 434 3.85 53.10 -6.42
N PRO B 435 4.02 51.95 -7.09
CA PRO B 435 2.99 50.91 -6.99
C PRO B 435 2.78 50.41 -5.55
N SER B 436 1.54 50.01 -5.25
CA SER B 436 1.19 49.45 -3.95
C SER B 436 1.68 48.01 -3.86
N LEU B 437 2.67 47.79 -3.00
CA LEU B 437 3.14 46.44 -2.69
C LEU B 437 2.16 45.62 -1.86
N VAL B 438 1.34 46.29 -1.04
CA VAL B 438 0.25 45.58 -0.35
C VAL B 438 -0.73 45.02 -1.39
N THR B 439 -1.22 45.86 -2.30
CA THR B 439 -2.18 45.40 -3.29
C THR B 439 -1.58 44.41 -4.29
N GLY B 440 -0.38 44.70 -4.74
CA GLY B 440 0.29 43.85 -5.69
C GLY B 440 0.63 42.48 -5.16
N SER B 441 1.07 42.41 -3.90
CA SER B 441 1.45 41.12 -3.30
C SER B 441 0.21 40.23 -3.08
N ASN B 442 -0.85 40.83 -2.58
CA ASN B 442 -2.14 40.14 -2.45
C ASN B 442 -2.69 39.63 -3.77
N ILE B 443 -2.68 40.46 -4.80
CA ILE B 443 -3.17 40.03 -6.11
C ILE B 443 -2.23 39.01 -6.75
N ALA B 444 -0.93 39.16 -6.59
CA ALA B 444 0.05 38.22 -7.19
C ALA B 444 -0.03 36.82 -6.59
N GLY B 445 -0.27 36.74 -5.29
CA GLY B 445 -0.42 35.46 -4.61
C GLY B 445 -1.61 34.74 -5.16
N PHE B 446 -2.71 35.47 -5.27
CA PHE B 446 -3.96 34.92 -5.75
C PHE B 446 -3.87 34.45 -7.20
N THR B 447 -3.30 35.26 -8.06
CA THR B 447 -3.30 34.95 -9.49
C THR B 447 -2.38 33.79 -9.88
N LYS B 448 -1.26 33.64 -9.20
CA LYS B 448 -0.36 32.49 -9.41
C LYS B 448 -1.12 31.22 -9.03
N VAL B 449 -1.82 31.25 -7.90
CA VAL B 449 -2.59 30.08 -7.44
C VAL B 449 -3.78 29.82 -8.37
N ALA B 450 -4.53 30.87 -8.66
CA ALA B 450 -5.75 30.71 -9.43
C ALA B 450 -5.46 30.22 -10.83
N ALA B 451 -4.44 30.77 -11.47
CA ALA B 451 -4.06 30.37 -12.84
C ALA B 451 -3.56 28.92 -12.84
N ALA B 452 -2.77 28.56 -11.84
CA ALA B 452 -2.32 27.17 -11.73
C ALA B 452 -3.50 26.20 -11.49
N MET B 453 -4.47 26.60 -10.68
CA MET B 453 -5.66 25.79 -10.46
C MET B 453 -6.46 25.59 -11.74
N LYS B 454 -6.58 26.65 -12.56
CA LYS B 454 -7.27 26.52 -13.82
C LYS B 454 -6.54 25.56 -14.77
N ASP B 455 -5.22 25.70 -14.87
CA ASP B 455 -4.42 24.83 -15.73
C ASP B 455 -4.60 23.38 -15.31
N GLN B 456 -4.71 23.14 -14.01
CA GLN B 456 -4.83 21.80 -13.49
C GLN B 456 -6.29 21.30 -13.30
N GLY B 457 -7.26 22.11 -13.72
CA GLY B 457 -8.64 21.69 -13.79
C GLY B 457 -9.42 21.67 -12.49
N ASP B 458 -8.90 22.35 -11.47
CA ASP B 458 -9.58 22.53 -10.19
C ASP B 458 -10.83 23.39 -10.31
N TRP B 459 -10.80 24.32 -11.27
CA TRP B 459 -11.97 25.09 -11.71
C TRP B 459 -11.82 25.29 -13.22
N TRP B 460 -12.89 25.79 -13.81
CA TRP B 460 -12.96 26.04 -15.25
C TRP B 460 -14.10 27.02 -15.51
N SER C 2 19.15 -11.18 30.08
CA SER C 2 18.64 -12.38 29.33
C SER C 2 19.69 -13.51 29.33
N ASN C 3 19.43 -14.51 28.49
CA ASN C 3 20.50 -15.33 27.93
C ASN C 3 20.60 -14.81 26.50
N LEU C 4 21.36 -13.73 26.35
CA LEU C 4 21.72 -13.22 25.04
C LEU C 4 22.70 -14.22 24.36
N PRO C 5 22.64 -14.36 23.01
CA PRO C 5 23.65 -15.18 22.33
C PRO C 5 25.02 -14.51 22.39
N HIS C 6 26.07 -15.33 22.42
CA HIS C 6 27.45 -14.83 22.44
C HIS C 6 27.78 -14.35 21.03
N GLU C 7 28.17 -13.09 20.93
CA GLU C 7 28.43 -12.41 19.67
C GLU C 7 29.77 -11.71 19.87
N PRO C 8 30.86 -12.51 19.82
CA PRO C 8 32.17 -11.99 20.27
C PRO C 8 32.69 -10.81 19.46
N GLU C 9 32.52 -10.87 18.15
CA GLU C 9 33.03 -9.82 17.24
C GLU C 9 32.38 -8.47 17.63
N PHE C 10 31.05 -8.50 17.75
CA PHE C 10 30.27 -7.32 18.12
C PHE C 10 30.53 -6.81 19.53
N GLU C 11 30.47 -7.73 20.51
CA GLU C 11 30.73 -7.40 21.91
C GLU C 11 32.13 -6.77 22.06
N GLN C 12 33.13 -7.27 21.33
CA GLN C 12 34.49 -6.72 21.41
C GLN C 12 34.57 -5.28 20.90
N ALA C 13 33.92 -5.03 19.76
CA ALA C 13 33.87 -3.68 19.19
C ALA C 13 33.15 -2.68 20.12
N TYR C 14 32.04 -3.11 20.70
CA TYR C 14 31.29 -2.30 21.67
C TYR C 14 32.19 -1.88 22.83
N LYS C 15 32.90 -2.84 23.42
CA LYS C 15 33.75 -2.56 24.59
C LYS C 15 34.88 -1.61 24.28
N GLU C 16 35.52 -1.81 23.12
CA GLU C 16 36.62 -0.97 22.69
C GLU C 16 36.12 0.45 22.44
N LEU C 17 35.01 0.60 21.70
CA LEU C 17 34.36 1.90 21.56
C LEU C 17 34.10 2.53 22.91
N ALA C 18 33.38 1.81 23.77
CA ALA C 18 33.02 2.27 25.14
C ALA C 18 34.22 2.77 25.95
N SER C 19 35.31 1.99 25.89
CA SER C 19 36.57 2.33 26.57
C SER C 19 37.16 3.65 26.06
N THR C 20 37.21 3.84 24.74
CA THR C 20 37.70 5.11 24.19
C THR C 20 36.85 6.32 24.60
N LEU C 21 35.54 6.10 24.77
CA LEU C 21 34.64 7.15 25.24
C LEU C 21 34.89 7.46 26.71
N GLU C 22 35.11 6.41 27.51
CA GLU C 22 35.46 6.55 28.94
C GLU C 22 36.76 7.34 29.18
N ASN C 23 37.78 7.09 28.36
CA ASN C 23 39.05 7.83 28.43
CA ASN C 23 39.05 7.83 28.43
C ASN C 23 38.91 9.21 27.77
N SER C 24 38.00 10.02 28.30
CA SER C 24 37.72 11.37 27.80
C SER C 24 36.86 12.10 28.81
N THR C 25 36.68 13.40 28.62
CA THR C 25 35.75 14.16 29.48
C THR C 25 34.26 13.96 29.13
N LEU C 26 33.93 13.16 28.10
CA LEU C 26 32.57 13.10 27.52
C LEU C 26 31.46 12.76 28.51
N PHE C 27 31.64 11.62 29.20
CA PHE C 27 30.71 11.17 30.22
C PHE C 27 30.84 11.94 31.51
N GLN C 28 31.92 12.68 31.72
CA GLN C 28 31.96 13.67 32.83
C GLN C 28 31.10 14.86 32.49
N LYS C 29 31.29 15.42 31.30
CA LYS C 29 30.45 16.51 30.85
C LYS C 29 29.00 16.08 30.61
N ASN C 30 28.78 14.87 30.10
CA ASN C 30 27.43 14.41 29.73
C ASN C 30 27.19 12.97 30.13
N PRO C 31 27.04 12.72 31.45
CA PRO C 31 26.89 11.32 31.90
C PRO C 31 25.67 10.61 31.28
N GLU C 32 24.66 11.38 30.88
CA GLU C 32 23.46 10.88 30.19
C GLU C 32 23.72 10.14 28.84
N TYR C 33 24.82 10.47 28.17
CA TYR C 33 25.20 9.71 26.99
C TYR C 33 25.52 8.26 27.26
N ARG C 34 25.73 7.88 28.51
CA ARG C 34 25.87 6.47 28.86
C ARG C 34 24.62 5.68 28.49
N LYS C 35 23.44 6.29 28.66
CA LYS C 35 22.18 5.70 28.19
C LYS C 35 22.10 5.67 26.66
N ALA C 36 22.56 6.73 26.00
CA ALA C 36 22.61 6.75 24.55
C ALA C 36 23.39 5.56 24.00
N LEU C 37 24.55 5.32 24.60
CA LEU C 37 25.40 4.21 24.20
C LEU C 37 24.69 2.86 24.36
N ALA C 38 24.04 2.64 25.48
CA ALA C 38 23.27 1.41 25.69
C ALA C 38 22.15 1.23 24.66
N VAL C 39 21.43 2.33 24.36
CA VAL C 39 20.36 2.29 23.34
C VAL C 39 20.95 2.09 21.92
N VAL C 40 22.02 2.80 21.56
CA VAL C 40 22.57 2.67 20.20
C VAL C 40 23.07 1.26 19.89
N SER C 41 23.50 0.54 20.93
CA SER C 41 24.11 -0.80 20.84
CA SER C 41 24.12 -0.76 20.70
C SER C 41 23.14 -1.90 20.45
N VAL C 42 21.84 -1.63 20.58
CA VAL C 42 20.81 -2.57 20.16
C VAL C 42 20.28 -2.14 18.77
N PRO C 43 20.40 -3.03 17.77
CA PRO C 43 19.99 -2.61 16.42
C PRO C 43 18.50 -2.26 16.37
N GLU C 44 18.15 -1.20 15.63
CA GLU C 44 16.75 -0.84 15.42
C GLU C 44 15.95 -2.03 14.88
N ARG C 45 16.48 -2.67 13.85
CA ARG C 45 15.81 -3.78 13.20
C ARG C 45 16.85 -4.73 12.62
N VAL C 46 16.61 -6.02 12.76
CA VAL C 46 17.35 -7.06 12.05
C VAL C 46 16.38 -7.94 11.26
N ILE C 47 16.62 -8.12 9.96
CA ILE C 47 15.85 -9.08 9.15
C ILE C 47 16.76 -10.23 8.81
N GLN C 48 16.30 -11.44 9.11
CA GLN C 48 16.91 -12.66 8.59
C GLN C 48 15.90 -13.39 7.75
N PHE C 49 16.37 -14.15 6.77
CA PHE C 49 15.48 -14.83 5.85
C PHE C 49 16.12 -16.01 5.13
N ARG C 50 15.29 -16.98 4.75
CA ARG C 50 15.74 -18.07 3.92
C ARG C 50 15.91 -17.61 2.46
N VAL C 51 16.97 -18.04 1.83
CA VAL C 51 17.16 -17.82 0.38
C VAL C 51 17.32 -19.20 -0.28
N VAL C 52 16.32 -19.59 -1.06
CA VAL C 52 16.33 -20.82 -1.82
C VAL C 52 16.71 -20.47 -3.24
N TRP C 53 17.58 -21.27 -3.84
CA TRP C 53 18.10 -20.99 -5.16
C TRP C 53 18.52 -22.28 -5.86
N GLU C 54 18.49 -22.24 -7.19
CA GLU C 54 18.72 -23.43 -8.01
C GLU C 54 20.14 -23.42 -8.53
N ASP C 55 20.86 -24.56 -8.42
CA ASP C 55 22.22 -24.63 -9.00
C ASP C 55 22.14 -25.10 -10.46
N ASP C 56 23.28 -25.14 -11.13
CA ASP C 56 23.30 -25.47 -12.57
C ASP C 56 22.93 -26.92 -12.85
N ALA C 57 23.04 -27.79 -11.84
CA ALA C 57 22.58 -29.17 -11.94
C ALA C 57 21.07 -29.31 -11.76
N GLY C 58 20.38 -28.20 -11.49
CA GLY C 58 18.93 -28.23 -11.23
C GLY C 58 18.54 -28.62 -9.82
N ASN C 59 19.48 -28.52 -8.87
CA ASN C 59 19.23 -28.86 -7.48
C ASN C 59 18.96 -27.66 -6.59
N VAL C 60 18.08 -27.88 -5.60
CA VAL C 60 17.68 -26.87 -4.64
C VAL C 60 18.82 -26.69 -3.64
N GLN C 61 19.08 -25.44 -3.29
CA GLN C 61 20.10 -25.07 -2.32
C GLN C 61 19.51 -24.05 -1.39
N VAL C 62 19.98 -24.01 -0.15
CA VAL C 62 19.48 -23.10 0.90
C VAL C 62 20.65 -22.34 1.57
N ASN C 63 20.51 -21.03 1.67
CA ASN C 63 21.45 -20.20 2.40
C ASN C 63 20.63 -19.22 3.21
N ARG C 64 21.30 -18.54 4.12
CA ARG C 64 20.67 -17.60 5.05
C ARG C 64 21.03 -16.19 4.65
N GLY C 65 20.03 -15.33 4.68
CA GLY C 65 20.20 -13.93 4.30
C GLY C 65 19.95 -13.05 5.50
N PHE C 66 20.58 -11.88 5.53
CA PHE C 66 20.59 -10.99 6.70
C PHE C 66 20.59 -9.53 6.21
N ARG C 67 19.80 -8.70 6.88
CA ARG C 67 20.02 -7.26 6.84
C ARG C 67 19.91 -6.66 8.26
N VAL C 68 21.04 -6.14 8.74
CA VAL C 68 21.11 -5.42 10.01
C VAL C 68 20.93 -3.91 9.78
N GLN C 69 19.76 -3.43 10.18
CA GLN C 69 19.41 -2.02 10.06
C GLN C 69 19.68 -1.40 11.43
N PHE C 70 20.94 -1.00 11.61
CA PHE C 70 21.44 -0.68 12.93
C PHE C 70 20.90 0.64 13.50
N ASN C 71 21.11 1.74 12.78
CA ASN C 71 20.74 3.06 13.27
C ASN C 71 20.35 3.91 12.10
N SER C 72 19.29 4.71 12.28
CA SER C 72 18.82 5.64 11.23
C SER C 72 18.58 7.10 11.68
N ALA C 73 19.10 7.53 12.83
CA ALA C 73 18.97 8.93 13.25
C ALA C 73 19.49 9.96 12.22
N LEU C 74 20.60 9.66 11.57
CA LEU C 74 21.25 10.60 10.66
C LEU C 74 20.84 10.44 9.22
N GLY C 75 20.18 9.34 8.89
CA GLY C 75 19.82 9.05 7.52
C GLY C 75 19.30 7.65 7.31
N PRO C 76 18.91 7.33 6.07
CA PRO C 76 18.53 5.97 5.82
C PRO C 76 19.69 5.04 6.09
N TYR C 77 19.39 3.80 6.47
CA TYR C 77 20.41 2.77 6.71
C TYR C 77 21.29 2.68 5.49
N LYS C 78 22.59 2.56 5.70
CA LYS C 78 23.57 2.55 4.61
C LYS C 78 24.70 1.61 4.96
N GLY C 79 25.07 0.76 4.01
CA GLY C 79 26.15 -0.19 4.23
C GLY C 79 26.04 -1.37 3.34
N GLY C 80 27.16 -2.05 3.16
CA GLY C 80 27.29 -3.02 2.10
C GLY C 80 26.71 -4.38 2.41
N LEU C 81 26.71 -5.21 1.38
CA LEU C 81 26.26 -6.59 1.45
C LEU C 81 27.46 -7.51 1.28
N ARG C 82 27.56 -8.53 2.14
CA ARG C 82 28.64 -9.50 2.07
C ARG C 82 28.18 -10.95 1.84
N PHE C 83 28.63 -11.59 0.76
CA PHE C 83 28.39 -13.02 0.51
C PHE C 83 29.66 -13.81 0.78
N HIS C 84 29.72 -14.53 1.90
CA HIS C 84 30.93 -15.23 2.33
C HIS C 84 30.51 -16.26 3.37
N PRO C 85 31.08 -17.49 3.31
CA PRO C 85 30.63 -18.59 4.18
C PRO C 85 30.68 -18.34 5.68
N SER C 86 31.62 -17.51 6.12
CA SER C 86 31.70 -17.00 7.51
C SER C 86 30.54 -16.13 8.01
N VAL C 87 29.74 -15.55 7.09
CA VAL C 87 28.72 -14.55 7.49
C VAL C 87 27.69 -15.11 8.49
N ASN C 88 27.48 -14.37 9.57
CA ASN C 88 26.37 -14.62 10.51
C ASN C 88 25.95 -13.29 11.13
N LEU C 89 24.96 -13.31 12.02
CA LEU C 89 24.44 -12.11 12.66
C LEU C 89 25.51 -11.36 13.48
N SER C 90 26.31 -12.09 14.24
CA SER C 90 27.33 -11.46 15.08
C SER C 90 28.30 -10.65 14.24
N ILE C 91 28.79 -11.26 13.17
CA ILE C 91 29.75 -10.60 12.30
C ILE C 91 29.11 -9.38 11.62
N LEU C 92 27.89 -9.53 11.09
CA LEU C 92 27.20 -8.39 10.46
C LEU C 92 26.84 -7.29 11.46
N LYS C 93 26.56 -7.67 12.70
CA LYS C 93 26.34 -6.66 13.74
C LYS C 93 27.62 -5.86 14.04
N PHE C 94 28.75 -6.54 14.09
CA PHE C 94 30.03 -5.88 14.28
C PHE C 94 30.27 -4.83 13.16
N LEU C 95 30.13 -5.23 11.92
CA LEU C 95 30.42 -4.38 10.79
C LEU C 95 29.38 -3.27 10.66
N GLY C 96 28.13 -3.58 11.03
CA GLY C 96 27.04 -2.60 10.97
C GLY C 96 27.17 -1.49 12.01
N PHE C 97 27.62 -1.87 13.21
CA PHE C 97 27.93 -0.96 14.31
C PHE C 97 29.01 0.02 13.93
N GLU C 98 30.12 -0.45 13.40
CA GLU C 98 31.18 0.45 12.87
C GLU C 98 30.66 1.37 11.77
N GLN C 99 29.86 0.81 10.88
CA GLN C 99 29.31 1.59 9.78
C GLN C 99 28.51 2.81 10.26
N ILE C 100 27.80 2.67 11.37
CA ILE C 100 27.06 3.83 11.91
C ILE C 100 27.98 5.04 12.03
N PHE C 101 29.14 4.82 12.64
CA PHE C 101 30.00 5.93 13.04
C PHE C 101 30.87 6.39 11.91
N LYS C 102 31.30 5.47 11.05
CA LYS C 102 31.98 5.82 9.80
C LYS C 102 31.08 6.74 8.92
N ASN C 103 29.82 6.33 8.74
CA ASN C 103 28.85 7.11 7.98
C ASN C 103 28.55 8.48 8.59
N ALA C 104 28.44 8.51 9.93
CA ALA C 104 28.28 9.77 10.64
C ALA C 104 29.41 10.80 10.38
N LEU C 105 30.64 10.32 10.35
CA LEU C 105 31.79 11.18 10.11
C LEU C 105 31.91 11.75 8.71
N THR C 106 31.18 11.20 7.75
CA THR C 106 31.24 11.77 6.42
C THR C 106 30.54 13.08 6.36
N GLY C 107 29.64 13.33 7.31
CA GLY C 107 28.81 14.54 7.31
C GLY C 107 27.56 14.48 6.45
N LEU C 108 27.41 13.41 5.65
CA LEU C 108 26.21 13.18 4.86
C LEU C 108 25.10 12.53 5.72
N ASN C 109 23.86 12.63 5.24
CA ASN C 109 22.75 12.00 5.92
C ASN C 109 22.64 10.52 5.59
N MET C 110 23.47 9.73 6.25
CA MET C 110 23.47 8.28 6.10
C MET C 110 23.49 7.59 7.46
N GLY C 111 22.57 6.67 7.68
CA GLY C 111 22.52 5.85 8.87
C GLY C 111 23.51 4.70 8.69
N GLY C 112 23.39 3.67 9.51
CA GLY C 112 24.36 2.57 9.55
C GLY C 112 23.67 1.23 9.41
N GLY C 113 24.16 0.42 8.48
CA GLY C 113 23.64 -0.93 8.26
C GLY C 113 24.67 -1.87 7.63
N LYS C 114 24.38 -3.16 7.66
CA LYS C 114 25.19 -4.17 7.00
C LYS C 114 24.35 -5.41 6.80
N GLY C 115 24.61 -6.12 5.72
CA GLY C 115 23.86 -7.33 5.40
C GLY C 115 24.67 -8.34 4.61
N GLY C 116 23.98 -9.41 4.23
CA GLY C 116 24.48 -10.33 3.23
C GLY C 116 23.94 -11.73 3.39
N SER C 117 24.78 -12.71 3.00
CA SER C 117 24.43 -14.12 3.08
C SER C 117 25.67 -14.98 3.35
N ASP C 118 25.43 -16.21 3.81
CA ASP C 118 26.50 -17.19 3.95
C ASP C 118 26.77 -17.94 2.63
N PHE C 119 26.01 -17.63 1.57
CA PHE C 119 26.32 -18.05 0.22
C PHE C 119 27.79 -17.75 -0.09
N ASP C 120 28.46 -18.77 -0.61
CA ASP C 120 29.85 -18.74 -0.97
C ASP C 120 29.97 -18.61 -2.49
N PRO C 121 30.37 -17.43 -2.99
CA PRO C 121 30.54 -17.26 -4.45
C PRO C 121 31.66 -18.10 -5.11
N LYS C 122 32.62 -18.53 -4.29
CA LYS C 122 33.78 -19.29 -4.74
C LYS C 122 33.28 -20.53 -5.50
N GLY C 123 33.71 -20.67 -6.75
CA GLY C 123 33.40 -21.84 -7.56
C GLY C 123 32.04 -21.86 -8.23
N LYS C 124 31.28 -20.76 -8.13
CA LYS C 124 29.91 -20.67 -8.64
C LYS C 124 29.96 -20.03 -10.01
N SER C 125 29.09 -20.49 -10.91
CA SER C 125 28.97 -19.89 -12.24
C SER C 125 28.32 -18.51 -12.15
N ASP C 126 28.53 -17.70 -13.16
CA ASP C 126 27.82 -16.45 -13.26
C ASP C 126 26.32 -16.70 -13.12
N ASN C 127 25.82 -17.75 -13.76
CA ASN C 127 24.40 -18.08 -13.75
C ASN C 127 23.92 -18.38 -12.34
N GLU C 128 24.67 -19.17 -11.59
CA GLU C 128 24.34 -19.48 -10.22
C GLU C 128 24.27 -18.23 -9.35
N ILE C 129 25.29 -17.38 -9.50
CA ILE C 129 25.35 -16.07 -8.84
C ILE C 129 24.11 -15.20 -9.17
N ARG C 130 23.73 -15.14 -10.47
CA ARG C 130 22.49 -14.48 -10.88
C ARG C 130 21.26 -15.05 -10.18
N ARG C 131 21.12 -16.37 -10.18
CA ARG C 131 19.95 -16.99 -9.56
C ARG C 131 19.92 -16.71 -8.07
N PHE C 132 21.08 -16.71 -7.42
CA PHE C 132 21.12 -16.39 -6.01
C PHE C 132 20.71 -14.94 -5.71
N CYS C 133 21.25 -13.99 -6.48
CA CYS C 133 20.91 -12.59 -6.33
C CYS C 133 19.43 -12.32 -6.54
N VAL C 134 18.85 -12.98 -7.53
CA VAL C 134 17.43 -12.81 -7.83
C VAL C 134 16.60 -13.25 -6.64
N SER C 135 16.91 -14.41 -6.10
CA SER C 135 16.14 -14.96 -5.01
C SER C 135 16.38 -14.14 -3.71
N PHE C 136 17.64 -13.76 -3.47
CA PHE C 136 18.01 -12.92 -2.34
C PHE C 136 17.25 -11.58 -2.37
N MET C 137 17.29 -10.88 -3.50
CA MET C 137 16.58 -9.58 -3.61
C MET C 137 15.04 -9.72 -3.59
N THR C 138 14.50 -10.89 -3.96
CA THR C 138 13.04 -11.10 -3.92
C THR C 138 12.51 -10.88 -2.50
N GLU C 139 13.25 -11.34 -1.49
CA GLU C 139 12.88 -11.08 -0.11
C GLU C 139 13.38 -9.74 0.43
N LEU C 140 14.62 -9.35 0.11
CA LEU C 140 15.18 -8.12 0.67
C LEU C 140 14.43 -6.84 0.24
N CYS C 141 13.87 -6.83 -0.97
CA CYS C 141 13.14 -5.69 -1.53
CA CYS C 141 13.26 -5.61 -1.47
C CYS C 141 12.15 -5.06 -0.55
N LYS C 142 11.40 -5.91 0.14
CA LYS C 142 10.43 -5.46 1.15
C LYS C 142 10.95 -4.47 2.18
N HIS C 143 12.22 -4.62 2.55
CA HIS C 143 12.79 -3.95 3.71
C HIS C 143 13.71 -2.80 3.40
N ILE C 144 13.93 -2.53 2.11
CA ILE C 144 14.89 -1.52 1.66
C ILE C 144 14.24 -0.52 0.74
N GLY C 145 14.99 0.52 0.41
CA GLY C 145 14.49 1.54 -0.50
C GLY C 145 15.37 2.76 -0.47
N ALA C 146 15.21 3.60 -1.47
CA ALA C 146 15.99 4.82 -1.65
C ALA C 146 15.95 5.78 -0.46
N ASP C 147 14.83 5.79 0.27
CA ASP C 147 14.68 6.57 1.50
C ASP C 147 14.59 5.74 2.81
N THR C 148 14.97 4.46 2.73
CA THR C 148 14.83 3.51 3.84
C THR C 148 16.15 2.80 4.16
N ASP C 149 16.72 2.14 3.16
CA ASP C 149 17.97 1.37 3.31
C ASP C 149 18.59 1.22 1.96
N VAL C 150 19.85 1.66 1.83
CA VAL C 150 20.56 1.70 0.57
C VAL C 150 21.80 0.85 0.71
N PRO C 151 21.73 -0.43 0.27
CA PRO C 151 22.94 -1.21 0.36
C PRO C 151 23.97 -0.94 -0.77
N ALA C 152 24.98 -1.79 -0.82
CA ALA C 152 26.13 -1.67 -1.71
C ALA C 152 26.87 -3.01 -1.68
N GLY C 153 27.99 -3.06 -2.39
CA GLY C 153 28.89 -4.20 -2.34
C GLY C 153 29.77 -4.25 -1.10
N ASP C 154 30.58 -5.30 -1.10
CA ASP C 154 31.56 -5.66 -0.07
C ASP C 154 32.13 -7.00 -0.56
N ILE C 155 32.77 -7.79 0.32
CA ILE C 155 33.33 -9.09 -0.06
C ILE C 155 32.22 -9.98 -0.63
N GLY C 156 32.43 -10.50 -1.83
CA GLY C 156 31.48 -11.40 -2.49
C GLY C 156 30.39 -10.72 -3.32
N VAL C 157 30.34 -9.40 -3.26
CA VAL C 157 29.33 -8.60 -3.94
C VAL C 157 30.06 -7.43 -4.59
N THR C 158 30.33 -7.58 -5.87
CA THR C 158 30.95 -6.56 -6.69
C THR C 158 29.86 -6.01 -7.61
N GLY C 159 30.28 -5.19 -8.58
CA GLY C 159 29.40 -4.65 -9.61
C GLY C 159 28.48 -5.66 -10.29
N ARG C 160 28.99 -6.85 -10.52
CA ARG C 160 28.21 -7.93 -11.11
C ARG C 160 26.97 -8.24 -10.26
N GLU C 161 27.18 -8.36 -8.95
CA GLU C 161 26.12 -8.76 -8.04
C GLU C 161 25.17 -7.60 -7.81
N VAL C 162 25.72 -6.40 -7.66
CA VAL C 162 24.94 -5.15 -7.53
C VAL C 162 23.98 -4.99 -8.71
N GLY C 163 24.46 -5.28 -9.91
CA GLY C 163 23.61 -5.30 -11.08
C GLY C 163 22.43 -6.27 -11.04
N PHE C 164 22.69 -7.54 -10.76
CA PHE C 164 21.63 -8.54 -10.66
C PHE C 164 20.62 -8.16 -9.54
N LEU C 165 21.15 -7.65 -8.43
CA LEU C 165 20.36 -7.19 -7.31
C LEU C 165 19.50 -5.97 -7.69
N PHE C 166 20.09 -4.98 -8.38
CA PHE C 166 19.34 -3.83 -8.84
C PHE C 166 18.22 -4.24 -9.81
N GLY C 167 18.56 -5.08 -10.78
CA GLY C 167 17.60 -5.53 -11.78
C GLY C 167 16.36 -6.16 -11.18
N GLN C 168 16.56 -7.09 -10.25
CA GLN C 168 15.45 -7.74 -9.58
C GLN C 168 14.60 -6.80 -8.72
N TYR C 169 15.24 -5.85 -8.03
CA TYR C 169 14.50 -4.86 -7.27
C TYR C 169 13.62 -4.02 -8.16
N ARG C 170 14.16 -3.52 -9.28
CA ARG C 170 13.39 -2.61 -10.16
C ARG C 170 12.18 -3.34 -10.77
N LYS C 171 12.35 -4.61 -11.09
CA LYS C 171 11.27 -5.44 -11.60
C LYS C 171 10.10 -5.65 -10.61
N ILE C 172 10.40 -6.00 -9.37
CA ILE C 172 9.34 -6.30 -8.40
C ILE C 172 8.72 -5.01 -7.82
N ARG C 173 9.58 -4.06 -7.44
CA ARG C 173 9.15 -2.78 -6.86
C ARG C 173 8.53 -1.85 -7.90
N ASN C 174 8.94 -1.96 -9.16
CA ASN C 174 8.48 -1.06 -10.22
C ASN C 174 8.83 0.42 -9.95
N GLN C 175 9.97 0.66 -9.31
CA GLN C 175 10.53 1.99 -9.16
C GLN C 175 12.00 1.94 -9.55
N TRP C 176 12.44 2.91 -10.37
CA TRP C 176 13.85 3.08 -10.73
C TRP C 176 14.42 4.15 -9.80
N GLU C 177 15.26 3.77 -8.85
CA GLU C 177 15.72 4.69 -7.82
C GLU C 177 17.05 4.29 -7.20
N GLY C 178 17.64 5.20 -6.40
CA GLY C 178 18.91 4.98 -5.74
C GLY C 178 18.87 4.01 -4.57
N VAL C 179 18.48 2.78 -4.85
CA VAL C 179 18.32 1.75 -3.79
C VAL C 179 19.64 1.03 -3.48
N LEU C 180 20.58 1.09 -4.42
CA LEU C 180 21.92 0.50 -4.26
C LEU C 180 22.94 1.54 -4.75
N THR C 181 24.13 1.48 -4.18
CA THR C 181 25.27 2.23 -4.67
C THR C 181 26.31 1.22 -5.16
N GLY C 182 27.34 1.73 -5.85
CA GLY C 182 28.24 0.90 -6.65
C GLY C 182 27.64 0.44 -7.96
N LYS C 183 26.65 1.14 -8.47
CA LYS C 183 25.99 0.81 -9.71
C LYS C 183 26.87 1.22 -10.90
N GLY C 184 26.49 0.69 -12.05
CA GLY C 184 27.19 0.93 -13.29
C GLY C 184 26.89 2.31 -13.84
N GLY C 185 27.83 2.81 -14.65
CA GLY C 185 27.89 4.21 -15.08
C GLY C 185 26.69 4.69 -15.83
N SER C 186 26.17 3.85 -16.73
CA SER C 186 24.99 4.20 -17.51
C SER C 186 23.62 3.98 -16.80
N TRP C 187 23.61 3.22 -15.69
CA TRP C 187 22.39 2.99 -14.88
C TRP C 187 22.53 3.55 -13.43
N GLY C 188 22.98 4.80 -13.37
CA GLY C 188 22.94 5.61 -12.17
C GLY C 188 24.15 5.48 -11.27
N GLY C 189 25.24 4.92 -11.76
CA GLY C 189 26.51 4.90 -11.01
C GLY C 189 27.15 6.26 -10.92
N SER C 190 28.21 6.39 -10.12
CA SER C 190 28.95 7.64 -9.98
C SER C 190 30.37 7.53 -10.49
N LEU C 191 30.80 8.55 -11.22
CA LEU C 191 32.21 8.73 -11.44
C LEU C 191 32.95 8.89 -10.10
N ILE C 192 34.23 8.48 -10.13
CA ILE C 192 35.13 8.47 -8.96
C ILE C 192 34.83 7.34 -7.94
N ARG C 193 33.75 6.56 -8.11
CA ARG C 193 33.46 5.52 -7.10
C ARG C 193 34.60 4.48 -6.98
N PRO C 194 35.18 4.04 -8.12
CA PRO C 194 36.35 3.14 -8.03
C PRO C 194 37.55 3.73 -7.30
N GLU C 195 37.80 5.02 -7.51
CA GLU C 195 38.92 5.73 -6.93
C GLU C 195 38.73 6.15 -5.46
N ALA C 196 37.47 6.28 -5.05
CA ALA C 196 37.04 6.92 -3.79
C ALA C 196 37.81 6.54 -2.51
N THR C 197 37.88 5.25 -2.24
CA THR C 197 38.46 4.81 -0.99
C THR C 197 39.95 5.13 -0.97
N GLY C 198 40.65 4.77 -2.05
CA GLY C 198 42.07 5.03 -2.19
C GLY C 198 42.49 6.50 -2.19
N TYR C 199 41.82 7.32 -3.02
CA TYR C 199 42.03 8.78 -3.02
C TYR C 199 41.75 9.39 -1.64
N GLY C 200 40.70 8.85 -1.01
CA GLY C 200 40.21 9.34 0.27
C GLY C 200 41.20 9.20 1.41
N VAL C 201 41.83 8.03 1.51
CA VAL C 201 42.84 7.80 2.55
C VAL C 201 43.97 8.80 2.36
N VAL C 202 44.39 8.97 1.12
CA VAL C 202 45.53 9.82 0.82
C VAL C 202 45.19 11.29 1.11
N TYR C 203 44.01 11.73 0.70
CA TYR C 203 43.54 13.08 1.02
C TYR C 203 43.52 13.30 2.51
N TYR C 204 43.01 12.32 3.25
CA TYR C 204 43.00 12.44 4.72
C TYR C 204 44.41 12.57 5.30
N VAL C 205 45.31 11.71 4.84
CA VAL C 205 46.70 11.75 5.28
C VAL C 205 47.33 13.10 4.92
N GLU C 206 46.98 13.70 3.77
CA GLU C 206 47.48 15.06 3.47
C GLU C 206 47.27 16.02 4.63
N HIS C 207 46.08 15.98 5.22
CA HIS C 207 45.78 16.86 6.34
C HIS C 207 46.54 16.48 7.60
N MET C 208 46.79 15.20 7.80
CA MET C 208 47.60 14.74 8.94
C MET C 208 49.02 15.33 8.84
N ILE C 209 49.64 15.18 7.66
CA ILE C 209 50.99 15.64 7.39
C ILE C 209 51.09 17.16 7.59
N ALA C 210 50.12 17.90 7.04
CA ALA C 210 50.02 19.36 7.18
C ALA C 210 49.95 19.81 8.64
N HIS C 211 49.08 19.17 9.43
CA HIS C 211 48.90 19.54 10.82
C HIS C 211 50.16 19.24 11.64
N ALA C 212 50.66 18.00 11.58
CA ALA C 212 51.88 17.58 12.32
C ALA C 212 53.15 18.40 12.06
N THR C 213 53.30 18.89 10.83
CA THR C 213 54.49 19.65 10.42
C THR C 213 54.25 21.18 10.22
N ASN C 214 53.15 21.71 10.76
CA ASN C 214 52.80 23.13 10.62
C ASN C 214 52.81 23.61 9.17
N GLY C 215 52.37 22.75 8.27
CA GLY C 215 52.31 23.05 6.84
C GLY C 215 53.67 23.01 6.14
N GLN C 216 54.72 22.56 6.82
CA GLN C 216 56.09 22.52 6.28
C GLN C 216 56.34 21.31 5.37
N GLU C 217 55.55 20.25 5.51
CA GLU C 217 55.68 19.09 4.64
C GLU C 217 54.35 18.73 3.99
N SER C 218 54.46 17.87 2.98
CA SER C 218 53.31 17.30 2.31
C SER C 218 53.68 15.88 1.92
N PHE C 219 52.93 15.30 0.97
CA PHE C 219 53.35 14.02 0.40
C PHE C 219 54.63 14.11 -0.46
N LYS C 220 54.97 15.33 -0.92
CA LYS C 220 56.13 15.52 -1.80
C LYS C 220 57.42 14.98 -1.15
N GLY C 221 58.11 14.10 -1.86
CA GLY C 221 59.36 13.52 -1.39
C GLY C 221 59.26 12.44 -0.34
N LYS C 222 58.03 12.02 0.02
CA LYS C 222 57.86 10.97 1.04
C LYS C 222 57.84 9.59 0.43
N ARG C 223 58.40 8.63 1.18
CA ARG C 223 58.38 7.22 0.82
C ARG C 223 57.16 6.60 1.50
N VAL C 224 56.30 5.97 0.68
CA VAL C 224 55.02 5.41 1.13
C VAL C 224 54.94 3.90 0.88
N ALA C 225 54.79 3.13 1.93
CA ALA C 225 54.59 1.70 1.79
C ALA C 225 53.09 1.37 1.73
N ILE C 226 52.69 0.68 0.67
CA ILE C 226 51.31 0.24 0.51
C ILE C 226 51.31 -1.28 0.41
N SER C 227 50.31 -1.90 1.01
CA SER C 227 50.03 -3.31 0.83
C SER C 227 48.79 -3.41 -0.02
N GLY C 228 48.63 -4.53 -0.70
CA GLY C 228 47.44 -4.79 -1.52
C GLY C 228 47.73 -4.41 -2.94
N SER C 229 46.89 -4.86 -3.84
CA SER C 229 47.07 -4.55 -5.27
C SER C 229 45.74 -4.48 -6.06
N GLY C 230 44.61 -4.32 -5.34
CA GLY C 230 43.31 -4.07 -5.94
C GLY C 230 43.08 -2.58 -6.17
N ASN C 231 41.81 -2.17 -6.10
CA ASN C 231 41.41 -0.80 -6.47
C ASN C 231 41.92 0.23 -5.48
N VAL C 232 41.84 -0.11 -4.20
CA VAL C 232 42.21 0.82 -3.16
C VAL C 232 43.71 1.12 -3.21
N ALA C 233 44.50 0.06 -3.17
CA ALA C 233 45.97 0.16 -3.29
C ALA C 233 46.41 0.90 -4.55
N GLN C 234 45.75 0.59 -5.67
CA GLN C 234 46.08 1.20 -6.95
C GLN C 234 45.87 2.70 -6.92
N TYR C 235 44.66 3.12 -6.56
CA TYR C 235 44.30 4.55 -6.65
C TYR C 235 44.94 5.37 -5.54
N ALA C 236 45.12 4.78 -4.36
CA ALA C 236 46.00 5.40 -3.34
C ALA C 236 47.39 5.66 -3.93
N ALA C 237 47.99 4.63 -4.52
CA ALA C 237 49.33 4.75 -5.11
C ALA C 237 49.41 5.88 -6.13
N LEU C 238 48.48 5.86 -7.08
CA LEU C 238 48.45 6.90 -8.14
C LEU C 238 48.24 8.30 -7.61
N LYS C 239 47.46 8.44 -6.54
CA LYS C 239 47.29 9.76 -5.95
C LYS C 239 48.55 10.25 -5.26
N VAL C 240 49.23 9.35 -4.54
CA VAL C 240 50.53 9.66 -3.89
C VAL C 240 51.56 10.11 -4.93
N ILE C 241 51.63 9.35 -6.02
CA ILE C 241 52.52 9.68 -7.14
C ILE C 241 52.17 11.07 -7.66
N GLU C 242 50.88 11.29 -7.91
CA GLU C 242 50.41 12.61 -8.35
C GLU C 242 50.75 13.72 -7.36
N LEU C 243 50.84 13.41 -6.07
CA LEU C 243 51.28 14.40 -5.06
C LEU C 243 52.81 14.56 -4.86
N GLY C 244 53.60 13.80 -5.64
CA GLY C 244 55.06 13.85 -5.60
C GLY C 244 55.72 12.95 -4.56
N GLY C 245 55.03 11.92 -4.12
CA GLY C 245 55.60 10.94 -3.21
C GLY C 245 55.95 9.68 -3.97
N SER C 246 56.66 8.78 -3.29
CA SER C 246 57.14 7.56 -3.90
C SER C 246 56.48 6.38 -3.24
N VAL C 247 55.87 5.54 -4.06
CA VAL C 247 55.25 4.31 -3.60
C VAL C 247 56.29 3.24 -3.78
N VAL C 248 56.59 2.55 -2.68
CA VAL C 248 57.73 1.64 -2.58
C VAL C 248 57.34 0.19 -2.32
N SER C 249 56.04 -0.09 -2.25
CA SER C 249 55.55 -1.47 -2.13
C SER C 249 54.11 -1.60 -2.63
N LEU C 250 53.82 -2.73 -3.26
CA LEU C 250 52.46 -3.27 -3.38
C LEU C 250 52.53 -4.74 -2.98
N SER C 251 51.38 -5.38 -2.83
CA SER C 251 51.34 -6.78 -2.44
C SER C 251 50.00 -7.45 -2.75
N ASP C 252 49.97 -8.79 -2.76
CA ASP C 252 48.73 -9.56 -2.85
C ASP C 252 48.84 -10.70 -1.85
N SER C 253 47.91 -11.66 -1.87
CA SER C 253 47.88 -12.69 -0.80
C SER C 253 49.09 -13.66 -0.80
N GLN C 254 49.88 -13.64 -1.87
CA GLN C 254 51.04 -14.51 -2.06
C GLN C 254 52.40 -13.88 -1.78
N GLY C 255 52.52 -12.56 -1.91
CA GLY C 255 53.80 -11.91 -1.69
C GLY C 255 53.72 -10.42 -1.85
N SER C 256 54.86 -9.77 -1.67
CA SER C 256 55.01 -8.31 -1.80
C SER C 256 56.02 -8.02 -2.89
N LEU C 257 55.84 -6.88 -3.55
CA LEU C 257 56.71 -6.44 -4.62
C LEU C 257 57.22 -5.06 -4.24
N ILE C 258 58.53 -4.97 -4.00
CA ILE C 258 59.19 -3.83 -3.33
C ILE C 258 60.05 -3.05 -4.31
N ILE C 259 60.19 -1.75 -4.08
CA ILE C 259 61.17 -0.96 -4.78
C ILE C 259 62.50 -1.03 -4.01
N ASN C 260 63.60 -1.24 -4.73
CA ASN C 260 64.97 -1.18 -4.17
C ASN C 260 65.57 0.22 -4.22
N GLY C 261 66.13 0.65 -3.10
CA GLY C 261 66.71 1.99 -2.99
C GLY C 261 65.68 3.10 -3.12
N GLU C 262 66.15 4.28 -3.50
CA GLU C 262 65.28 5.40 -3.86
C GLU C 262 64.55 5.05 -5.17
N GLY C 263 63.40 5.69 -5.39
CA GLY C 263 62.57 5.42 -6.57
C GLY C 263 61.17 5.01 -6.17
N SER C 264 60.34 4.77 -7.17
CA SER C 264 58.89 4.58 -6.98
C SER C 264 58.28 3.72 -8.08
N PHE C 265 57.12 3.14 -7.81
CA PHE C 265 56.28 2.66 -8.89
C PHE C 265 55.86 3.89 -9.72
N THR C 266 55.72 3.69 -11.03
CA THR C 266 55.12 4.67 -11.94
C THR C 266 53.65 4.29 -12.22
N PRO C 267 52.85 5.25 -12.71
CA PRO C 267 51.47 4.94 -13.15
C PRO C 267 51.39 3.81 -14.18
N GLU C 268 52.39 3.75 -15.07
CA GLU C 268 52.41 2.77 -16.14
C GLU C 268 52.54 1.38 -15.53
N GLU C 269 53.39 1.26 -14.50
CA GLU C 269 53.57 -0.01 -13.79
C GLU C 269 52.34 -0.40 -13.02
N ILE C 270 51.69 0.57 -12.39
CA ILE C 270 50.42 0.32 -11.68
C ILE C 270 49.32 -0.13 -12.68
N GLU C 271 49.27 0.53 -13.83
CA GLU C 271 48.37 0.10 -14.92
C GLU C 271 48.58 -1.38 -15.35
N LEU C 272 49.84 -1.80 -15.49
CA LEU C 272 50.16 -3.20 -15.80
C LEU C 272 49.75 -4.15 -14.69
N ILE C 273 50.08 -3.81 -13.45
CA ILE C 273 49.65 -4.55 -12.27
C ILE C 273 48.11 -4.70 -12.21
N ALA C 274 47.41 -3.61 -12.52
CA ALA C 274 45.94 -3.59 -12.56
C ALA C 274 45.37 -4.56 -13.59
N GLN C 275 45.94 -4.55 -14.80
CA GLN C 275 45.62 -5.53 -15.86
C GLN C 275 45.81 -6.98 -15.42
N THR C 276 46.90 -7.26 -14.69
CA THR C 276 47.16 -8.64 -14.22
C THR C 276 46.17 -9.05 -13.12
N LYS C 277 45.82 -8.10 -12.24
CA LYS C 277 44.81 -8.36 -11.20
C LYS C 277 43.37 -8.44 -11.75
N VAL C 278 43.12 -7.80 -12.90
CA VAL C 278 41.90 -8.04 -13.68
C VAL C 278 41.87 -9.52 -14.13
N GLU C 279 42.99 -9.99 -14.69
CA GLU C 279 43.11 -11.40 -15.11
C GLU C 279 43.18 -12.43 -13.95
N ARG C 280 43.11 -11.96 -12.69
CA ARG C 280 43.16 -12.82 -11.50
C ARG C 280 44.52 -13.58 -11.38
N LYS C 281 45.58 -13.00 -11.95
CA LYS C 281 46.95 -13.57 -11.89
C LYS C 281 47.65 -13.09 -10.62
N GLN C 282 48.89 -13.54 -10.40
CA GLN C 282 49.63 -13.18 -9.20
C GLN C 282 50.68 -12.13 -9.54
N LEU C 283 51.15 -11.42 -8.51
CA LEU C 283 52.33 -10.58 -8.66
C LEU C 283 53.56 -11.47 -8.88
N ALA C 284 53.52 -12.65 -8.26
CA ALA C 284 54.49 -13.73 -8.51
C ALA C 284 54.75 -13.92 -10.01
N SER C 285 53.70 -14.23 -10.75
CA SER C 285 53.81 -14.61 -12.16
C SER C 285 53.89 -13.44 -13.15
N ILE C 286 54.41 -12.27 -12.71
CA ILE C 286 54.76 -11.15 -13.62
C ILE C 286 56.19 -10.62 -13.47
N VAL C 287 56.90 -11.08 -12.44
CA VAL C 287 58.25 -10.64 -12.13
C VAL C 287 59.26 -11.07 -13.23
N GLY C 288 59.03 -12.25 -13.82
CA GLY C 288 59.86 -12.75 -14.92
C GLY C 288 59.36 -12.27 -16.27
N ALA C 289 59.44 -10.96 -16.47
CA ALA C 289 58.94 -10.25 -17.66
C ALA C 289 58.97 -8.75 -17.36
N ALA C 290 59.48 -7.94 -18.29
CA ALA C 290 59.74 -6.51 -18.05
C ALA C 290 58.45 -5.70 -17.82
N PRO C 291 58.52 -4.56 -17.12
CA PRO C 291 59.73 -4.03 -16.43
C PRO C 291 60.05 -4.62 -15.05
N PHE C 292 59.25 -5.58 -14.57
CA PHE C 292 59.35 -6.12 -13.21
C PHE C 292 60.46 -7.16 -13.02
N SER C 293 61.12 -7.52 -14.11
CA SER C 293 62.36 -8.31 -14.10
C SER C 293 63.62 -7.46 -13.92
N ASP C 294 63.55 -6.15 -14.18
CA ASP C 294 64.65 -5.25 -13.84
C ASP C 294 64.89 -5.33 -12.32
N ALA C 295 65.73 -6.29 -11.93
CA ALA C 295 66.05 -6.58 -10.52
C ALA C 295 66.90 -5.50 -9.84
N ASN C 296 67.30 -4.45 -10.56
CA ASN C 296 67.82 -3.23 -9.95
C ASN C 296 66.71 -2.42 -9.26
N LYS C 297 65.57 -2.31 -9.92
CA LYS C 297 64.42 -1.56 -9.38
C LYS C 297 63.48 -2.41 -8.50
N PHE C 298 63.17 -3.64 -8.89
CA PHE C 298 62.14 -4.47 -8.22
C PHE C 298 62.64 -5.74 -7.53
N LYS C 299 62.21 -5.94 -6.28
CA LYS C 299 62.46 -7.17 -5.52
C LYS C 299 61.11 -7.79 -5.16
N TYR C 300 60.96 -9.08 -5.44
CA TYR C 300 59.76 -9.82 -5.03
C TYR C 300 60.14 -10.67 -3.82
N ILE C 301 59.22 -10.80 -2.86
CA ILE C 301 59.40 -11.71 -1.72
C ILE C 301 58.11 -12.47 -1.57
N ALA C 302 58.16 -13.79 -1.75
CA ALA C 302 56.98 -14.64 -1.57
C ALA C 302 56.68 -14.85 -0.09
N GLY C 303 55.40 -15.04 0.22
CA GLY C 303 54.94 -15.35 1.58
C GLY C 303 54.91 -14.23 2.61
N ALA C 304 55.31 -13.02 2.20
CA ALA C 304 55.58 -11.89 3.10
C ALA C 304 54.66 -10.68 2.86
N ARG C 305 54.46 -9.91 3.93
CA ARG C 305 53.92 -8.54 3.85
C ARG C 305 55.09 -7.59 3.67
N PRO C 306 54.84 -6.38 3.16
CA PRO C 306 55.97 -5.52 2.79
C PRO C 306 56.67 -4.77 3.91
N TRP C 307 56.17 -4.82 5.14
CA TRP C 307 56.60 -3.83 6.16
C TRP C 307 58.08 -3.99 6.55
N VAL C 308 58.53 -5.23 6.74
CA VAL C 308 59.93 -5.47 7.13
C VAL C 308 60.91 -5.26 5.98
N HIS C 309 60.43 -5.38 4.74
CA HIS C 309 61.32 -5.27 3.56
C HIS C 309 61.45 -3.89 2.94
N VAL C 310 60.68 -2.90 3.41
CA VAL C 310 60.65 -1.55 2.73
C VAL C 310 61.80 -0.60 3.10
N GLY C 311 62.55 -0.94 4.14
CA GLY C 311 63.60 -0.05 4.65
C GLY C 311 62.97 1.12 5.39
N LYS C 312 63.58 2.29 5.26
CA LYS C 312 63.04 3.51 5.86
C LYS C 312 61.89 4.04 5.04
N VAL C 313 60.82 4.41 5.73
CA VAL C 313 59.55 4.75 5.14
C VAL C 313 58.91 5.84 6.01
N ASP C 314 58.23 6.81 5.37
CA ASP C 314 57.54 7.92 6.07
C ASP C 314 56.04 7.76 6.33
N VAL C 315 55.36 7.05 5.44
CA VAL C 315 53.92 6.82 5.51
C VAL C 315 53.66 5.34 5.20
N ALA C 316 52.74 4.74 5.95
CA ALA C 316 52.26 3.42 5.61
C ALA C 316 50.73 3.43 5.39
N LEU C 317 50.29 2.75 4.34
CA LEU C 317 48.90 2.73 3.89
C LEU C 317 48.49 1.26 3.68
N PRO C 318 48.14 0.56 4.77
CA PRO C 318 47.65 -0.79 4.58
C PRO C 318 46.35 -0.81 3.79
N SER C 319 46.37 -1.52 2.65
CA SER C 319 45.26 -1.51 1.67
C SER C 319 45.04 -2.88 1.02
N ALA C 320 45.19 -3.95 1.78
CA ALA C 320 44.95 -5.30 1.28
C ALA C 320 43.77 -5.95 1.99
N THR C 321 43.90 -6.15 3.29
CA THR C 321 42.96 -7.00 4.00
C THR C 321 42.92 -6.57 5.44
N GLN C 322 41.96 -7.11 6.18
CA GLN C 322 41.85 -6.83 7.60
C GLN C 322 42.92 -7.58 8.42
N ASN C 323 43.34 -6.96 9.53
CA ASN C 323 44.40 -7.48 10.43
C ASN C 323 45.74 -7.80 9.74
N GLU C 324 46.19 -6.91 8.87
CA GLU C 324 47.42 -7.10 8.11
C GLU C 324 48.64 -6.37 8.67
N ILE C 325 48.47 -5.62 9.75
CA ILE C 325 49.58 -5.08 10.54
C ILE C 325 49.41 -5.58 11.95
N SER C 326 50.30 -6.52 12.33
CA SER C 326 50.42 -7.00 13.71
C SER C 326 51.11 -5.95 14.61
N GLY C 327 51.07 -6.19 15.91
CA GLY C 327 51.75 -5.32 16.88
C GLY C 327 53.24 -5.28 16.65
N GLU C 328 53.79 -6.42 16.26
CA GLU C 328 55.19 -6.52 15.92
C GLU C 328 55.55 -5.67 14.68
N GLU C 329 54.71 -5.77 13.66
CA GLU C 329 54.88 -4.95 12.46
C GLU C 329 54.67 -3.45 12.75
N ALA C 330 53.82 -3.13 13.71
CA ALA C 330 53.66 -1.75 14.16
C ALA C 330 55.00 -1.22 14.70
N GLN C 331 55.68 -1.99 15.56
CA GLN C 331 57.05 -1.64 16.05
C GLN C 331 58.06 -1.52 14.90
N VAL C 332 58.02 -2.46 13.95
CA VAL C 332 58.95 -2.41 12.81
C VAL C 332 58.82 -1.05 12.05
N LEU C 333 57.57 -0.62 11.82
CA LEU C 333 57.29 0.64 11.09
C LEU C 333 57.71 1.84 11.91
N ILE C 334 57.40 1.82 13.20
CA ILE C 334 57.92 2.84 14.11
C ILE C 334 59.43 2.96 13.94
N ASN C 335 60.14 1.84 14.05
CA ASN C 335 61.62 1.88 13.99
C ASN C 335 62.19 2.17 12.62
N ALA C 336 61.39 1.89 11.58
CA ALA C 336 61.69 2.37 10.23
C ALA C 336 61.50 3.86 10.04
N GLY C 337 61.02 4.58 11.06
CA GLY C 337 60.79 6.04 10.96
C GLY C 337 59.46 6.48 10.35
N CYS C 338 58.53 5.54 10.23
CA CYS C 338 57.20 5.88 9.74
C CYS C 338 56.47 6.80 10.75
N LYS C 339 55.92 7.92 10.26
CA LYS C 339 55.19 8.93 11.07
C LYS C 339 53.66 9.05 10.86
N PHE C 340 53.14 8.40 9.83
CA PHE C 340 51.71 8.54 9.45
C PHE C 340 51.24 7.19 8.97
N ILE C 341 50.12 6.74 9.52
CA ILE C 341 49.47 5.46 9.17
C ILE C 341 47.96 5.66 9.08
N ALA C 342 47.37 5.16 8.01
CA ALA C 342 45.93 5.24 7.78
C ALA C 342 45.53 4.02 7.00
N GLU C 343 44.35 3.48 7.30
CA GLU C 343 43.94 2.19 6.72
C GLU C 343 43.18 2.34 5.40
N GLY C 344 43.78 1.87 4.32
CA GLY C 344 43.09 1.62 3.06
C GLY C 344 42.23 0.35 3.03
N SER C 345 42.65 -0.68 3.74
CA SER C 345 41.83 -1.89 3.90
C SER C 345 40.98 -1.66 5.13
N ASN C 346 39.80 -2.25 5.13
CA ASN C 346 38.91 -2.15 6.27
C ASN C 346 39.48 -2.97 7.43
N MET C 347 39.59 -2.33 8.59
CA MET C 347 40.24 -2.89 9.78
C MET C 347 41.67 -3.37 9.52
N GLY C 348 42.42 -2.63 8.72
CA GLY C 348 43.79 -3.03 8.37
C GLY C 348 44.68 -3.39 9.55
N CYS C 349 44.70 -2.52 10.57
CA CYS C 349 45.57 -2.72 11.73
C CYS C 349 44.86 -3.52 12.80
N THR C 350 45.61 -4.44 13.41
CA THR C 350 45.14 -5.19 14.55
C THR C 350 45.00 -4.22 15.70
N GLN C 351 44.22 -4.58 16.69
CA GLN C 351 44.10 -3.77 17.91
C GLN C 351 45.46 -3.60 18.58
N GLU C 352 46.30 -4.64 18.54
CA GLU C 352 47.64 -4.59 19.13
C GLU C 352 48.50 -3.53 18.46
N ALA C 353 48.45 -3.46 17.13
CA ALA C 353 49.14 -2.40 16.35
C ALA C 353 48.64 -0.99 16.71
N ILE C 354 47.31 -0.88 16.76
CA ILE C 354 46.60 0.37 17.15
C ILE C 354 47.04 0.83 18.54
N ASP C 355 47.09 -0.09 19.51
CA ASP C 355 47.51 0.23 20.90
C ASP C 355 48.98 0.65 20.90
N THR C 356 49.77 0.07 19.99
CA THR C 356 51.20 0.41 19.84
C THR C 356 51.41 1.78 19.23
N PHE C 357 50.72 2.08 18.14
CA PHE C 357 50.78 3.43 17.53
C PHE C 357 50.33 4.52 18.50
N GLU C 358 49.25 4.23 19.23
CA GLU C 358 48.71 5.13 20.24
C GLU C 358 49.62 5.31 21.46
N ALA C 359 50.16 4.22 22.00
CA ALA C 359 51.16 4.32 23.06
C ALA C 359 52.30 5.23 22.60
N HIS C 360 52.81 4.96 21.40
CA HIS C 360 53.91 5.71 20.85
C HIS C 360 53.60 7.21 20.62
N ARG C 361 52.37 7.53 20.25
CA ARG C 361 51.94 8.93 20.10
C ARG C 361 51.93 9.68 21.42
N THR C 362 51.30 9.08 22.43
CA THR C 362 51.26 9.66 23.77
C THR C 362 52.61 9.70 24.51
N ALA C 363 53.60 8.94 24.05
CA ALA C 363 54.96 8.98 24.66
C ALA C 363 55.97 9.95 24.01
N ASN C 364 55.57 10.63 22.94
CA ASN C 364 56.51 11.42 22.10
C ASN C 364 55.90 12.75 21.67
N ALA C 365 56.53 13.87 22.01
CA ALA C 365 56.06 15.20 21.53
C ALA C 365 56.25 15.44 20.02
N GLY C 366 55.53 16.45 19.52
CA GLY C 366 55.52 16.85 18.10
C GLY C 366 55.42 15.73 17.06
N ALA C 367 56.08 15.95 15.92
CA ALA C 367 56.16 14.98 14.82
C ALA C 367 57.30 13.91 14.93
N ALA C 368 57.91 13.72 16.09
CA ALA C 368 58.58 12.42 16.40
C ALA C 368 57.58 11.23 16.59
N ALA C 369 56.33 11.55 16.87
CA ALA C 369 55.29 10.55 17.04
C ALA C 369 54.79 10.01 15.72
N ILE C 370 54.54 8.70 15.69
CA ILE C 370 53.72 8.10 14.65
C ILE C 370 52.24 8.42 14.91
N TRP C 371 51.54 8.82 13.85
CA TRP C 371 50.14 9.18 13.93
C TRP C 371 49.27 8.18 13.17
N TYR C 372 48.39 7.49 13.91
CA TYR C 372 47.50 6.51 13.35
C TYR C 372 46.10 7.12 13.23
N ALA C 373 45.51 7.02 12.04
CA ALA C 373 44.09 7.41 11.79
C ALA C 373 43.21 6.17 11.76
N PRO C 374 42.08 6.17 12.52
CA PRO C 374 41.18 4.99 12.46
C PRO C 374 40.48 4.87 11.11
N GLY C 375 40.00 3.67 10.81
CA GLY C 375 39.41 3.39 9.51
C GLY C 375 38.10 4.12 9.30
N LYS C 376 37.34 4.30 10.38
CA LYS C 376 36.06 4.99 10.31
C LYS C 376 36.20 6.44 9.82
N ALA C 377 37.36 7.07 10.08
CA ALA C 377 37.66 8.39 9.53
C ALA C 377 38.31 8.28 8.14
N ALA C 378 39.42 7.56 8.08
CA ALA C 378 40.35 7.63 6.93
C ALA C 378 39.96 6.82 5.70
N ASN C 379 39.20 5.73 5.84
CA ASN C 379 38.61 5.13 4.62
C ASN C 379 37.11 5.22 4.45
N ALA C 380 36.57 6.36 4.86
CA ALA C 380 35.20 6.75 4.59
C ALA C 380 35.03 7.34 3.19
N GLY C 381 36.10 7.45 2.41
CA GLY C 381 36.02 8.01 1.06
C GLY C 381 35.01 7.23 0.20
N GLY C 382 35.07 5.91 0.33
CA GLY C 382 34.15 4.98 -0.35
C GLY C 382 32.68 5.22 -0.07
N VAL C 383 32.29 5.11 1.19
CA VAL C 383 30.89 5.32 1.56
C VAL C 383 30.48 6.80 1.33
N ALA C 384 31.43 7.71 1.45
CA ALA C 384 31.17 9.10 1.12
C ALA C 384 30.73 9.26 -0.33
N VAL C 385 31.43 8.64 -1.25
CA VAL C 385 31.03 8.71 -2.66
C VAL C 385 29.74 7.89 -2.93
N SER C 386 29.46 6.83 -2.16
CA SER C 386 28.13 6.19 -2.21
C SER C 386 27.03 7.18 -1.86
N GLY C 387 27.23 7.92 -0.78
CA GLY C 387 26.35 9.04 -0.43
C GLY C 387 26.18 10.01 -1.59
N LEU C 388 27.28 10.36 -2.25
CA LEU C 388 27.25 11.20 -3.45
C LEU C 388 26.52 10.58 -4.64
N GLU C 389 26.60 9.25 -4.75
CA GLU C 389 25.85 8.51 -5.76
C GLU C 389 24.35 8.65 -5.48
N MET C 390 23.97 8.53 -4.23
CA MET C 390 22.56 8.68 -3.85
C MET C 390 22.07 10.10 -4.17
N ALA C 391 22.95 11.06 -3.92
CA ALA C 391 22.64 12.47 -4.19
C ALA C 391 22.48 12.72 -5.69
N GLN C 392 23.41 12.19 -6.49
CA GLN C 392 23.29 12.23 -7.96
C GLN C 392 21.98 11.59 -8.49
N ASN C 393 21.63 10.41 -7.98
CA ASN C 393 20.39 9.74 -8.34
C ASN C 393 19.15 10.57 -8.02
N SER C 394 19.11 11.17 -6.84
CA SER C 394 17.99 12.05 -6.49
C SER C 394 18.00 13.35 -7.30
N ALA C 395 19.18 13.85 -7.68
CA ALA C 395 19.26 15.00 -8.58
C ALA C 395 18.88 14.66 -10.03
N ARG C 396 18.86 13.36 -10.35
CA ARG C 396 18.63 12.81 -11.70
C ARG C 396 19.64 13.34 -12.69
N LEU C 397 20.87 13.54 -12.19
CA LEU C 397 22.01 14.03 -12.96
C LEU C 397 23.25 13.14 -12.68
N SER C 398 24.21 13.19 -13.60
CA SER C 398 25.52 12.59 -13.42
C SER C 398 26.50 13.74 -13.36
N TRP C 399 27.15 13.90 -12.23
CA TRP C 399 28.20 14.90 -12.09
C TRP C 399 29.44 14.44 -12.80
N THR C 400 30.33 15.39 -13.06
CA THR C 400 31.63 15.12 -13.63
C THR C 400 32.61 14.62 -12.59
N SER C 401 33.69 14.00 -13.05
CA SER C 401 34.80 13.57 -12.19
C SER C 401 35.27 14.62 -11.21
N GLU C 402 35.48 15.80 -11.75
CA GLU C 402 36.02 16.93 -11.03
C GLU C 402 35.07 17.30 -9.87
N GLU C 403 33.76 17.30 -10.13
CA GLU C 403 32.75 17.61 -9.10
C GLU C 403 32.65 16.53 -7.98
N VAL C 404 32.57 15.26 -8.36
CA VAL C 404 32.54 14.21 -7.34
C VAL C 404 33.82 14.30 -6.48
N ASP C 405 34.96 14.50 -7.16
CA ASP C 405 36.28 14.55 -6.52
C ASP C 405 36.44 15.72 -5.57
N ALA C 406 36.05 16.90 -6.03
CA ALA C 406 36.01 18.09 -5.21
C ALA C 406 35.26 17.85 -3.89
N ARG C 407 34.10 17.20 -3.98
CA ARG C 407 33.25 16.99 -2.81
C ARG C 407 33.86 15.96 -1.89
N LEU C 408 34.39 14.89 -2.48
CA LEU C 408 35.15 13.90 -1.74
C LEU C 408 36.26 14.59 -0.92
N LYS C 409 36.99 15.52 -1.53
CA LYS C 409 38.07 16.24 -0.84
C LYS C 409 37.54 17.00 0.37
N ASP C 410 36.48 17.78 0.16
CA ASP C 410 35.88 18.54 1.26
C ASP C 410 35.39 17.61 2.37
N ILE C 411 34.83 16.46 1.98
CA ILE C 411 34.33 15.52 2.98
C ILE C 411 35.48 15.01 3.85
N MET C 412 36.56 14.56 3.22
CA MET C 412 37.72 14.05 3.98
C MET C 412 38.33 15.14 4.86
N ARG C 413 38.40 16.36 4.35
CA ARG C 413 38.95 17.49 5.12
C ARG C 413 38.13 17.74 6.39
N ASP C 414 36.81 17.79 6.24
CA ASP C 414 35.93 18.02 7.38
C ASP C 414 35.98 16.90 8.40
N CYS C 415 36.03 15.66 7.89
CA CYS C 415 36.18 14.46 8.71
C CYS C 415 37.46 14.52 9.54
N PHE C 416 38.59 14.92 8.91
CA PHE C 416 39.83 15.07 9.63
C PHE C 416 39.69 16.16 10.72
N LYS C 417 39.15 17.31 10.32
CA LYS C 417 38.99 18.44 11.25
C LYS C 417 38.13 18.13 12.47
N ASN C 418 37.07 17.38 12.22
CA ASN C 418 36.12 17.01 13.25
C ASN C 418 36.81 16.08 14.27
N GLY C 419 37.56 15.09 13.78
CA GLY C 419 38.30 14.17 14.65
C GLY C 419 39.35 14.91 15.46
N LEU C 420 40.08 15.80 14.79
CA LEU C 420 41.13 16.60 15.43
C LEU C 420 40.59 17.50 16.56
N GLU C 421 39.60 18.34 16.23
CA GLU C 421 39.01 19.31 17.17
C GLU C 421 38.21 18.65 18.31
N THR C 422 37.53 17.55 18.02
CA THR C 422 36.80 16.80 19.04
C THR C 422 37.79 16.20 20.04
N ALA C 423 38.90 15.66 19.57
CA ALA C 423 39.95 15.16 20.48
C ALA C 423 40.54 16.29 21.32
N GLN C 424 40.69 17.48 20.73
CA GLN C 424 41.22 18.65 21.46
C GLN C 424 40.27 19.10 22.57
N GLU C 425 38.98 19.03 22.29
CA GLU C 425 37.92 19.33 23.23
C GLU C 425 37.75 18.28 24.32
N TYR C 426 37.59 17.02 23.95
CA TYR C 426 37.21 15.98 24.91
C TYR C 426 38.32 15.07 25.42
N ALA C 427 39.45 15.01 24.72
CA ALA C 427 40.56 14.11 25.04
C ALA C 427 41.88 14.86 24.77
N THR C 428 41.99 16.04 25.37
CA THR C 428 43.07 16.97 25.13
C THR C 428 44.41 16.29 25.39
N PRO C 429 45.32 16.31 24.40
CA PRO C 429 46.59 15.71 24.59
C PRO C 429 47.49 16.63 25.39
N ALA C 430 48.49 16.03 26.02
CA ALA C 430 49.61 16.75 26.64
C ALA C 430 50.22 17.75 25.68
N GLU C 431 50.69 18.86 26.22
CA GLU C 431 51.42 19.87 25.46
C GLU C 431 52.40 19.18 24.51
N GLY C 432 52.30 19.51 23.23
CA GLY C 432 53.17 18.94 22.19
C GLY C 432 52.81 17.55 21.69
N VAL C 433 51.85 16.87 22.31
CA VAL C 433 51.41 15.55 21.84
C VAL C 433 50.32 15.78 20.78
N LEU C 434 50.34 14.91 19.77
CA LEU C 434 49.31 14.91 18.73
C LEU C 434 47.99 14.46 19.31
N PRO C 435 46.91 15.17 18.95
CA PRO C 435 45.57 14.72 19.33
C PRO C 435 45.29 13.34 18.77
N SER C 436 44.65 12.52 19.58
CA SER C 436 44.27 11.18 19.16
C SER C 436 43.13 11.24 18.17
N LEU C 437 43.42 10.95 16.90
CA LEU C 437 42.36 10.82 15.89
C LEU C 437 41.43 9.63 16.14
N VAL C 438 41.89 8.63 16.91
CA VAL C 438 41.07 7.46 17.25
C VAL C 438 39.95 7.86 18.22
N THR C 439 40.35 8.40 19.36
CA THR C 439 39.40 8.91 20.37
C THR C 439 38.54 10.04 19.80
N GLY C 440 39.20 11.03 19.17
CA GLY C 440 38.55 12.12 18.44
C GLY C 440 37.47 11.67 17.43
N SER C 441 37.82 10.72 16.58
CA SER C 441 36.87 10.25 15.61
C SER C 441 35.74 9.47 16.26
N ASN C 442 36.05 8.66 17.27
CA ASN C 442 35.03 7.88 17.97
C ASN C 442 34.03 8.77 18.70
N ILE C 443 34.54 9.80 19.39
CA ILE C 443 33.70 10.75 20.09
C ILE C 443 32.83 11.54 19.12
N ALA C 444 33.45 12.05 18.07
CA ALA C 444 32.76 12.88 17.10
C ALA C 444 31.60 12.11 16.42
N GLY C 445 31.88 10.89 16.02
CA GLY C 445 30.88 10.02 15.43
C GLY C 445 29.75 9.67 16.37
N PHE C 446 30.13 9.22 17.56
CA PHE C 446 29.17 8.81 18.54
C PHE C 446 28.23 9.96 18.96
N THR C 447 28.78 11.13 19.23
CA THR C 447 28.00 12.26 19.74
C THR C 447 27.05 12.83 18.69
N LYS C 448 27.50 12.86 17.44
CA LYS C 448 26.63 13.25 16.35
C LYS C 448 25.36 12.33 16.34
N VAL C 449 25.58 11.00 16.38
CA VAL C 449 24.48 10.01 16.40
C VAL C 449 23.63 10.15 17.69
N ALA C 450 24.29 10.17 18.83
CA ALA C 450 23.58 10.15 20.11
C ALA C 450 22.76 11.43 20.34
N ALA C 451 23.33 12.58 19.98
CA ALA C 451 22.60 13.85 20.04
C ALA C 451 21.41 13.88 19.07
N ALA C 452 21.59 13.36 17.85
CA ALA C 452 20.49 13.28 16.89
C ALA C 452 19.40 12.35 17.40
N MET C 453 19.79 11.22 17.99
CA MET C 453 18.85 10.30 18.62
C MET C 453 18.02 10.98 19.71
N LYS C 454 18.68 11.82 20.51
CA LYS C 454 18.01 12.51 21.59
C LYS C 454 17.01 13.54 21.05
N ASP C 455 17.42 14.32 20.07
CA ASP C 455 16.52 15.26 19.39
C ASP C 455 15.28 14.54 18.86
N GLN C 456 15.46 13.33 18.36
CA GLN C 456 14.38 12.55 17.77
C GLN C 456 13.61 11.65 18.74
N GLY C 457 13.94 11.76 20.02
CA GLY C 457 13.28 11.02 21.09
C GLY C 457 13.54 9.53 21.16
N ASP C 458 14.63 9.04 20.58
CA ASP C 458 15.02 7.60 20.69
C ASP C 458 15.50 7.23 22.09
N TRP C 459 15.98 8.24 22.81
CA TRP C 459 16.28 8.15 24.24
C TRP C 459 16.03 9.53 24.80
N TRP C 460 15.99 9.61 26.12
CA TRP C 460 15.79 10.88 26.84
C TRP C 460 16.37 10.72 28.26
N ASN D 3 30.38 -19.14 10.96
CA ASN D 3 29.53 -20.38 10.99
C ASN D 3 28.24 -20.08 11.76
N LEU D 4 27.44 -21.10 12.07
CA LEU D 4 26.11 -20.89 12.67
C LEU D 4 26.19 -20.58 14.17
N PRO D 5 25.24 -19.79 14.72
CA PRO D 5 25.21 -19.57 16.18
C PRO D 5 24.74 -20.82 16.91
N HIS D 6 25.10 -20.94 18.18
CA HIS D 6 24.63 -22.07 18.96
C HIS D 6 23.18 -21.84 19.40
N GLU D 7 22.26 -22.66 18.90
CA GLU D 7 20.84 -22.58 19.23
C GLU D 7 20.35 -23.92 19.80
N PRO D 8 20.69 -24.18 21.08
CA PRO D 8 20.52 -25.53 21.66
C PRO D 8 19.08 -26.05 21.63
N GLU D 9 18.14 -25.21 22.07
CA GLU D 9 16.71 -25.60 22.14
C GLU D 9 16.17 -25.94 20.74
N PHE D 10 16.51 -25.12 19.75
CA PHE D 10 16.10 -25.38 18.37
C PHE D 10 16.74 -26.65 17.80
N GLU D 11 18.05 -26.83 18.01
CA GLU D 11 18.78 -28.02 17.48
C GLU D 11 18.20 -29.34 18.02
N GLN D 12 17.85 -29.32 19.30
CA GLN D 12 17.14 -30.42 19.95
C GLN D 12 15.78 -30.68 19.26
N ALA D 13 14.99 -29.64 19.06
CA ALA D 13 13.70 -29.79 18.40
C ALA D 13 13.87 -30.31 16.97
N TYR D 14 14.86 -29.79 16.25
CA TYR D 14 15.20 -30.29 14.93
C TYR D 14 15.58 -31.78 14.94
N LYS D 15 16.43 -32.19 15.87
CA LYS D 15 16.92 -33.60 15.96
C LYS D 15 15.82 -34.60 16.25
N GLU D 16 14.95 -34.24 17.17
CA GLU D 16 13.80 -35.07 17.49
C GLU D 16 12.88 -35.29 16.28
N LEU D 17 12.63 -34.23 15.52
CA LEU D 17 11.89 -34.39 14.26
C LEU D 17 12.64 -35.30 13.31
N ALA D 18 13.94 -35.04 13.10
CA ALA D 18 14.71 -35.85 12.15
C ALA D 18 14.70 -37.32 12.56
N SER D 19 14.87 -37.56 13.84
CA SER D 19 14.86 -38.93 14.36
C SER D 19 13.49 -39.64 14.18
N THR D 20 12.40 -38.97 14.54
CA THR D 20 11.03 -39.50 14.28
C THR D 20 10.82 -39.85 12.81
N LEU D 21 11.28 -38.97 11.93
CA LEU D 21 11.14 -39.18 10.51
C LEU D 21 12.00 -40.36 9.99
N GLU D 22 13.18 -40.58 10.58
CA GLU D 22 14.07 -41.71 10.21
C GLU D 22 13.53 -43.07 10.64
N ASN D 23 12.86 -43.11 11.80
CA ASN D 23 12.23 -44.32 12.35
C ASN D 23 10.79 -44.51 11.85
N SER D 24 10.65 -44.52 10.52
CA SER D 24 9.36 -44.66 9.88
C SER D 24 9.73 -45.04 8.48
N THR D 25 8.75 -45.33 7.65
CA THR D 25 9.02 -45.61 6.25
C THR D 25 9.04 -44.38 5.32
N LEU D 26 8.92 -43.16 5.87
CA LEU D 26 8.80 -41.96 5.03
C LEU D 26 9.95 -41.80 4.03
N PHE D 27 11.19 -41.85 4.50
CA PHE D 27 12.34 -41.65 3.61
C PHE D 27 12.69 -42.85 2.75
N GLN D 28 12.08 -44.01 3.00
CA GLN D 28 12.16 -45.14 2.07
C GLN D 28 11.21 -44.94 0.89
N LYS D 29 9.96 -44.60 1.20
CA LYS D 29 8.96 -44.34 0.16
C LYS D 29 9.20 -43.01 -0.57
N ASN D 30 9.75 -42.01 0.14
CA ASN D 30 9.88 -40.64 -0.38
C ASN D 30 11.17 -39.98 0.11
N PRO D 31 12.33 -40.49 -0.33
CA PRO D 31 13.66 -39.99 0.13
C PRO D 31 13.95 -38.52 -0.19
N GLU D 32 13.30 -38.02 -1.24
CA GLU D 32 13.33 -36.62 -1.61
C GLU D 32 12.84 -35.66 -0.47
N TYR D 33 12.05 -36.17 0.48
CA TYR D 33 11.53 -35.36 1.60
C TYR D 33 12.62 -34.96 2.60
N ARG D 34 13.78 -35.59 2.51
CA ARG D 34 14.97 -35.09 3.15
C ARG D 34 15.33 -33.66 2.74
N LYS D 35 15.11 -33.34 1.47
CA LYS D 35 15.28 -31.96 1.00
C LYS D 35 14.26 -31.04 1.66
N ALA D 36 13.01 -31.53 1.80
CA ALA D 36 11.99 -30.77 2.52
C ALA D 36 12.42 -30.47 3.96
N LEU D 37 12.97 -31.48 4.64
CA LEU D 37 13.42 -31.29 6.02
C LEU D 37 14.49 -30.17 6.15
N ALA D 38 15.44 -30.17 5.21
CA ALA D 38 16.50 -29.16 5.17
C ALA D 38 15.99 -27.77 4.86
N VAL D 39 15.02 -27.66 3.95
CA VAL D 39 14.46 -26.37 3.63
C VAL D 39 13.53 -25.86 4.74
N VAL D 40 12.66 -26.71 5.25
CA VAL D 40 11.66 -26.26 6.21
C VAL D 40 12.31 -25.80 7.51
N SER D 41 13.51 -26.30 7.79
CA SER D 41 14.14 -26.03 9.10
C SER D 41 14.92 -24.70 9.13
N VAL D 42 14.98 -24.00 7.99
CA VAL D 42 15.42 -22.60 7.92
C VAL D 42 14.19 -21.69 7.88
N PRO D 43 14.00 -20.82 8.91
CA PRO D 43 12.77 -20.02 8.90
C PRO D 43 12.65 -19.11 7.68
N GLU D 44 11.45 -19.03 7.10
CA GLU D 44 11.17 -18.09 6.00
C GLU D 44 11.61 -16.67 6.33
N ARG D 45 11.27 -16.20 7.55
CA ARG D 45 11.66 -14.85 7.95
C ARG D 45 11.76 -14.73 9.45
N VAL D 46 12.72 -13.95 9.90
CA VAL D 46 12.84 -13.58 11.31
C VAL D 46 13.02 -12.08 11.42
N ILE D 47 12.20 -11.41 12.25
CA ILE D 47 12.42 -10.01 12.55
C ILE D 47 12.84 -9.90 14.02
N GLN D 48 13.92 -9.16 14.26
CA GLN D 48 14.33 -8.73 15.58
C GLN D 48 14.28 -7.23 15.57
N PHE D 49 14.02 -6.63 16.72
CA PHE D 49 13.93 -5.17 16.80
C PHE D 49 14.11 -4.66 18.21
N ARG D 50 14.72 -3.49 18.34
CA ARG D 50 14.82 -2.80 19.61
C ARG D 50 13.45 -2.29 20.08
N VAL D 51 13.12 -2.52 21.35
CA VAL D 51 11.92 -1.93 21.94
C VAL D 51 12.33 -0.99 23.07
N VAL D 52 12.14 0.30 22.83
CA VAL D 52 12.34 1.35 23.82
C VAL D 52 10.98 1.77 24.39
N TRP D 53 10.87 1.73 25.72
CA TRP D 53 9.65 2.12 26.43
C TRP D 53 10.00 2.88 27.70
N GLU D 54 9.01 3.56 28.27
CA GLU D 54 9.22 4.43 29.43
C GLU D 54 8.67 3.82 30.73
N ASP D 55 9.50 3.71 31.78
CA ASP D 55 9.00 3.17 33.05
C ASP D 55 8.27 4.24 33.85
N ASP D 56 7.66 3.82 34.96
CA ASP D 56 6.89 4.75 35.82
C ASP D 56 7.69 5.88 36.49
N ALA D 57 9.01 5.74 36.61
CA ALA D 57 9.88 6.82 37.06
C ALA D 57 10.31 7.78 35.93
N GLY D 58 9.89 7.49 34.71
CA GLY D 58 10.25 8.31 33.55
C GLY D 58 11.55 7.93 32.90
N ASN D 59 12.12 6.76 33.23
CA ASN D 59 13.42 6.36 32.69
C ASN D 59 13.27 5.55 31.41
N VAL D 60 14.20 5.78 30.49
CA VAL D 60 14.33 4.98 29.28
C VAL D 60 14.66 3.54 29.65
N GLN D 61 13.95 2.59 29.04
CA GLN D 61 14.24 1.15 29.15
C GLN D 61 14.36 0.54 27.75
N VAL D 62 15.12 -0.54 27.65
CA VAL D 62 15.43 -1.18 26.39
C VAL D 62 15.24 -2.68 26.51
N ASN D 63 14.50 -3.26 25.56
CA ASN D 63 14.33 -4.71 25.44
C ASN D 63 14.34 -5.14 23.99
N ARG D 64 14.41 -6.43 23.80
CA ARG D 64 14.52 -7.05 22.47
C ARG D 64 13.20 -7.65 22.07
N GLY D 65 12.72 -7.28 20.89
CA GLY D 65 11.50 -7.83 20.31
C GLY D 65 11.88 -8.80 19.20
N PHE D 66 11.04 -9.80 19.02
CA PHE D 66 11.26 -10.89 18.06
C PHE D 66 9.97 -11.31 17.41
N ARG D 67 10.03 -11.66 16.12
CA ARG D 67 8.97 -12.45 15.50
C ARG D 67 9.61 -13.40 14.52
N VAL D 68 9.45 -14.69 14.82
CA VAL D 68 9.93 -15.75 13.94
C VAL D 68 8.76 -16.20 13.07
N GLN D 69 8.88 -15.92 11.78
CA GLN D 69 7.86 -16.28 10.82
C GLN D 69 8.39 -17.54 10.08
N PHE D 70 8.12 -18.70 10.66
CA PHE D 70 8.87 -19.92 10.29
C PHE D 70 8.41 -20.54 8.97
N ASN D 71 7.12 -20.79 8.87
CA ASN D 71 6.54 -21.39 7.68
C ASN D 71 5.11 -20.93 7.36
N SER D 72 4.84 -20.65 6.08
CA SER D 72 3.50 -20.18 5.63
C SER D 72 2.93 -20.97 4.46
N ALA D 73 3.34 -22.22 4.28
CA ALA D 73 2.86 -23.00 3.15
C ALA D 73 1.34 -23.25 3.21
N LEU D 74 0.85 -23.61 4.40
CA LEU D 74 -0.54 -23.95 4.65
C LEU D 74 -1.42 -22.79 5.09
N GLY D 75 -0.82 -21.65 5.40
CA GLY D 75 -1.60 -20.53 5.91
C GLY D 75 -0.71 -19.39 6.37
N PRO D 76 -1.30 -18.26 6.71
CA PRO D 76 -0.47 -17.22 7.28
C PRO D 76 0.19 -17.70 8.55
N TYR D 77 1.30 -17.09 8.88
CA TYR D 77 2.01 -17.43 10.08
C TYR D 77 1.05 -17.26 11.26
N LYS D 78 1.11 -18.24 12.18
CA LYS D 78 0.26 -18.29 13.36
C LYS D 78 1.08 -18.84 14.55
N GLY D 79 0.89 -18.21 15.70
CA GLY D 79 1.57 -18.61 16.92
C GLY D 79 1.78 -17.47 17.88
N GLY D 80 1.99 -17.83 19.13
CA GLY D 80 1.91 -16.87 20.22
C GLY D 80 3.09 -15.96 20.40
N LEU D 81 2.91 -15.04 21.33
CA LEU D 81 3.92 -14.09 21.77
C LEU D 81 4.19 -14.35 23.25
N ARG D 82 5.47 -14.45 23.62
CA ARG D 82 5.91 -14.70 25.00
C ARG D 82 6.78 -13.54 25.53
N PHE D 83 6.36 -12.92 26.64
CA PHE D 83 7.18 -11.92 27.31
C PHE D 83 7.80 -12.54 28.57
N HIS D 84 9.09 -12.84 28.52
CA HIS D 84 9.75 -13.54 29.62
C HIS D 84 11.23 -13.29 29.50
N PRO D 85 11.96 -13.07 30.65
CA PRO D 85 13.39 -12.66 30.54
C PRO D 85 14.34 -13.68 29.90
N SER D 86 13.92 -14.94 29.85
CA SER D 86 14.61 -15.99 29.09
C SER D 86 14.45 -15.94 27.58
N VAL D 87 13.59 -15.07 27.04
CA VAL D 87 13.34 -15.06 25.59
C VAL D 87 14.60 -14.72 24.76
N ASN D 88 14.81 -15.52 23.71
CA ASN D 88 15.82 -15.27 22.69
C ASN D 88 15.42 -15.99 21.39
N LEU D 89 16.26 -15.88 20.37
CA LEU D 89 15.94 -16.38 19.04
C LEU D 89 15.87 -17.91 19.05
N SER D 90 16.84 -18.53 19.71
CA SER D 90 16.92 -19.99 19.80
C SER D 90 15.63 -20.62 20.36
N ILE D 91 15.19 -20.07 21.48
CA ILE D 91 13.96 -20.51 22.14
C ILE D 91 12.74 -20.28 21.25
N LEU D 92 12.60 -19.07 20.72
CA LEU D 92 11.47 -18.75 19.82
C LEU D 92 11.46 -19.56 18.52
N LYS D 93 12.63 -19.92 18.00
CA LYS D 93 12.74 -20.88 16.87
C LYS D 93 12.26 -22.28 17.24
N PHE D 94 12.70 -22.75 18.42
CA PHE D 94 12.21 -24.02 19.00
C PHE D 94 10.68 -24.03 19.00
N LEU D 95 10.08 -23.02 19.61
CA LEU D 95 8.63 -22.96 19.76
C LEU D 95 7.90 -22.77 18.43
N GLY D 96 8.42 -21.92 17.56
CA GLY D 96 7.83 -21.68 16.26
C GLY D 96 7.94 -22.88 15.35
N PHE D 97 9.07 -23.59 15.42
CA PHE D 97 9.26 -24.82 14.63
C PHE D 97 8.17 -25.85 14.99
N GLU D 98 8.05 -26.15 16.29
CA GLU D 98 6.98 -27.02 16.79
C GLU D 98 5.59 -26.52 16.39
N GLN D 99 5.40 -25.20 16.44
CA GLN D 99 4.09 -24.62 16.11
C GLN D 99 3.66 -24.93 14.65
N ILE D 100 4.61 -24.94 13.70
CA ILE D 100 4.29 -25.28 12.29
C ILE D 100 3.50 -26.58 12.25
N PHE D 101 4.07 -27.60 12.87
CA PHE D 101 3.61 -28.97 12.69
C PHE D 101 2.38 -29.28 13.53
N LYS D 102 2.30 -28.72 14.74
CA LYS D 102 1.05 -28.75 15.53
C LYS D 102 -0.11 -28.05 14.77
N ASN D 103 0.13 -26.84 14.29
CA ASN D 103 -0.91 -26.12 13.55
C ASN D 103 -1.37 -26.88 12.32
N ALA D 104 -0.40 -27.40 11.57
CA ALA D 104 -0.64 -28.23 10.39
C ALA D 104 -1.55 -29.42 10.70
N LEU D 105 -1.31 -30.01 11.88
CA LEU D 105 -2.05 -31.18 12.38
C LEU D 105 -3.55 -30.95 12.48
N THR D 106 -3.97 -29.71 12.71
CA THR D 106 -5.40 -29.42 12.80
C THR D 106 -6.14 -29.47 11.49
N GLY D 107 -5.44 -29.40 10.36
CA GLY D 107 -6.10 -29.28 9.05
C GLY D 107 -6.66 -27.89 8.74
N LEU D 108 -6.36 -26.91 9.60
CA LEU D 108 -6.70 -25.53 9.33
C LEU D 108 -5.58 -24.91 8.50
N ASN D 109 -5.92 -23.87 7.75
CA ASN D 109 -4.97 -23.09 6.99
C ASN D 109 -4.27 -22.06 7.86
N MET D 110 -3.31 -22.59 8.62
CA MET D 110 -2.44 -21.84 9.51
C MET D 110 -1.03 -22.32 9.29
N GLY D 111 -0.12 -21.37 9.15
CA GLY D 111 1.30 -21.63 9.12
C GLY D 111 1.85 -21.75 10.54
N GLY D 112 3.11 -21.35 10.70
CA GLY D 112 3.84 -21.56 11.95
C GLY D 112 4.78 -20.43 12.28
N GLY D 113 4.63 -19.90 13.49
CA GLY D 113 5.47 -18.82 13.96
C GLY D 113 5.44 -18.67 15.46
N LYS D 114 6.34 -17.82 15.95
CA LYS D 114 6.41 -17.45 17.36
C LYS D 114 7.25 -16.19 17.52
N GLY D 115 6.92 -15.36 18.50
CA GLY D 115 7.71 -14.17 18.78
C GLY D 115 7.58 -13.74 20.22
N GLY D 116 7.97 -12.51 20.49
CA GLY D 116 7.91 -12.00 21.83
C GLY D 116 9.09 -11.13 22.17
N SER D 117 9.44 -11.09 23.46
CA SER D 117 10.45 -10.17 23.97
C SER D 117 11.04 -10.69 25.25
N ASP D 118 12.20 -10.13 25.62
CA ASP D 118 12.85 -10.48 26.88
C ASP D 118 12.33 -9.58 28.03
N PHE D 119 11.46 -8.63 27.71
CA PHE D 119 10.63 -7.91 28.67
C PHE D 119 10.10 -8.86 29.74
N ASP D 120 10.31 -8.51 30.99
CA ASP D 120 9.81 -9.27 32.14
C ASP D 120 8.65 -8.50 32.74
N PRO D 121 7.41 -9.03 32.62
CA PRO D 121 6.28 -8.33 33.27
C PRO D 121 6.18 -8.49 34.81
N LYS D 122 6.99 -9.35 35.43
CA LYS D 122 7.06 -9.51 36.89
C LYS D 122 7.36 -8.16 37.52
N GLY D 123 6.45 -7.67 38.36
CA GLY D 123 6.67 -6.42 39.08
C GLY D 123 6.51 -5.14 38.28
N LYS D 124 5.93 -5.22 37.08
CA LYS D 124 5.63 -4.05 36.27
C LYS D 124 4.23 -3.63 36.60
N SER D 125 3.95 -2.34 36.54
CA SER D 125 2.59 -1.85 36.68
C SER D 125 1.79 -2.09 35.41
N ASP D 126 0.47 -2.04 35.51
CA ASP D 126 -0.36 -2.11 34.30
C ASP D 126 0.04 -1.02 33.32
N ASN D 127 0.40 0.15 33.84
CA ASN D 127 0.86 1.27 33.03
C ASN D 127 2.12 0.94 32.27
N GLU D 128 3.10 0.37 32.95
CA GLU D 128 4.35 -0.02 32.31
C GLU D 128 4.10 -1.06 31.21
N ILE D 129 3.25 -2.03 31.49
CA ILE D 129 2.87 -3.06 30.53
C ILE D 129 2.17 -2.46 29.30
N ARG D 130 1.31 -1.48 29.52
CA ARG D 130 0.68 -0.73 28.43
C ARG D 130 1.72 -0.09 27.51
N ARG D 131 2.62 0.72 28.09
CA ARG D 131 3.65 1.40 27.32
C ARG D 131 4.56 0.42 26.57
N PHE D 132 4.98 -0.66 27.22
CA PHE D 132 5.76 -1.66 26.54
C PHE D 132 5.03 -2.21 25.29
N CYS D 133 3.79 -2.66 25.48
CA CYS D 133 3.00 -3.18 24.37
C CYS D 133 2.86 -2.16 23.24
N VAL D 134 2.67 -0.89 23.58
CA VAL D 134 2.51 0.19 22.58
C VAL D 134 3.78 0.28 21.76
N SER D 135 4.90 0.29 22.44
CA SER D 135 6.18 0.40 21.77
C SER D 135 6.48 -0.84 20.95
N PHE D 136 6.24 -2.01 21.52
CA PHE D 136 6.45 -3.28 20.85
C PHE D 136 5.64 -3.40 19.54
N MET D 137 4.35 -3.10 19.61
CA MET D 137 3.46 -3.20 18.46
C MET D 137 3.75 -2.12 17.40
N THR D 138 4.25 -0.96 17.82
CA THR D 138 4.67 0.09 16.88
C THR D 138 5.65 -0.46 15.81
N GLU D 139 6.60 -1.28 16.19
CA GLU D 139 7.46 -1.93 15.22
C GLU D 139 6.84 -3.17 14.59
N LEU D 140 6.22 -4.02 15.39
CA LEU D 140 5.70 -5.30 14.91
C LEU D 140 4.62 -5.16 13.81
N CYS D 141 3.82 -4.09 13.89
CA CYS D 141 2.68 -3.85 13.00
CA CYS D 141 2.67 -4.02 13.01
C CYS D 141 3.03 -4.01 11.51
N LYS D 142 4.23 -3.56 11.16
CA LYS D 142 4.78 -3.65 9.79
C LYS D 142 4.80 -5.05 9.19
N HIS D 143 5.03 -6.03 10.06
CA HIS D 143 5.37 -7.38 9.66
C HIS D 143 4.24 -8.36 9.74
N ILE D 144 3.12 -7.94 10.32
CA ILE D 144 2.00 -8.83 10.60
C ILE D 144 0.73 -8.32 9.94
N GLY D 145 -0.33 -9.08 10.07
CA GLY D 145 -1.62 -8.67 9.49
C GLY D 145 -2.49 -9.88 9.35
N ALA D 146 -3.79 -9.66 9.27
CA ALA D 146 -4.78 -10.72 9.10
C ALA D 146 -4.47 -11.67 7.94
N ASP D 147 -3.86 -11.22 6.86
CA ASP D 147 -3.52 -12.13 5.73
C ASP D 147 -2.05 -12.61 5.70
N THR D 148 -1.29 -12.29 6.76
CA THR D 148 0.16 -12.44 6.76
C THR D 148 0.64 -13.20 8.00
N ASP D 149 0.28 -12.69 9.16
CA ASP D 149 0.76 -13.23 10.43
C ASP D 149 -0.18 -12.84 11.55
N VAL D 150 -0.73 -13.87 12.21
CA VAL D 150 -1.72 -13.67 13.28
C VAL D 150 -1.17 -14.18 14.62
N PRO D 151 -0.58 -13.27 15.44
CA PRO D 151 -0.12 -13.76 16.74
C PRO D 151 -1.24 -13.96 17.75
N ALA D 152 -0.84 -14.37 18.95
CA ALA D 152 -1.71 -14.69 20.05
C ALA D 152 -0.92 -14.55 21.33
N GLY D 153 -1.53 -14.95 22.44
CA GLY D 153 -0.84 -14.98 23.73
C GLY D 153 0.05 -16.20 23.98
N ASP D 154 0.59 -16.22 25.19
CA ASP D 154 1.52 -17.24 25.71
C ASP D 154 1.97 -16.72 27.10
N ILE D 155 3.00 -17.32 27.69
CA ILE D 155 3.56 -16.85 28.95
C ILE D 155 3.94 -15.37 28.82
N GLY D 156 3.45 -14.58 29.77
CA GLY D 156 3.68 -13.13 29.78
C GLY D 156 2.71 -12.33 28.93
N VAL D 157 1.88 -12.99 28.12
CA VAL D 157 0.96 -12.30 27.20
C VAL D 157 -0.40 -12.95 27.32
N THR D 158 -1.27 -12.34 28.13
CA THR D 158 -2.68 -12.78 28.28
C THR D 158 -3.62 -11.73 27.70
N GLY D 159 -4.92 -11.88 27.96
CA GLY D 159 -5.92 -10.88 27.61
C GLY D 159 -5.50 -9.43 27.69
N ARG D 160 -4.93 -9.03 28.82
CA ARG D 160 -4.56 -7.63 29.01
C ARG D 160 -3.58 -7.14 27.93
N GLU D 161 -2.57 -7.96 27.67
CA GLU D 161 -1.52 -7.60 26.71
C GLU D 161 -2.08 -7.66 25.31
N VAL D 162 -2.90 -8.67 25.03
CA VAL D 162 -3.51 -8.78 23.70
C VAL D 162 -4.32 -7.54 23.38
N GLY D 163 -5.09 -7.07 24.38
CA GLY D 163 -5.85 -5.81 24.24
C GLY D 163 -4.96 -4.61 23.92
N PHE D 164 -3.92 -4.41 24.70
CA PHE D 164 -3.00 -3.29 24.46
C PHE D 164 -2.36 -3.39 23.06
N LEU D 165 -1.97 -4.61 22.66
CA LEU D 165 -1.32 -4.84 21.38
C LEU D 165 -2.30 -4.56 20.23
N PHE D 166 -3.54 -4.99 20.40
CA PHE D 166 -4.57 -4.79 19.39
C PHE D 166 -4.96 -3.33 19.27
N GLY D 167 -5.09 -2.64 20.41
CA GLY D 167 -5.39 -1.21 20.37
C GLY D 167 -4.38 -0.45 19.56
N GLN D 168 -3.10 -0.70 19.82
CA GLN D 168 -2.06 0.02 19.12
C GLN D 168 -2.00 -0.30 17.64
N TYR D 169 -2.23 -1.56 17.27
CA TYR D 169 -2.30 -1.97 15.85
C TYR D 169 -3.42 -1.23 15.11
N ARG D 170 -4.62 -1.27 15.69
CA ARG D 170 -5.76 -0.53 15.18
C ARG D 170 -5.44 0.94 14.91
N LYS D 171 -4.85 1.60 15.91
CA LYS D 171 -4.44 3.01 15.81
C LYS D 171 -3.49 3.32 14.63
N ILE D 172 -2.36 2.62 14.56
CA ILE D 172 -1.35 2.83 13.54
C ILE D 172 -1.88 2.41 12.16
N ARG D 173 -2.43 1.20 12.06
CA ARG D 173 -2.79 0.62 10.78
C ARG D 173 -4.12 1.16 10.29
N ASN D 174 -4.94 1.69 11.19
CA ASN D 174 -6.29 2.18 10.86
C ASN D 174 -7.11 1.10 10.10
N GLN D 175 -7.06 -0.11 10.62
CA GLN D 175 -7.87 -1.22 10.14
C GLN D 175 -8.35 -1.98 11.37
N TRP D 176 -9.58 -2.51 11.29
CA TRP D 176 -10.11 -3.41 12.31
C TRP D 176 -10.19 -4.82 11.69
N GLU D 177 -9.32 -5.72 12.12
CA GLU D 177 -9.25 -7.06 11.54
C GLU D 177 -8.70 -8.07 12.54
N GLY D 178 -8.78 -9.34 12.17
CA GLY D 178 -8.30 -10.42 13.02
C GLY D 178 -6.79 -10.63 12.93
N VAL D 179 -6.06 -9.68 13.48
CA VAL D 179 -4.59 -9.66 13.46
C VAL D 179 -4.01 -10.40 14.69
N LEU D 180 -4.83 -10.54 15.73
CA LEU D 180 -4.50 -11.32 16.92
C LEU D 180 -5.71 -12.20 17.29
N THR D 181 -5.42 -13.32 17.94
CA THR D 181 -6.43 -14.19 18.51
C THR D 181 -6.26 -14.11 20.04
N GLY D 182 -7.27 -14.61 20.75
CA GLY D 182 -7.39 -14.45 22.20
C GLY D 182 -7.97 -13.11 22.61
N LYS D 183 -8.77 -12.50 21.74
CA LYS D 183 -9.31 -11.16 21.97
C LYS D 183 -10.54 -11.19 22.86
N GLY D 184 -10.91 -10.04 23.37
CA GLY D 184 -12.05 -9.92 24.26
C GLY D 184 -13.35 -10.19 23.52
N GLY D 185 -14.33 -10.73 24.25
CA GLY D 185 -15.60 -11.12 23.68
C GLY D 185 -16.31 -10.06 22.86
N SER D 186 -16.23 -8.81 23.28
CA SER D 186 -16.94 -7.74 22.61
C SER D 186 -16.17 -7.17 21.40
N TRP D 187 -14.85 -7.37 21.34
CA TRP D 187 -14.04 -6.83 20.24
C TRP D 187 -13.32 -7.91 19.44
N GLY D 188 -14.09 -8.92 19.02
CA GLY D 188 -13.63 -9.99 18.12
C GLY D 188 -13.25 -11.35 18.72
N GLY D 189 -13.35 -11.52 20.03
CA GLY D 189 -13.05 -12.81 20.67
C GLY D 189 -14.10 -13.85 20.32
N SER D 190 -13.79 -15.13 20.42
CA SER D 190 -14.78 -16.19 20.16
C SER D 190 -15.36 -16.77 21.44
N LEU D 191 -16.66 -17.10 21.40
CA LEU D 191 -17.28 -17.99 22.37
C LEU D 191 -16.59 -19.37 22.25
N ILE D 192 -16.68 -20.15 23.34
CA ILE D 192 -16.01 -21.48 23.46
C ILE D 192 -14.48 -21.37 23.72
N ARG D 193 -13.96 -20.15 23.83
CA ARG D 193 -12.54 -19.94 24.08
C ARG D 193 -12.06 -20.48 25.43
N PRO D 194 -12.74 -20.12 26.52
CA PRO D 194 -12.30 -20.76 27.78
C PRO D 194 -12.48 -22.31 27.75
N GLU D 195 -13.56 -22.77 27.14
CA GLU D 195 -13.85 -24.18 27.02
C GLU D 195 -12.94 -25.00 26.07
N ALA D 196 -12.18 -24.34 25.21
CA ALA D 196 -11.73 -24.97 23.99
C ALA D 196 -10.83 -26.17 24.21
N THR D 197 -9.89 -26.03 25.14
CA THR D 197 -8.89 -27.09 25.35
C THR D 197 -9.56 -28.30 25.95
N GLY D 198 -10.29 -28.10 27.04
CA GLY D 198 -11.04 -29.17 27.69
C GLY D 198 -12.00 -29.92 26.78
N TYR D 199 -12.86 -29.18 26.08
CA TYR D 199 -13.83 -29.74 25.14
C TYR D 199 -13.12 -30.45 24.00
N GLY D 200 -12.10 -29.78 23.49
CA GLY D 200 -11.25 -30.34 22.47
C GLY D 200 -10.67 -31.70 22.79
N VAL D 201 -10.18 -31.89 24.03
CA VAL D 201 -9.64 -33.21 24.47
C VAL D 201 -10.74 -34.26 24.39
N VAL D 202 -11.94 -33.92 24.86
CA VAL D 202 -13.04 -34.87 24.90
C VAL D 202 -13.50 -35.25 23.49
N TYR D 203 -13.59 -34.27 22.59
CA TYR D 203 -13.99 -34.59 21.22
C TYR D 203 -12.97 -35.50 20.55
N TYR D 204 -11.69 -35.20 20.75
CA TYR D 204 -10.64 -36.04 20.19
C TYR D 204 -10.80 -37.49 20.68
N VAL D 205 -11.05 -37.69 21.97
CA VAL D 205 -11.26 -39.03 22.52
C VAL D 205 -12.52 -39.65 21.91
N GLU D 206 -13.60 -38.89 21.79
CA GLU D 206 -14.81 -39.40 21.09
C GLU D 206 -14.49 -40.04 19.72
N HIS D 207 -13.63 -39.39 18.95
CA HIS D 207 -13.23 -39.90 17.64
C HIS D 207 -12.37 -41.17 17.76
N MET D 208 -11.50 -41.21 18.78
CA MET D 208 -10.73 -42.43 19.08
C MET D 208 -11.67 -43.58 19.43
N ILE D 209 -12.64 -43.31 20.30
CA ILE D 209 -13.62 -44.34 20.72
C ILE D 209 -14.37 -44.90 19.51
N ALA D 210 -14.83 -44.01 18.63
CA ALA D 210 -15.62 -44.37 17.44
C ALA D 210 -14.83 -45.27 16.51
N HIS D 211 -13.56 -44.93 16.29
CA HIS D 211 -12.72 -45.74 15.42
C HIS D 211 -12.43 -47.10 16.05
N ALA D 212 -12.03 -47.12 17.32
CA ALA D 212 -11.63 -48.36 18.00
C ALA D 212 -12.75 -49.39 18.10
N THR D 213 -13.99 -48.91 18.13
CA THR D 213 -15.16 -49.74 18.38
C THR D 213 -16.10 -49.87 17.20
N ASN D 214 -15.68 -49.47 15.99
CA ASN D 214 -16.57 -49.46 14.81
C ASN D 214 -17.78 -48.57 14.87
N GLY D 215 -17.71 -47.52 15.69
CA GLY D 215 -18.84 -46.65 15.88
C GLY D 215 -19.95 -47.32 16.68
N GLN D 216 -19.58 -48.31 17.49
CA GLN D 216 -20.50 -49.01 18.40
CA GLN D 216 -20.54 -48.98 18.37
C GLN D 216 -20.56 -48.32 19.76
N GLU D 217 -19.46 -47.69 20.18
CA GLU D 217 -19.39 -47.02 21.48
C GLU D 217 -19.16 -45.50 21.39
N SER D 218 -19.39 -44.84 22.51
CA SER D 218 -19.16 -43.39 22.62
C SER D 218 -18.78 -43.12 24.09
N PHE D 219 -18.79 -41.86 24.50
CA PHE D 219 -18.63 -41.54 25.93
C PHE D 219 -19.81 -42.02 26.78
N LYS D 220 -20.93 -42.35 26.12
CA LYS D 220 -22.15 -42.84 26.80
C LYS D 220 -21.91 -44.13 27.64
N GLY D 221 -22.16 -44.03 28.95
CA GLY D 221 -21.92 -45.11 29.89
C GLY D 221 -20.48 -45.22 30.37
N LYS D 222 -19.56 -44.38 29.86
CA LYS D 222 -18.14 -44.50 30.27
C LYS D 222 -17.83 -43.76 31.56
N ARG D 223 -16.92 -44.36 32.32
CA ARG D 223 -16.32 -43.78 33.51
C ARG D 223 -14.99 -43.14 33.15
N VAL D 224 -14.82 -41.89 33.57
CA VAL D 224 -13.70 -41.08 33.14
C VAL D 224 -12.97 -40.45 34.33
N ALA D 225 -11.71 -40.83 34.51
CA ALA D 225 -10.85 -40.26 35.55
C ALA D 225 -10.14 -39.05 34.99
N ILE D 226 -10.35 -37.91 35.63
CA ILE D 226 -9.75 -36.63 35.26
C ILE D 226 -8.89 -36.16 36.42
N SER D 227 -7.71 -35.60 36.12
CA SER D 227 -6.89 -34.90 37.09
C SER D 227 -6.90 -33.41 36.84
N GLY D 228 -6.57 -32.65 37.88
CA GLY D 228 -6.62 -31.21 37.85
C GLY D 228 -8.00 -30.71 38.19
N SER D 229 -8.13 -29.43 38.44
CA SER D 229 -9.42 -28.79 38.67
C SER D 229 -9.47 -27.33 38.22
N GLY D 230 -8.63 -26.97 37.24
CA GLY D 230 -8.64 -25.64 36.60
C GLY D 230 -9.56 -25.62 35.39
N ASN D 231 -9.33 -24.70 34.45
CA ASN D 231 -10.26 -24.56 33.31
C ASN D 231 -10.34 -25.85 32.46
N VAL D 232 -9.21 -26.49 32.17
CA VAL D 232 -9.21 -27.67 31.31
C VAL D 232 -9.98 -28.88 31.94
N ALA D 233 -9.72 -29.17 33.21
CA ALA D 233 -10.42 -30.28 33.87
C ALA D 233 -11.90 -29.98 33.95
N GLN D 234 -12.24 -28.75 34.35
CA GLN D 234 -13.64 -28.35 34.46
C GLN D 234 -14.40 -28.55 33.16
N TYR D 235 -13.86 -28.04 32.06
CA TYR D 235 -14.61 -28.06 30.83
C TYR D 235 -14.56 -29.45 30.21
N ALA D 236 -13.44 -30.16 30.32
CA ALA D 236 -13.38 -31.55 29.90
C ALA D 236 -14.47 -32.36 30.61
N ALA D 237 -14.58 -32.16 31.92
CA ALA D 237 -15.61 -32.79 32.75
C ALA D 237 -17.02 -32.51 32.28
N LEU D 238 -17.30 -31.24 32.02
CA LEU D 238 -18.64 -30.81 31.60
C LEU D 238 -19.02 -31.41 30.26
N LYS D 239 -18.07 -31.46 29.32
CA LYS D 239 -18.31 -32.12 28.05
C LYS D 239 -18.63 -33.61 28.22
N VAL D 240 -17.81 -34.30 29.01
CA VAL D 240 -18.05 -35.73 29.27
C VAL D 240 -19.48 -35.95 29.77
N ILE D 241 -19.91 -35.11 30.71
CA ILE D 241 -21.26 -35.24 31.30
C ILE D 241 -22.33 -34.97 30.19
N GLU D 242 -22.12 -33.92 29.40
CA GLU D 242 -23.02 -33.63 28.30
C GLU D 242 -23.17 -34.86 27.35
N LEU D 243 -22.11 -35.63 27.12
CA LEU D 243 -22.17 -36.78 26.21
C LEU D 243 -22.65 -38.10 26.86
N GLY D 244 -23.05 -38.05 28.12
CA GLY D 244 -23.57 -39.20 28.85
C GLY D 244 -22.52 -40.00 29.59
N GLY D 245 -21.35 -39.38 29.86
CA GLY D 245 -20.26 -40.05 30.55
C GLY D 245 -20.31 -39.72 32.02
N SER D 246 -19.62 -40.52 32.84
CA SER D 246 -19.45 -40.25 34.23
C SER D 246 -18.04 -39.76 34.51
N VAL D 247 -17.92 -38.62 35.18
CA VAL D 247 -16.64 -38.12 35.63
C VAL D 247 -16.48 -38.61 37.05
N VAL D 248 -15.44 -39.40 37.32
CA VAL D 248 -15.29 -40.07 38.62
C VAL D 248 -14.17 -39.51 39.52
N SER D 249 -13.46 -38.48 39.06
CA SER D 249 -12.44 -37.83 39.82
C SER D 249 -12.12 -36.44 39.27
N LEU D 250 -11.53 -35.65 40.16
CA LEU D 250 -10.84 -34.41 39.85
C LEU D 250 -9.79 -34.33 40.96
N SER D 251 -8.81 -33.44 40.80
CA SER D 251 -7.71 -33.33 41.76
C SER D 251 -7.04 -31.95 41.72
N ASP D 252 -6.17 -31.70 42.69
CA ASP D 252 -5.25 -30.55 42.68
C ASP D 252 -3.91 -31.02 43.21
N SER D 253 -2.96 -30.10 43.37
CA SER D 253 -1.60 -30.46 43.79
C SER D 253 -1.54 -31.20 45.15
N GLN D 254 -2.54 -31.02 46.01
CA GLN D 254 -2.54 -31.59 47.35
C GLN D 254 -3.31 -32.88 47.49
N GLY D 255 -4.34 -33.08 46.66
CA GLY D 255 -5.08 -34.33 46.68
C GLY D 255 -6.10 -34.52 45.58
N SER D 256 -6.80 -35.65 45.67
CA SER D 256 -7.85 -36.05 44.72
C SER D 256 -9.23 -36.11 45.38
N LEU D 257 -10.25 -35.66 44.65
CA LEU D 257 -11.64 -35.78 45.07
C LEU D 257 -12.29 -36.72 44.07
N ILE D 258 -12.72 -37.87 44.56
CA ILE D 258 -13.20 -38.93 43.70
C ILE D 258 -14.61 -39.32 44.09
N ILE D 259 -15.27 -39.98 43.15
CA ILE D 259 -16.60 -40.47 43.35
C ILE D 259 -16.52 -41.84 44.04
N ASN D 260 -17.40 -42.02 45.00
CA ASN D 260 -17.46 -43.20 45.79
C ASN D 260 -18.48 -44.14 45.12
N GLY D 261 -18.01 -45.29 44.63
CA GLY D 261 -18.86 -46.24 43.88
C GLY D 261 -19.14 -45.70 42.50
N GLU D 262 -20.23 -46.15 41.87
CA GLU D 262 -20.66 -45.60 40.59
C GLU D 262 -21.40 -44.31 40.85
N GLY D 263 -21.47 -43.46 39.84
CA GLY D 263 -21.93 -42.08 40.01
C GLY D 263 -21.04 -41.13 39.22
N SER D 264 -21.32 -39.84 39.35
CA SER D 264 -20.59 -38.84 38.61
C SER D 264 -20.70 -37.49 39.26
N PHE D 265 -19.67 -36.65 39.08
CA PHE D 265 -19.80 -35.25 39.33
C PHE D 265 -20.91 -34.72 38.44
N THR D 266 -21.58 -33.68 38.92
CA THR D 266 -22.63 -32.95 38.17
C THR D 266 -22.15 -31.56 37.76
N PRO D 267 -22.83 -30.93 36.79
CA PRO D 267 -22.44 -29.57 36.38
C PRO D 267 -22.47 -28.53 37.52
N GLU D 268 -23.42 -28.69 38.44
CA GLU D 268 -23.58 -27.79 39.59
C GLU D 268 -22.39 -27.98 40.52
N GLU D 269 -21.99 -29.23 40.74
CA GLU D 269 -20.77 -29.54 41.51
C GLU D 269 -19.50 -29.01 40.85
N ILE D 270 -19.39 -29.16 39.53
CA ILE D 270 -18.26 -28.57 38.79
C ILE D 270 -18.23 -27.04 38.97
N GLU D 271 -19.40 -26.41 38.90
CA GLU D 271 -19.50 -24.97 39.13
C GLU D 271 -19.00 -24.61 40.54
N LEU D 272 -19.46 -25.30 41.59
CA LEU D 272 -18.94 -25.09 42.96
C LEU D 272 -17.41 -25.20 43.05
N ILE D 273 -16.85 -26.24 42.43
CA ILE D 273 -15.39 -26.42 42.42
C ILE D 273 -14.68 -25.26 41.69
N ALA D 274 -15.33 -24.74 40.64
CA ALA D 274 -14.83 -23.54 39.91
C ALA D 274 -14.79 -22.28 40.76
N GLN D 275 -15.82 -22.05 41.58
CA GLN D 275 -15.86 -20.90 42.50
C GLN D 275 -14.78 -20.99 43.56
N THR D 276 -14.59 -22.20 44.09
CA THR D 276 -13.56 -22.44 45.12
C THR D 276 -12.18 -22.21 44.52
N LYS D 277 -12.00 -22.60 43.26
CA LYS D 277 -10.73 -22.42 42.57
C LYS D 277 -10.46 -20.94 42.27
N VAL D 278 -11.52 -20.18 42.00
CA VAL D 278 -11.45 -18.70 41.86
C VAL D 278 -11.06 -17.99 43.17
N GLU D 279 -11.66 -18.41 44.28
CA GLU D 279 -11.26 -17.99 45.63
C GLU D 279 -9.90 -18.56 46.09
N ARG D 280 -9.26 -19.38 45.27
CA ARG D 280 -7.90 -19.93 45.52
C ARG D 280 -7.86 -20.89 46.72
N LYS D 281 -8.94 -21.64 46.87
CA LYS D 281 -9.05 -22.66 47.91
C LYS D 281 -8.76 -24.04 47.31
N GLN D 282 -8.07 -24.87 48.08
CA GLN D 282 -7.77 -26.25 47.67
C GLN D 282 -8.95 -27.16 48.00
N LEU D 283 -9.02 -28.31 47.33
CA LEU D 283 -10.15 -29.27 47.46
C LEU D 283 -10.34 -29.83 48.86
N ALA D 284 -9.23 -29.99 49.60
CA ALA D 284 -9.28 -30.45 51.01
C ALA D 284 -10.23 -29.63 51.87
N SER D 285 -10.35 -28.33 51.58
CA SER D 285 -11.15 -27.42 52.42
C SER D 285 -12.63 -27.21 52.01
N ILE D 286 -13.09 -27.87 50.93
CA ILE D 286 -14.53 -27.84 50.50
C ILE D 286 -15.32 -29.11 50.88
N VAL D 287 -14.67 -30.01 51.58
CA VAL D 287 -15.20 -31.31 51.91
C VAL D 287 -15.86 -31.29 53.30
N GLY D 288 -15.69 -30.20 54.04
CA GLY D 288 -16.39 -29.98 55.30
C GLY D 288 -17.82 -29.43 55.20
N ALA D 289 -18.33 -29.23 53.98
CA ALA D 289 -19.71 -28.78 53.78
C ALA D 289 -20.36 -29.51 52.62
N ALA D 290 -21.68 -29.35 52.53
CA ALA D 290 -22.47 -29.87 51.42
C ALA D 290 -22.11 -29.14 50.12
N PRO D 291 -22.23 -29.79 48.98
CA PRO D 291 -22.59 -31.17 48.82
C PRO D 291 -21.44 -32.17 49.06
N PHE D 292 -20.20 -31.69 49.09
CA PHE D 292 -19.02 -32.57 49.11
C PHE D 292 -18.73 -33.30 50.42
N SER D 293 -19.39 -32.90 51.52
CA SER D 293 -19.33 -33.60 52.81
C SER D 293 -20.09 -34.90 52.83
N ASP D 294 -20.96 -35.13 51.84
CA ASP D 294 -21.69 -36.38 51.72
C ASP D 294 -20.70 -37.50 51.41
N ALA D 295 -20.31 -38.25 52.43
CA ALA D 295 -19.31 -39.29 52.27
C ALA D 295 -19.81 -40.52 51.52
N ASN D 296 -21.12 -40.62 51.26
CA ASN D 296 -21.63 -41.70 50.38
C ASN D 296 -21.26 -41.46 48.93
N LYS D 297 -21.23 -40.20 48.52
CA LYS D 297 -20.85 -39.84 47.14
C LYS D 297 -19.37 -39.54 46.97
N PHE D 298 -18.78 -38.78 47.91
CA PHE D 298 -17.43 -38.21 47.73
C PHE D 298 -16.42 -38.71 48.74
N LYS D 299 -15.20 -38.91 48.26
CA LYS D 299 -14.08 -39.36 49.05
C LYS D 299 -12.88 -38.48 48.70
N TYR D 300 -12.33 -37.79 49.71
CA TYR D 300 -11.11 -36.99 49.49
C TYR D 300 -9.91 -37.83 49.86
N ILE D 301 -8.91 -37.91 48.99
CA ILE D 301 -7.73 -38.71 49.29
C ILE D 301 -6.53 -37.80 49.34
N ALA D 302 -6.02 -37.57 50.55
CA ALA D 302 -4.96 -36.59 50.77
C ALA D 302 -3.70 -37.08 50.14
N GLY D 303 -3.04 -36.20 49.40
CA GLY D 303 -1.72 -36.49 48.83
C GLY D 303 -1.66 -37.41 47.62
N ALA D 304 -2.81 -37.80 47.08
CA ALA D 304 -2.85 -38.79 46.00
C ALA D 304 -3.26 -38.16 44.67
N ARG D 305 -2.72 -38.72 43.60
CA ARG D 305 -3.31 -38.59 42.27
C ARG D 305 -4.48 -39.59 42.19
N PRO D 306 -5.44 -39.35 41.30
CA PRO D 306 -6.66 -40.20 41.32
C PRO D 306 -6.52 -41.62 40.74
N TRP D 307 -5.44 -41.88 40.01
CA TRP D 307 -5.38 -43.02 39.07
C TRP D 307 -5.60 -44.40 39.74
N VAL D 308 -4.91 -44.65 40.86
CA VAL D 308 -5.02 -45.93 41.55
C VAL D 308 -6.25 -46.03 42.47
N HIS D 309 -6.95 -44.92 42.70
CA HIS D 309 -8.10 -44.86 43.61
C HIS D 309 -9.50 -44.86 42.98
N VAL D 310 -9.59 -44.70 41.66
CA VAL D 310 -10.89 -44.71 40.98
C VAL D 310 -11.48 -46.08 40.64
N GLY D 311 -10.74 -47.16 40.86
CA GLY D 311 -11.18 -48.51 40.42
C GLY D 311 -11.19 -48.65 38.92
N LYS D 312 -12.14 -49.43 38.41
CA LYS D 312 -12.35 -49.61 36.96
C LYS D 312 -12.75 -48.30 36.34
N VAL D 313 -12.12 -48.01 35.21
CA VAL D 313 -12.31 -46.75 34.49
C VAL D 313 -12.03 -46.99 33.01
N ASP D 314 -12.75 -46.28 32.14
CA ASP D 314 -12.64 -46.48 30.70
C ASP D 314 -11.73 -45.50 30.00
N VAL D 315 -11.69 -44.26 30.51
CA VAL D 315 -10.95 -43.17 29.92
C VAL D 315 -10.20 -42.39 31.02
N ALA D 316 -8.95 -42.02 30.73
CA ALA D 316 -8.18 -41.18 31.61
C ALA D 316 -7.76 -39.89 30.89
N LEU D 317 -7.94 -38.75 31.57
CA LEU D 317 -7.72 -37.40 31.02
C LEU D 317 -6.83 -36.58 31.98
N PRO D 318 -5.50 -36.81 31.98
CA PRO D 318 -4.60 -36.00 32.82
C PRO D 318 -4.63 -34.56 32.37
N SER D 319 -5.07 -33.66 33.24
CA SER D 319 -5.32 -32.28 32.88
C SER D 319 -4.87 -31.30 33.95
N ALA D 320 -3.80 -31.65 34.69
CA ALA D 320 -3.32 -30.80 35.78
C ALA D 320 -1.98 -30.14 35.46
N THR D 321 -0.96 -30.94 35.20
CA THR D 321 0.42 -30.46 35.09
C THR D 321 1.26 -31.46 34.30
N GLN D 322 2.57 -31.26 34.24
CA GLN D 322 3.41 -32.22 33.51
C GLN D 322 3.85 -33.40 34.37
N ASN D 323 4.11 -34.52 33.72
CA ASN D 323 4.66 -35.72 34.36
C ASN D 323 3.83 -36.24 35.54
N GLU D 324 2.51 -36.17 35.37
CA GLU D 324 1.50 -36.53 36.37
C GLU D 324 0.91 -37.95 36.20
N ILE D 325 1.38 -38.70 35.21
CA ILE D 325 1.15 -40.15 35.13
C ILE D 325 2.52 -40.84 35.05
N SER D 326 2.87 -41.57 36.11
CA SER D 326 4.11 -42.34 36.16
C SER D 326 3.98 -43.59 35.33
N GLY D 327 5.12 -44.26 35.09
CA GLY D 327 5.14 -45.62 34.55
C GLY D 327 4.19 -46.54 35.31
N GLU D 328 4.28 -46.53 36.64
CA GLU D 328 3.42 -47.37 37.51
C GLU D 328 1.92 -47.09 37.35
N GLU D 329 1.59 -45.80 37.33
CA GLU D 329 0.23 -45.36 37.16
C GLU D 329 -0.35 -45.74 35.81
N ALA D 330 0.47 -45.72 34.77
CA ALA D 330 0.08 -46.24 33.47
C ALA D 330 -0.30 -47.74 33.53
N GLN D 331 0.51 -48.52 34.22
CA GLN D 331 0.22 -49.95 34.43
C GLN D 331 -1.04 -50.16 35.27
N VAL D 332 -1.25 -49.33 36.29
CA VAL D 332 -2.47 -49.44 37.09
C VAL D 332 -3.71 -49.17 36.25
N LEU D 333 -3.63 -48.13 35.42
CA LEU D 333 -4.74 -47.80 34.53
C LEU D 333 -5.04 -48.92 33.55
N ILE D 334 -3.99 -49.50 32.95
CA ILE D 334 -4.15 -50.68 32.10
C ILE D 334 -4.90 -51.80 32.83
N ASN D 335 -4.45 -52.10 34.05
CA ASN D 335 -5.13 -53.12 34.88
C ASN D 335 -6.56 -52.77 35.31
N ALA D 336 -6.87 -51.49 35.37
CA ALA D 336 -8.22 -51.04 35.66
C ALA D 336 -9.16 -51.02 34.45
N GLY D 337 -8.69 -51.44 33.29
CA GLY D 337 -9.53 -51.52 32.11
C GLY D 337 -9.59 -50.25 31.29
N CYS D 338 -8.70 -49.30 31.56
CA CYS D 338 -8.65 -48.06 30.80
C CYS D 338 -8.22 -48.35 29.35
N LYS D 339 -9.02 -47.90 28.40
CA LYS D 339 -8.74 -48.07 26.98
C LYS D 339 -8.37 -46.79 26.25
N PHE D 340 -8.59 -45.63 26.88
CA PHE D 340 -8.33 -44.32 26.22
C PHE D 340 -7.71 -43.36 27.19
N ILE D 341 -6.56 -42.83 26.78
CA ILE D 341 -5.82 -41.90 27.60
C ILE D 341 -5.38 -40.77 26.66
N ALA D 342 -5.63 -39.54 27.07
CA ALA D 342 -5.23 -38.36 26.29
C ALA D 342 -4.88 -37.19 27.19
N GLU D 343 -3.86 -36.44 26.77
CA GLU D 343 -3.27 -35.39 27.59
C GLU D 343 -4.02 -34.09 27.44
N GLY D 344 -4.77 -33.71 28.48
CA GLY D 344 -5.27 -32.35 28.61
C GLY D 344 -4.10 -31.41 28.91
N SER D 345 -3.34 -31.77 29.93
CA SER D 345 -2.17 -31.00 30.35
C SER D 345 -1.00 -31.26 29.40
N ASN D 346 -0.22 -30.21 29.16
CA ASN D 346 0.97 -30.27 28.34
C ASN D 346 1.98 -31.23 28.96
N MET D 347 2.42 -32.20 28.18
CA MET D 347 3.37 -33.25 28.61
C MET D 347 2.97 -33.99 29.91
N GLY D 348 1.67 -34.20 30.08
CA GLY D 348 1.15 -34.83 31.32
C GLY D 348 1.64 -36.25 31.65
N CYS D 349 1.82 -37.06 30.61
CA CYS D 349 2.38 -38.41 30.73
C CYS D 349 3.89 -38.36 30.66
N THR D 350 4.52 -39.05 31.61
CA THR D 350 5.94 -39.27 31.57
C THR D 350 6.26 -40.17 30.36
N GLN D 351 7.52 -40.17 29.96
CA GLN D 351 7.97 -41.05 28.90
C GLN D 351 7.77 -42.54 29.23
N GLU D 352 7.95 -42.91 30.50
CA GLU D 352 7.74 -44.28 30.96
C GLU D 352 6.28 -44.70 30.67
N ALA D 353 5.36 -43.79 30.99
CA ALA D 353 3.94 -44.01 30.81
C ALA D 353 3.62 -44.14 29.33
N ILE D 354 4.17 -43.23 28.51
CA ILE D 354 3.90 -43.23 27.06
C ILE D 354 4.40 -44.55 26.49
N ASP D 355 5.64 -44.87 26.82
CA ASP D 355 6.26 -46.16 26.46
C ASP D 355 5.41 -47.38 26.83
N THR D 356 4.89 -47.37 28.04
CA THR D 356 4.02 -48.44 28.54
C THR D 356 2.71 -48.58 27.72
N PHE D 357 2.07 -47.46 27.43
CA PHE D 357 0.83 -47.44 26.62
C PHE D 357 1.09 -47.91 25.20
N GLU D 358 2.22 -47.48 24.63
CA GLU D 358 2.59 -47.92 23.26
C GLU D 358 2.93 -49.43 23.14
N ALA D 359 3.64 -49.96 24.13
CA ALA D 359 3.92 -51.38 24.17
C ALA D 359 2.63 -52.17 24.33
N HIS D 360 1.73 -51.70 25.18
CA HIS D 360 0.43 -52.35 25.35
C HIS D 360 -0.39 -52.38 24.05
N ARG D 361 -0.47 -51.22 23.39
CA ARG D 361 -1.13 -51.15 22.09
C ARG D 361 -0.53 -52.19 21.13
N THR D 362 0.80 -52.21 21.06
CA THR D 362 1.48 -53.12 20.15
C THR D 362 1.13 -54.57 20.44
N ALA D 363 0.92 -54.90 21.72
CA ALA D 363 0.75 -56.27 22.15
C ALA D 363 -0.69 -56.75 22.14
N ASN D 364 -1.63 -55.88 21.79
CA ASN D 364 -3.03 -56.20 21.98
C ASN D 364 -3.89 -55.71 20.80
N ALA D 365 -4.24 -56.63 19.90
CA ALA D 365 -5.09 -56.32 18.75
C ALA D 365 -6.43 -55.63 19.09
N GLY D 366 -6.72 -54.57 18.31
CA GLY D 366 -8.00 -53.85 18.33
C GLY D 366 -8.35 -53.11 19.63
N ALA D 367 -9.61 -53.18 20.02
CA ALA D 367 -10.13 -52.56 21.24
C ALA D 367 -9.66 -53.17 22.58
N ALA D 368 -8.91 -54.28 22.54
CA ALA D 368 -8.18 -54.76 23.72
C ALA D 368 -7.09 -53.74 24.18
N ALA D 369 -6.51 -53.01 23.21
CA ALA D 369 -5.47 -52.03 23.48
C ALA D 369 -5.92 -50.82 24.30
N ILE D 370 -5.01 -50.27 25.08
CA ILE D 370 -5.11 -48.91 25.55
C ILE D 370 -4.50 -48.02 24.48
N TRP D 371 -5.19 -46.90 24.21
CA TRP D 371 -4.82 -45.99 23.13
C TRP D 371 -4.50 -44.62 23.69
N TYR D 372 -3.24 -44.24 23.54
CA TYR D 372 -2.72 -42.97 24.03
C TYR D 372 -2.70 -41.93 22.92
N ALA D 373 -3.20 -40.73 23.26
CA ALA D 373 -3.18 -39.61 22.33
C ALA D 373 -2.30 -38.54 22.91
N PRO D 374 -1.30 -38.10 22.14
CA PRO D 374 -0.36 -37.10 22.62
C PRO D 374 -1.02 -35.71 22.63
N GLY D 375 -0.54 -34.86 23.53
CA GLY D 375 -1.11 -33.54 23.75
C GLY D 375 -1.08 -32.65 22.53
N LYS D 376 -0.02 -32.74 21.72
CA LYS D 376 0.04 -31.95 20.49
C LYS D 376 -1.19 -32.15 19.59
N ALA D 377 -1.79 -33.35 19.64
CA ALA D 377 -3.06 -33.62 18.95
C ALA D 377 -4.26 -33.34 19.84
N ALA D 378 -4.30 -33.94 21.02
CA ALA D 378 -5.50 -33.94 21.87
C ALA D 378 -5.80 -32.57 22.53
N ASN D 379 -4.79 -31.77 22.84
CA ASN D 379 -5.03 -30.43 23.39
C ASN D 379 -4.92 -29.30 22.36
N ALA D 380 -5.09 -29.63 21.08
CA ALA D 380 -5.05 -28.66 20.01
C ALA D 380 -6.33 -27.81 19.87
N GLY D 381 -7.26 -27.92 20.81
CA GLY D 381 -8.52 -27.20 20.75
C GLY D 381 -8.36 -25.70 20.88
N GLY D 382 -7.41 -25.28 21.72
CA GLY D 382 -7.06 -23.87 21.83
C GLY D 382 -6.71 -23.29 20.47
N VAL D 383 -5.89 -24.02 19.73
CA VAL D 383 -5.50 -23.63 18.40
C VAL D 383 -6.71 -23.67 17.46
N ALA D 384 -7.54 -24.70 17.60
CA ALA D 384 -8.74 -24.83 16.76
C ALA D 384 -9.67 -23.62 16.92
N VAL D 385 -9.99 -23.27 18.15
CA VAL D 385 -10.83 -22.08 18.39
C VAL D 385 -10.15 -20.78 17.90
N SER D 386 -8.82 -20.74 17.88
CA SER D 386 -8.10 -19.61 17.27
C SER D 386 -8.43 -19.42 15.82
N GLY D 387 -8.38 -20.50 15.05
CA GLY D 387 -8.83 -20.47 13.67
C GLY D 387 -10.26 -20.03 13.53
N LEU D 388 -11.12 -20.48 14.45
CA LEU D 388 -12.54 -20.10 14.38
C LEU D 388 -12.72 -18.64 14.71
N GLU D 389 -11.85 -18.11 15.57
CA GLU D 389 -11.86 -16.70 15.89
C GLU D 389 -11.49 -15.93 14.63
N MET D 390 -10.47 -16.40 13.91
CA MET D 390 -10.09 -15.75 12.65
C MET D 390 -11.27 -15.76 11.64
N ALA D 391 -11.91 -16.93 11.47
CA ALA D 391 -13.05 -17.10 10.57
C ALA D 391 -14.20 -16.15 10.88
N GLN D 392 -14.51 -16.02 12.17
CA GLN D 392 -15.55 -15.12 12.61
C GLN D 392 -15.19 -13.62 12.38
N ASN D 393 -13.91 -13.27 12.55
CA ASN D 393 -13.44 -11.89 12.30
C ASN D 393 -13.55 -11.47 10.85
N SER D 394 -13.28 -12.37 9.90
CA SER D 394 -13.54 -12.11 8.48
C SER D 394 -14.95 -11.53 8.23
N ALA D 395 -15.96 -12.11 8.86
CA ALA D 395 -17.34 -11.71 8.67
C ALA D 395 -17.89 -10.66 9.68
N ARG D 396 -17.05 -10.23 10.63
CA ARG D 396 -17.37 -9.21 11.69
C ARG D 396 -18.64 -9.57 12.48
N LEU D 397 -18.61 -10.83 12.87
CA LEU D 397 -19.78 -11.63 13.18
C LEU D 397 -19.37 -12.68 14.19
N SER D 398 -20.12 -12.81 15.27
CA SER D 398 -19.90 -13.91 16.21
C SER D 398 -20.82 -15.09 15.88
N TRP D 399 -20.25 -16.29 15.85
CA TRP D 399 -21.08 -17.51 15.81
C TRP D 399 -21.69 -17.81 17.17
N THR D 400 -22.71 -18.66 17.20
CA THR D 400 -23.33 -19.08 18.46
C THR D 400 -22.41 -20.05 19.18
N SER D 401 -22.55 -20.20 20.49
CA SER D 401 -21.80 -21.23 21.22
C SER D 401 -21.91 -22.62 20.61
N GLU D 402 -23.10 -22.96 20.14
CA GLU D 402 -23.41 -24.26 19.56
C GLU D 402 -22.67 -24.43 18.23
N GLU D 403 -22.57 -23.34 17.45
CA GLU D 403 -21.84 -23.37 16.18
C GLU D 403 -20.34 -23.52 16.38
N VAL D 404 -19.77 -22.70 17.28
CA VAL D 404 -18.34 -22.77 17.51
C VAL D 404 -18.01 -24.19 17.98
N ASP D 405 -18.79 -24.66 18.97
CA ASP D 405 -18.64 -25.98 19.60
C ASP D 405 -18.70 -27.12 18.58
N ALA D 406 -19.71 -27.09 17.70
CA ALA D 406 -19.85 -28.12 16.66
C ALA D 406 -18.64 -28.10 15.75
N ARG D 407 -18.16 -26.92 15.41
CA ARG D 407 -17.02 -26.80 14.53
C ARG D 407 -15.72 -27.27 15.17
N LEU D 408 -15.54 -26.97 16.46
CA LEU D 408 -14.41 -27.50 17.22
C LEU D 408 -14.38 -29.02 17.16
N LYS D 409 -15.52 -29.66 17.32
CA LYS D 409 -15.60 -31.12 17.21
C LYS D 409 -15.02 -31.67 15.90
N ASP D 410 -15.41 -31.04 14.78
CA ASP D 410 -14.92 -31.39 13.44
C ASP D 410 -13.41 -31.20 13.27
N ILE D 411 -12.89 -30.10 13.76
CA ILE D 411 -11.45 -29.84 13.70
C ILE D 411 -10.70 -30.93 14.46
N MET D 412 -11.23 -31.37 15.62
CA MET D 412 -10.57 -32.43 16.41
C MET D 412 -10.61 -33.78 15.68
N ARG D 413 -11.65 -34.01 14.89
CA ARG D 413 -11.70 -35.13 13.95
C ARG D 413 -10.63 -35.07 12.88
N ASP D 414 -10.43 -33.90 12.28
CA ASP D 414 -9.32 -33.76 11.34
C ASP D 414 -7.96 -33.97 12.00
N CYS D 415 -7.77 -33.47 13.23
CA CYS D 415 -6.55 -33.71 13.96
CA CYS D 415 -6.55 -33.73 14.01
C CYS D 415 -6.31 -35.21 14.17
N PHE D 416 -7.37 -35.91 14.60
CA PHE D 416 -7.35 -37.35 14.75
C PHE D 416 -6.97 -38.06 13.44
N LYS D 417 -7.73 -37.79 12.37
CA LYS D 417 -7.55 -38.47 11.07
C LYS D 417 -6.12 -38.30 10.52
N ASN D 418 -5.55 -37.10 10.70
CA ASN D 418 -4.18 -36.82 10.26
C ASN D 418 -3.17 -37.73 10.95
N GLY D 419 -3.31 -37.89 12.26
CA GLY D 419 -2.48 -38.83 13.03
C GLY D 419 -2.73 -40.28 12.62
N LEU D 420 -4.00 -40.66 12.54
CA LEU D 420 -4.35 -42.05 12.29
C LEU D 420 -3.79 -42.47 10.94
N GLU D 421 -4.20 -41.76 9.89
CA GLU D 421 -3.81 -42.10 8.53
C GLU D 421 -2.32 -42.05 8.30
N THR D 422 -1.62 -41.11 8.93
CA THR D 422 -0.18 -40.99 8.77
C THR D 422 0.57 -42.19 9.36
N ALA D 423 0.21 -42.56 10.60
CA ALA D 423 0.71 -43.81 11.22
C ALA D 423 0.42 -45.06 10.36
N GLN D 424 -0.80 -45.16 9.84
CA GLN D 424 -1.14 -46.24 8.88
C GLN D 424 -0.18 -46.38 7.71
N GLU D 425 0.23 -45.25 7.16
CA GLU D 425 1.08 -45.22 5.97
C GLU D 425 2.53 -45.42 6.34
N TYR D 426 3.04 -44.62 7.28
CA TYR D 426 4.49 -44.57 7.56
C TYR D 426 4.99 -45.28 8.83
N ALA D 427 4.07 -45.77 9.67
CA ALA D 427 4.43 -46.62 10.79
C ALA D 427 3.39 -47.74 10.90
N THR D 428 3.16 -48.39 9.75
CA THR D 428 2.08 -49.35 9.57
C THR D 428 2.06 -50.40 10.69
N PRO D 429 0.98 -50.47 11.47
CA PRO D 429 0.90 -51.49 12.52
C PRO D 429 0.55 -52.89 11.97
N ALA D 430 0.82 -53.93 12.75
CA ALA D 430 0.39 -55.29 12.38
C ALA D 430 -1.12 -55.33 12.23
N GLU D 431 -1.61 -56.28 11.43
CA GLU D 431 -3.05 -56.45 11.19
C GLU D 431 -3.84 -56.53 12.49
N GLY D 432 -4.86 -55.67 12.61
CA GLY D 432 -5.72 -55.61 13.79
C GLY D 432 -5.23 -54.70 14.91
N VAL D 433 -3.99 -54.24 14.83
CA VAL D 433 -3.38 -53.37 15.84
C VAL D 433 -3.73 -51.93 15.51
N LEU D 434 -4.05 -51.16 16.55
CA LEU D 434 -4.29 -49.71 16.38
C LEU D 434 -3.01 -48.97 15.92
N PRO D 435 -3.14 -48.05 14.95
CA PRO D 435 -2.00 -47.17 14.63
C PRO D 435 -1.60 -46.32 15.80
N SER D 436 -0.30 -46.05 15.89
CA SER D 436 0.21 -45.15 16.93
C SER D 436 -0.17 -43.69 16.62
N LEU D 437 -0.97 -43.09 17.51
CA LEU D 437 -1.31 -41.69 17.42
C LEU D 437 -0.12 -40.81 17.80
N VAL D 438 0.81 -41.31 18.62
CA VAL D 438 2.01 -40.53 18.95
CA VAL D 438 2.07 -40.60 18.95
C VAL D 438 2.92 -40.43 17.71
N THR D 439 3.19 -41.55 17.05
CA THR D 439 4.04 -41.54 15.87
C THR D 439 3.35 -40.77 14.74
N GLY D 440 2.08 -41.11 14.49
CA GLY D 440 1.29 -40.45 13.46
C GLY D 440 1.25 -38.93 13.60
N SER D 441 1.00 -38.44 14.81
CA SER D 441 0.91 -37.01 15.06
C SER D 441 2.24 -36.30 14.88
N ASN D 442 3.34 -36.97 15.23
CA ASN D 442 4.70 -36.41 15.11
C ASN D 442 5.22 -36.35 13.66
N ILE D 443 4.63 -37.17 12.79
CA ILE D 443 4.98 -37.21 11.36
C ILE D 443 4.02 -36.41 10.46
N ALA D 444 2.73 -36.33 10.82
CA ALA D 444 1.68 -35.89 9.91
C ALA D 444 1.79 -34.41 9.51
N GLY D 445 2.15 -33.56 10.48
CA GLY D 445 2.37 -32.15 10.24
C GLY D 445 3.48 -31.91 9.23
N PHE D 446 4.61 -32.60 9.44
CA PHE D 446 5.72 -32.47 8.53
C PHE D 446 5.35 -32.89 7.11
N THR D 447 4.69 -34.05 6.96
CA THR D 447 4.31 -34.51 5.62
C THR D 447 3.36 -33.57 4.91
N LYS D 448 2.41 -33.00 5.66
CA LYS D 448 1.46 -32.06 5.05
C LYS D 448 2.19 -30.80 4.55
N VAL D 449 3.07 -30.26 5.40
CA VAL D 449 3.83 -29.05 5.08
C VAL D 449 4.80 -29.28 3.91
N ALA D 450 5.52 -30.39 3.97
CA ALA D 450 6.49 -30.73 2.95
C ALA D 450 5.83 -30.88 1.58
N ALA D 451 4.69 -31.58 1.50
CA ALA D 451 4.01 -31.75 0.21
C ALA D 451 3.42 -30.42 -0.32
N ALA D 452 2.94 -29.57 0.60
CA ALA D 452 2.45 -28.26 0.21
C ALA D 452 3.60 -27.38 -0.26
N MET D 453 4.73 -27.46 0.44
CA MET D 453 5.94 -26.76 0.04
C MET D 453 6.36 -27.15 -1.41
N LYS D 454 6.38 -28.45 -1.68
CA LYS D 454 6.71 -28.98 -3.02
C LYS D 454 5.74 -28.50 -4.06
N ASP D 455 4.44 -28.64 -3.81
CA ASP D 455 3.40 -28.09 -4.74
C ASP D 455 3.65 -26.61 -5.03
N GLN D 456 4.08 -25.86 -4.01
CA GLN D 456 4.29 -24.42 -4.14
C GLN D 456 5.68 -24.00 -4.62
N GLY D 457 6.53 -24.95 -4.96
CA GLY D 457 7.86 -24.62 -5.46
C GLY D 457 8.88 -24.07 -4.45
N ASP D 458 8.61 -24.23 -3.15
CA ASP D 458 9.60 -23.89 -2.12
C ASP D 458 10.83 -24.81 -2.15
N TRP D 459 10.60 -26.07 -2.50
CA TRP D 459 11.64 -27.02 -2.84
C TRP D 459 11.14 -27.89 -4.01
N TRP D 460 12.07 -28.64 -4.58
CA TRP D 460 11.81 -29.50 -5.73
C TRP D 460 12.92 -30.53 -5.85
N ASN E 3 -7.66 3.15 -35.76
CA ASN E 3 -7.83 1.90 -36.56
C ASN E 3 -7.45 0.69 -35.72
N LEU E 4 -8.45 -0.13 -35.38
CA LEU E 4 -8.33 -1.23 -34.42
C LEU E 4 -7.68 -2.47 -35.03
N PRO E 5 -6.94 -3.28 -34.26
CA PRO E 5 -6.35 -4.50 -34.83
C PRO E 5 -7.39 -5.56 -35.13
N HIS E 6 -7.01 -6.51 -35.96
CA HIS E 6 -7.90 -7.59 -36.38
C HIS E 6 -7.84 -8.64 -35.29
N GLU E 7 -9.01 -8.92 -34.71
CA GLU E 7 -9.16 -9.83 -33.58
C GLU E 7 -10.34 -10.77 -33.88
N PRO E 8 -10.18 -11.69 -34.86
CA PRO E 8 -11.32 -12.45 -35.42
C PRO E 8 -12.14 -13.26 -34.40
N GLU E 9 -11.44 -13.92 -33.47
CA GLU E 9 -12.13 -14.75 -32.47
C GLU E 9 -13.00 -13.89 -31.54
N PHE E 10 -12.49 -12.73 -31.15
CA PHE E 10 -13.25 -11.80 -30.31
C PHE E 10 -14.41 -11.16 -31.07
N GLU E 11 -14.14 -10.69 -32.28
CA GLU E 11 -15.20 -10.09 -33.13
C GLU E 11 -16.36 -11.07 -33.33
N GLN E 12 -16.02 -12.32 -33.66
CA GLN E 12 -17.02 -13.40 -33.75
C GLN E 12 -17.88 -13.53 -32.48
N ALA E 13 -17.24 -13.59 -31.32
CA ALA E 13 -17.92 -13.71 -30.02
C ALA E 13 -18.80 -12.50 -29.70
N TYR E 14 -18.34 -11.29 -30.02
CA TYR E 14 -19.18 -10.09 -29.88
C TYR E 14 -20.42 -10.13 -30.77
N LYS E 15 -20.20 -10.46 -32.05
CA LYS E 15 -21.27 -10.57 -33.04
C LYS E 15 -22.33 -11.61 -32.68
N GLU E 16 -21.92 -12.73 -32.09
CA GLU E 16 -22.87 -13.73 -31.58
C GLU E 16 -23.70 -13.22 -30.42
N LEU E 17 -23.06 -12.58 -29.44
CA LEU E 17 -23.85 -11.94 -28.39
C LEU E 17 -24.83 -10.88 -28.94
N ALA E 18 -24.34 -9.98 -29.78
CA ALA E 18 -25.17 -8.88 -30.29
C ALA E 18 -26.37 -9.44 -31.08
N SER E 19 -26.10 -10.48 -31.86
CA SER E 19 -27.16 -11.23 -32.53
C SER E 19 -28.18 -11.83 -31.54
N THR E 20 -27.73 -12.58 -30.52
CA THR E 20 -28.71 -13.17 -29.60
C THR E 20 -29.51 -12.07 -28.87
N LEU E 21 -28.86 -10.97 -28.52
CA LEU E 21 -29.57 -9.81 -27.92
C LEU E 21 -30.66 -9.21 -28.85
N GLU E 22 -30.32 -9.08 -30.14
CA GLU E 22 -31.27 -8.59 -31.16
C GLU E 22 -32.50 -9.46 -31.36
N ASN E 23 -32.33 -10.78 -31.39
CA ASN E 23 -33.45 -11.73 -31.52
C ASN E 23 -34.10 -11.99 -30.16
N SER E 24 -34.66 -10.93 -29.61
CA SER E 24 -35.26 -10.93 -28.27
C SER E 24 -35.93 -9.59 -28.15
N THR E 25 -36.75 -9.41 -27.12
CA THR E 25 -37.38 -8.10 -26.90
C THR E 25 -36.53 -7.14 -26.02
N LEU E 26 -35.28 -7.50 -25.72
CA LEU E 26 -34.47 -6.68 -24.79
C LEU E 26 -34.33 -5.23 -25.23
N PHE E 27 -33.99 -5.03 -26.50
CA PHE E 27 -33.79 -3.69 -27.05
C PHE E 27 -35.08 -2.95 -27.46
N GLN E 28 -36.21 -3.64 -27.48
CA GLN E 28 -37.50 -2.97 -27.62
C GLN E 28 -37.93 -2.39 -26.31
N LYS E 29 -37.79 -3.17 -25.24
CA LYS E 29 -38.13 -2.71 -23.91
C LYS E 29 -37.06 -1.78 -23.33
N ASN E 30 -35.79 -2.01 -23.66
CA ASN E 30 -34.66 -1.30 -23.05
C ASN E 30 -33.63 -0.99 -24.12
N PRO E 31 -33.96 -0.07 -25.03
CA PRO E 31 -33.03 0.27 -26.11
C PRO E 31 -31.72 0.89 -25.62
N GLU E 32 -31.78 1.55 -24.46
CA GLU E 32 -30.59 2.13 -23.85
C GLU E 32 -29.48 1.09 -23.54
N TYR E 33 -29.85 -0.19 -23.40
CA TYR E 33 -28.85 -1.27 -23.24
C TYR E 33 -27.93 -1.52 -24.46
N ARG E 34 -28.22 -0.88 -25.59
CA ARG E 34 -27.31 -0.88 -26.72
C ARG E 34 -26.03 -0.12 -26.35
N LYS E 35 -26.17 0.94 -25.57
CA LYS E 35 -24.99 1.62 -25.01
C LYS E 35 -24.18 0.70 -24.08
N ALA E 36 -24.86 -0.06 -23.23
CA ALA E 36 -24.21 -1.06 -22.40
C ALA E 36 -23.40 -2.07 -23.23
N LEU E 37 -24.01 -2.60 -24.27
CA LEU E 37 -23.29 -3.51 -25.14
C LEU E 37 -21.99 -2.92 -25.66
N ALA E 38 -22.01 -1.66 -26.05
CA ALA E 38 -20.81 -0.97 -26.53
C ALA E 38 -19.77 -0.76 -25.44
N VAL E 39 -20.17 -0.32 -24.24
CA VAL E 39 -19.23 -0.11 -23.13
C VAL E 39 -18.59 -1.44 -22.66
N VAL E 40 -19.42 -2.46 -22.39
CA VAL E 40 -18.97 -3.75 -21.85
C VAL E 40 -17.96 -4.44 -22.74
N SER E 41 -18.08 -4.29 -24.07
CA SER E 41 -17.18 -5.02 -24.98
C SER E 41 -15.79 -4.37 -25.17
N VAL E 42 -15.54 -3.22 -24.54
CA VAL E 42 -14.16 -2.74 -24.38
C VAL E 42 -13.70 -3.16 -22.99
N PRO E 43 -12.69 -4.06 -22.89
CA PRO E 43 -12.29 -4.46 -21.52
C PRO E 43 -11.83 -3.31 -20.63
N GLU E 44 -12.12 -3.43 -19.35
CA GLU E 44 -11.72 -2.46 -18.36
C GLU E 44 -10.21 -2.28 -18.37
N ARG E 45 -9.47 -3.39 -18.39
CA ARG E 45 -8.03 -3.32 -18.36
C ARG E 45 -7.43 -4.55 -18.99
N VAL E 46 -6.37 -4.34 -19.76
CA VAL E 46 -5.55 -5.44 -20.29
C VAL E 46 -4.11 -5.21 -19.91
N ILE E 47 -3.48 -6.22 -19.33
CA ILE E 47 -2.05 -6.19 -19.11
C ILE E 47 -1.38 -7.22 -20.01
N GLN E 48 -0.29 -6.79 -20.65
CA GLN E 48 0.60 -7.65 -21.41
C GLN E 48 2.00 -7.36 -20.86
N PHE E 49 2.83 -8.39 -20.79
CA PHE E 49 4.15 -8.26 -20.23
C PHE E 49 5.05 -9.30 -20.81
N ARG E 50 6.33 -8.93 -20.94
CA ARG E 50 7.38 -9.84 -21.30
C ARG E 50 7.67 -10.84 -20.16
N VAL E 51 7.81 -12.12 -20.49
CA VAL E 51 8.27 -13.11 -19.51
C VAL E 51 9.59 -13.70 -19.99
N VAL E 52 10.65 -13.43 -19.22
CA VAL E 52 11.95 -14.00 -19.42
C VAL E 52 12.12 -15.14 -18.41
N TRP E 53 12.59 -16.28 -18.90
CA TRP E 53 12.79 -17.45 -18.06
C TRP E 53 13.94 -18.26 -18.61
N GLU E 54 14.54 -19.03 -17.70
CA GLU E 54 15.74 -19.80 -17.99
C GLU E 54 15.36 -21.27 -18.30
N ASP E 55 15.81 -21.79 -19.45
CA ASP E 55 15.65 -23.24 -19.73
C ASP E 55 16.74 -24.11 -19.08
N ASP E 56 16.62 -25.44 -19.18
CA ASP E 56 17.52 -26.39 -18.50
C ASP E 56 18.96 -26.38 -19.01
N ALA E 57 19.16 -25.92 -20.24
CA ALA E 57 20.50 -25.68 -20.78
C ALA E 57 21.14 -24.35 -20.28
N GLY E 58 20.42 -23.58 -19.44
CA GLY E 58 20.86 -22.24 -19.02
C GLY E 58 20.66 -21.10 -20.01
N ASN E 59 19.86 -21.30 -21.06
CA ASN E 59 19.58 -20.25 -22.01
C ASN E 59 18.37 -19.36 -21.71
N VAL E 60 18.48 -18.11 -22.15
CA VAL E 60 17.45 -17.11 -22.04
C VAL E 60 16.34 -17.43 -23.02
N GLN E 61 15.11 -17.46 -22.52
CA GLN E 61 13.91 -17.65 -23.32
C GLN E 61 12.94 -16.52 -23.03
N VAL E 62 12.13 -16.23 -24.04
CA VAL E 62 11.19 -15.10 -24.02
C VAL E 62 9.84 -15.57 -24.51
N ASN E 63 8.83 -15.27 -23.70
CA ASN E 63 7.43 -15.47 -24.05
C ASN E 63 6.63 -14.24 -23.67
N ARG E 64 5.34 -14.28 -24.00
CA ARG E 64 4.45 -13.15 -23.76
C ARG E 64 3.41 -13.52 -22.74
N GLY E 65 3.24 -12.68 -21.72
CA GLY E 65 2.21 -12.87 -20.70
C GLY E 65 1.02 -11.94 -20.93
N PHE E 66 -0.15 -12.36 -20.47
CA PHE E 66 -1.43 -11.67 -20.72
C PHE E 66 -2.35 -11.79 -19.51
N ARG E 67 -2.98 -10.69 -19.11
CA ARG E 67 -4.18 -10.73 -18.30
C ARG E 67 -5.22 -9.73 -18.80
N VAL E 68 -6.32 -10.27 -19.32
CA VAL E 68 -7.46 -9.50 -19.74
C VAL E 68 -8.42 -9.43 -18.53
N GLN E 69 -8.58 -8.26 -17.97
CA GLN E 69 -9.52 -8.00 -16.89
C GLN E 69 -10.72 -7.32 -17.53
N PHE E 70 -11.69 -8.11 -17.98
CA PHE E 70 -12.68 -7.61 -18.94
C PHE E 70 -13.77 -6.80 -18.24
N ASN E 71 -14.35 -7.38 -17.20
CA ASN E 71 -15.41 -6.72 -16.45
C ASN E 71 -15.40 -7.08 -14.95
N SER E 72 -15.73 -6.12 -14.08
CA SER E 72 -15.74 -6.33 -12.60
C SER E 72 -16.97 -5.74 -11.88
N ALA E 73 -18.06 -5.54 -12.63
CA ALA E 73 -19.27 -4.94 -12.04
C ALA E 73 -19.87 -5.85 -10.96
N LEU E 74 -19.89 -7.16 -11.21
CA LEU E 74 -20.50 -8.13 -10.28
C LEU E 74 -19.55 -8.72 -9.25
N GLY E 75 -18.26 -8.64 -9.53
CA GLY E 75 -17.23 -9.09 -8.60
C GLY E 75 -15.82 -8.81 -9.09
N PRO E 76 -14.82 -9.32 -8.37
CA PRO E 76 -13.48 -9.26 -8.92
C PRO E 76 -13.38 -10.09 -10.19
N TYR E 77 -12.46 -9.70 -11.03
CA TYR E 77 -12.19 -10.45 -12.26
C TYR E 77 -11.97 -11.93 -11.90
N LYS E 78 -12.58 -12.83 -12.65
CA LYS E 78 -12.47 -14.27 -12.43
C LYS E 78 -12.37 -14.94 -13.79
N GLY E 79 -11.41 -15.83 -13.94
CA GLY E 79 -11.26 -16.62 -15.17
C GLY E 79 -9.88 -17.20 -15.25
N GLY E 80 -9.71 -18.21 -16.10
CA GLY E 80 -8.53 -19.05 -16.11
C GLY E 80 -7.28 -18.50 -16.81
N LEU E 81 -6.18 -19.22 -16.63
CA LEU E 81 -4.94 -18.95 -17.33
C LEU E 81 -4.64 -20.10 -18.27
N ARG E 82 -4.25 -19.75 -19.49
CA ARG E 82 -4.00 -20.69 -20.55
C ARG E 82 -2.54 -20.55 -21.01
N PHE E 83 -1.77 -21.62 -20.94
CA PHE E 83 -0.42 -21.66 -21.52
C PHE E 83 -0.47 -22.53 -22.77
N HIS E 84 -0.42 -21.91 -23.94
CA HIS E 84 -0.48 -22.64 -25.20
C HIS E 84 0.09 -21.77 -26.32
N PRO E 85 0.83 -22.36 -27.30
CA PRO E 85 1.54 -21.54 -28.30
C PRO E 85 0.67 -20.67 -29.19
N SER E 86 -0.62 -21.01 -29.27
CA SER E 86 -1.62 -20.21 -29.97
C SER E 86 -2.12 -18.96 -29.24
N VAL E 87 -1.77 -18.78 -27.96
CA VAL E 87 -2.34 -17.69 -27.15
C VAL E 87 -1.99 -16.30 -27.69
N ASN E 88 -3.01 -15.45 -27.73
CA ASN E 88 -2.79 -14.06 -28.02
C ASN E 88 -3.93 -13.24 -27.43
N LEU E 89 -3.87 -11.94 -27.67
CA LEU E 89 -4.81 -11.03 -27.07
C LEU E 89 -6.20 -11.35 -27.57
N SER E 90 -6.32 -11.59 -28.88
CA SER E 90 -7.61 -11.82 -29.51
C SER E 90 -8.33 -13.03 -28.91
N ILE E 91 -7.61 -14.13 -28.77
CA ILE E 91 -8.17 -15.36 -28.19
C ILE E 91 -8.56 -15.14 -26.72
N LEU E 92 -7.62 -14.65 -25.92
CA LEU E 92 -7.92 -14.33 -24.53
C LEU E 92 -9.06 -13.32 -24.34
N LYS E 93 -9.23 -12.36 -25.26
CA LYS E 93 -10.39 -11.47 -25.19
C LYS E 93 -11.70 -12.22 -25.45
N PHE E 94 -11.69 -13.09 -26.45
CA PHE E 94 -12.83 -13.97 -26.77
C PHE E 94 -13.21 -14.76 -25.50
N LEU E 95 -12.24 -15.47 -24.93
CA LEU E 95 -12.52 -16.31 -23.74
C LEU E 95 -12.92 -15.49 -22.52
N GLY E 96 -12.24 -14.38 -22.29
CA GLY E 96 -12.58 -13.50 -21.16
C GLY E 96 -13.95 -12.85 -21.28
N PHE E 97 -14.30 -12.42 -22.49
CA PHE E 97 -15.61 -11.83 -22.75
C PHE E 97 -16.73 -12.80 -22.39
N GLU E 98 -16.60 -14.05 -22.85
CA GLU E 98 -17.57 -15.12 -22.54
C GLU E 98 -17.61 -15.40 -21.05
N GLN E 99 -16.44 -15.45 -20.41
CA GLN E 99 -16.36 -15.66 -18.96
C GLN E 99 -17.17 -14.64 -18.13
N ILE E 100 -17.24 -13.39 -18.59
CA ILE E 100 -18.07 -12.40 -17.92
C ILE E 100 -19.47 -12.96 -17.70
N PHE E 101 -20.08 -13.42 -18.80
CA PHE E 101 -21.50 -13.71 -18.85
C PHE E 101 -21.82 -15.09 -18.29
N LYS E 102 -20.90 -16.05 -18.44
CA LYS E 102 -21.06 -17.35 -17.77
C LYS E 102 -20.96 -17.22 -16.23
N ASN E 103 -20.07 -16.36 -15.75
CA ASN E 103 -19.89 -16.15 -14.30
C ASN E 103 -21.07 -15.39 -13.74
N ALA E 104 -21.49 -14.37 -14.47
CA ALA E 104 -22.68 -13.63 -14.13
C ALA E 104 -23.90 -14.57 -13.94
N LEU E 105 -23.98 -15.59 -14.80
CA LEU E 105 -25.15 -16.50 -14.87
C LEU E 105 -25.32 -17.29 -13.57
N THR E 106 -24.22 -17.58 -12.90
CA THR E 106 -24.24 -18.38 -11.68
C THR E 106 -24.84 -17.68 -10.47
N GLY E 107 -24.94 -16.35 -10.51
CA GLY E 107 -25.34 -15.54 -9.34
C GLY E 107 -24.24 -15.25 -8.32
N LEU E 108 -23.03 -15.75 -8.56
CA LEU E 108 -21.89 -15.45 -7.72
C LEU E 108 -21.35 -14.04 -8.03
N ASN E 109 -20.72 -13.43 -7.04
CA ASN E 109 -20.04 -12.18 -7.21
C ASN E 109 -18.65 -12.42 -7.87
N MET E 110 -18.70 -12.66 -9.17
CA MET E 110 -17.52 -12.92 -9.98
C MET E 110 -17.62 -12.09 -11.25
N GLY E 111 -16.56 -11.36 -11.53
CA GLY E 111 -16.42 -10.64 -12.78
C GLY E 111 -15.90 -11.57 -13.87
N GLY E 112 -15.22 -11.00 -14.85
CA GLY E 112 -14.83 -11.73 -16.05
C GLY E 112 -13.42 -11.42 -16.45
N GLY E 113 -12.61 -12.47 -16.58
CA GLY E 113 -11.24 -12.32 -17.09
C GLY E 113 -10.65 -13.56 -17.75
N LYS E 114 -9.49 -13.37 -18.37
CA LYS E 114 -8.73 -14.47 -18.93
C LYS E 114 -7.30 -14.04 -19.13
N GLY E 115 -6.38 -14.99 -18.97
CA GLY E 115 -4.95 -14.72 -19.13
C GLY E 115 -4.13 -15.91 -19.56
N GLY E 116 -2.82 -15.73 -19.51
CA GLY E 116 -1.87 -16.78 -19.81
C GLY E 116 -0.71 -16.33 -20.68
N SER E 117 -0.22 -17.22 -21.53
CA SER E 117 1.00 -16.99 -22.26
C SER E 117 1.03 -17.88 -23.47
N ASP E 118 1.89 -17.49 -24.42
CA ASP E 118 2.19 -18.33 -25.56
C ASP E 118 3.28 -19.39 -25.26
N PHE E 119 3.78 -19.40 -24.02
CA PHE E 119 4.60 -20.48 -23.48
C PHE E 119 3.97 -21.83 -23.79
N ASP E 120 4.78 -22.76 -24.29
CA ASP E 120 4.28 -24.06 -24.71
C ASP E 120 4.83 -25.09 -23.72
N PRO E 121 3.97 -25.62 -22.84
CA PRO E 121 4.47 -26.60 -21.88
C PRO E 121 4.78 -28.00 -22.45
N LYS E 122 4.30 -28.31 -23.64
CA LYS E 122 4.62 -29.59 -24.25
C LYS E 122 6.13 -29.68 -24.47
N GLY E 123 6.72 -30.78 -24.02
CA GLY E 123 8.15 -30.98 -24.08
C GLY E 123 8.97 -30.33 -22.98
N LYS E 124 8.33 -29.68 -22.03
CA LYS E 124 9.08 -28.97 -20.98
C LYS E 124 9.29 -29.86 -19.76
N SER E 125 10.47 -29.75 -19.13
CA SER E 125 10.72 -30.39 -17.83
C SER E 125 9.92 -29.68 -16.76
N ASP E 126 9.69 -30.33 -15.63
CA ASP E 126 9.00 -29.69 -14.53
C ASP E 126 9.77 -28.50 -14.01
N ASN E 127 11.09 -28.63 -14.02
CA ASN E 127 11.99 -27.55 -13.67
C ASN E 127 11.74 -26.30 -14.52
N GLU E 128 11.65 -26.49 -15.83
CA GLU E 128 11.30 -25.42 -16.74
C GLU E 128 9.93 -24.78 -16.48
N ILE E 129 8.90 -25.60 -16.29
CA ILE E 129 7.54 -25.11 -15.99
C ILE E 129 7.53 -24.30 -14.69
N ARG E 130 8.19 -24.81 -13.64
CA ARG E 130 8.40 -24.06 -12.40
C ARG E 130 9.03 -22.66 -12.66
N ARG E 131 10.16 -22.59 -13.37
CA ARG E 131 10.87 -21.30 -13.62
C ARG E 131 10.00 -20.36 -14.45
N PHE E 132 9.33 -20.91 -15.47
CA PHE E 132 8.40 -20.11 -16.21
C PHE E 132 7.31 -19.49 -15.30
N CYS E 133 6.65 -20.35 -14.52
CA CYS E 133 5.60 -19.93 -13.57
C CYS E 133 6.10 -18.86 -12.57
N VAL E 134 7.32 -19.01 -12.07
CA VAL E 134 7.90 -18.09 -11.10
C VAL E 134 8.05 -16.71 -11.75
N SER E 135 8.72 -16.69 -12.89
CA SER E 135 8.89 -15.47 -13.69
C SER E 135 7.53 -14.84 -14.06
N PHE E 136 6.64 -15.66 -14.59
CA PHE E 136 5.32 -15.21 -15.00
C PHE E 136 4.57 -14.53 -13.83
N MET E 137 4.58 -15.16 -12.65
CA MET E 137 3.85 -14.63 -11.52
C MET E 137 4.54 -13.42 -10.92
N THR E 138 5.86 -13.32 -11.00
CA THR E 138 6.59 -12.11 -10.54
C THR E 138 5.97 -10.82 -11.07
N GLU E 139 5.64 -10.77 -12.35
CA GLU E 139 4.99 -9.58 -12.91
C GLU E 139 3.49 -9.55 -12.64
N LEU E 140 2.83 -10.70 -12.83
CA LEU E 140 1.36 -10.75 -12.70
C LEU E 140 0.84 -10.37 -11.30
N CYS E 141 1.64 -10.68 -10.28
CA CYS E 141 1.33 -10.43 -8.88
CA CYS E 141 1.19 -10.46 -8.91
C CYS E 141 0.82 -9.01 -8.64
N LYS E 142 1.41 -8.07 -9.37
CA LYS E 142 1.07 -6.62 -9.28
C LYS E 142 -0.37 -6.29 -9.55
N HIS E 143 -0.96 -7.07 -10.45
CA HIS E 143 -2.24 -6.73 -11.05
C HIS E 143 -3.39 -7.55 -10.50
N ILE E 144 -3.11 -8.55 -9.68
CA ILE E 144 -4.15 -9.47 -9.17
C ILE E 144 -4.20 -9.46 -7.63
N GLY E 145 -5.14 -10.23 -7.08
CA GLY E 145 -5.33 -10.34 -5.64
C GLY E 145 -6.72 -10.85 -5.33
N ALA E 146 -6.93 -11.24 -4.08
CA ALA E 146 -8.20 -11.80 -3.62
C ALA E 146 -9.39 -10.83 -3.76
N ASP E 147 -9.11 -9.54 -3.68
CA ASP E 147 -10.14 -8.52 -3.84
C ASP E 147 -10.17 -7.86 -5.21
N THR E 148 -9.31 -8.32 -6.14
CA THR E 148 -9.11 -7.67 -7.44
C THR E 148 -9.31 -8.62 -8.61
N ASP E 149 -8.58 -9.72 -8.61
CA ASP E 149 -8.57 -10.64 -9.73
C ASP E 149 -8.07 -12.00 -9.27
N VAL E 150 -8.91 -13.03 -9.46
CA VAL E 150 -8.63 -14.37 -8.96
C VAL E 150 -8.55 -15.35 -10.14
N PRO E 151 -7.32 -15.62 -10.63
CA PRO E 151 -7.29 -16.52 -11.79
C PRO E 151 -7.45 -17.99 -11.41
N ALA E 152 -7.19 -18.86 -12.37
CA ALA E 152 -7.41 -20.29 -12.22
C ALA E 152 -6.67 -20.96 -13.34
N GLY E 153 -6.82 -22.28 -13.46
CA GLY E 153 -6.24 -23.03 -14.57
C GLY E 153 -7.14 -23.10 -15.78
N ASP E 154 -6.58 -23.71 -16.83
CA ASP E 154 -7.17 -23.88 -18.18
C ASP E 154 -6.21 -24.80 -18.96
N ILE E 155 -6.20 -24.78 -20.30
CA ILE E 155 -5.25 -25.55 -21.08
C ILE E 155 -3.81 -25.13 -20.74
N GLY E 156 -2.95 -26.10 -20.47
CA GLY E 156 -1.58 -25.83 -20.07
C GLY E 156 -1.33 -25.40 -18.62
N VAL E 157 -2.39 -25.19 -17.87
CA VAL E 157 -2.28 -24.72 -16.48
C VAL E 157 -3.24 -25.57 -15.64
N THR E 158 -2.69 -26.62 -15.02
CA THR E 158 -3.45 -27.52 -14.12
C THR E 158 -2.91 -27.35 -12.71
N GLY E 159 -3.26 -28.27 -11.80
CA GLY E 159 -2.80 -28.24 -10.39
C GLY E 159 -1.33 -27.95 -10.15
N ARG E 160 -0.46 -28.51 -10.97
CA ARG E 160 0.97 -28.28 -10.84
C ARG E 160 1.34 -26.80 -11.01
N GLU E 161 0.82 -26.20 -12.06
CA GLU E 161 1.15 -24.82 -12.41
C GLU E 161 0.52 -23.87 -11.40
N VAL E 162 -0.70 -24.17 -10.97
CA VAL E 162 -1.40 -23.36 -9.96
C VAL E 162 -0.56 -23.27 -8.69
N GLY E 163 -0.03 -24.41 -8.26
CA GLY E 163 0.90 -24.48 -7.12
C GLY E 163 2.11 -23.59 -7.26
N PHE E 164 2.84 -23.73 -8.37
CA PHE E 164 4.02 -22.89 -8.63
C PHE E 164 3.62 -21.39 -8.63
N LEU E 165 2.47 -21.08 -9.24
CA LEU E 165 1.97 -19.71 -9.32
C LEU E 165 1.63 -19.17 -7.92
N PHE E 166 0.95 -20.00 -7.13
CA PHE E 166 0.55 -19.66 -5.79
C PHE E 166 1.75 -19.39 -4.91
N GLY E 167 2.72 -20.30 -4.94
CA GLY E 167 3.96 -20.20 -4.17
C GLY E 167 4.73 -18.92 -4.43
N GLN E 168 4.90 -18.56 -5.69
CA GLN E 168 5.58 -17.31 -6.00
C GLN E 168 4.78 -16.06 -5.61
N TYR E 169 3.47 -16.05 -5.83
CA TYR E 169 2.61 -14.95 -5.33
C TYR E 169 2.81 -14.74 -3.83
N ARG E 170 2.69 -15.82 -3.06
CA ARG E 170 2.88 -15.77 -1.60
C ARG E 170 4.24 -15.15 -1.21
N LYS E 171 5.30 -15.57 -1.88
CA LYS E 171 6.64 -15.12 -1.54
C LYS E 171 6.80 -13.61 -1.77
N ILE E 172 6.35 -13.12 -2.92
CA ILE E 172 6.45 -11.71 -3.25
C ILE E 172 5.49 -10.85 -2.45
N ARG E 173 4.24 -11.25 -2.40
CA ARG E 173 3.20 -10.45 -1.76
C ARG E 173 3.25 -10.53 -0.24
N ASN E 174 3.88 -11.57 0.30
CA ASN E 174 3.84 -11.88 1.77
C ASN E 174 2.40 -11.93 2.38
N GLN E 175 1.47 -12.54 1.65
CA GLN E 175 0.09 -12.73 2.06
C GLN E 175 -0.33 -14.13 1.65
N TRP E 176 -1.05 -14.82 2.54
CA TRP E 176 -1.76 -16.07 2.21
C TRP E 176 -3.23 -15.77 2.04
N GLU E 177 -3.74 -15.88 0.81
CA GLU E 177 -5.12 -15.50 0.48
C GLU E 177 -5.61 -16.30 -0.70
N GLY E 178 -6.92 -16.24 -0.99
CA GLY E 178 -7.51 -16.98 -2.12
C GLY E 178 -7.30 -16.26 -3.45
N VAL E 179 -6.04 -16.20 -3.88
CA VAL E 179 -5.66 -15.48 -5.11
C VAL E 179 -5.79 -16.33 -6.39
N LEU E 180 -5.83 -17.64 -6.21
CA LEU E 180 -6.13 -18.58 -7.28
C LEU E 180 -7.13 -19.57 -6.74
N THR E 181 -7.91 -20.15 -7.65
CA THR E 181 -8.71 -21.34 -7.39
C THR E 181 -8.11 -22.56 -8.10
N GLY E 182 -8.60 -23.75 -7.71
CA GLY E 182 -8.01 -25.03 -8.12
C GLY E 182 -6.73 -25.40 -7.37
N LYS E 183 -6.68 -25.03 -6.09
CA LYS E 183 -5.52 -25.23 -5.23
C LYS E 183 -5.58 -26.61 -4.59
N GLY E 184 -4.44 -27.12 -4.18
CA GLY E 184 -4.37 -28.41 -3.51
C GLY E 184 -5.20 -28.43 -2.22
N GLY E 185 -5.68 -29.62 -1.87
CA GLY E 185 -6.56 -29.81 -0.72
C GLY E 185 -6.01 -29.29 0.60
N SER E 186 -4.69 -29.43 0.80
CA SER E 186 -4.10 -28.93 2.04
C SER E 186 -3.81 -27.42 2.07
N TRP E 187 -3.76 -26.75 0.92
CA TRP E 187 -3.42 -25.29 0.89
C TRP E 187 -4.51 -24.47 0.20
N GLY E 188 -5.75 -24.72 0.64
CA GLY E 188 -6.90 -23.88 0.29
C GLY E 188 -7.84 -24.42 -0.78
N GLY E 189 -7.63 -25.66 -1.19
CA GLY E 189 -8.48 -26.29 -2.18
C GLY E 189 -9.80 -26.62 -1.55
N SER E 190 -10.82 -26.86 -2.38
CA SER E 190 -12.12 -27.23 -1.87
C SER E 190 -12.40 -28.71 -2.06
N LEU E 191 -13.05 -29.32 -1.07
CA LEU E 191 -13.78 -30.57 -1.28
C LEU E 191 -14.86 -30.36 -2.33
N ILE E 192 -15.30 -31.47 -2.93
CA ILE E 192 -16.32 -31.44 -4.02
C ILE E 192 -15.81 -30.84 -5.34
N ARG E 193 -14.50 -30.65 -5.45
CA ARG E 193 -13.90 -30.16 -6.69
C ARG E 193 -13.96 -31.24 -7.84
N PRO E 194 -13.49 -32.47 -7.59
CA PRO E 194 -13.70 -33.52 -8.64
C PRO E 194 -15.18 -33.78 -8.99
N GLU E 195 -16.04 -33.78 -7.99
CA GLU E 195 -17.47 -34.00 -8.18
C GLU E 195 -18.28 -32.83 -8.83
N ALA E 196 -17.67 -31.65 -8.93
CA ALA E 196 -18.38 -30.41 -9.16
C ALA E 196 -19.24 -30.37 -10.45
N THR E 197 -18.63 -30.73 -11.55
CA THR E 197 -19.31 -30.66 -12.83
C THR E 197 -20.48 -31.65 -12.91
N GLY E 198 -20.24 -32.88 -12.53
CA GLY E 198 -21.25 -33.93 -12.60
C GLY E 198 -22.40 -33.76 -11.62
N TYR E 199 -22.05 -33.43 -10.38
CA TYR E 199 -23.06 -33.09 -9.40
C TYR E 199 -23.82 -31.87 -9.86
N GLY E 200 -23.10 -30.92 -10.44
CA GLY E 200 -23.70 -29.67 -10.93
C GLY E 200 -24.78 -29.87 -11.99
N VAL E 201 -24.50 -30.74 -12.97
CA VAL E 201 -25.47 -31.03 -14.04
C VAL E 201 -26.70 -31.69 -13.43
N VAL E 202 -26.50 -32.62 -12.51
CA VAL E 202 -27.63 -33.34 -11.96
C VAL E 202 -28.50 -32.38 -11.13
N TYR E 203 -27.89 -31.51 -10.34
CA TYR E 203 -28.68 -30.53 -9.58
C TYR E 203 -29.44 -29.55 -10.49
N TYR E 204 -28.80 -29.08 -11.56
CA TYR E 204 -29.50 -28.19 -12.50
C TYR E 204 -30.75 -28.84 -13.06
N VAL E 205 -30.62 -30.11 -13.46
CA VAL E 205 -31.74 -30.86 -14.01
C VAL E 205 -32.80 -31.05 -12.94
N GLU E 206 -32.42 -31.31 -11.69
CA GLU E 206 -33.37 -31.42 -10.59
C GLU E 206 -34.22 -30.17 -10.50
N HIS E 207 -33.58 -29.01 -10.56
CA HIS E 207 -34.30 -27.76 -10.56
C HIS E 207 -35.26 -27.61 -11.79
N MET E 208 -34.85 -28.14 -12.95
CA MET E 208 -35.72 -28.16 -14.16
C MET E 208 -36.97 -29.00 -13.93
N ILE E 209 -36.77 -30.20 -13.41
CA ILE E 209 -37.86 -31.12 -13.14
C ILE E 209 -38.87 -30.47 -12.19
N ALA E 210 -38.35 -29.92 -11.09
CA ALA E 210 -39.13 -29.25 -10.05
C ALA E 210 -40.00 -28.17 -10.63
N HIS E 211 -39.44 -27.33 -11.47
CA HIS E 211 -40.21 -26.29 -12.15
C HIS E 211 -41.25 -26.87 -13.11
N ALA E 212 -40.82 -27.81 -13.95
CA ALA E 212 -41.70 -28.39 -14.96
C ALA E 212 -42.89 -29.12 -14.37
N THR E 213 -42.72 -29.72 -13.20
CA THR E 213 -43.77 -30.51 -12.54
C THR E 213 -44.38 -29.82 -11.31
N ASN E 214 -44.10 -28.53 -11.15
CA ASN E 214 -44.58 -27.73 -10.02
C ASN E 214 -44.20 -28.38 -8.67
N GLY E 215 -43.00 -28.93 -8.59
CA GLY E 215 -42.47 -29.47 -7.35
C GLY E 215 -42.91 -30.87 -6.99
N GLN E 216 -43.61 -31.55 -7.89
CA GLN E 216 -44.11 -32.92 -7.61
CA GLN E 216 -44.13 -32.90 -7.62
C GLN E 216 -43.14 -34.03 -7.97
N GLU E 217 -42.30 -33.81 -8.99
CA GLU E 217 -41.30 -34.82 -9.37
C GLU E 217 -39.85 -34.39 -9.08
N SER E 218 -38.99 -35.39 -8.95
CA SER E 218 -37.54 -35.23 -8.78
C SER E 218 -36.84 -36.30 -9.66
N PHE E 219 -35.56 -36.54 -9.43
CA PHE E 219 -34.90 -37.72 -9.99
C PHE E 219 -35.43 -39.07 -9.48
N LYS E 220 -36.15 -39.06 -8.37
CA LYS E 220 -36.68 -40.29 -7.78
C LYS E 220 -37.54 -41.06 -8.78
N GLY E 221 -37.12 -42.28 -9.07
CA GLY E 221 -37.89 -43.17 -9.95
C GLY E 221 -37.59 -43.00 -11.42
N LYS E 222 -36.83 -41.97 -11.79
CA LYS E 222 -36.54 -41.69 -13.19
C LYS E 222 -35.40 -42.55 -13.73
N ARG E 223 -35.53 -42.88 -15.01
CA ARG E 223 -34.50 -43.59 -15.78
C ARG E 223 -33.67 -42.54 -16.50
N VAL E 224 -32.34 -42.65 -16.34
CA VAL E 224 -31.42 -41.63 -16.80
C VAL E 224 -30.33 -42.25 -17.67
N ALA E 225 -30.27 -41.84 -18.94
CA ALA E 225 -29.20 -42.25 -19.83
C ALA E 225 -28.03 -41.29 -19.72
N ILE E 226 -26.87 -41.82 -19.35
CA ILE E 226 -25.62 -41.07 -19.30
C ILE E 226 -24.68 -41.59 -20.40
N SER E 227 -23.95 -40.69 -21.04
CA SER E 227 -22.85 -41.08 -21.91
C SER E 227 -21.58 -40.63 -21.25
N GLY E 228 -20.47 -41.30 -21.60
CA GLY E 228 -19.18 -41.06 -20.98
C GLY E 228 -18.98 -41.97 -19.79
N SER E 229 -17.74 -42.06 -19.36
CA SER E 229 -17.34 -42.80 -18.16
C SER E 229 -16.12 -42.20 -17.46
N GLY E 230 -15.85 -40.91 -17.67
CA GLY E 230 -14.82 -40.18 -16.96
C GLY E 230 -15.41 -39.66 -15.68
N ASN E 231 -14.84 -38.60 -15.13
CA ASN E 231 -15.27 -38.12 -13.81
C ASN E 231 -16.66 -37.49 -13.86
N VAL E 232 -16.94 -36.75 -14.92
CA VAL E 232 -18.19 -36.02 -15.00
C VAL E 232 -19.33 -37.04 -15.02
N ALA E 233 -19.19 -38.06 -15.87
CA ALA E 233 -20.20 -39.11 -15.97
C ALA E 233 -20.34 -39.96 -14.71
N GLN E 234 -19.21 -40.29 -14.06
CA GLN E 234 -19.20 -41.09 -12.83
C GLN E 234 -19.96 -40.41 -11.68
N TYR E 235 -19.69 -39.14 -11.45
CA TYR E 235 -20.25 -38.40 -10.35
C TYR E 235 -21.67 -37.95 -10.65
N ALA E 236 -21.98 -37.61 -11.91
CA ALA E 236 -23.39 -37.44 -12.31
C ALA E 236 -24.16 -38.71 -12.03
N ALA E 237 -23.59 -39.87 -12.36
CA ALA E 237 -24.23 -41.17 -12.08
C ALA E 237 -24.43 -41.40 -10.57
N LEU E 238 -23.41 -41.11 -9.78
CA LEU E 238 -23.48 -41.29 -8.34
C LEU E 238 -24.55 -40.39 -7.76
N LYS E 239 -24.59 -39.13 -8.20
CA LYS E 239 -25.60 -38.21 -7.68
C LYS E 239 -27.01 -38.67 -8.04
N VAL E 240 -27.20 -39.08 -9.30
CA VAL E 240 -28.51 -39.57 -9.73
C VAL E 240 -29.01 -40.68 -8.77
N ILE E 241 -28.12 -41.63 -8.50
CA ILE E 241 -28.42 -42.81 -7.67
C ILE E 241 -28.77 -42.35 -6.26
N GLU E 242 -27.98 -41.44 -5.73
CA GLU E 242 -28.18 -40.90 -4.42
C GLU E 242 -29.57 -40.23 -4.28
N LEU E 243 -30.04 -39.56 -5.34
CA LEU E 243 -31.40 -38.95 -5.37
C LEU E 243 -32.55 -39.92 -5.75
N GLY E 244 -32.23 -41.21 -5.89
CA GLY E 244 -33.24 -42.26 -6.13
C GLY E 244 -33.53 -42.54 -7.60
N GLY E 245 -32.66 -42.05 -8.49
CA GLY E 245 -32.80 -42.28 -9.92
C GLY E 245 -32.10 -43.56 -10.32
N SER E 246 -32.48 -44.05 -11.49
CA SER E 246 -31.84 -45.22 -12.12
C SER E 246 -30.93 -44.77 -13.24
N VAL E 247 -29.64 -45.09 -13.14
CA VAL E 247 -28.69 -44.80 -14.21
C VAL E 247 -28.70 -46.01 -15.09
N VAL E 248 -29.09 -45.86 -16.36
CA VAL E 248 -29.28 -47.02 -17.25
C VAL E 248 -28.22 -47.20 -18.32
N SER E 249 -27.26 -46.28 -18.41
CA SER E 249 -26.18 -46.39 -19.41
C SER E 249 -24.96 -45.60 -18.99
N LEU E 250 -23.82 -46.05 -19.46
CA LEU E 250 -22.56 -45.31 -19.46
C LEU E 250 -21.87 -45.72 -20.73
N SER E 251 -20.84 -45.00 -21.14
CA SER E 251 -20.19 -45.24 -22.43
C SER E 251 -18.76 -44.69 -22.50
N ASP E 252 -17.97 -45.20 -23.45
CA ASP E 252 -16.70 -44.57 -23.84
C ASP E 252 -16.70 -44.40 -25.35
N SER E 253 -15.61 -43.90 -25.90
CA SER E 253 -15.49 -43.70 -27.35
C SER E 253 -15.67 -44.97 -28.20
N GLN E 254 -15.56 -46.16 -27.60
CA GLN E 254 -15.65 -47.42 -28.34
C GLN E 254 -17.01 -48.11 -28.23
N GLY E 255 -17.79 -47.81 -27.20
CA GLY E 255 -19.09 -48.46 -27.02
C GLY E 255 -19.87 -48.01 -25.80
N SER E 256 -21.03 -48.61 -25.62
CA SER E 256 -21.92 -48.25 -24.52
C SER E 256 -22.18 -49.48 -23.68
N LEU E 257 -22.18 -49.30 -22.37
CA LEU E 257 -22.58 -50.33 -21.42
C LEU E 257 -23.93 -49.94 -20.83
N ILE E 258 -24.95 -50.74 -21.12
CA ILE E 258 -26.33 -50.39 -20.76
C ILE E 258 -26.97 -51.48 -19.91
N ILE E 259 -27.95 -51.07 -19.11
CA ILE E 259 -28.80 -51.94 -18.34
C ILE E 259 -29.88 -52.60 -19.21
N ASN E 260 -30.10 -53.90 -19.05
CA ASN E 260 -31.32 -54.58 -19.58
C ASN E 260 -32.58 -54.37 -18.76
N GLY E 261 -33.64 -53.83 -19.37
CA GLY E 261 -34.93 -53.70 -18.69
C GLY E 261 -34.83 -52.79 -17.47
N GLU E 262 -35.58 -53.09 -16.42
CA GLU E 262 -35.53 -52.28 -15.20
C GLU E 262 -34.21 -52.54 -14.48
N GLY E 263 -33.76 -51.56 -13.72
CA GLY E 263 -32.51 -51.69 -12.99
C GLY E 263 -31.66 -50.45 -13.11
N SER E 264 -30.52 -50.48 -12.44
CA SER E 264 -29.61 -49.35 -12.46
C SER E 264 -28.23 -49.79 -12.13
N PHE E 265 -27.25 -49.00 -12.54
CA PHE E 265 -25.91 -49.16 -12.02
C PHE E 265 -25.94 -48.84 -10.52
N THR E 266 -25.02 -49.45 -9.80
CA THR E 266 -24.85 -49.23 -8.37
C THR E 266 -23.57 -48.44 -8.14
N PRO E 267 -23.45 -47.81 -6.98
CA PRO E 267 -22.20 -47.14 -6.65
C PRO E 267 -20.96 -48.03 -6.78
N GLU E 268 -21.04 -49.27 -6.33
CA GLU E 268 -19.90 -50.22 -6.37
C GLU E 268 -19.45 -50.43 -7.81
N GLU E 269 -20.43 -50.72 -8.69
CA GLU E 269 -20.21 -50.86 -10.14
C GLU E 269 -19.58 -49.64 -10.77
N ILE E 270 -20.03 -48.45 -10.37
CA ILE E 270 -19.44 -47.21 -10.85
C ILE E 270 -17.96 -47.08 -10.44
N GLU E 271 -17.66 -47.39 -9.17
CA GLU E 271 -16.28 -47.41 -8.66
C GLU E 271 -15.41 -48.45 -9.36
N LEU E 272 -15.97 -49.59 -9.74
CA LEU E 272 -15.23 -50.55 -10.57
C LEU E 272 -14.91 -49.94 -11.94
N ILE E 273 -15.88 -49.26 -12.56
CA ILE E 273 -15.63 -48.61 -13.86
C ILE E 273 -14.61 -47.49 -13.76
N ALA E 274 -14.59 -46.81 -12.61
CA ALA E 274 -13.58 -45.79 -12.31
C ALA E 274 -12.15 -46.36 -12.24
N GLN E 275 -11.98 -47.49 -11.56
CA GLN E 275 -10.68 -48.16 -11.47
C GLN E 275 -10.20 -48.58 -12.84
N THR E 276 -11.11 -49.10 -13.67
CA THR E 276 -10.74 -49.51 -15.04
C THR E 276 -10.38 -48.27 -15.87
N LYS E 277 -11.06 -47.15 -15.62
CA LYS E 277 -10.67 -45.89 -16.26
C LYS E 277 -9.30 -45.37 -15.82
N VAL E 278 -8.96 -45.54 -14.54
CA VAL E 278 -7.61 -45.21 -14.05
C VAL E 278 -6.53 -46.05 -14.75
N GLU E 279 -6.79 -47.35 -14.93
CA GLU E 279 -5.90 -48.27 -15.66
C GLU E 279 -5.96 -48.13 -17.20
N ARG E 280 -6.53 -47.03 -17.73
CA ARG E 280 -6.66 -46.76 -19.20
C ARG E 280 -7.44 -47.81 -20.03
N LYS E 281 -8.18 -48.71 -19.35
CA LYS E 281 -8.87 -49.84 -19.99
C LYS E 281 -10.24 -49.41 -20.53
N GLN E 282 -10.71 -50.06 -21.59
CA GLN E 282 -12.00 -49.68 -22.19
C GLN E 282 -13.17 -50.54 -21.64
N LEU E 283 -14.37 -50.00 -21.68
CA LEU E 283 -15.56 -50.71 -21.20
C LEU E 283 -15.73 -52.11 -21.81
N ALA E 284 -15.35 -52.24 -23.09
CA ALA E 284 -15.36 -53.55 -23.78
C ALA E 284 -14.61 -54.67 -23.03
N SER E 285 -13.56 -54.31 -22.31
CA SER E 285 -12.73 -55.29 -21.63
C SER E 285 -13.19 -55.76 -20.23
N ILE E 286 -14.25 -55.17 -19.67
CA ILE E 286 -14.71 -55.52 -18.29
C ILE E 286 -15.94 -56.43 -18.23
N VAL E 287 -16.49 -56.74 -19.39
CA VAL E 287 -17.67 -57.61 -19.50
C VAL E 287 -17.26 -59.10 -19.41
N GLY E 288 -15.96 -59.38 -19.46
CA GLY E 288 -15.43 -60.73 -19.30
C GLY E 288 -15.73 -61.32 -17.94
N ALA E 289 -15.48 -60.52 -16.90
CA ALA E 289 -15.66 -60.91 -15.50
C ALA E 289 -16.96 -60.34 -14.89
N ALA E 290 -17.30 -60.84 -13.70
CA ALA E 290 -18.40 -60.29 -12.88
C ALA E 290 -17.97 -58.91 -12.33
N PRO E 291 -18.91 -58.00 -12.05
CA PRO E 291 -20.37 -58.17 -12.19
C PRO E 291 -20.94 -57.97 -13.59
N PHE E 292 -20.13 -57.42 -14.49
CA PHE E 292 -20.63 -56.96 -15.78
C PHE E 292 -20.85 -58.11 -16.75
N SER E 293 -20.35 -59.32 -16.44
CA SER E 293 -20.61 -60.53 -17.26
C SER E 293 -22.01 -61.07 -17.09
N ASP E 294 -22.76 -60.56 -16.11
CA ASP E 294 -24.17 -60.91 -15.95
C ASP E 294 -24.98 -60.32 -17.10
N ALA E 295 -25.32 -61.17 -18.06
CA ALA E 295 -26.08 -60.74 -19.24
C ALA E 295 -27.52 -60.34 -18.96
N ASN E 296 -28.08 -60.71 -17.80
CA ASN E 296 -29.45 -60.29 -17.45
C ASN E 296 -29.54 -58.85 -16.92
N LYS E 297 -28.45 -58.32 -16.39
CA LYS E 297 -28.39 -56.91 -15.99
C LYS E 297 -27.73 -56.03 -17.04
N PHE E 298 -26.60 -56.48 -17.61
CA PHE E 298 -25.75 -55.67 -18.49
C PHE E 298 -25.64 -56.19 -19.92
N LYS E 299 -25.56 -55.26 -20.85
CA LYS E 299 -25.42 -55.54 -22.25
C LYS E 299 -24.41 -54.55 -22.83
N TYR E 300 -23.29 -55.03 -23.37
CA TYR E 300 -22.29 -54.16 -24.02
C TYR E 300 -22.59 -54.05 -25.49
N ILE E 301 -22.62 -52.82 -26.01
CA ILE E 301 -22.92 -52.59 -27.45
C ILE E 301 -21.76 -51.86 -28.15
N ALA E 302 -21.06 -52.60 -29.00
CA ALA E 302 -19.81 -52.13 -29.61
C ALA E 302 -20.07 -51.03 -30.60
N GLY E 303 -19.25 -49.98 -30.54
CA GLY E 303 -19.32 -48.85 -31.48
C GLY E 303 -20.52 -47.90 -31.36
N ALA E 304 -21.35 -48.10 -30.34
CA ALA E 304 -22.62 -47.37 -30.20
C ALA E 304 -22.56 -46.31 -29.09
N ARG E 305 -23.28 -45.21 -29.32
CA ARG E 305 -23.69 -44.30 -28.28
C ARG E 305 -24.98 -44.89 -27.69
N PRO E 306 -25.32 -44.53 -26.43
CA PRO E 306 -26.40 -45.21 -25.75
C PRO E 306 -27.80 -44.82 -26.19
N TRP E 307 -27.96 -43.67 -26.83
CA TRP E 307 -29.28 -43.00 -26.90
C TRP E 307 -30.40 -43.86 -27.48
N VAL E 308 -30.12 -44.61 -28.55
CA VAL E 308 -31.16 -45.42 -29.25
C VAL E 308 -31.32 -46.81 -28.66
N HIS E 309 -30.47 -47.17 -27.68
CA HIS E 309 -30.43 -48.53 -27.11
C HIS E 309 -30.99 -48.68 -25.68
N VAL E 310 -31.17 -47.55 -24.99
CA VAL E 310 -31.70 -47.56 -23.60
C VAL E 310 -33.22 -47.74 -23.49
N GLY E 311 -33.93 -47.77 -24.63
CA GLY E 311 -35.38 -47.87 -24.62
C GLY E 311 -36.01 -46.58 -24.09
N LYS E 312 -37.09 -46.74 -23.34
CA LYS E 312 -37.79 -45.60 -22.74
C LYS E 312 -36.90 -45.03 -21.66
N VAL E 313 -36.80 -43.71 -21.64
CA VAL E 313 -35.88 -43.02 -20.74
C VAL E 313 -36.44 -41.65 -20.41
N ASP E 314 -36.16 -41.16 -19.21
CA ASP E 314 -36.70 -39.85 -18.75
C ASP E 314 -35.76 -38.67 -18.90
N VAL E 315 -34.46 -38.90 -18.73
CA VAL E 315 -33.46 -37.82 -18.66
C VAL E 315 -32.25 -38.28 -19.43
N ALA E 316 -31.67 -37.42 -20.24
CA ALA E 316 -30.41 -37.71 -20.91
C ALA E 316 -29.35 -36.69 -20.53
N LEU E 317 -28.15 -37.19 -20.26
CA LEU E 317 -27.07 -36.43 -19.66
C LEU E 317 -25.79 -36.72 -20.49
N PRO E 318 -25.65 -36.13 -21.69
CA PRO E 318 -24.38 -36.32 -22.43
C PRO E 318 -23.18 -35.74 -21.69
N SER E 319 -22.26 -36.63 -21.31
CA SER E 319 -21.10 -36.27 -20.50
C SER E 319 -19.78 -36.85 -21.02
N ALA E 320 -19.68 -37.03 -22.33
CA ALA E 320 -18.49 -37.65 -22.92
C ALA E 320 -17.64 -36.65 -23.69
N THR E 321 -18.21 -36.10 -24.75
CA THR E 321 -17.45 -35.27 -25.68
C THR E 321 -18.38 -34.42 -26.51
N GLN E 322 -17.80 -33.56 -27.33
CA GLN E 322 -18.58 -32.64 -28.14
C GLN E 322 -19.27 -33.35 -29.33
N ASN E 323 -20.43 -32.82 -29.70
CA ASN E 323 -21.24 -33.30 -30.82
C ASN E 323 -21.65 -34.77 -30.72
N GLU E 324 -21.92 -35.22 -29.50
CA GLU E 324 -22.28 -36.62 -29.26
C GLU E 324 -23.80 -36.91 -29.27
N ILE E 325 -24.63 -35.88 -29.47
CA ILE E 325 -26.05 -36.07 -29.82
C ILE E 325 -26.36 -35.43 -31.14
N SER E 326 -26.58 -36.27 -32.15
CA SER E 326 -27.02 -35.84 -33.47
C SER E 326 -28.48 -35.38 -33.48
N GLY E 327 -28.84 -34.69 -34.55
CA GLY E 327 -30.23 -34.36 -34.78
C GLY E 327 -31.14 -35.57 -34.77
N GLU E 328 -30.64 -36.67 -35.33
CA GLU E 328 -31.38 -37.94 -35.36
C GLU E 328 -31.56 -38.55 -33.96
N GLU E 329 -30.50 -38.52 -33.16
CA GLU E 329 -30.53 -39.03 -31.79
C GLU E 329 -31.44 -38.19 -30.88
N ALA E 330 -31.53 -36.89 -31.13
CA ALA E 330 -32.48 -36.05 -30.43
C ALA E 330 -33.92 -36.52 -30.67
N GLN E 331 -34.22 -36.86 -31.93
CA GLN E 331 -35.54 -37.38 -32.29
C GLN E 331 -35.88 -38.70 -31.59
N VAL E 332 -34.89 -39.57 -31.42
CA VAL E 332 -35.11 -40.86 -30.78
C VAL E 332 -35.33 -40.68 -29.28
N LEU E 333 -34.50 -39.86 -28.64
CA LEU E 333 -34.75 -39.54 -27.23
C LEU E 333 -36.17 -39.00 -27.05
N ILE E 334 -36.62 -38.14 -27.97
CA ILE E 334 -37.99 -37.61 -27.95
C ILE E 334 -39.01 -38.78 -28.01
N ASN E 335 -38.87 -39.68 -29.00
CA ASN E 335 -39.77 -40.85 -29.10
C ASN E 335 -39.63 -41.85 -27.94
N ALA E 336 -38.47 -41.84 -27.30
CA ALA E 336 -38.25 -42.62 -26.09
C ALA E 336 -38.88 -41.99 -24.83
N GLY E 337 -39.50 -40.82 -24.98
CA GLY E 337 -40.18 -40.14 -23.86
C GLY E 337 -39.26 -39.34 -22.94
N CYS E 338 -38.04 -39.04 -23.38
CA CYS E 338 -37.13 -38.19 -22.64
C CYS E 338 -37.71 -36.79 -22.53
N LYS E 339 -37.69 -36.23 -21.34
CA LYS E 339 -38.24 -34.88 -21.10
C LYS E 339 -37.21 -33.86 -20.67
N PHE E 340 -36.01 -34.30 -20.29
CA PHE E 340 -35.03 -33.39 -19.74
C PHE E 340 -33.70 -33.78 -20.32
N ILE E 341 -32.96 -32.81 -20.86
CA ILE E 341 -31.62 -33.10 -21.31
C ILE E 341 -30.68 -31.93 -21.04
N ALA E 342 -29.50 -32.23 -20.52
CA ALA E 342 -28.56 -31.22 -20.11
C ALA E 342 -27.14 -31.68 -20.40
N GLU E 343 -26.31 -30.76 -20.86
CA GLU E 343 -24.98 -31.11 -21.30
C GLU E 343 -24.01 -31.17 -20.14
N GLY E 344 -23.44 -32.35 -19.90
CA GLY E 344 -22.31 -32.51 -18.99
C GLY E 344 -20.99 -32.25 -19.69
N SER E 345 -20.91 -32.71 -20.94
CA SER E 345 -19.76 -32.45 -21.80
C SER E 345 -19.91 -31.07 -22.42
N ASN E 346 -18.77 -30.44 -22.67
CA ASN E 346 -18.77 -29.15 -23.33
C ASN E 346 -19.24 -29.26 -24.80
N MET E 347 -20.33 -28.58 -25.13
CA MET E 347 -20.95 -28.61 -26.47
C MET E 347 -21.32 -30.04 -26.94
N GLY E 348 -21.96 -30.80 -26.06
CA GLY E 348 -22.26 -32.20 -26.32
C GLY E 348 -23.36 -32.42 -27.35
N CYS E 349 -24.33 -31.52 -27.37
CA CYS E 349 -25.37 -31.54 -28.38
C CYS E 349 -24.94 -30.75 -29.60
N THR E 350 -25.15 -31.36 -30.77
CA THR E 350 -25.02 -30.66 -32.05
C THR E 350 -26.09 -29.58 -32.19
N GLN E 351 -25.86 -28.63 -33.08
CA GLN E 351 -26.82 -27.57 -33.34
C GLN E 351 -28.15 -28.16 -33.83
N GLU E 352 -28.08 -29.28 -34.56
CA GLU E 352 -29.27 -29.96 -35.07
C GLU E 352 -30.08 -30.51 -33.90
N ALA E 353 -29.38 -31.06 -32.91
CA ALA E 353 -30.05 -31.60 -31.72
C ALA E 353 -30.67 -30.46 -30.90
N ILE E 354 -29.93 -29.38 -30.71
CA ILE E 354 -30.44 -28.23 -29.97
C ILE E 354 -31.73 -27.70 -30.62
N ASP E 355 -31.65 -27.48 -31.93
CA ASP E 355 -32.76 -26.99 -32.71
C ASP E 355 -33.99 -27.89 -32.61
N THR E 356 -33.77 -29.21 -32.66
CA THR E 356 -34.82 -30.20 -32.47
C THR E 356 -35.51 -30.06 -31.11
N PHE E 357 -34.73 -30.07 -30.04
CA PHE E 357 -35.27 -29.99 -28.67
C PHE E 357 -36.06 -28.71 -28.47
N GLU E 358 -35.56 -27.61 -29.03
CA GLU E 358 -36.22 -26.30 -28.97
C GLU E 358 -37.56 -26.19 -29.76
N ALA E 359 -37.61 -26.78 -30.96
CA ALA E 359 -38.85 -26.83 -31.74
C ALA E 359 -39.85 -27.74 -31.06
N HIS E 360 -39.37 -28.83 -30.45
CA HIS E 360 -40.25 -29.68 -29.68
C HIS E 360 -40.82 -28.91 -28.51
N ARG E 361 -39.97 -28.18 -27.81
CA ARG E 361 -40.42 -27.37 -26.68
C ARG E 361 -41.52 -26.39 -27.09
N THR E 362 -41.25 -25.65 -28.14
CA THR E 362 -42.18 -24.65 -28.68
C THR E 362 -43.53 -25.24 -29.13
N ALA E 363 -43.47 -26.45 -29.68
CA ALA E 363 -44.63 -27.14 -30.22
C ALA E 363 -45.42 -28.00 -29.21
N ASN E 364 -45.02 -28.06 -27.95
CA ASN E 364 -45.69 -28.93 -26.94
C ASN E 364 -45.84 -28.27 -25.57
N ALA E 365 -47.06 -27.95 -25.15
CA ALA E 365 -47.29 -27.33 -23.84
C ALA E 365 -46.82 -28.12 -22.60
N GLY E 366 -46.20 -27.40 -21.67
CA GLY E 366 -45.93 -27.87 -20.31
C GLY E 366 -44.86 -28.95 -20.24
N ALA E 367 -45.09 -29.95 -19.39
CA ALA E 367 -44.18 -31.09 -19.23
C ALA E 367 -44.25 -32.17 -20.38
N ALA E 368 -45.16 -32.04 -21.34
CA ALA E 368 -45.11 -32.89 -22.57
C ALA E 368 -43.89 -32.57 -23.47
N ALA E 369 -43.31 -31.38 -23.28
CA ALA E 369 -42.10 -31.01 -23.98
C ALA E 369 -40.85 -31.65 -23.39
N ILE E 370 -39.88 -31.80 -24.25
CA ILE E 370 -38.52 -32.08 -23.88
C ILE E 370 -37.84 -30.73 -23.63
N TRP E 371 -37.04 -30.66 -22.57
CA TRP E 371 -36.44 -29.40 -22.13
C TRP E 371 -34.96 -29.52 -22.12
N TYR E 372 -34.34 -28.70 -22.96
CA TYR E 372 -32.89 -28.71 -23.12
C TYR E 372 -32.24 -27.59 -22.33
N ALA E 373 -31.19 -27.92 -21.58
CA ALA E 373 -30.36 -26.93 -20.89
C ALA E 373 -29.00 -26.84 -21.56
N PRO E 374 -28.55 -25.62 -21.90
CA PRO E 374 -27.24 -25.49 -22.51
C PRO E 374 -26.08 -25.64 -21.51
N GLY E 375 -24.92 -26.06 -22.01
CA GLY E 375 -23.70 -26.27 -21.23
C GLY E 375 -23.24 -25.10 -20.39
N LYS E 376 -23.30 -23.88 -20.92
CA LYS E 376 -22.88 -22.71 -20.11
C LYS E 376 -23.65 -22.53 -18.78
N ALA E 377 -24.89 -23.06 -18.74
CA ALA E 377 -25.71 -23.11 -17.54
C ALA E 377 -25.55 -24.45 -16.76
N ALA E 378 -25.77 -25.58 -17.44
CA ALA E 378 -25.82 -26.88 -16.77
C ALA E 378 -24.46 -27.42 -16.30
N ASN E 379 -23.35 -27.09 -16.99
CA ASN E 379 -22.05 -27.53 -16.50
C ASN E 379 -21.22 -26.42 -15.82
N ALA E 380 -21.89 -25.41 -15.28
CA ALA E 380 -21.25 -24.35 -14.51
C ALA E 380 -20.85 -24.79 -13.10
N GLY E 381 -20.94 -26.07 -12.79
CA GLY E 381 -20.55 -26.61 -11.48
C GLY E 381 -19.13 -26.31 -11.05
N GLY E 382 -18.19 -26.46 -11.98
CA GLY E 382 -16.78 -26.17 -11.73
C GLY E 382 -16.52 -24.73 -11.36
N VAL E 383 -17.22 -23.81 -12.02
CA VAL E 383 -17.20 -22.40 -11.67
C VAL E 383 -17.85 -22.17 -10.30
N ALA E 384 -18.98 -22.85 -10.08
CA ALA E 384 -19.68 -22.78 -8.80
C ALA E 384 -18.73 -23.14 -7.66
N VAL E 385 -18.07 -24.30 -7.76
CA VAL E 385 -17.15 -24.70 -6.68
C VAL E 385 -15.95 -23.75 -6.52
N SER E 386 -15.52 -23.10 -7.61
CA SER E 386 -14.51 -22.02 -7.53
C SER E 386 -14.94 -20.88 -6.62
N GLY E 387 -16.20 -20.46 -6.72
CA GLY E 387 -16.74 -19.44 -5.84
C GLY E 387 -16.73 -19.87 -4.36
N LEU E 388 -17.04 -21.14 -4.13
CA LEU E 388 -17.01 -21.76 -2.81
C LEU E 388 -15.60 -21.89 -2.26
N GLU E 389 -14.63 -22.13 -3.14
CA GLU E 389 -13.24 -22.22 -2.71
C GLU E 389 -12.79 -20.82 -2.18
N MET E 390 -13.15 -19.77 -2.91
CA MET E 390 -12.91 -18.37 -2.48
C MET E 390 -13.60 -18.06 -1.14
N ALA E 391 -14.90 -18.35 -1.06
CA ALA E 391 -15.66 -18.22 0.19
C ALA E 391 -14.96 -18.90 1.36
N GLN E 392 -14.52 -20.14 1.15
CA GLN E 392 -13.84 -20.89 2.18
C GLN E 392 -12.48 -20.25 2.57
N ASN E 393 -11.71 -19.83 1.57
CA ASN E 393 -10.41 -19.20 1.78
C ASN E 393 -10.49 -17.92 2.61
N SER E 394 -11.51 -17.11 2.41
CA SER E 394 -11.68 -15.89 3.23
C SER E 394 -11.78 -16.14 4.75
N ALA E 395 -12.14 -17.37 5.15
CA ALA E 395 -12.16 -17.78 6.56
C ALA E 395 -11.06 -18.80 6.98
N ARG E 396 -10.07 -19.04 6.11
CA ARG E 396 -8.97 -20.02 6.37
C ARG E 396 -9.47 -21.33 7.02
N LEU E 397 -10.62 -21.75 6.48
CA LEU E 397 -11.45 -22.81 7.02
C LEU E 397 -12.05 -23.60 5.86
N SER E 398 -11.90 -24.93 5.92
CA SER E 398 -12.54 -25.84 4.98
C SER E 398 -13.94 -26.26 5.46
N TRP E 399 -14.88 -26.29 4.51
CA TRP E 399 -16.23 -26.80 4.77
C TRP E 399 -16.26 -28.32 4.59
N THR E 400 -17.27 -28.97 5.15
CA THR E 400 -17.49 -30.41 4.94
C THR E 400 -17.93 -30.70 3.52
N SER E 401 -17.83 -31.96 3.14
CA SER E 401 -18.33 -32.39 1.84
C SER E 401 -19.80 -32.00 1.71
N GLU E 402 -20.55 -32.27 2.76
CA GLU E 402 -21.99 -32.06 2.75
C GLU E 402 -22.34 -30.57 2.58
N GLU E 403 -21.56 -29.70 3.22
CA GLU E 403 -21.77 -28.25 3.08
C GLU E 403 -21.49 -27.74 1.68
N VAL E 404 -20.36 -28.14 1.13
CA VAL E 404 -20.01 -27.67 -0.21
C VAL E 404 -21.06 -28.18 -1.20
N ASP E 405 -21.43 -29.45 -1.05
CA ASP E 405 -22.45 -30.08 -1.89
C ASP E 405 -23.78 -29.32 -1.83
N ALA E 406 -24.26 -29.07 -0.61
CA ALA E 406 -25.52 -28.34 -0.46
C ALA E 406 -25.44 -26.97 -1.13
N ARG E 407 -24.29 -26.31 -0.99
CA ARG E 407 -24.12 -24.98 -1.57
C ARG E 407 -24.04 -25.03 -3.08
N LEU E 408 -23.33 -26.04 -3.62
CA LEU E 408 -23.29 -26.25 -5.06
C LEU E 408 -24.73 -26.36 -5.60
N LYS E 409 -25.57 -27.13 -4.91
CA LYS E 409 -26.98 -27.27 -5.31
C LYS E 409 -27.71 -25.92 -5.44
N ASP E 410 -27.59 -25.06 -4.43
CA ASP E 410 -28.23 -23.73 -4.45
C ASP E 410 -27.76 -22.84 -5.61
N ILE E 411 -26.45 -22.89 -5.87
CA ILE E 411 -25.85 -22.07 -6.93
C ILE E 411 -26.44 -22.46 -8.30
N MET E 412 -26.59 -23.77 -8.51
CA MET E 412 -27.20 -24.27 -9.75
C MET E 412 -28.67 -23.82 -9.85
N ARG E 413 -29.37 -23.72 -8.71
CA ARG E 413 -30.69 -23.12 -8.70
C ARG E 413 -30.66 -21.69 -9.19
N ASP E 414 -29.72 -20.88 -8.69
CA ASP E 414 -29.59 -19.52 -9.17
C ASP E 414 -29.28 -19.48 -10.67
N CYS E 415 -28.38 -20.34 -11.09
CA CYS E 415 -28.06 -20.46 -12.48
C CYS E 415 -29.32 -20.76 -13.32
N PHE E 416 -30.10 -21.74 -12.87
CA PHE E 416 -31.38 -22.11 -13.49
C PHE E 416 -32.36 -20.95 -13.59
N LYS E 417 -32.62 -20.33 -12.44
CA LYS E 417 -33.56 -19.22 -12.35
C LYS E 417 -33.19 -18.00 -13.23
N ASN E 418 -31.89 -17.70 -13.33
CA ASN E 418 -31.43 -16.60 -14.19
C ASN E 418 -31.80 -16.88 -15.64
N GLY E 419 -31.61 -18.11 -16.08
CA GLY E 419 -32.06 -18.51 -17.42
C GLY E 419 -33.57 -18.45 -17.64
N LEU E 420 -34.29 -19.08 -16.71
CA LEU E 420 -35.74 -19.19 -16.75
C LEU E 420 -36.40 -17.84 -16.84
N GLU E 421 -36.03 -16.94 -15.91
CA GLU E 421 -36.67 -15.61 -15.76
C GLU E 421 -36.32 -14.67 -16.89
N THR E 422 -35.09 -14.72 -17.35
CA THR E 422 -34.65 -13.90 -18.47
C THR E 422 -35.42 -14.30 -19.73
N ALA E 423 -35.57 -15.60 -19.95
CA ALA E 423 -36.31 -16.07 -21.09
C ALA E 423 -37.77 -15.67 -20.96
N GLN E 424 -38.32 -15.77 -19.76
CA GLN E 424 -39.71 -15.39 -19.54
C GLN E 424 -39.94 -13.92 -19.89
N GLU E 425 -38.99 -13.07 -19.50
CA GLU E 425 -39.10 -11.64 -19.71
C GLU E 425 -38.84 -11.26 -21.18
N TYR E 426 -37.78 -11.81 -21.79
CA TYR E 426 -37.25 -11.33 -23.08
C TYR E 426 -37.37 -12.26 -24.29
N ALA E 427 -37.84 -13.47 -24.09
CA ALA E 427 -38.25 -14.34 -25.20
C ALA E 427 -39.51 -15.04 -24.75
N THR E 428 -40.48 -14.22 -24.34
CA THR E 428 -41.67 -14.71 -23.67
C THR E 428 -42.35 -15.82 -24.49
N PRO E 429 -42.53 -17.01 -23.88
CA PRO E 429 -43.17 -18.10 -24.60
C PRO E 429 -44.70 -17.97 -24.60
N ALA E 430 -45.34 -18.76 -25.44
CA ALA E 430 -46.80 -18.90 -25.42
C ALA E 430 -47.28 -19.53 -24.13
N GLU E 431 -48.59 -19.42 -23.88
CA GLU E 431 -49.22 -19.91 -22.64
C GLU E 431 -48.94 -21.39 -22.46
N GLY E 432 -48.36 -21.76 -21.33
CA GLY E 432 -48.12 -23.18 -21.02
C GLY E 432 -46.87 -23.77 -21.66
N VAL E 433 -46.16 -23.00 -22.48
CA VAL E 433 -44.89 -23.44 -23.08
C VAL E 433 -43.74 -23.09 -22.10
N LEU E 434 -42.80 -24.01 -21.96
CA LEU E 434 -41.64 -23.79 -21.10
C LEU E 434 -40.76 -22.71 -21.69
N PRO E 435 -40.18 -21.81 -20.86
CA PRO E 435 -39.25 -20.84 -21.47
C PRO E 435 -37.97 -21.53 -21.97
N SER E 436 -37.35 -20.94 -22.99
CA SER E 436 -36.09 -21.44 -23.52
C SER E 436 -34.95 -21.16 -22.56
N LEU E 437 -34.32 -22.22 -22.07
CA LEU E 437 -33.13 -22.07 -21.26
C LEU E 437 -31.91 -21.67 -22.07
N VAL E 438 -31.90 -21.99 -23.37
CA VAL E 438 -30.78 -21.64 -24.23
C VAL E 438 -30.80 -20.13 -24.44
N THR E 439 -31.92 -19.60 -24.90
CA THR E 439 -32.09 -18.16 -25.09
C THR E 439 -31.92 -17.39 -23.78
N GLY E 440 -32.58 -17.86 -22.72
CA GLY E 440 -32.47 -17.27 -21.40
C GLY E 440 -31.02 -17.19 -20.90
N SER E 441 -30.31 -18.32 -21.00
CA SER E 441 -28.93 -18.39 -20.53
C SER E 441 -27.98 -17.53 -21.37
N ASN E 442 -28.26 -17.40 -22.66
CA ASN E 442 -27.47 -16.51 -23.55
C ASN E 442 -27.67 -15.01 -23.33
N ILE E 443 -28.79 -14.63 -22.72
CA ILE E 443 -29.10 -13.21 -22.47
C ILE E 443 -28.78 -12.82 -21.04
N ALA E 444 -29.02 -13.73 -20.11
CA ALA E 444 -29.11 -13.41 -18.68
C ALA E 444 -27.84 -12.80 -18.06
N GLY E 445 -26.68 -13.32 -18.48
CA GLY E 445 -25.40 -12.74 -18.07
C GLY E 445 -25.26 -11.28 -18.48
N PHE E 446 -25.57 -11.01 -19.75
CA PHE E 446 -25.47 -9.65 -20.27
C PHE E 446 -26.37 -8.70 -19.48
N THR E 447 -27.59 -9.12 -19.19
CA THR E 447 -28.59 -8.19 -18.58
C THR E 447 -28.28 -7.92 -17.12
N LYS E 448 -27.82 -8.94 -16.41
CA LYS E 448 -27.38 -8.77 -15.04
C LYS E 448 -26.15 -7.81 -14.99
N VAL E 449 -25.18 -8.03 -15.87
CA VAL E 449 -23.97 -7.18 -15.91
C VAL E 449 -24.28 -5.73 -16.32
N ALA E 450 -25.07 -5.59 -17.38
CA ALA E 450 -25.46 -4.28 -17.90
C ALA E 450 -26.19 -3.43 -16.88
N ALA E 451 -27.17 -4.00 -16.18
CA ALA E 451 -27.90 -3.26 -15.11
C ALA E 451 -26.99 -2.92 -13.93
N ALA E 452 -26.09 -3.84 -13.60
CA ALA E 452 -25.07 -3.58 -12.55
C ALA E 452 -24.16 -2.43 -12.95
N MET E 453 -23.72 -2.44 -14.20
CA MET E 453 -22.88 -1.37 -14.76
C MET E 453 -23.57 0.00 -14.75
N LYS E 454 -24.87 -0.02 -15.09
CA LYS E 454 -25.70 1.17 -14.99
C LYS E 454 -25.83 1.68 -13.55
N ASP E 455 -26.20 0.79 -12.63
CA ASP E 455 -26.22 1.11 -11.18
C ASP E 455 -24.91 1.77 -10.71
N GLN E 456 -23.78 1.27 -11.20
CA GLN E 456 -22.45 1.74 -10.76
C GLN E 456 -21.86 2.89 -11.57
N GLY E 457 -22.66 3.46 -12.46
CA GLY E 457 -22.26 4.59 -13.30
C GLY E 457 -21.20 4.28 -14.35
N ASP E 458 -21.02 3.00 -14.73
CA ASP E 458 -20.10 2.64 -15.84
C ASP E 458 -20.61 3.13 -17.22
N TRP E 459 -21.93 3.19 -17.35
CA TRP E 459 -22.59 3.85 -18.45
C TRP E 459 -23.86 4.48 -17.91
N TRP E 460 -24.47 5.32 -18.72
CA TRP E 460 -25.71 5.96 -18.34
C TRP E 460 -26.42 6.36 -19.61
N LEU F 4 -13.81 25.85 22.10
CA LEU F 4 -14.33 24.97 21.01
C LEU F 4 -15.37 25.74 20.15
N PRO F 5 -15.58 25.31 18.89
CA PRO F 5 -16.71 25.89 18.13
C PRO F 5 -18.07 25.50 18.74
N HIS F 6 -19.10 26.26 18.43
CA HIS F 6 -20.42 25.94 18.92
C HIS F 6 -21.09 24.85 18.08
N GLU F 7 -21.41 23.72 18.72
CA GLU F 7 -21.92 22.52 18.04
C GLU F 7 -23.19 22.06 18.76
N PRO F 8 -24.27 22.87 18.65
CA PRO F 8 -25.47 22.62 19.47
C PRO F 8 -25.99 21.17 19.43
N GLU F 9 -26.08 20.59 18.22
CA GLU F 9 -26.69 19.27 18.09
C GLU F 9 -25.84 18.20 18.77
N PHE F 10 -24.53 18.26 18.55
CA PHE F 10 -23.61 17.33 19.22
C PHE F 10 -23.58 17.49 20.74
N GLU F 11 -23.50 18.73 21.21
CA GLU F 11 -23.51 19.07 22.64
C GLU F 11 -24.76 18.54 23.36
N GLN F 12 -25.93 18.65 22.73
CA GLN F 12 -27.16 18.09 23.29
C GLN F 12 -27.12 16.55 23.41
N ALA F 13 -26.80 15.87 22.32
CA ALA F 13 -26.58 14.41 22.33
C ALA F 13 -25.61 14.00 23.45
N TYR F 14 -24.47 14.72 23.55
CA TYR F 14 -23.50 14.47 24.62
C TYR F 14 -24.13 14.60 26.02
N LYS F 15 -24.84 15.71 26.25
CA LYS F 15 -25.51 15.96 27.54
C LYS F 15 -26.52 14.89 27.88
N GLU F 16 -27.28 14.45 26.89
CA GLU F 16 -28.27 13.40 27.11
C GLU F 16 -27.58 12.11 27.58
N LEU F 17 -26.48 11.73 26.93
CA LEU F 17 -25.76 10.52 27.31
C LEU F 17 -25.22 10.64 28.74
N ALA F 18 -24.51 11.72 29.03
CA ALA F 18 -24.00 12.00 30.38
C ALA F 18 -25.11 11.95 31.42
N SER F 19 -26.29 12.48 31.08
CA SER F 19 -27.39 12.50 32.02
C SER F 19 -27.97 11.10 32.29
N THR F 20 -28.08 10.27 31.25
CA THR F 20 -28.56 8.90 31.47
C THR F 20 -27.50 8.11 32.30
N LEU F 21 -26.22 8.29 31.99
CA LEU F 21 -25.18 7.59 32.73
C LEU F 21 -25.15 8.01 34.21
N GLU F 22 -25.33 9.30 34.47
CA GLU F 22 -25.38 9.79 35.86
C GLU F 22 -26.55 9.22 36.68
N ASN F 23 -27.69 8.96 36.04
CA ASN F 23 -28.89 8.45 36.70
C ASN F 23 -29.00 6.93 36.61
N SER F 24 -27.93 6.32 37.08
CA SER F 24 -27.75 4.90 37.08
C SER F 24 -26.75 4.69 38.18
N THR F 25 -26.47 3.44 38.50
CA THR F 25 -25.39 3.17 39.43
C THR F 25 -24.00 3.03 38.72
N LEU F 26 -23.89 3.37 37.44
CA LEU F 26 -22.67 3.06 36.67
C LEU F 26 -21.43 3.68 37.27
N PHE F 27 -21.49 4.99 37.51
CA PHE F 27 -20.35 5.74 38.06
C PHE F 27 -20.11 5.57 39.57
N GLN F 28 -20.92 4.78 40.25
CA GLN F 28 -20.64 4.36 41.64
C GLN F 28 -19.95 3.03 41.67
N LYS F 29 -20.36 2.12 40.78
CA LYS F 29 -19.66 0.85 40.61
C LYS F 29 -18.35 1.07 39.84
N ASN F 30 -18.37 1.96 38.85
CA ASN F 30 -17.23 2.17 37.95
C ASN F 30 -16.95 3.66 37.70
N PRO F 31 -16.52 4.40 38.74
CA PRO F 31 -16.29 5.85 38.61
C PRO F 31 -15.27 6.24 37.53
N GLU F 32 -14.28 5.38 37.32
CA GLU F 32 -13.30 5.57 36.26
C GLU F 32 -13.91 5.68 34.86
N TYR F 33 -15.12 5.13 34.63
CA TYR F 33 -15.79 5.30 33.32
C TYR F 33 -16.13 6.74 32.96
N ARG F 34 -16.08 7.67 33.93
CA ARG F 34 -16.17 9.08 33.60
C ARG F 34 -15.07 9.53 32.64
N LYS F 35 -13.87 9.00 32.82
CA LYS F 35 -12.76 9.17 31.89
C LYS F 35 -13.07 8.64 30.50
N ALA F 36 -13.66 7.45 30.44
CA ALA F 36 -14.12 6.91 29.18
C ALA F 36 -15.05 7.85 28.46
N LEU F 37 -15.94 8.50 29.18
CA LEU F 37 -16.87 9.45 28.59
C LEU F 37 -16.13 10.62 27.93
N ALA F 38 -15.15 11.17 28.63
CA ALA F 38 -14.37 12.29 28.09
C ALA F 38 -13.60 11.91 26.82
N VAL F 39 -13.14 10.67 26.75
CA VAL F 39 -12.30 10.21 25.63
C VAL F 39 -13.14 9.85 24.42
N VAL F 40 -14.18 9.06 24.63
CA VAL F 40 -15.09 8.61 23.55
C VAL F 40 -15.78 9.76 22.81
N SER F 41 -15.96 10.90 23.47
CA SER F 41 -16.74 12.00 22.91
C SER F 41 -15.93 12.96 22.07
N VAL F 42 -14.61 12.77 22.03
CA VAL F 42 -13.76 13.44 21.03
C VAL F 42 -13.58 12.42 19.92
N PRO F 43 -14.07 12.70 18.68
CA PRO F 43 -13.91 11.71 17.57
C PRO F 43 -12.46 11.26 17.31
N GLU F 44 -12.30 9.98 16.94
CA GLU F 44 -10.98 9.48 16.55
C GLU F 44 -10.41 10.27 15.36
N ARG F 45 -11.28 10.50 14.38
CA ARG F 45 -10.90 11.19 13.18
C ARG F 45 -12.09 11.82 12.47
N VAL F 46 -11.86 13.01 11.93
CA VAL F 46 -12.80 13.68 11.05
C VAL F 46 -12.05 14.08 9.78
N ILE F 47 -12.66 13.83 8.61
CA ILE F 47 -12.11 14.33 7.36
C ILE F 47 -13.14 15.26 6.78
N GLN F 48 -12.69 16.43 6.35
CA GLN F 48 -13.50 17.40 5.61
C GLN F 48 -12.79 17.65 4.33
N PHE F 49 -13.56 17.90 3.27
CA PHE F 49 -12.96 18.09 1.96
C PHE F 49 -13.86 18.81 1.01
N ARG F 50 -13.23 19.57 0.14
CA ARG F 50 -13.90 20.23 -0.92
C ARG F 50 -14.36 19.22 -1.94
N VAL F 51 -15.57 19.41 -2.46
CA VAL F 51 -16.06 18.60 -3.60
C VAL F 51 -16.47 19.52 -4.74
N VAL F 52 -15.67 19.48 -5.82
CA VAL F 52 -15.93 20.23 -7.04
C VAL F 52 -16.58 19.29 -8.04
N TRP F 53 -17.64 19.77 -8.69
CA TRP F 53 -18.44 18.96 -9.60
C TRP F 53 -19.07 19.87 -10.67
N GLU F 54 -19.36 19.27 -11.81
CA GLU F 54 -19.83 20.00 -12.99
C GLU F 54 -21.34 19.82 -13.16
N ASP F 55 -22.10 20.92 -13.25
CA ASP F 55 -23.54 20.80 -13.46
C ASP F 55 -23.87 20.61 -14.93
N ASP F 56 -25.15 20.43 -15.24
CA ASP F 56 -25.64 20.20 -16.63
C ASP F 56 -25.39 21.36 -17.61
N ALA F 57 -25.28 22.60 -17.11
CA ALA F 57 -24.89 23.74 -17.97
C ALA F 57 -23.35 23.86 -18.19
N GLY F 58 -22.56 22.99 -17.55
CA GLY F 58 -21.10 23.00 -17.67
C GLY F 58 -20.41 23.95 -16.68
N ASN F 59 -21.11 24.37 -15.65
CA ASN F 59 -20.54 25.32 -14.69
C ASN F 59 -19.95 24.59 -13.47
N VAL F 60 -18.89 25.19 -12.95
CA VAL F 60 -18.20 24.70 -11.78
C VAL F 60 -19.09 24.92 -10.53
N GLN F 61 -19.27 23.86 -9.73
CA GLN F 61 -19.99 23.95 -8.46
C GLN F 61 -19.12 23.42 -7.33
N VAL F 62 -19.33 23.98 -6.14
CA VAL F 62 -18.57 23.65 -4.94
C VAL F 62 -19.50 23.32 -3.81
N ASN F 63 -19.25 22.18 -3.17
CA ASN F 63 -19.87 21.77 -1.91
C ASN F 63 -18.81 21.22 -0.93
N ARG F 64 -19.26 20.88 0.26
CA ARG F 64 -18.40 20.36 1.31
C ARG F 64 -18.69 18.88 1.58
N GLY F 65 -17.65 18.07 1.68
CA GLY F 65 -17.77 16.65 2.02
C GLY F 65 -17.26 16.39 3.43
N PHE F 66 -17.74 15.33 4.07
CA PHE F 66 -17.44 15.02 5.49
C PHE F 66 -17.39 13.53 5.74
N ARG F 67 -16.50 13.12 6.64
CA ARG F 67 -16.64 11.81 7.26
C ARG F 67 -16.15 11.83 8.68
N VAL F 68 -17.06 11.68 9.62
CA VAL F 68 -16.75 11.61 11.05
C VAL F 68 -16.54 10.13 11.38
N GLN F 69 -15.30 9.80 11.69
CA GLN F 69 -14.92 8.44 12.08
C GLN F 69 -14.79 8.50 13.59
N PHE F 70 -15.91 8.25 14.25
CA PHE F 70 -16.02 8.60 15.68
C PHE F 70 -15.34 7.60 16.60
N ASN F 71 -15.67 6.33 16.44
CA ASN F 71 -15.12 5.27 17.30
C ASN F 71 -14.99 3.95 16.54
N SER F 72 -13.86 3.25 16.75
CA SER F 72 -13.61 1.95 16.08
C SER F 72 -13.19 0.82 17.02
N ALA F 73 -13.50 0.93 18.32
CA ALA F 73 -13.11 -0.13 19.28
C ALA F 73 -13.81 -1.43 19.03
N LEU F 74 -15.08 -1.39 18.63
CA LEU F 74 -15.84 -2.63 18.41
C LEU F 74 -15.77 -3.18 17.01
N GLY F 75 -15.28 -2.38 16.08
CA GLY F 75 -15.28 -2.74 14.68
C GLY F 75 -14.87 -1.58 13.82
N PRO F 76 -14.81 -1.79 12.49
CA PRO F 76 -14.52 -0.65 11.68
C PRO F 76 -15.68 0.33 11.70
N TYR F 77 -15.36 1.56 11.40
CA TYR F 77 -16.31 2.62 11.40
C TYR F 77 -17.52 2.24 10.52
N LYS F 78 -18.73 2.51 11.01
CA LYS F 78 -19.96 2.18 10.29
C LYS F 78 -21.03 3.28 10.53
N GLY F 79 -21.73 3.66 9.46
CA GLY F 79 -22.75 4.69 9.52
C GLY F 79 -22.94 5.38 8.19
N GLY F 80 -24.11 5.98 8.05
CA GLY F 80 -24.62 6.45 6.78
C GLY F 80 -23.97 7.72 6.26
N LEU F 81 -24.36 8.06 5.05
CA LEU F 81 -23.94 9.29 4.38
C LEU F 81 -25.23 10.02 4.12
N ARG F 82 -25.22 11.32 4.41
CA ARG F 82 -26.36 12.20 4.20
C ARG F 82 -26.03 13.37 3.27
N PHE F 83 -26.80 13.51 2.19
CA PHE F 83 -26.66 14.66 1.31
C PHE F 83 -27.86 15.57 1.55
N HIS F 84 -27.63 16.68 2.26
CA HIS F 84 -28.72 17.61 2.55
C HIS F 84 -28.10 18.99 2.84
N PRO F 85 -28.77 20.11 2.46
CA PRO F 85 -28.14 21.44 2.61
C PRO F 85 -27.91 21.90 4.04
N SER F 86 -28.57 21.28 5.00
CA SER F 86 -28.27 21.52 6.40
C SER F 86 -26.97 20.86 6.90
N VAL F 87 -26.39 19.91 6.14
CA VAL F 87 -25.29 19.10 6.68
C VAL F 87 -24.12 20.01 7.08
N ASN F 88 -23.64 19.79 8.30
CA ASN F 88 -22.40 20.39 8.78
C ASN F 88 -21.77 19.43 9.77
N LEU F 89 -20.62 19.81 10.33
CA LEU F 89 -19.86 18.91 11.20
C LEU F 89 -20.61 18.59 12.49
N SER F 90 -21.28 19.60 13.04
CA SER F 90 -22.00 19.45 14.30
C SER F 90 -23.07 18.38 14.18
N ILE F 91 -23.84 18.49 13.11
CA ILE F 91 -24.91 17.54 12.84
C ILE F 91 -24.33 16.12 12.63
N LEU F 92 -23.29 16.00 11.83
CA LEU F 92 -22.72 14.68 11.57
C LEU F 92 -22.03 14.09 12.81
N LYS F 93 -21.51 14.95 13.67
CA LYS F 93 -20.98 14.51 14.97
C LYS F 93 -22.08 13.95 15.86
N PHE F 94 -23.18 14.70 15.94
CA PHE F 94 -24.42 14.26 16.61
C PHE F 94 -24.83 12.87 16.12
N LEU F 95 -24.96 12.71 14.81
CA LEU F 95 -25.48 11.45 14.26
C LEU F 95 -24.47 10.30 14.41
N GLY F 96 -23.21 10.61 14.18
CA GLY F 96 -22.11 9.66 14.29
C GLY F 96 -21.94 9.18 15.73
N PHE F 97 -22.04 10.10 16.69
CA PHE F 97 -21.89 9.78 18.11
C PHE F 97 -22.94 8.78 18.55
N GLU F 98 -24.18 9.06 18.20
CA GLU F 98 -25.31 8.17 18.49
C GLU F 98 -25.17 6.80 17.84
N GLN F 99 -24.65 6.79 16.63
CA GLN F 99 -24.48 5.58 15.85
C GLN F 99 -23.46 4.61 16.50
N ILE F 100 -22.47 5.15 17.23
CA ILE F 100 -21.53 4.31 17.96
C ILE F 100 -22.32 3.36 18.84
N PHE F 101 -23.23 3.93 19.62
CA PHE F 101 -23.87 3.20 20.72
C PHE F 101 -25.01 2.35 20.21
N LYS F 102 -25.67 2.79 19.14
CA LYS F 102 -26.67 1.95 18.48
C LYS F 102 -26.05 0.68 17.86
N ASN F 103 -24.98 0.87 17.10
CA ASN F 103 -24.25 -0.23 16.50
C ASN F 103 -23.72 -1.21 17.54
N ALA F 104 -23.16 -0.66 18.62
CA ALA F 104 -22.65 -1.44 19.74
C ALA F 104 -23.69 -2.38 20.36
N LEU F 105 -24.91 -1.86 20.46
CA LEU F 105 -26.08 -2.57 21.03
C LEU F 105 -26.43 -3.84 20.27
N THR F 106 -26.15 -3.88 18.97
CA THR F 106 -26.46 -5.06 18.19
C THR F 106 -25.59 -6.25 18.50
N GLY F 107 -24.44 -6.05 19.13
CA GLY F 107 -23.47 -7.13 19.37
C GLY F 107 -22.56 -7.48 18.19
N LEU F 108 -22.69 -6.74 17.08
CA LEU F 108 -21.87 -6.92 15.90
C LEU F 108 -20.62 -6.08 16.07
N ASN F 109 -19.62 -6.38 15.25
CA ASN F 109 -18.36 -5.67 15.24
C ASN F 109 -18.40 -4.53 14.24
N MET F 110 -19.10 -3.48 14.68
CA MET F 110 -19.24 -2.23 13.99
C MET F 110 -18.93 -1.10 14.98
N GLY F 111 -18.11 -0.16 14.52
CA GLY F 111 -17.85 1.07 15.24
C GLY F 111 -18.93 2.05 14.86
N GLY F 112 -18.63 3.34 14.97
CA GLY F 112 -19.61 4.38 14.62
C GLY F 112 -19.03 5.54 13.81
N GLY F 113 -19.81 5.95 12.83
CA GLY F 113 -19.44 7.03 11.94
C GLY F 113 -20.64 7.64 11.26
N LYS F 114 -20.41 8.83 10.67
CA LYS F 114 -21.37 9.48 9.81
C LYS F 114 -20.65 10.45 8.92
N GLY F 115 -21.20 10.63 7.73
CA GLY F 115 -20.68 11.57 6.77
C GLY F 115 -21.72 12.07 5.81
N GLY F 116 -21.24 12.72 4.79
CA GLY F 116 -22.09 13.29 3.79
C GLY F 116 -21.59 14.61 3.27
N SER F 117 -22.54 15.42 2.80
CA SER F 117 -22.27 16.70 2.18
C SER F 117 -23.45 17.65 2.28
N ASP F 118 -23.17 18.94 2.17
CA ASP F 118 -24.22 19.97 2.06
C ASP F 118 -24.82 20.08 0.66
N PHE F 119 -24.38 19.23 -0.28
CA PHE F 119 -24.99 19.02 -1.61
C PHE F 119 -26.47 18.77 -1.48
N ASP F 120 -27.27 19.53 -2.23
CA ASP F 120 -28.73 19.39 -2.17
C ASP F 120 -29.20 18.67 -3.41
N PRO F 121 -29.58 17.38 -3.28
CA PRO F 121 -30.05 16.67 -4.47
C PRO F 121 -31.42 17.11 -5.03
N LYS F 122 -32.12 18.02 -4.37
CA LYS F 122 -33.42 18.44 -4.83
C LYS F 122 -33.24 19.19 -6.13
N GLY F 123 -33.99 18.78 -7.14
CA GLY F 123 -33.94 19.44 -8.45
C GLY F 123 -32.66 19.26 -9.24
N LYS F 124 -31.87 18.23 -8.92
CA LYS F 124 -30.69 17.89 -9.72
C LYS F 124 -31.08 16.78 -10.69
N SER F 125 -30.47 16.74 -11.87
CA SER F 125 -30.67 15.58 -12.75
C SER F 125 -29.94 14.37 -12.17
N ASP F 126 -30.29 13.19 -12.67
CA ASP F 126 -29.53 11.99 -12.38
C ASP F 126 -28.05 12.13 -12.79
N ASN F 127 -27.81 12.78 -13.92
CA ASN F 127 -26.46 13.08 -14.37
C ASN F 127 -25.67 13.91 -13.36
N GLU F 128 -26.27 14.98 -12.87
CA GLU F 128 -25.63 15.85 -11.87
C GLU F 128 -25.27 15.09 -10.61
N ILE F 129 -26.23 14.30 -10.12
CA ILE F 129 -26.02 13.39 -8.99
C ILE F 129 -24.85 12.43 -9.24
N ARG F 130 -24.82 11.80 -10.42
CA ARG F 130 -23.67 10.94 -10.79
C ARG F 130 -22.35 11.70 -10.67
N ARG F 131 -22.23 12.85 -11.33
CA ARG F 131 -21.00 13.65 -11.28
C ARG F 131 -20.60 14.00 -9.86
N PHE F 132 -21.58 14.41 -9.05
CA PHE F 132 -21.29 14.71 -7.67
C PHE F 132 -20.74 13.52 -6.89
N CYS F 133 -21.43 12.38 -7.00
CA CYS F 133 -21.01 11.13 -6.36
C CYS F 133 -19.61 10.68 -6.75
N VAL F 134 -19.29 10.81 -8.05
CA VAL F 134 -17.99 10.45 -8.57
C VAL F 134 -16.90 11.34 -7.93
N SER F 135 -17.18 12.63 -7.81
CA SER F 135 -16.23 13.57 -7.24
C SER F 135 -16.09 13.34 -5.75
N PHE F 136 -17.21 13.17 -5.07
CA PHE F 136 -17.24 12.96 -3.61
C PHE F 136 -16.43 11.69 -3.27
N MET F 137 -16.66 10.61 -4.01
CA MET F 137 -15.96 9.36 -3.75
C MET F 137 -14.49 9.43 -4.14
N THR F 138 -14.16 10.26 -5.11
CA THR F 138 -12.77 10.41 -5.49
C THR F 138 -11.88 10.78 -4.30
N GLU F 139 -12.35 11.66 -3.42
CA GLU F 139 -11.64 11.95 -2.18
C GLU F 139 -11.91 10.96 -1.06
N LEU F 140 -13.17 10.52 -0.92
CA LEU F 140 -13.55 9.70 0.20
C LEU F 140 -12.82 8.38 0.24
N CYS F 141 -12.54 7.83 -0.94
CA CYS F 141 -11.87 6.55 -1.14
CA CYS F 141 -11.95 6.50 -1.02
C CYS F 141 -10.61 6.35 -0.29
N LYS F 142 -9.82 7.41 -0.15
CA LYS F 142 -8.58 7.41 0.67
C LYS F 142 -8.78 6.98 2.11
N HIS F 143 -9.95 7.29 2.65
CA HIS F 143 -10.22 7.21 4.09
C HIS F 143 -11.11 6.06 4.50
N ILE F 144 -11.58 5.27 3.53
CA ILE F 144 -12.53 4.18 3.80
C ILE F 144 -12.05 2.84 3.24
N GLY F 145 -12.81 1.81 3.52
CA GLY F 145 -12.47 0.48 3.04
C GLY F 145 -13.20 -0.53 3.85
N ALA F 146 -13.33 -1.73 3.30
CA ALA F 146 -14.03 -2.82 3.99
C ALA F 146 -13.43 -3.16 5.36
N ASP F 147 -12.14 -2.91 5.58
CA ASP F 147 -11.53 -3.12 6.90
C ASP F 147 -11.41 -1.87 7.79
N THR F 148 -11.92 -0.73 7.34
CA THR F 148 -11.67 0.57 7.98
C THR F 148 -12.95 1.37 8.26
N ASP F 149 -13.73 1.59 7.22
CA ASP F 149 -14.92 2.39 7.27
C ASP F 149 -15.88 1.98 6.16
N VAL F 150 -17.06 1.53 6.56
CA VAL F 150 -18.08 1.04 5.63
C VAL F 150 -19.31 1.95 5.76
N PRO F 151 -19.40 2.96 4.86
CA PRO F 151 -20.59 3.80 4.91
C PRO F 151 -21.82 3.14 4.29
N ALA F 152 -22.90 3.92 4.26
CA ALA F 152 -24.21 3.46 3.83
C ALA F 152 -25.02 4.64 3.40
N GLY F 153 -26.30 4.37 3.11
CA GLY F 153 -27.28 5.40 2.77
C GLY F 153 -27.80 6.13 3.99
N ASP F 154 -28.51 7.22 3.72
CA ASP F 154 -29.26 8.04 4.69
C ASP F 154 -30.04 9.05 3.81
N ILE F 155 -30.55 10.14 4.38
CA ILE F 155 -31.24 11.18 3.61
C ILE F 155 -30.36 11.72 2.44
N GLY F 156 -30.93 11.76 1.26
CA GLY F 156 -30.24 12.17 0.04
C GLY F 156 -29.32 11.14 -0.57
N VAL F 157 -29.16 9.99 0.09
CA VAL F 157 -28.27 8.90 -0.36
C VAL F 157 -29.08 7.59 -0.30
N THR F 158 -29.72 7.24 -1.40
CA THR F 158 -30.49 5.98 -1.53
C THR F 158 -29.67 5.06 -2.43
N GLY F 159 -30.25 3.94 -2.85
CA GLY F 159 -29.60 2.99 -3.78
C GLY F 159 -28.91 3.57 -5.01
N ARG F 160 -29.50 4.59 -5.61
CA ARG F 160 -28.93 5.24 -6.79
C ARG F 160 -27.53 5.81 -6.50
N GLU F 161 -27.45 6.56 -5.41
CA GLU F 161 -26.19 7.23 -4.98
C GLU F 161 -25.19 6.18 -4.48
N VAL F 162 -25.65 5.25 -3.66
CA VAL F 162 -24.80 4.12 -3.23
C VAL F 162 -24.15 3.43 -4.44
N GLY F 163 -24.90 3.28 -5.53
CA GLY F 163 -24.35 2.68 -6.77
C GLY F 163 -23.21 3.46 -7.42
N PHE F 164 -23.47 4.73 -7.70
CA PHE F 164 -22.48 5.62 -8.28
C PHE F 164 -21.24 5.72 -7.38
N LEU F 165 -21.43 5.69 -6.06
CA LEU F 165 -20.32 5.76 -5.12
C LEU F 165 -19.47 4.48 -5.19
N PHE F 166 -20.14 3.35 -5.14
CA PHE F 166 -19.48 2.06 -5.25
C PHE F 166 -18.72 1.95 -6.54
N GLY F 167 -19.38 2.34 -7.63
CA GLY F 167 -18.80 2.30 -8.96
C GLY F 167 -17.48 3.05 -9.02
N GLN F 168 -17.46 4.27 -8.47
CA GLN F 168 -16.26 5.10 -8.52
C GLN F 168 -15.13 4.59 -7.62
N TYR F 169 -15.50 4.08 -6.43
CA TYR F 169 -14.57 3.40 -5.51
C TYR F 169 -13.84 2.25 -6.20
N ARG F 170 -14.61 1.35 -6.79
CA ARG F 170 -14.08 0.23 -7.53
C ARG F 170 -13.07 0.68 -8.60
N LYS F 171 -13.44 1.69 -9.40
CA LYS F 171 -12.57 2.23 -10.46
C LYS F 171 -11.21 2.67 -9.92
N ILE F 172 -11.20 3.59 -8.96
CA ILE F 172 -9.94 4.11 -8.39
C ILE F 172 -9.13 3.04 -7.62
N ARG F 173 -9.82 2.35 -6.74
CA ARG F 173 -9.18 1.44 -5.80
C ARG F 173 -8.86 0.10 -6.47
N ASN F 174 -9.56 -0.25 -7.56
CA ASN F 174 -9.36 -1.53 -8.27
C ASN F 174 -9.52 -2.73 -7.32
N GLN F 175 -10.54 -2.63 -6.46
CA GLN F 175 -10.94 -3.71 -5.59
C GLN F 175 -12.44 -3.80 -5.59
N TRP F 176 -12.94 -5.02 -5.44
CA TRP F 176 -14.37 -5.28 -5.29
C TRP F 176 -14.53 -5.79 -3.89
N GLU F 177 -15.13 -4.99 -3.01
CA GLU F 177 -15.25 -5.36 -1.59
C GLU F 177 -16.47 -4.70 -0.95
N GLY F 178 -16.83 -5.14 0.24
CA GLY F 178 -17.98 -4.58 0.98
C GLY F 178 -17.68 -3.23 1.63
N VAL F 179 -17.42 -2.24 0.79
CA VAL F 179 -17.00 -0.91 1.23
C VAL F 179 -18.23 -0.06 1.59
N LEU F 180 -19.38 -0.43 1.04
CA LEU F 180 -20.66 0.20 1.31
C LEU F 180 -21.70 -0.89 1.53
N THR F 181 -22.70 -0.57 2.37
CA THR F 181 -23.88 -1.41 2.56
C THR F 181 -25.10 -0.72 1.91
N GLY F 182 -26.16 -1.50 1.70
CA GLY F 182 -27.32 -1.06 0.90
C GLY F 182 -27.10 -1.15 -0.61
N LYS F 183 -26.19 -2.04 -1.02
CA LYS F 183 -25.86 -2.27 -2.41
C LYS F 183 -26.97 -3.05 -3.12
N GLY F 184 -27.03 -2.90 -4.44
CA GLY F 184 -27.97 -3.67 -5.29
C GLY F 184 -27.77 -5.16 -5.21
N GLY F 185 -28.85 -5.90 -5.43
CA GLY F 185 -28.91 -7.34 -5.26
C GLY F 185 -27.91 -8.15 -6.07
N SER F 186 -27.65 -7.75 -7.29
CA SER F 186 -26.69 -8.49 -8.13
C SER F 186 -25.20 -8.15 -7.87
N TRP F 187 -24.93 -7.07 -7.14
CA TRP F 187 -23.56 -6.59 -6.92
C TRP F 187 -23.27 -6.42 -5.43
N GLY F 188 -23.68 -7.43 -4.66
CA GLY F 188 -23.29 -7.57 -3.27
C GLY F 188 -24.29 -7.13 -2.21
N GLY F 189 -25.50 -6.75 -2.60
CA GLY F 189 -26.57 -6.49 -1.63
C GLY F 189 -27.05 -7.78 -0.96
N SER F 190 -27.76 -7.65 0.17
CA SER F 190 -28.31 -8.80 0.88
C SER F 190 -29.79 -8.98 0.62
N LEU F 191 -30.23 -10.24 0.53
CA LEU F 191 -31.63 -10.61 0.70
C LEU F 191 -32.07 -10.20 2.12
N ILE F 192 -33.37 -9.99 2.30
CA ILE F 192 -33.97 -9.49 3.59
C ILE F 192 -33.65 -8.00 3.90
N ARG F 193 -33.01 -7.27 2.99
CA ARG F 193 -32.73 -5.85 3.17
C ARG F 193 -34.03 -5.01 3.23
N PRO F 194 -34.95 -5.21 2.28
CA PRO F 194 -36.19 -4.45 2.39
C PRO F 194 -36.99 -4.76 3.67
N GLU F 195 -37.02 -6.04 4.00
CA GLU F 195 -37.72 -6.58 5.18
C GLU F 195 -37.06 -6.32 6.55
N ALA F 196 -35.81 -5.88 6.57
CA ALA F 196 -34.96 -6.00 7.78
C ALA F 196 -35.51 -5.28 9.00
N THR F 197 -35.90 -4.03 8.83
CA THR F 197 -36.35 -3.22 9.97
C THR F 197 -37.64 -3.76 10.56
N GLY F 198 -38.62 -4.01 9.71
CA GLY F 198 -39.91 -4.53 10.16
C GLY F 198 -39.82 -5.90 10.80
N TYR F 199 -39.09 -6.80 10.15
CA TYR F 199 -38.83 -8.12 10.72
C TYR F 199 -38.11 -8.01 12.04
N GLY F 200 -37.10 -7.12 12.08
CA GLY F 200 -36.32 -6.91 13.31
C GLY F 200 -37.16 -6.51 14.52
N VAL F 201 -38.13 -5.63 14.28
CA VAL F 201 -39.03 -5.14 15.33
C VAL F 201 -39.83 -6.27 15.90
N VAL F 202 -40.35 -7.13 15.03
CA VAL F 202 -41.17 -8.28 15.45
C VAL F 202 -40.36 -9.30 16.26
N TYR F 203 -39.13 -9.58 15.81
CA TYR F 203 -38.24 -10.49 16.49
C TYR F 203 -37.84 -9.98 17.83
N TYR F 204 -37.53 -8.68 17.93
CA TYR F 204 -37.23 -8.04 19.23
C TYR F 204 -38.39 -8.26 20.21
N VAL F 205 -39.62 -8.09 19.72
CA VAL F 205 -40.78 -8.21 20.59
C VAL F 205 -40.94 -9.68 21.00
N GLU F 206 -40.68 -10.60 20.05
CA GLU F 206 -40.72 -12.04 20.34
C GLU F 206 -39.84 -12.44 21.52
N HIS F 207 -38.64 -11.82 21.59
CA HIS F 207 -37.74 -12.04 22.71
C HIS F 207 -38.28 -11.40 24.00
N MET F 208 -38.93 -10.24 23.88
CA MET F 208 -39.53 -9.62 25.06
C MET F 208 -40.62 -10.54 25.59
N ILE F 209 -41.49 -11.01 24.70
CA ILE F 209 -42.60 -11.88 25.10
C ILE F 209 -42.09 -13.12 25.82
N ALA F 210 -41.14 -13.81 25.19
CA ALA F 210 -40.54 -15.01 25.78
C ALA F 210 -39.99 -14.75 27.19
N HIS F 211 -39.35 -13.60 27.38
CA HIS F 211 -38.77 -13.32 28.69
C HIS F 211 -39.84 -12.92 29.74
N ALA F 212 -40.83 -12.11 29.34
CA ALA F 212 -41.84 -11.66 30.29
C ALA F 212 -42.78 -12.80 30.72
N THR F 213 -42.90 -13.84 29.91
CA THR F 213 -43.85 -14.92 30.17
C THR F 213 -43.15 -16.24 30.48
N ASN F 214 -41.84 -16.21 30.75
CA ASN F 214 -41.02 -17.42 30.91
C ASN F 214 -41.24 -18.48 29.84
N GLY F 215 -41.24 -18.02 28.59
CA GLY F 215 -41.39 -18.89 27.46
C GLY F 215 -42.78 -19.49 27.24
N GLN F 216 -43.80 -19.01 27.95
CA GLN F 216 -45.14 -19.60 27.87
C GLN F 216 -46.03 -18.97 26.78
N GLU F 217 -45.72 -17.74 26.35
CA GLU F 217 -46.41 -17.10 25.23
C GLU F 217 -45.45 -16.75 24.10
N SER F 218 -46.03 -16.46 22.95
CA SER F 218 -45.30 -15.97 21.78
C SER F 218 -46.25 -15.05 21.02
N PHE F 219 -45.89 -14.66 19.80
CA PHE F 219 -46.84 -13.92 18.91
C PHE F 219 -48.10 -14.70 18.53
N LYS F 220 -48.04 -16.03 18.68
CA LYS F 220 -49.14 -16.92 18.34
C LYS F 220 -50.39 -16.60 19.16
N GLY F 221 -51.49 -16.34 18.47
CA GLY F 221 -52.74 -15.92 19.11
C GLY F 221 -52.83 -14.44 19.51
N LYS F 222 -51.78 -13.66 19.32
CA LYS F 222 -51.79 -12.27 19.78
C LYS F 222 -52.33 -11.33 18.70
N ARG F 223 -53.00 -10.28 19.17
CA ARG F 223 -53.49 -9.23 18.32
C ARG F 223 -52.48 -8.10 18.34
N VAL F 224 -52.12 -7.60 17.16
CA VAL F 224 -51.04 -6.64 16.99
C VAL F 224 -51.50 -5.44 16.16
N ALA F 225 -51.48 -4.28 16.80
CA ALA F 225 -51.83 -3.01 16.17
C ALA F 225 -50.56 -2.38 15.60
N ILE F 226 -50.57 -2.11 14.30
CA ILE F 226 -49.44 -1.47 13.63
C ILE F 226 -49.91 -0.16 13.00
N SER F 227 -49.02 0.84 13.03
CA SER F 227 -49.25 2.08 12.29
C SER F 227 -48.28 2.17 11.14
N GLY F 228 -48.63 2.99 10.17
CA GLY F 228 -47.86 3.10 8.95
C GLY F 228 -48.28 2.04 7.92
N SER F 229 -47.85 2.27 6.69
CA SER F 229 -48.11 1.33 5.61
C SER F 229 -46.97 1.32 4.59
N GLY F 230 -45.76 1.71 5.03
CA GLY F 230 -44.56 1.57 4.23
C GLY F 230 -43.84 0.28 4.53
N ASN F 231 -42.58 0.28 4.12
CA ASN F 231 -41.60 -0.80 4.30
CA ASN F 231 -41.78 -0.93 4.22
C ASN F 231 -41.75 -1.49 5.66
N VAL F 232 -41.62 -0.68 6.68
CA VAL F 232 -41.50 -1.18 8.04
C VAL F 232 -42.79 -1.84 8.52
N ALA F 233 -43.90 -1.14 8.32
CA ALA F 233 -45.22 -1.63 8.70
C ALA F 233 -45.62 -2.91 7.94
N GLN F 234 -45.39 -2.90 6.63
CA GLN F 234 -45.69 -4.04 5.76
C GLN F 234 -44.96 -5.28 6.22
N TYR F 235 -43.64 -5.18 6.37
CA TYR F 235 -42.86 -6.38 6.68
C TYR F 235 -42.98 -6.83 8.14
N ALA F 236 -43.14 -5.88 9.07
CA ALA F 236 -43.53 -6.22 10.44
C ALA F 236 -44.83 -7.01 10.46
N ALA F 237 -45.81 -6.57 9.66
CA ALA F 237 -47.07 -7.26 9.52
C ALA F 237 -46.93 -8.65 8.94
N LEU F 238 -46.14 -8.77 7.88
CA LEU F 238 -45.95 -10.06 7.24
C LEU F 238 -45.37 -11.09 8.20
N LYS F 239 -44.41 -10.65 9.00
CA LYS F 239 -43.77 -11.49 10.00
C LYS F 239 -44.67 -11.86 11.18
N VAL F 240 -45.48 -10.91 11.67
CA VAL F 240 -46.47 -11.23 12.71
C VAL F 240 -47.38 -12.37 12.22
N ILE F 241 -47.91 -12.26 11.00
CA ILE F 241 -48.77 -13.27 10.39
C ILE F 241 -48.07 -14.62 10.30
N GLU F 242 -46.85 -14.58 9.82
CA GLU F 242 -46.00 -15.77 9.74
C GLU F 242 -45.83 -16.49 11.09
N LEU F 243 -45.80 -15.71 12.19
CA LEU F 243 -45.67 -16.27 13.53
C LEU F 243 -47.02 -16.58 14.22
N GLY F 244 -48.09 -16.58 13.44
CA GLY F 244 -49.43 -16.89 13.91
C GLY F 244 -50.05 -15.80 14.77
N GLY F 245 -49.62 -14.55 14.59
CA GLY F 245 -50.27 -13.41 15.19
C GLY F 245 -51.26 -12.78 14.22
N SER F 246 -52.13 -11.92 14.77
CA SER F 246 -53.10 -11.20 14.00
C SER F 246 -52.72 -9.74 13.88
N VAL F 247 -52.68 -9.25 12.65
CA VAL F 247 -52.39 -7.85 12.38
C VAL F 247 -53.75 -7.17 12.30
N VAL F 248 -54.02 -6.22 13.19
CA VAL F 248 -55.35 -5.60 13.27
C VAL F 248 -55.46 -4.15 12.78
N SER F 249 -54.36 -3.55 12.33
CA SER F 249 -54.41 -2.20 11.81
C SER F 249 -53.19 -1.92 10.98
N LEU F 250 -53.37 -0.98 10.05
CA LEU F 250 -52.29 -0.29 9.33
C LEU F 250 -52.77 1.15 9.18
N SER F 251 -51.90 2.07 8.80
CA SER F 251 -52.36 3.45 8.65
C SER F 251 -51.47 4.24 7.73
N ASP F 252 -51.96 5.43 7.32
CA ASP F 252 -51.13 6.46 6.67
C ASP F 252 -51.46 7.79 7.32
N SER F 253 -50.87 8.89 6.83
CA SER F 253 -51.04 10.19 7.48
C SER F 253 -52.50 10.72 7.47
N GLN F 254 -53.35 10.17 6.60
CA GLN F 254 -54.75 10.60 6.49
C GLN F 254 -55.77 9.75 7.28
N GLY F 255 -55.44 8.50 7.57
CA GLY F 255 -56.37 7.64 8.31
C GLY F 255 -55.82 6.25 8.62
N SER F 256 -56.65 5.45 9.28
CA SER F 256 -56.29 4.09 9.71
C SER F 256 -57.21 3.09 9.06
N LEU F 257 -56.69 1.94 8.64
CA LEU F 257 -57.51 0.84 8.15
C LEU F 257 -57.38 -0.31 9.15
N ILE F 258 -58.49 -0.64 9.83
CA ILE F 258 -58.47 -1.58 10.96
C ILE F 258 -59.39 -2.77 10.70
N ILE F 259 -59.12 -3.86 11.43
CA ILE F 259 -59.96 -5.02 11.40
C ILE F 259 -61.15 -4.83 12.36
N ASN F 260 -62.32 -5.20 11.89
CA ASN F 260 -63.54 -5.20 12.67
C ASN F 260 -63.63 -6.51 13.42
N GLY F 261 -63.68 -6.47 14.76
CA GLY F 261 -63.67 -7.66 15.61
C GLY F 261 -62.45 -8.56 15.45
N GLU F 262 -62.66 -9.88 15.61
CA GLU F 262 -61.56 -10.83 15.55
C GLU F 262 -61.16 -11.06 14.08
N GLY F 263 -59.86 -11.06 13.79
CA GLY F 263 -59.40 -11.27 12.41
C GLY F 263 -58.04 -10.65 12.19
N SER F 264 -57.58 -10.70 10.95
CA SER F 264 -56.26 -10.24 10.61
C SER F 264 -56.15 -9.89 9.12
N PHE F 265 -55.28 -8.92 8.82
CA PHE F 265 -54.81 -8.75 7.45
C PHE F 265 -54.14 -10.04 6.98
N THR F 266 -54.27 -10.33 5.69
CA THR F 266 -53.59 -11.45 5.03
C THR F 266 -52.38 -10.93 4.29
N PRO F 267 -51.46 -11.84 3.89
CA PRO F 267 -50.33 -11.47 3.04
C PRO F 267 -50.75 -10.87 1.70
N GLU F 268 -51.76 -11.46 1.08
CA GLU F 268 -52.35 -10.95 -0.17
C GLU F 268 -52.80 -9.50 0.02
N GLU F 269 -53.58 -9.26 1.08
CA GLU F 269 -54.06 -7.91 1.40
C GLU F 269 -52.93 -6.91 1.66
N ILE F 270 -51.85 -7.37 2.27
CA ILE F 270 -50.67 -6.51 2.49
C ILE F 270 -49.95 -6.18 1.17
N GLU F 271 -49.88 -7.15 0.28
CA GLU F 271 -49.34 -6.93 -1.07
C GLU F 271 -50.16 -5.88 -1.84
N LEU F 272 -51.49 -5.93 -1.73
CA LEU F 272 -52.36 -4.93 -2.38
C LEU F 272 -52.12 -3.55 -1.82
N ILE F 273 -51.97 -3.45 -0.51
CA ILE F 273 -51.61 -2.16 0.12
C ILE F 273 -50.22 -1.67 -0.32
N ALA F 274 -49.27 -2.59 -0.48
CA ALA F 274 -47.94 -2.25 -0.99
C ALA F 274 -47.98 -1.70 -2.41
N GLN F 275 -48.81 -2.28 -3.27
CA GLN F 275 -48.98 -1.77 -4.64
C GLN F 275 -49.52 -0.34 -4.64
N THR F 276 -50.57 -0.12 -3.84
CA THR F 276 -51.25 1.17 -3.84
C THR F 276 -50.30 2.26 -3.33
N LYS F 277 -49.44 1.88 -2.40
CA LYS F 277 -48.40 2.78 -1.88
C LYS F 277 -47.32 3.10 -2.92
N VAL F 278 -46.96 2.09 -3.72
CA VAL F 278 -46.07 2.29 -4.88
C VAL F 278 -46.72 3.28 -5.83
N GLU F 279 -48.01 3.13 -6.09
CA GLU F 279 -48.77 4.10 -6.86
C GLU F 279 -49.08 5.44 -6.12
N ARG F 280 -48.44 5.68 -4.97
CA ARG F 280 -48.69 6.85 -4.10
C ARG F 280 -50.17 7.22 -3.87
N LYS F 281 -51.02 6.20 -3.73
CA LYS F 281 -52.41 6.37 -3.31
C LYS F 281 -52.55 6.16 -1.79
N GLN F 282 -53.46 6.93 -1.19
CA GLN F 282 -53.79 6.85 0.24
CA GLN F 282 -53.75 6.81 0.24
C GLN F 282 -54.79 5.72 0.51
N LEU F 283 -54.84 5.24 1.76
CA LEU F 283 -55.69 4.08 2.11
C LEU F 283 -57.18 4.36 1.89
N ALA F 284 -57.59 5.62 2.08
CA ALA F 284 -58.95 6.06 1.82
C ALA F 284 -59.48 5.72 0.42
N SER F 285 -58.60 5.76 -0.58
CA SER F 285 -59.00 5.50 -1.96
C SER F 285 -59.05 4.02 -2.37
N ILE F 286 -58.67 3.10 -1.48
CA ILE F 286 -58.69 1.66 -1.82
C ILE F 286 -59.80 0.83 -1.16
N VAL F 287 -60.64 1.49 -0.37
CA VAL F 287 -61.72 0.82 0.35
C VAL F 287 -63.03 0.78 -0.49
N GLY F 288 -62.99 1.32 -1.71
CA GLY F 288 -64.12 1.25 -2.61
C GLY F 288 -64.24 -0.05 -3.40
N ALA F 289 -63.17 -0.83 -3.48
CA ALA F 289 -63.18 -2.09 -4.21
C ALA F 289 -62.80 -3.26 -3.30
N ALA F 290 -63.11 -4.48 -3.72
CA ALA F 290 -62.69 -5.67 -2.99
C ALA F 290 -61.15 -5.72 -2.89
N PRO F 291 -60.58 -6.30 -1.84
CA PRO F 291 -61.28 -6.93 -0.72
C PRO F 291 -61.68 -5.96 0.41
N PHE F 292 -61.19 -4.74 0.33
CA PHE F 292 -61.24 -3.77 1.44
C PHE F 292 -62.58 -3.11 1.62
N SER F 293 -63.43 -3.19 0.60
CA SER F 293 -64.85 -2.75 0.63
C SER F 293 -65.72 -3.63 1.50
N ASP F 294 -65.25 -4.83 1.81
CA ASP F 294 -65.98 -5.70 2.72
C ASP F 294 -66.01 -5.03 4.12
N ALA F 295 -67.12 -4.36 4.41
CA ALA F 295 -67.32 -3.67 5.70
C ALA F 295 -67.47 -4.62 6.90
N ASN F 296 -67.75 -5.90 6.67
CA ASN F 296 -67.67 -6.89 7.75
C ASN F 296 -66.24 -7.08 8.26
N LYS F 297 -65.25 -6.98 7.38
CA LYS F 297 -63.87 -7.17 7.80
C LYS F 297 -63.12 -5.88 8.14
N PHE F 298 -63.26 -4.84 7.32
CA PHE F 298 -62.46 -3.60 7.43
C PHE F 298 -63.30 -2.35 7.74
N LYS F 299 -62.77 -1.52 8.63
CA LYS F 299 -63.28 -0.16 8.85
C LYS F 299 -62.19 0.82 8.50
N TYR F 300 -62.49 1.81 7.66
CA TYR F 300 -61.60 2.96 7.45
C TYR F 300 -62.01 4.08 8.42
N ILE F 301 -61.07 4.60 9.20
CA ILE F 301 -61.34 5.65 10.15
C ILE F 301 -60.55 6.90 9.75
N ALA F 302 -61.26 7.87 9.21
CA ALA F 302 -60.64 9.07 8.65
C ALA F 302 -60.05 9.92 9.75
N GLY F 303 -58.84 10.42 9.50
CA GLY F 303 -58.19 11.35 10.41
C GLY F 303 -57.52 10.77 11.64
N ALA F 304 -57.63 9.45 11.87
CA ALA F 304 -57.28 8.83 13.15
C ALA F 304 -56.05 7.95 13.06
N ARG F 305 -55.33 7.89 14.18
CA ARG F 305 -54.35 6.84 14.41
C ARG F 305 -55.12 5.61 14.93
N PRO F 306 -54.52 4.42 14.83
CA PRO F 306 -55.29 3.22 15.14
C PRO F 306 -55.50 2.90 16.62
N TRP F 307 -54.67 3.46 17.49
CA TRP F 307 -54.54 3.02 18.90
C TRP F 307 -55.82 2.90 19.70
N VAL F 308 -56.65 3.94 19.64
CA VAL F 308 -57.91 3.97 20.37
C VAL F 308 -59.07 3.24 19.68
N HIS F 309 -58.87 2.76 18.44
CA HIS F 309 -59.98 2.18 17.66
C HIS F 309 -59.91 0.68 17.47
N VAL F 310 -58.75 0.08 17.78
CA VAL F 310 -58.57 -1.36 17.65
C VAL F 310 -59.26 -2.25 18.70
N GLY F 311 -59.70 -1.69 19.82
CA GLY F 311 -60.26 -2.47 20.92
C GLY F 311 -59.18 -3.16 21.73
N LYS F 312 -59.47 -4.33 22.29
CA LYS F 312 -58.44 -5.11 23.00
C LYS F 312 -57.32 -5.49 22.06
N VAL F 313 -56.09 -5.28 22.51
CA VAL F 313 -54.90 -5.53 21.72
C VAL F 313 -53.75 -5.93 22.67
N ASP F 314 -52.84 -6.77 22.20
CA ASP F 314 -51.74 -7.27 23.04
C ASP F 314 -50.37 -6.61 22.76
N VAL F 315 -50.16 -6.17 21.52
CA VAL F 315 -48.89 -5.65 21.06
C VAL F 315 -49.15 -4.43 20.19
N ALA F 316 -48.35 -3.38 20.34
CA ALA F 316 -48.45 -2.19 19.49
C ALA F 316 -47.09 -1.82 18.90
N LEU F 317 -47.07 -1.64 17.58
CA LEU F 317 -45.87 -1.38 16.81
C LEU F 317 -46.03 -0.09 16.01
N PRO F 318 -45.85 1.08 16.64
CA PRO F 318 -45.82 2.33 15.88
C PRO F 318 -44.68 2.33 14.84
N SER F 319 -45.05 2.42 13.56
CA SER F 319 -44.08 2.27 12.45
C SER F 319 -44.35 3.27 11.33
N ALA F 320 -44.82 4.45 11.70
CA ALA F 320 -45.26 5.43 10.70
C ALA F 320 -44.32 6.65 10.72
N THR F 321 -44.33 7.36 11.83
CA THR F 321 -43.60 8.59 11.97
C THR F 321 -43.31 8.87 13.44
N GLN F 322 -42.72 10.02 13.73
CA GLN F 322 -42.38 10.36 15.11
C GLN F 322 -43.57 10.98 15.85
N ASN F 323 -43.54 10.87 17.19
CA ASN F 323 -44.57 11.40 18.09
C ASN F 323 -45.98 10.95 17.72
N GLU F 324 -46.10 9.68 17.38
CA GLU F 324 -47.37 9.11 16.92
C GLU F 324 -48.10 8.27 18.00
N ILE F 325 -47.53 8.20 19.20
CA ILE F 325 -48.24 7.72 20.38
C ILE F 325 -48.11 8.79 21.46
N SER F 326 -49.23 9.44 21.74
CA SER F 326 -49.32 10.43 22.81
C SER F 326 -49.45 9.74 24.16
N GLY F 327 -49.32 10.55 25.22
CA GLY F 327 -49.61 10.10 26.58
C GLY F 327 -51.01 9.50 26.73
N GLU F 328 -51.99 10.18 26.15
CA GLU F 328 -53.38 9.67 26.17
C GLU F 328 -53.50 8.30 25.47
N GLU F 329 -52.87 8.17 24.31
CA GLU F 329 -52.90 6.93 23.56
C GLU F 329 -52.20 5.81 24.32
N ALA F 330 -51.11 6.16 25.03
CA ALA F 330 -50.42 5.19 25.88
C ALA F 330 -51.35 4.58 26.95
N GLN F 331 -52.15 5.44 27.59
CA GLN F 331 -53.10 5.01 28.60
C GLN F 331 -54.21 4.13 28.03
N VAL F 332 -54.70 4.52 26.85
CA VAL F 332 -55.77 3.76 26.21
C VAL F 332 -55.24 2.37 25.87
N LEU F 333 -54.03 2.31 25.32
CA LEU F 333 -53.39 1.02 25.05
C LEU F 333 -53.21 0.13 26.31
N ILE F 334 -52.79 0.72 27.43
CA ILE F 334 -52.70 -0.01 28.70
C ILE F 334 -54.09 -0.58 29.05
N ASN F 335 -55.13 0.23 28.96
CA ASN F 335 -56.52 -0.25 29.24
C ASN F 335 -57.04 -1.28 28.25
N ALA F 336 -56.49 -1.30 27.03
CA ALA F 336 -56.84 -2.32 26.07
C ALA F 336 -56.11 -3.67 26.28
N GLY F 337 -55.32 -3.78 27.34
CA GLY F 337 -54.61 -5.03 27.67
C GLY F 337 -53.25 -5.20 26.96
N CYS F 338 -52.76 -4.12 26.33
CA CYS F 338 -51.52 -4.16 25.59
C CYS F 338 -50.38 -4.33 26.58
N LYS F 339 -49.48 -5.26 26.26
CA LYS F 339 -48.35 -5.65 27.13
C LYS F 339 -46.96 -5.43 26.52
N PHE F 340 -46.93 -5.11 25.21
CA PHE F 340 -45.71 -4.93 24.47
C PHE F 340 -45.86 -3.81 23.48
N ILE F 341 -44.93 -2.86 23.57
CA ILE F 341 -44.83 -1.80 22.59
C ILE F 341 -43.38 -1.58 22.18
N ALA F 342 -43.16 -1.46 20.88
CA ALA F 342 -41.84 -1.24 20.32
C ALA F 342 -41.92 -0.34 19.10
N GLU F 343 -40.93 0.54 18.98
CA GLU F 343 -40.90 1.54 17.91
C GLU F 343 -40.23 0.98 16.66
N GLY F 344 -41.00 0.84 15.60
CA GLY F 344 -40.44 0.64 14.25
C GLY F 344 -40.07 1.99 13.65
N SER F 345 -40.82 3.04 13.98
CA SER F 345 -40.49 4.39 13.57
C SER F 345 -39.48 4.96 14.55
N ASN F 346 -38.62 5.81 14.04
CA ASN F 346 -37.70 6.48 14.90
C ASN F 346 -38.44 7.53 15.74
N MET F 347 -38.21 7.51 17.06
CA MET F 347 -38.89 8.41 18.03
C MET F 347 -40.44 8.35 17.97
N GLY F 348 -40.97 7.15 17.77
CA GLY F 348 -42.41 6.98 17.53
C GLY F 348 -43.26 7.37 18.73
N CYS F 349 -42.76 7.08 19.93
CA CYS F 349 -43.45 7.44 21.14
C CYS F 349 -43.03 8.80 21.64
N THR F 350 -44.02 9.61 22.02
CA THR F 350 -43.79 10.86 22.72
C THR F 350 -43.11 10.56 24.08
N GLN F 351 -42.48 11.58 24.67
CA GLN F 351 -41.88 11.41 25.99
C GLN F 351 -42.98 11.06 27.00
N GLU F 352 -44.18 11.62 26.79
CA GLU F 352 -45.29 11.35 27.72
C GLU F 352 -45.77 9.88 27.63
N ALA F 353 -45.72 9.30 26.43
CA ALA F 353 -46.06 7.89 26.28
C ALA F 353 -44.98 7.03 26.93
N ILE F 354 -43.73 7.37 26.68
CA ILE F 354 -42.61 6.60 27.26
C ILE F 354 -42.70 6.61 28.82
N ASP F 355 -42.88 7.79 29.39
CA ASP F 355 -43.04 7.95 30.84
C ASP F 355 -44.19 7.13 31.41
N THR F 356 -45.32 7.14 30.70
CA THR F 356 -46.50 6.32 31.04
C THR F 356 -46.20 4.82 31.03
N PHE F 357 -45.64 4.32 29.95
CA PHE F 357 -45.25 2.90 29.88
C PHE F 357 -44.24 2.52 30.98
N GLU F 358 -43.26 3.37 31.19
CA GLU F 358 -42.26 3.17 32.22
C GLU F 358 -42.78 3.19 33.67
N ALA F 359 -43.72 4.08 33.95
CA ALA F 359 -44.36 4.13 35.27
C ALA F 359 -45.23 2.89 35.49
N HIS F 360 -46.01 2.53 34.47
CA HIS F 360 -46.80 1.29 34.52
C HIS F 360 -45.96 0.05 34.73
N ARG F 361 -44.81 -0.04 34.08
CA ARG F 361 -43.87 -1.12 34.33
C ARG F 361 -43.40 -1.10 35.80
N THR F 362 -43.09 0.09 36.29
CA THR F 362 -42.61 0.23 37.66
C THR F 362 -43.67 -0.27 38.65
N ALA F 363 -44.94 -0.02 38.35
CA ALA F 363 -46.06 -0.35 39.26
C ALA F 363 -46.65 -1.73 39.14
N ASN F 364 -46.26 -2.52 38.14
CA ASN F 364 -46.92 -3.82 37.89
C ASN F 364 -45.87 -4.91 37.68
N ALA F 365 -45.73 -5.83 38.63
CA ALA F 365 -44.74 -6.88 38.54
C ALA F 365 -44.97 -7.87 37.38
N GLY F 366 -43.86 -8.29 36.77
CA GLY F 366 -43.84 -9.38 35.76
C GLY F 366 -44.61 -9.07 34.50
N ALA F 367 -45.42 -10.03 34.05
CA ALA F 367 -46.23 -9.90 32.83
C ALA F 367 -47.49 -9.04 32.94
N ALA F 368 -47.85 -8.61 34.14
CA ALA F 368 -48.87 -7.60 34.32
C ALA F 368 -48.43 -6.22 33.73
N ALA F 369 -47.13 -5.97 33.69
CA ALA F 369 -46.58 -4.75 33.13
C ALA F 369 -46.71 -4.69 31.62
N ILE F 370 -46.84 -3.48 31.11
CA ILE F 370 -46.61 -3.17 29.70
C ILE F 370 -45.12 -2.83 29.56
N TRP F 371 -44.46 -3.45 28.57
CA TRP F 371 -43.04 -3.32 28.37
C TRP F 371 -42.72 -2.57 27.06
N TYR F 372 -42.05 -1.43 27.20
CA TYR F 372 -41.71 -0.58 26.08
C TYR F 372 -40.25 -0.79 25.66
N ALA F 373 -40.02 -0.95 24.37
CA ALA F 373 -38.67 -0.98 23.81
C ALA F 373 -38.46 0.22 22.91
N PRO F 374 -37.39 1.00 23.18
CA PRO F 374 -37.09 2.12 22.31
C PRO F 374 -36.62 1.66 20.95
N GLY F 375 -36.78 2.54 19.98
CA GLY F 375 -36.41 2.26 18.60
C GLY F 375 -34.93 1.99 18.40
N LYS F 376 -34.06 2.64 19.15
CA LYS F 376 -32.61 2.40 18.94
C LYS F 376 -32.25 0.92 19.11
N ALA F 377 -33.03 0.19 19.92
CA ALA F 377 -32.92 -1.25 20.06
C ALA F 377 -33.80 -2.00 19.05
N ALA F 378 -35.10 -1.75 19.12
CA ALA F 378 -36.12 -2.52 18.40
C ALA F 378 -36.09 -2.35 16.87
N ASN F 379 -35.73 -1.17 16.40
CA ASN F 379 -35.66 -0.96 14.96
C ASN F 379 -34.24 -1.12 14.38
N ALA F 380 -33.34 -1.81 15.09
CA ALA F 380 -31.94 -1.99 14.64
C ALA F 380 -31.72 -3.06 13.52
N GLY F 381 -32.81 -3.60 12.98
CA GLY F 381 -32.78 -4.64 11.99
C GLY F 381 -32.08 -4.20 10.74
N GLY F 382 -32.29 -2.94 10.37
CA GLY F 382 -31.54 -2.34 9.25
C GLY F 382 -30.03 -2.40 9.43
N VAL F 383 -29.57 -1.99 10.60
CA VAL F 383 -28.16 -2.04 10.93
C VAL F 383 -27.69 -3.49 10.99
N ALA F 384 -28.48 -4.34 11.63
CA ALA F 384 -28.20 -5.77 11.68
C ALA F 384 -27.98 -6.41 10.31
N VAL F 385 -28.90 -6.14 9.39
CA VAL F 385 -28.76 -6.68 8.03
C VAL F 385 -27.56 -6.06 7.26
N SER F 386 -27.20 -4.82 7.55
N SER F 386 -27.20 -4.82 7.55
CA SER F 386 -25.95 -4.24 7.01
CA SER F 386 -25.96 -4.24 7.03
C SER F 386 -24.72 -5.04 7.43
C SER F 386 -24.73 -5.05 7.42
N GLY F 387 -24.71 -5.51 8.67
CA GLY F 387 -23.66 -6.39 9.18
C GLY F 387 -23.60 -7.70 8.42
N LEU F 388 -24.77 -8.22 8.08
CA LEU F 388 -24.89 -9.45 7.30
C LEU F 388 -24.48 -9.25 5.86
N GLU F 389 -24.75 -8.08 5.30
CA GLU F 389 -24.25 -7.76 3.97
C GLU F 389 -22.70 -7.78 3.95
N MET F 390 -22.06 -7.15 4.94
CA MET F 390 -20.61 -7.18 5.10
C MET F 390 -20.07 -8.63 5.25
N ALA F 391 -20.71 -9.40 6.14
CA ALA F 391 -20.43 -10.82 6.32
C ALA F 391 -20.50 -11.59 5.00
N GLN F 392 -21.55 -11.37 4.23
CA GLN F 392 -21.68 -12.03 2.92
C GLN F 392 -20.62 -11.56 1.89
N ASN F 393 -20.35 -10.25 1.88
CA ASN F 393 -19.34 -9.69 0.98
C ASN F 393 -17.92 -10.22 1.23
N SER F 394 -17.60 -10.53 2.48
CA SER F 394 -16.31 -11.14 2.87
C SER F 394 -16.06 -12.54 2.29
N ALA F 395 -17.12 -13.29 1.96
CA ALA F 395 -17.02 -14.58 1.27
C ALA F 395 -17.50 -14.55 -0.20
N ARG F 396 -17.85 -13.37 -0.70
CA ARG F 396 -18.19 -13.18 -2.13
C ARG F 396 -19.40 -14.06 -2.54
N LEU F 397 -20.35 -14.13 -1.60
CA LEU F 397 -21.32 -15.20 -1.53
C LEU F 397 -22.63 -14.75 -0.89
N SER F 398 -23.74 -14.93 -1.60
CA SER F 398 -25.07 -14.61 -1.07
C SER F 398 -25.68 -15.75 -0.23
N TRP F 399 -26.13 -15.45 0.99
CA TRP F 399 -26.95 -16.43 1.75
C TRP F 399 -28.38 -16.47 1.24
N THR F 400 -29.07 -17.55 1.56
CA THR F 400 -30.52 -17.69 1.29
C THR F 400 -31.32 -16.67 2.14
N SER F 401 -32.53 -16.31 1.70
CA SER F 401 -33.45 -15.54 2.56
C SER F 401 -33.55 -16.09 3.98
N GLU F 402 -33.76 -17.40 4.05
CA GLU F 402 -33.97 -18.08 5.31
C GLU F 402 -32.78 -17.92 6.27
N GLU F 403 -31.57 -18.01 5.73
CA GLU F 403 -30.34 -17.80 6.53
C GLU F 403 -30.18 -16.38 7.07
N VAL F 404 -30.41 -15.37 6.21
CA VAL F 404 -30.29 -13.98 6.64
C VAL F 404 -31.33 -13.71 7.73
N ASP F 405 -32.53 -14.25 7.50
CA ASP F 405 -33.67 -14.03 8.37
C ASP F 405 -33.44 -14.65 9.74
N ALA F 406 -33.00 -15.90 9.75
CA ALA F 406 -32.59 -16.59 10.97
C ALA F 406 -31.48 -15.83 11.72
N ARG F 407 -30.51 -15.31 10.97
CA ARG F 407 -29.42 -14.55 11.60
C ARG F 407 -29.91 -13.21 12.18
N LEU F 408 -30.81 -12.56 11.46
CA LEU F 408 -31.40 -11.33 11.91
C LEU F 408 -32.09 -11.54 13.26
N LYS F 409 -32.86 -12.61 13.36
CA LYS F 409 -33.50 -12.97 14.63
C LYS F 409 -32.53 -13.08 15.82
N ASP F 410 -31.40 -13.75 15.60
CA ASP F 410 -30.39 -13.88 16.62
C ASP F 410 -29.79 -12.55 17.02
N ILE F 411 -29.53 -11.69 16.04
CA ILE F 411 -28.95 -10.40 16.32
C ILE F 411 -29.91 -9.55 17.17
N MET F 412 -31.20 -9.61 16.87
CA MET F 412 -32.20 -8.89 17.69
C MET F 412 -32.27 -9.43 19.14
N ARG F 413 -32.03 -10.74 19.32
CA ARG F 413 -31.82 -11.31 20.64
C ARG F 413 -30.63 -10.66 21.38
N ASP F 414 -29.49 -10.54 20.72
CA ASP F 414 -28.33 -9.93 21.35
C ASP F 414 -28.64 -8.49 21.72
N CYS F 415 -29.29 -7.79 20.81
CA CYS F 415 -29.72 -6.46 21.06
C CYS F 415 -30.63 -6.36 22.30
N PHE F 416 -31.61 -7.26 22.36
CA PHE F 416 -32.46 -7.40 23.55
C PHE F 416 -31.66 -7.72 24.83
N LYS F 417 -30.79 -8.73 24.77
CA LYS F 417 -30.05 -9.11 25.98
C LYS F 417 -29.14 -7.99 26.53
N ASN F 418 -28.57 -7.18 25.64
CA ASN F 418 -27.74 -6.05 26.02
C ASN F 418 -28.53 -5.01 26.83
N GLY F 419 -29.71 -4.65 26.36
CA GLY F 419 -30.57 -3.73 27.10
C GLY F 419 -30.96 -4.32 28.45
N LEU F 420 -31.46 -5.56 28.40
CA LEU F 420 -32.01 -6.27 29.55
C LEU F 420 -30.98 -6.41 30.67
N GLU F 421 -29.82 -6.98 30.34
CA GLU F 421 -28.77 -7.25 31.33
C GLU F 421 -28.15 -5.96 31.90
N THR F 422 -27.93 -4.96 31.05
CA THR F 422 -27.45 -3.67 31.46
C THR F 422 -28.40 -2.99 32.43
N ALA F 423 -29.70 -3.05 32.18
CA ALA F 423 -30.67 -2.46 33.09
C ALA F 423 -30.68 -3.16 34.43
N GLN F 424 -30.56 -4.49 34.40
CA GLN F 424 -30.52 -5.31 35.61
C GLN F 424 -29.30 -4.99 36.52
N GLU F 425 -28.17 -4.63 35.91
CA GLU F 425 -26.97 -4.24 36.65
C GLU F 425 -27.00 -2.77 37.11
N TYR F 426 -27.30 -1.82 36.21
CA TYR F 426 -27.11 -0.38 36.47
C TYR F 426 -28.36 0.48 36.71
N ALA F 427 -29.54 -0.11 36.50
CA ALA F 427 -30.82 0.47 36.95
C ALA F 427 -31.70 -0.64 37.51
N THR F 428 -31.12 -1.40 38.44
CA THR F 428 -31.73 -2.62 39.00
C THR F 428 -33.18 -2.42 39.44
N PRO F 429 -34.12 -3.17 38.84
CA PRO F 429 -35.50 -3.03 39.28
C PRO F 429 -35.77 -3.76 40.61
N ALA F 430 -36.89 -3.40 41.23
CA ALA F 430 -37.41 -4.13 42.39
C ALA F 430 -37.70 -5.56 41.95
N GLU F 431 -37.62 -6.51 42.89
CA GLU F 431 -37.79 -7.92 42.53
C GLU F 431 -39.18 -8.18 41.93
N GLY F 432 -39.21 -8.93 40.83
CA GLY F 432 -40.44 -9.15 40.07
C GLY F 432 -40.75 -8.13 39.01
N VAL F 433 -40.09 -6.98 39.02
CA VAL F 433 -40.33 -5.93 38.03
C VAL F 433 -39.40 -6.14 36.82
N LEU F 434 -39.96 -6.01 35.62
CA LEU F 434 -39.17 -6.07 34.38
C LEU F 434 -38.16 -4.94 34.35
N PRO F 435 -36.90 -5.22 33.98
CA PRO F 435 -35.92 -4.14 33.77
C PRO F 435 -36.33 -3.19 32.66
N SER F 436 -35.92 -1.93 32.78
CA SER F 436 -36.17 -0.93 31.75
C SER F 436 -35.32 -1.15 30.51
N LEU F 437 -35.95 -1.51 29.39
CA LEU F 437 -35.24 -1.62 28.11
C LEU F 437 -34.77 -0.28 27.54
N VAL F 438 -35.44 0.78 27.92
CA VAL F 438 -35.05 2.11 27.47
C VAL F 438 -33.80 2.55 28.20
N THR F 439 -33.77 2.41 29.53
CA THR F 439 -32.59 2.77 30.33
C THR F 439 -31.43 1.80 30.01
N GLY F 440 -31.72 0.51 30.05
CA GLY F 440 -30.78 -0.52 29.58
C GLY F 440 -30.18 -0.22 28.20
N SER F 441 -31.02 0.05 27.20
CA SER F 441 -30.53 0.27 25.84
C SER F 441 -29.67 1.54 25.73
N ASN F 442 -29.99 2.56 26.52
CA ASN F 442 -29.24 3.84 26.49
C ASN F 442 -27.91 3.81 27.23
N ILE F 443 -27.70 2.80 28.07
CA ILE F 443 -26.43 2.63 28.78
C ILE F 443 -25.59 1.56 28.10
N ALA F 444 -26.21 0.50 27.57
CA ALA F 444 -25.51 -0.71 27.16
C ALA F 444 -24.43 -0.46 26.11
N GLY F 445 -24.78 0.36 25.12
CA GLY F 445 -23.86 0.72 24.07
C GLY F 445 -22.59 1.32 24.63
N PHE F 446 -22.74 2.34 25.48
CA PHE F 446 -21.63 3.03 26.10
C PHE F 446 -20.77 2.10 26.94
N THR F 447 -21.37 1.26 27.76
CA THR F 447 -20.56 0.39 28.63
C THR F 447 -19.75 -0.63 27.83
N LYS F 448 -20.35 -1.19 26.80
CA LYS F 448 -19.63 -2.10 25.92
C LYS F 448 -18.44 -1.39 25.26
N VAL F 449 -18.69 -0.21 24.71
CA VAL F 449 -17.65 0.59 24.07
C VAL F 449 -16.56 1.04 25.06
N ALA F 450 -16.98 1.60 26.17
CA ALA F 450 -16.05 2.07 27.21
C ALA F 450 -15.12 0.98 27.70
N ALA F 451 -15.66 -0.22 27.92
CA ALA F 451 -14.86 -1.36 28.37
C ALA F 451 -13.91 -1.86 27.28
N ALA F 452 -14.38 -1.89 26.05
CA ALA F 452 -13.54 -2.30 24.90
C ALA F 452 -12.37 -1.32 24.70
N MET F 453 -12.64 -0.03 24.84
CA MET F 453 -11.63 1.02 24.78
C MET F 453 -10.55 0.85 25.85
N LYS F 454 -10.98 0.53 27.07
CA LYS F 454 -10.04 0.26 28.17
C LYS F 454 -9.17 -0.95 27.89
N ASP F 455 -9.78 -2.05 27.45
CA ASP F 455 -9.03 -3.23 27.05
C ASP F 455 -7.97 -2.88 26.02
N GLN F 456 -8.28 -1.97 25.11
CA GLN F 456 -7.39 -1.61 24.00
C GLN F 456 -6.42 -0.45 24.28
N GLY F 457 -6.46 0.10 25.48
CA GLY F 457 -5.55 1.18 25.87
C GLY F 457 -5.88 2.56 25.31
N ASP F 458 -7.10 2.75 24.79
CA ASP F 458 -7.58 4.07 24.40
C ASP F 458 -7.73 5.03 25.58
N TRP F 459 -8.00 4.46 26.73
CA TRP F 459 -7.97 5.16 27.99
C TRP F 459 -7.55 4.16 29.06
N TRP F 460 -7.19 4.70 30.22
CA TRP F 460 -6.74 3.92 31.37
C TRP F 460 -6.94 4.72 32.65
#